data_8ZY4
#
_entry.id   8ZY4
#
_cell.length_a   1.00
_cell.length_b   1.00
_cell.length_c   1.00
_cell.angle_alpha   90.00
_cell.angle_beta   90.00
_cell.angle_gamma   90.00
#
_symmetry.space_group_name_H-M   'P 1'
#
loop_
_entity.id
_entity.type
_entity.pdbx_description
1 polymer 'Spike glycoprotein'
2 branched 2-acetamido-2-deoxy-beta-D-glucopyranose-(1-4)-2-acetamido-2-deoxy-beta-D-glucopyranose
3 non-polymer 2-acetamido-2-deoxy-beta-D-glucopyranose
4 non-polymer '3-[5-[(Z)-(4-ethenyl-3-methyl-5-oxidanylidene-pyrrol-2-ylidene)methyl]-2-[[5-[(Z)-(3-ethenyl-4-methyl-5-oxidanylidene-pyrrol-2-ylidene)methyl]-3-(3-hydroxy-3-oxopropyl)-4-methyl-1H-pyrrol-2-yl]methyl]-4-methyl-1H-pyrrol-3-yl]propanoic acid'
#
_entity_poly.entity_id   1
_entity_poly.type   'polypeptide(L)'
_entity_poly.pdbx_seq_one_letter_code
;MLILFVFLPFIAADTCLNFTNLAAPAYNIASSSRRGVYYPDDIFRSDFLHLVNDYFLPFGSNVTQFFTQGTNIDNPTLPF
RDGVYFAATEKSNIVRGWIFGSTLDSTSQSAIILNNSTNLIVRVCNFELCKVPLFVVFKSNNSQLSHLFSDSFNCTFEYV
SRAFSLDIREQSGNFVDLREFVFRNRNGFLHIYEGYEAISIVRGLPAGFNVLKPLLKIPFGLNVTSFKTFLAVYRVAAGS
ISVASSAYYVGYLKPLTFMLSYDLNGTIKNAVDCSQDPLAELKCTIKNFNVSKGIYQTSNFRVSPTREVVRFPNITNRCP
FDSIFNASRFPSVYAWERTKISDCVADYTVLYNSTLFSTFKCYGVSPSKLIDLCFTSVYADTFLIRFSEVRQVAPGETGV
IADYNYRLPDDFTGCVIAWNTANQDVGSYFYRSHRSTKLKPFERDLSSDENGVRTLSTYDFNPNVPLDYQATRVVVLSFE
LLNAPATVCGPKLSTELVKNQCVNFNFNGLKGTGVLTSSSKRFQSFQQFGRDASDFTDSVRDPQTLEILDITPCSFGGVS
VITPGTNASSEVAVLYQDVNCTDVPTAIRADQLTPAWRVYSTGVNVFQTQAGCLIGAEHVNASYECDIPIGAGICASYHT
ASTLRSIGQKSIVAYTMSLGAENSIAYANNSIAIPTNFSISVTTEVMPVSMAKTSVDCTMYICGDSQECSNLLLQYGSFC
TQLNRALTGVALEQDKNTQEVFAQVKQMYKTPAIKDFGGFNFSQILPDPSKPTKRSFIEDLLFNKVTLADAGFMKQYGEC
LGDISARDLICAQKFNGLTVLPPLLTDEMIAAYTAALVSGTATAGWTFGAGAALQIPFAMQMAYRFNGIGVTQNVLYENQ
KQIANQFNKAISQIQESLTTTSTALGKLQDVVNQNAQALNTLVKQLSSNFGAISSVLNDILSRLDPPEAEVQIDRLITGR
LQSLQTYVTQQLIRAAEIRASANLAATKMSECVLGQSKRVDFCGRGYHLMSFPQAAPHGVVFLHVTYVPSHEKNFTTAPA
ICHEGKAYFPREGVFVSNGTSWFITQRNFYSPQIITTDNTFVAGNCDVVIGIINNTVYDPLQPELDSFKEELDKYFKNHT
SPDVDLGDISGINASVVNIQKEIDRLNEVAKNLNESLIDLQELGKYEQGSGYIPEAPRDGQAYVRKDGEWVLLSTFLLEV
LFQGPGHHHHHHHHSAWSHPQFEKGGGSGGGGSGGSAWSHPQFEKSA
;
_entity_poly.pdbx_strand_id   A,B,C
#
loop_
_chem_comp.id
_chem_comp.type
_chem_comp.name
_chem_comp.formula
BLR non-polymer '3-[5-[(Z)-(4-ethenyl-3-methyl-5-oxidanylidene-pyrrol-2-ylidene)methyl]-2-[[5-[(Z)-(3-ethenyl-4-methyl-5-oxidanylidene-pyrrol-2-ylidene)methyl]-3-(3-hydroxy-3-oxopropyl)-4-methyl-1H-pyrrol-2-yl]methyl]-4-methyl-1H-pyrrol-3-yl]propanoic acid' 'C33 H36 N4 O6'
NAG D-saccharide, beta linking 2-acetamido-2-deoxy-beta-D-glucopyranose 'C8 H15 N O6'
#
# COMPACT_ATOMS: atom_id res chain seq x y z
N THR A 15 -45.40 53.16 23.94
CA THR A 15 -45.17 53.55 25.33
C THR A 15 -44.63 52.38 26.15
N CYS A 16 -43.81 52.69 27.14
CA CYS A 16 -43.21 51.68 28.00
C CYS A 16 -43.38 52.10 29.46
N LEU A 17 -43.44 51.10 30.33
CA LEU A 17 -43.76 51.33 31.74
C LEU A 17 -42.52 51.76 32.51
N ASN A 18 -42.70 51.95 33.82
CA ASN A 18 -41.63 52.34 34.73
C ASN A 18 -41.60 51.38 35.91
N PHE A 19 -40.39 51.11 36.40
CA PHE A 19 -40.21 50.18 37.51
C PHE A 19 -39.15 50.72 38.46
N THR A 20 -39.49 50.78 39.75
CA THR A 20 -38.56 51.20 40.78
C THR A 20 -38.35 50.15 41.87
N ASN A 21 -39.20 49.14 41.97
CA ASN A 21 -39.11 48.12 42.99
C ASN A 21 -38.52 46.82 42.48
N LEU A 22 -37.93 46.83 41.29
CA LEU A 22 -37.34 45.62 40.72
C LEU A 22 -36.07 45.25 41.46
N ALA A 23 -35.87 43.95 41.63
CA ALA A 23 -34.70 43.41 42.33
C ALA A 23 -33.67 42.93 41.30
N ALA A 24 -32.41 43.01 41.69
CA ALA A 24 -31.33 42.54 40.83
C ALA A 24 -31.40 41.02 40.68
N PRO A 25 -31.17 40.49 39.48
CA PRO A 25 -31.22 39.03 39.31
C PRO A 25 -30.08 38.33 40.03
N ALA A 26 -30.38 37.12 40.52
CA ALA A 26 -29.40 36.26 41.15
C ALA A 26 -29.04 35.15 40.19
N TYR A 27 -27.76 35.08 39.80
CA TYR A 27 -27.31 34.14 38.80
C TYR A 27 -27.07 32.78 39.46
N ASN A 28 -28.17 32.05 39.67
CA ASN A 28 -28.10 30.72 40.24
C ASN A 28 -27.51 29.74 39.23
N ILE A 29 -26.96 28.65 39.76
CA ILE A 29 -26.24 27.67 38.95
C ILE A 29 -26.99 26.35 39.05
N ALA A 30 -27.40 25.82 37.90
CA ALA A 30 -28.02 24.51 37.81
C ALA A 30 -27.31 23.72 36.72
N SER A 31 -27.08 22.43 36.96
CA SER A 31 -26.29 21.63 36.05
C SER A 31 -27.19 20.88 35.07
N SER A 32 -26.87 20.98 33.79
CA SER A 32 -27.54 20.18 32.78
C SER A 32 -26.98 18.75 32.79
N SER A 33 -27.73 17.84 32.16
CA SER A 33 -27.32 16.43 32.14
C SER A 33 -27.94 15.79 30.89
N ARG A 34 -27.11 15.57 29.88
CA ARG A 34 -27.49 14.90 28.63
C ARG A 34 -28.65 15.61 27.93
N ARG A 35 -28.60 16.95 27.91
CA ARG A 35 -29.64 17.76 27.32
C ARG A 35 -29.03 18.65 26.23
N GLY A 36 -29.79 18.87 25.16
CA GLY A 36 -29.35 19.76 24.10
C GLY A 36 -28.66 19.08 22.93
N VAL A 37 -29.31 18.05 22.39
CA VAL A 37 -28.79 17.32 21.23
C VAL A 37 -29.77 17.53 20.08
N TYR A 38 -29.25 17.91 18.91
CA TYR A 38 -30.07 18.19 17.75
C TYR A 38 -29.51 17.46 16.53
N TYR A 39 -30.33 17.39 15.49
CA TYR A 39 -29.94 16.69 14.27
C TYR A 39 -28.91 17.51 13.51
N PRO A 40 -27.77 16.92 13.13
CA PRO A 40 -26.76 17.69 12.39
C PRO A 40 -26.98 17.69 10.88
N ASP A 41 -27.66 16.67 10.34
CA ASP A 41 -27.80 16.52 8.91
C ASP A 41 -29.19 16.01 8.59
N ASP A 42 -29.71 16.42 7.43
CA ASP A 42 -31.04 16.03 6.96
C ASP A 42 -30.97 14.79 6.07
N ILE A 43 -30.38 13.70 6.57
CA ILE A 43 -30.27 12.45 5.85
C ILE A 43 -30.81 11.33 6.73
N PHE A 44 -31.72 10.54 6.18
CA PHE A 44 -32.30 9.42 6.93
C PHE A 44 -31.28 8.30 7.06
N ARG A 45 -30.83 8.05 8.29
CA ARG A 45 -29.92 6.95 8.58
C ARG A 45 -30.55 6.03 9.61
N SER A 46 -30.42 4.73 9.40
CA SER A 46 -31.01 3.73 10.27
C SER A 46 -29.92 2.78 10.77
N ASP A 47 -29.88 2.57 12.08
CA ASP A 47 -28.89 1.72 12.76
C ASP A 47 -27.47 2.16 12.42
N PHE A 48 -27.14 3.38 12.82
CA PHE A 48 -25.88 4.01 12.45
C PHE A 48 -25.22 4.62 13.69
N LEU A 49 -23.90 4.58 13.70
CA LEU A 49 -23.09 5.21 14.73
C LEU A 49 -22.20 6.24 14.06
N HIS A 50 -22.37 7.51 14.44
CA HIS A 50 -21.77 8.62 13.71
C HIS A 50 -20.97 9.49 14.67
N LEU A 51 -19.74 9.81 14.28
CA LEU A 51 -18.87 10.69 15.07
C LEU A 51 -18.87 12.07 14.43
N VAL A 52 -19.25 13.08 15.21
CA VAL A 52 -19.41 14.45 14.72
C VAL A 52 -18.55 15.38 15.54
N ASN A 53 -17.93 16.36 14.88
CA ASN A 53 -17.25 17.46 15.54
C ASN A 53 -17.99 18.74 15.18
N ASP A 54 -18.78 19.26 16.11
CA ASP A 54 -19.61 20.43 15.86
C ASP A 54 -19.74 21.19 17.18
N TYR A 55 -20.71 22.11 17.24
CA TYR A 55 -20.96 22.91 18.42
C TYR A 55 -22.10 22.26 19.21
N PHE A 56 -21.79 21.84 20.44
CA PHE A 56 -22.74 21.13 21.27
C PHE A 56 -22.70 21.68 22.68
N LEU A 57 -23.80 21.50 23.40
CA LEU A 57 -23.83 21.78 24.83
C LEU A 57 -23.14 20.64 25.57
N PRO A 58 -22.12 20.91 26.38
CA PRO A 58 -21.38 19.83 27.03
C PRO A 58 -22.22 19.07 28.05
N PHE A 59 -21.94 17.78 28.17
CA PHE A 59 -22.64 16.95 29.15
C PHE A 59 -22.14 17.28 30.54
N GLY A 60 -23.08 17.48 31.47
CA GLY A 60 -22.73 17.83 32.82
C GLY A 60 -22.38 19.28 33.04
N SER A 61 -22.44 20.11 32.00
CA SER A 61 -22.16 21.52 32.15
C SER A 61 -23.30 22.22 32.89
N ASN A 62 -22.97 23.32 33.55
CA ASN A 62 -23.93 24.04 34.37
C ASN A 62 -24.43 25.28 33.64
N VAL A 63 -25.73 25.55 33.77
CA VAL A 63 -26.37 26.66 33.12
C VAL A 63 -26.76 27.69 34.18
N THR A 64 -27.23 28.85 33.72
CA THR A 64 -27.64 29.93 34.60
C THR A 64 -29.15 29.98 34.69
N GLN A 65 -29.66 30.20 35.90
CA GLN A 65 -31.09 30.15 36.17
C GLN A 65 -31.65 31.56 36.33
N PHE A 66 -32.73 31.84 35.61
CA PHE A 66 -33.48 33.09 35.74
C PHE A 66 -34.94 32.75 35.96
N PHE A 67 -35.55 33.36 36.98
CA PHE A 67 -36.94 33.11 37.28
C PHE A 67 -37.68 34.41 37.59
N THR A 68 -38.98 34.38 37.40
CA THR A 68 -39.89 35.48 37.75
C THR A 68 -40.82 34.96 38.84
N GLN A 69 -40.55 35.35 40.09
CA GLN A 69 -41.33 34.88 41.23
C GLN A 69 -42.10 36.00 41.91
N GLY A 70 -41.42 37.05 42.35
CA GLY A 70 -42.06 38.17 43.01
C GLY A 70 -41.09 39.32 43.17
N THR A 71 -41.53 40.52 42.76
CA THR A 71 -40.71 41.75 42.57
C THR A 71 -39.33 41.43 41.99
N ASN A 72 -39.31 40.54 41.00
CA ASN A 72 -38.06 40.03 40.42
C ASN A 72 -38.36 39.58 38.99
N ILE A 73 -38.03 40.44 38.03
CA ILE A 73 -38.18 40.13 36.61
C ILE A 73 -36.79 40.12 36.00
N ASP A 74 -36.40 38.98 35.43
CA ASP A 74 -35.04 38.76 34.95
C ASP A 74 -35.08 38.63 33.44
N ASN A 75 -34.85 39.75 32.74
CA ASN A 75 -34.62 39.76 31.30
C ASN A 75 -33.42 40.63 30.97
N PRO A 76 -32.21 40.16 31.28
CA PRO A 76 -31.02 40.95 30.95
C PRO A 76 -30.50 40.66 29.56
N THR A 77 -29.58 41.51 29.12
CA THR A 77 -28.92 41.29 27.83
C THR A 77 -27.80 40.28 28.01
N LEU A 78 -27.92 39.14 27.34
CA LEU A 78 -26.97 38.06 27.49
C LEU A 78 -26.15 37.88 26.22
N PRO A 79 -24.88 37.49 26.33
CA PRO A 79 -24.06 37.31 25.14
C PRO A 79 -24.50 36.14 24.29
N PHE A 80 -24.24 36.26 22.99
CA PHE A 80 -24.51 35.20 22.00
C PHE A 80 -23.15 34.85 21.40
N ARG A 81 -22.43 33.93 22.04
CA ARG A 81 -21.04 33.70 21.67
C ARG A 81 -20.94 32.79 20.44
N ASP A 82 -21.41 31.54 20.58
CA ASP A 82 -21.32 30.56 19.50
C ASP A 82 -22.60 29.74 19.37
N GLY A 83 -23.65 30.10 20.11
CA GLY A 83 -24.88 29.33 20.13
C GLY A 83 -25.38 29.27 21.55
N VAL A 84 -26.70 29.30 21.69
CA VAL A 84 -27.35 29.37 23.00
C VAL A 84 -28.33 28.21 23.12
N TYR A 85 -28.23 27.48 24.23
CA TYR A 85 -29.25 26.51 24.61
C TYR A 85 -30.27 27.20 25.51
N PHE A 86 -31.54 27.12 25.13
CA PHE A 86 -32.61 27.77 25.88
C PHE A 86 -33.65 26.72 26.25
N ALA A 87 -34.05 26.73 27.52
CA ALA A 87 -35.05 25.79 28.02
C ALA A 87 -35.90 26.50 29.06
N ALA A 88 -37.21 26.42 28.91
CA ALA A 88 -38.15 27.12 29.78
C ALA A 88 -39.15 26.12 30.36
N THR A 89 -39.36 26.19 31.66
CA THR A 89 -40.36 25.39 32.36
C THR A 89 -41.46 26.33 32.83
N GLU A 90 -42.58 26.34 32.12
CA GLU A 90 -43.65 27.29 32.40
C GLU A 90 -44.99 26.59 32.34
N LYS A 91 -45.98 27.18 32.99
CA LYS A 91 -47.34 26.68 33.00
C LYS A 91 -48.36 27.66 32.43
N SER A 92 -48.09 28.96 32.47
CA SER A 92 -49.05 29.97 32.06
C SER A 92 -48.55 30.84 30.91
N ASN A 93 -47.62 30.30 30.09
CA ASN A 93 -47.14 30.93 28.86
C ASN A 93 -46.51 32.30 29.13
N ILE A 94 -45.63 32.36 30.12
CA ILE A 94 -44.99 33.62 30.48
C ILE A 94 -43.93 34.02 29.46
N VAL A 95 -43.06 33.08 29.10
CA VAL A 95 -42.01 33.34 28.13
C VAL A 95 -42.61 33.35 26.73
N ARG A 96 -42.43 34.45 26.01
CA ARG A 96 -43.05 34.65 24.71
C ARG A 96 -42.09 34.58 23.54
N GLY A 97 -40.94 35.24 23.62
CA GLY A 97 -40.03 35.26 22.50
C GLY A 97 -38.74 35.99 22.83
N TRP A 98 -37.92 36.19 21.80
CA TRP A 98 -36.59 36.75 21.97
C TRP A 98 -36.32 37.78 20.89
N ILE A 99 -35.30 38.60 21.14
CA ILE A 99 -34.78 39.56 20.17
C ILE A 99 -33.29 39.29 20.00
N PHE A 100 -32.81 39.30 18.76
CA PHE A 100 -31.42 39.05 18.44
C PHE A 100 -30.84 40.24 17.69
N GLY A 101 -29.57 40.52 17.93
CA GLY A 101 -28.91 41.59 17.22
C GLY A 101 -27.65 42.04 17.94
N SER A 102 -27.13 43.18 17.51
CA SER A 102 -25.96 43.80 18.10
C SER A 102 -26.34 45.17 18.66
N THR A 103 -26.07 45.36 19.96
CA THR A 103 -26.28 46.58 20.75
C THR A 103 -27.75 46.94 20.97
N LEU A 104 -28.66 46.22 20.30
CA LEU A 104 -30.10 46.22 20.57
C LEU A 104 -30.71 47.63 20.62
N ASP A 105 -30.29 48.48 19.70
CA ASP A 105 -30.79 49.85 19.64
C ASP A 105 -30.99 50.26 18.19
N SER A 106 -31.33 51.53 17.99
CA SER A 106 -31.63 52.05 16.67
C SER A 106 -30.39 52.25 15.80
N THR A 107 -29.18 52.14 16.37
CA THR A 107 -27.97 52.30 15.59
C THR A 107 -27.80 51.18 14.56
N SER A 108 -28.09 49.95 14.96
CA SER A 108 -27.96 48.79 14.09
C SER A 108 -29.31 48.08 13.96
N GLN A 109 -29.31 46.99 13.21
CA GLN A 109 -30.51 46.21 12.96
C GLN A 109 -30.64 45.10 14.00
N SER A 110 -31.89 44.67 14.23
CA SER A 110 -32.17 43.62 15.19
C SER A 110 -33.40 42.85 14.75
N ALA A 111 -33.39 41.55 15.01
CA ALA A 111 -34.45 40.64 14.59
C ALA A 111 -35.21 40.13 15.80
N ILE A 112 -36.53 39.98 15.66
CA ILE A 112 -37.37 39.48 16.74
C ILE A 112 -38.08 38.23 16.26
N ILE A 113 -38.33 37.33 17.21
CA ILE A 113 -39.23 36.19 17.03
C ILE A 113 -40.21 36.23 18.19
N LEU A 114 -41.49 36.44 17.90
CA LEU A 114 -42.46 36.78 18.92
C LEU A 114 -43.74 35.98 18.73
N ASN A 115 -44.40 35.69 19.85
CA ASN A 115 -45.72 35.07 19.87
C ASN A 115 -46.64 36.01 20.63
N ASN A 116 -47.42 36.83 19.91
CA ASN A 116 -48.31 37.78 20.52
C ASN A 116 -49.72 37.23 20.75
N SER A 117 -49.82 35.91 20.95
CA SER A 117 -51.00 35.10 21.31
C SER A 117 -51.98 34.92 20.16
N THR A 118 -51.76 35.55 19.01
CA THR A 118 -52.59 35.28 17.84
C THR A 118 -51.77 34.86 16.63
N ASN A 119 -50.57 35.43 16.45
CA ASN A 119 -49.75 35.16 15.29
C ASN A 119 -48.31 34.98 15.71
N LEU A 120 -47.53 34.30 14.87
CA LEU A 120 -46.09 34.17 15.04
C LEU A 120 -45.42 35.21 14.15
N ILE A 121 -44.67 36.12 14.77
CA ILE A 121 -44.10 37.26 14.07
C ILE A 121 -42.60 37.10 14.01
N VAL A 122 -42.05 37.12 12.79
CA VAL A 122 -40.61 37.16 12.55
C VAL A 122 -40.34 38.41 11.72
N ARG A 123 -39.55 39.32 12.27
CA ARG A 123 -39.36 40.62 11.65
C ARG A 123 -38.06 41.23 12.16
N VAL A 124 -37.24 41.74 11.25
CA VAL A 124 -35.99 42.38 11.58
C VAL A 124 -36.06 43.85 11.14
N CYS A 125 -35.88 44.75 12.10
CA CYS A 125 -35.88 46.19 11.81
C CYS A 125 -34.86 46.87 12.72
N ASN A 126 -34.84 48.20 12.68
CA ASN A 126 -33.98 48.99 13.57
C ASN A 126 -34.81 49.34 14.80
N PHE A 127 -35.02 48.32 15.65
CA PHE A 127 -35.87 48.46 16.81
C PHE A 127 -35.20 49.32 17.89
N GLU A 128 -36.01 50.08 18.61
CA GLU A 128 -35.57 50.84 19.77
C GLU A 128 -36.29 50.30 20.99
N LEU A 129 -35.55 49.62 21.86
CA LEU A 129 -36.13 48.95 23.03
C LEU A 129 -36.15 49.90 24.23
N CYS A 130 -37.11 49.68 25.11
CA CYS A 130 -37.11 50.37 26.39
C CYS A 130 -36.38 49.52 27.43
N LYS A 131 -36.42 49.96 28.68
CA LYS A 131 -35.69 49.25 29.73
C LYS A 131 -36.32 47.90 30.05
N VAL A 132 -37.63 47.86 30.24
CA VAL A 132 -38.32 46.62 30.59
C VAL A 132 -39.38 46.33 29.53
N PRO A 133 -39.05 45.56 28.48
CA PRO A 133 -40.06 45.21 27.47
C PRO A 133 -40.91 44.05 27.95
N LEU A 134 -42.21 44.29 28.12
CA LEU A 134 -43.10 43.29 28.70
C LEU A 134 -44.43 43.27 27.96
N PHE A 135 -45.14 42.15 28.13
CA PHE A 135 -46.53 42.03 27.72
C PHE A 135 -47.40 42.15 28.96
N VAL A 136 -48.37 43.07 28.92
CA VAL A 136 -49.26 43.31 30.05
C VAL A 136 -50.63 42.76 29.70
N VAL A 137 -51.13 41.85 30.53
CA VAL A 137 -52.43 41.22 30.31
C VAL A 137 -53.35 41.61 31.46
N PHE A 138 -54.50 42.19 31.13
CA PHE A 138 -55.50 42.56 32.11
C PHE A 138 -56.23 41.32 32.61
N LYS A 139 -56.61 41.33 33.89
CA LYS A 139 -57.36 40.22 34.45
C LYS A 139 -58.84 40.25 34.08
N SER A 140 -59.32 41.37 33.54
CA SER A 140 -60.75 41.53 33.30
C SER A 140 -61.16 41.00 31.91
N ASN A 141 -60.60 41.57 30.85
CA ASN A 141 -60.94 41.12 29.51
C ASN A 141 -60.01 40.04 28.97
N ASN A 142 -58.93 39.72 29.71
CA ASN A 142 -57.82 38.90 29.21
C ASN A 142 -57.26 39.49 27.91
N SER A 143 -57.14 40.81 27.87
CA SER A 143 -56.64 41.52 26.71
C SER A 143 -55.14 41.75 26.85
N GLN A 144 -54.45 41.78 25.71
CA GLN A 144 -53.00 41.86 25.67
C GLN A 144 -52.58 43.25 25.20
N LEU A 145 -51.64 43.85 25.91
CA LEU A 145 -51.08 45.15 25.55
C LEU A 145 -49.59 45.01 25.28
N SER A 146 -49.11 45.75 24.28
CA SER A 146 -47.73 45.67 23.84
C SER A 146 -46.93 46.85 24.38
N HIS A 147 -45.82 46.55 25.05
CA HIS A 147 -44.91 47.55 25.60
C HIS A 147 -43.47 47.17 25.32
N LEU A 148 -43.19 46.72 24.10
CA LEU A 148 -41.86 46.19 23.78
C LEU A 148 -40.95 47.27 23.18
N PHE A 149 -41.35 47.85 22.05
CA PHE A 149 -40.49 48.75 21.29
C PHE A 149 -41.00 50.17 21.37
N SER A 150 -40.07 51.12 21.35
CA SER A 150 -40.41 52.54 21.34
C SER A 150 -40.54 53.10 19.94
N ASP A 151 -39.75 52.61 18.99
CA ASP A 151 -39.78 53.12 17.62
C ASP A 151 -39.25 52.04 16.70
N SER A 152 -39.74 52.06 15.45
CA SER A 152 -39.29 51.13 14.42
C SER A 152 -38.99 51.91 13.15
N PHE A 153 -37.81 51.67 12.57
CA PHE A 153 -37.36 52.40 11.39
C PHE A 153 -37.80 51.65 10.13
N ASN A 154 -37.23 52.05 8.99
CA ASN A 154 -37.41 51.32 7.76
C ASN A 154 -36.69 49.98 7.83
N CYS A 155 -37.26 48.96 7.17
CA CYS A 155 -36.69 47.63 7.22
C CYS A 155 -37.20 46.80 6.05
N THR A 156 -36.70 45.56 5.97
CA THR A 156 -36.82 44.73 4.77
C THR A 156 -37.70 43.49 4.98
N PHE A 157 -37.40 42.67 5.97
CA PHE A 157 -37.98 41.33 6.09
C PHE A 157 -39.12 41.34 7.09
N GLU A 158 -40.26 40.77 6.69
CA GLU A 158 -41.43 40.58 7.55
C GLU A 158 -42.00 39.20 7.32
N TYR A 159 -42.64 38.66 8.36
CA TYR A 159 -43.35 37.39 8.24
C TYR A 159 -44.40 37.30 9.35
N VAL A 160 -45.63 37.02 8.98
CA VAL A 160 -46.72 36.79 9.92
C VAL A 160 -47.35 35.44 9.61
N SER A 161 -47.43 34.58 10.61
CA SER A 161 -48.00 33.26 10.43
C SER A 161 -49.53 33.33 10.46
N ARG A 162 -50.17 32.18 10.31
CA ARG A 162 -51.62 32.13 10.34
C ARG A 162 -52.14 32.33 11.76
N ALA A 163 -53.38 32.80 11.87
CA ALA A 163 -53.95 33.14 13.15
C ALA A 163 -54.27 31.89 13.97
N PHE A 164 -54.19 32.03 15.29
CA PHE A 164 -54.53 30.97 16.22
C PHE A 164 -55.02 31.60 17.52
N SER A 165 -55.30 30.76 18.51
CA SER A 165 -55.72 31.23 19.82
C SER A 165 -54.80 30.61 20.88
N LEU A 166 -54.43 31.41 21.87
CA LEU A 166 -53.50 30.98 22.91
C LEU A 166 -54.11 31.22 24.28
N ASP A 167 -54.06 30.21 25.14
CA ASP A 167 -54.46 30.38 26.53
C ASP A 167 -53.43 31.25 27.25
N ILE A 168 -53.89 31.99 28.26
CA ILE A 168 -53.07 32.99 28.92
C ILE A 168 -52.92 32.71 30.41
N ARG A 169 -54.01 32.48 31.13
CA ARG A 169 -53.97 32.35 32.58
C ARG A 169 -54.23 30.91 32.98
N GLU A 170 -53.32 30.34 33.76
CA GLU A 170 -53.46 28.96 34.24
C GLU A 170 -52.61 28.78 35.49
N GLN A 171 -53.25 28.64 36.64
CA GLN A 171 -52.58 28.37 37.90
C GLN A 171 -52.68 26.87 38.17
N SER A 172 -51.72 26.12 37.65
CA SER A 172 -51.69 24.67 37.83
C SER A 172 -50.92 24.23 39.06
N GLY A 173 -50.13 25.12 39.67
CA GLY A 173 -49.36 24.76 40.85
C GLY A 173 -48.01 24.15 40.54
N ASN A 174 -47.96 23.29 39.52
CA ASN A 174 -46.73 22.65 39.08
C ASN A 174 -46.53 22.90 37.60
N PHE A 175 -45.26 22.98 37.19
CA PHE A 175 -44.94 23.21 35.79
C PHE A 175 -45.29 21.98 34.96
N VAL A 176 -46.02 22.19 33.86
CA VAL A 176 -46.52 21.12 33.03
C VAL A 176 -45.93 21.13 31.63
N ASP A 177 -45.13 22.13 31.28
CA ASP A 177 -44.55 22.23 29.95
C ASP A 177 -43.05 22.43 30.05
N LEU A 178 -42.33 21.86 29.09
CA LEU A 178 -40.89 22.03 28.99
C LEU A 178 -40.54 22.23 27.51
N ARG A 179 -40.23 23.46 27.14
CA ARG A 179 -39.87 23.81 25.77
C ARG A 179 -38.38 24.11 25.72
N GLU A 180 -37.68 23.47 24.78
CA GLU A 180 -36.24 23.58 24.66
C GLU A 180 -35.87 24.07 23.28
N PHE A 181 -34.87 24.96 23.22
CA PHE A 181 -34.45 25.57 21.97
C PHE A 181 -32.94 25.59 21.89
N VAL A 182 -32.43 25.56 20.66
CA VAL A 182 -31.02 25.77 20.35
C VAL A 182 -30.94 26.75 19.18
N PHE A 183 -30.23 27.86 19.40
CA PHE A 183 -30.10 28.91 18.39
C PHE A 183 -28.68 28.91 17.85
N ARG A 184 -28.55 28.97 16.52
CA ARG A 184 -27.26 29.04 15.87
C ARG A 184 -27.30 30.09 14.78
N ASN A 185 -26.13 30.64 14.46
CA ASN A 185 -26.00 31.68 13.44
C ASN A 185 -24.82 31.32 12.54
N ARG A 186 -25.12 30.93 11.30
CA ARG A 186 -24.07 30.54 10.37
C ARG A 186 -24.46 30.95 8.96
N ASN A 187 -23.54 31.65 8.28
CA ASN A 187 -23.71 32.08 6.88
C ASN A 187 -24.96 32.92 6.68
N GLY A 188 -25.25 33.80 7.62
CA GLY A 188 -26.39 34.69 7.52
C GLY A 188 -27.73 34.06 7.82
N PHE A 189 -27.76 32.81 8.28
CA PHE A 189 -28.99 32.12 8.62
C PHE A 189 -29.08 31.92 10.12
N LEU A 190 -30.30 31.93 10.65
CA LEU A 190 -30.56 31.61 12.05
C LEU A 190 -31.29 30.28 12.10
N HIS A 191 -30.57 29.24 12.55
CA HIS A 191 -31.15 27.91 12.70
C HIS A 191 -31.78 27.77 14.08
N ILE A 192 -33.01 27.28 14.11
CA ILE A 192 -33.74 27.06 15.35
C ILE A 192 -34.13 25.59 15.43
N TYR A 193 -33.80 24.95 16.55
CA TYR A 193 -34.16 23.56 16.81
C TYR A 193 -35.11 23.51 18.00
N GLU A 194 -36.22 22.82 17.83
CA GLU A 194 -37.31 22.85 18.79
C GLU A 194 -37.54 21.47 19.39
N GLY A 195 -38.00 21.47 20.64
CA GLY A 195 -38.34 20.23 21.31
C GLY A 195 -39.29 20.49 22.45
N TYR A 196 -40.28 19.61 22.59
CA TYR A 196 -41.32 19.75 23.60
C TYR A 196 -41.41 18.47 24.42
N GLU A 197 -41.65 18.62 25.72
CA GLU A 197 -41.73 17.48 26.63
C GLU A 197 -42.69 17.81 27.76
N ALA A 198 -43.68 16.95 27.96
CA ALA A 198 -44.64 17.14 29.04
C ALA A 198 -44.08 16.58 30.34
N ILE A 199 -44.08 17.41 31.39
CA ILE A 199 -43.48 17.06 32.68
C ILE A 199 -44.43 17.45 33.79
N SER A 200 -44.03 17.12 35.03
CA SER A 200 -44.72 17.58 36.22
C SER A 200 -43.67 17.71 37.32
N ILE A 201 -43.13 18.92 37.47
CA ILE A 201 -42.06 19.21 38.42
C ILE A 201 -42.42 20.47 39.19
N VAL A 202 -41.63 20.78 40.22
CA VAL A 202 -41.85 22.00 41.00
C VAL A 202 -40.58 22.84 41.17
N ARG A 203 -39.38 22.27 41.12
CA ARG A 203 -38.19 22.97 41.60
C ARG A 203 -37.32 23.55 40.47
N GLY A 204 -36.81 22.70 39.59
CA GLY A 204 -35.80 23.17 38.64
C GLY A 204 -35.77 22.45 37.31
N LEU A 205 -34.57 22.29 36.75
CA LEU A 205 -34.40 21.65 35.45
C LEU A 205 -34.33 20.14 35.62
N PRO A 206 -35.29 19.37 35.09
CA PRO A 206 -35.25 17.92 35.27
C PRO A 206 -34.20 17.27 34.37
N ALA A 207 -33.50 16.30 34.93
CA ALA A 207 -32.53 15.53 34.15
C ALA A 207 -33.26 14.62 33.16
N GLY A 208 -32.68 14.48 31.98
CA GLY A 208 -33.31 13.65 30.97
C GLY A 208 -32.54 13.70 29.66
N PHE A 209 -33.22 13.31 28.59
CA PHE A 209 -32.62 13.24 27.26
C PHE A 209 -33.72 13.29 26.23
N ASN A 210 -33.69 14.31 25.37
CA ASN A 210 -34.65 14.39 24.26
C ASN A 210 -34.00 15.15 23.11
N VAL A 211 -34.09 14.58 21.92
CA VAL A 211 -33.52 15.22 20.74
C VAL A 211 -34.42 16.38 20.30
N LEU A 212 -33.84 17.30 19.53
CA LEU A 212 -34.54 18.48 19.03
C LEU A 212 -34.55 18.44 17.50
N LYS A 213 -35.70 18.74 16.91
CA LYS A 213 -35.86 18.70 15.46
C LYS A 213 -35.64 20.08 14.85
N PRO A 214 -35.09 20.15 13.63
CA PRO A 214 -34.93 21.44 12.96
C PRO A 214 -36.28 22.03 12.58
N LEU A 215 -36.46 23.32 12.89
CA LEU A 215 -37.75 23.98 12.67
C LEU A 215 -37.66 25.15 11.71
N LEU A 216 -36.73 26.08 11.93
CA LEU A 216 -36.70 27.32 11.16
C LEU A 216 -35.30 27.57 10.62
N LYS A 217 -35.26 28.26 9.47
CA LYS A 217 -34.01 28.68 8.85
C LYS A 217 -34.30 30.02 8.14
N ILE A 218 -34.03 31.11 8.84
CA ILE A 218 -34.40 32.45 8.40
C ILE A 218 -33.14 33.19 7.98
N PRO A 219 -33.09 33.76 6.78
CA PRO A 219 -31.91 34.53 6.36
C PRO A 219 -31.97 35.95 6.91
N PHE A 220 -31.06 36.25 7.83
CA PHE A 220 -30.98 37.57 8.44
C PHE A 220 -29.89 38.45 7.85
N GLY A 221 -28.69 37.90 7.70
CA GLY A 221 -27.55 38.72 7.33
C GLY A 221 -27.17 39.69 8.43
N LEU A 222 -27.17 39.24 9.68
CA LEU A 222 -27.03 40.11 10.83
C LEU A 222 -25.78 39.75 11.64
N ASN A 223 -25.15 40.78 12.20
CA ASN A 223 -24.10 40.61 13.20
C ASN A 223 -24.77 40.38 14.54
N VAL A 224 -24.85 39.11 14.96
CA VAL A 224 -25.57 38.73 16.17
C VAL A 224 -24.55 38.48 17.26
N THR A 225 -24.60 39.29 18.31
CA THR A 225 -23.71 39.14 19.46
C THR A 225 -24.43 39.11 20.80
N SER A 226 -25.68 39.54 20.89
CA SER A 226 -26.41 39.57 22.14
C SER A 226 -27.87 39.23 21.88
N PHE A 227 -28.56 38.82 22.94
CA PHE A 227 -29.99 38.52 22.83
C PHE A 227 -30.68 38.79 24.16
N LYS A 228 -31.98 38.96 24.09
CA LYS A 228 -32.81 39.30 25.25
C LYS A 228 -34.18 38.66 25.06
N THR A 229 -34.76 38.17 26.16
CA THR A 229 -36.01 37.44 26.12
C THR A 229 -37.18 38.35 26.48
N PHE A 230 -38.36 38.00 25.96
CA PHE A 230 -39.59 38.74 26.20
C PHE A 230 -40.47 37.94 27.15
N LEU A 231 -40.96 38.61 28.20
CA LEU A 231 -41.80 37.97 29.21
C LEU A 231 -43.18 38.62 29.20
N ALA A 232 -44.05 38.11 30.07
CA ALA A 232 -45.41 38.62 30.20
C ALA A 232 -45.77 38.76 31.67
N VAL A 233 -46.49 39.82 32.01
CA VAL A 233 -46.93 40.09 33.35
C VAL A 233 -48.44 40.35 33.34
N TYR A 234 -49.00 40.57 34.53
CA TYR A 234 -50.43 40.76 34.69
C TYR A 234 -50.70 42.03 35.49
N ARG A 235 -51.72 42.78 35.08
CA ARG A 235 -52.18 43.95 35.81
C ARG A 235 -53.47 43.59 36.54
N VAL A 236 -53.47 43.79 37.86
CA VAL A 236 -54.62 43.49 38.69
C VAL A 236 -55.69 44.56 38.47
N ALA A 237 -56.90 44.31 38.98
CA ALA A 237 -57.99 45.25 38.84
C ALA A 237 -57.76 46.56 39.60
N ALA A 238 -56.89 46.54 40.61
CA ALA A 238 -56.55 47.75 41.34
C ALA A 238 -55.51 48.61 40.63
N GLY A 239 -54.93 48.12 39.53
CA GLY A 239 -53.95 48.86 38.77
C GLY A 239 -52.52 48.43 38.99
N SER A 240 -52.24 47.65 40.04
CA SER A 240 -50.88 47.22 40.32
C SER A 240 -50.48 46.10 39.35
N ILE A 241 -49.19 45.81 39.33
CA ILE A 241 -48.60 44.81 38.44
C ILE A 241 -48.22 43.60 39.28
N SER A 242 -48.74 42.43 38.89
CA SER A 242 -48.46 41.18 39.58
C SER A 242 -47.80 40.21 38.62
N VAL A 243 -46.71 39.58 39.05
CA VAL A 243 -45.97 38.66 38.22
C VAL A 243 -46.43 37.24 38.49
N ALA A 244 -46.15 36.35 37.54
CA ALA A 244 -46.52 34.94 37.63
C ALA A 244 -45.26 34.07 37.60
N SER A 245 -45.40 32.86 38.13
CA SER A 245 -44.25 31.98 38.31
C SER A 245 -43.79 31.39 36.99
N SER A 246 -42.49 31.54 36.71
CA SER A 246 -41.86 30.98 35.52
C SER A 246 -40.37 30.91 35.76
N ALA A 247 -39.68 30.15 34.91
CA ALA A 247 -38.23 30.02 34.97
C ALA A 247 -37.71 29.59 33.61
N TYR A 248 -36.47 29.99 33.32
CA TYR A 248 -35.79 29.58 32.11
C TYR A 248 -34.29 29.49 32.36
N TYR A 249 -33.61 28.74 31.49
CA TYR A 249 -32.20 28.41 31.65
C TYR A 249 -31.45 28.67 30.36
N VAL A 250 -30.23 29.17 30.48
CA VAL A 250 -29.41 29.56 29.33
C VAL A 250 -28.07 28.84 29.41
N GLY A 251 -27.73 28.11 28.36
CA GLY A 251 -26.44 27.47 28.27
C GLY A 251 -25.77 27.81 26.95
N TYR A 252 -24.45 27.62 26.92
CA TYR A 252 -23.64 27.98 25.76
C TYR A 252 -23.02 26.73 25.14
N LEU A 253 -22.94 26.74 23.80
CA LEU A 253 -22.37 25.63 23.06
C LEU A 253 -20.86 25.78 22.93
N LYS A 254 -20.17 24.65 22.83
CA LYS A 254 -18.72 24.59 22.72
C LYS A 254 -18.33 23.69 21.56
N PRO A 255 -17.16 23.93 20.95
CA PRO A 255 -16.67 23.00 19.92
C PRO A 255 -16.21 21.69 20.53
N LEU A 256 -17.01 20.64 20.35
CA LEU A 256 -16.74 19.35 20.98
C LEU A 256 -16.95 18.24 19.96
N THR A 257 -16.59 17.03 20.36
CA THR A 257 -16.77 15.83 19.55
C THR A 257 -17.81 14.95 20.21
N PHE A 258 -18.84 14.58 19.45
CA PHE A 258 -19.94 13.77 19.96
C PHE A 258 -20.09 12.52 19.11
N MET A 259 -20.71 11.50 19.70
CA MET A 259 -20.91 10.22 19.04
C MET A 259 -22.38 9.83 19.21
N LEU A 260 -23.14 9.90 18.12
CA LEU A 260 -24.59 9.74 18.15
C LEU A 260 -24.99 8.40 17.57
N SER A 261 -26.16 7.92 17.98
CA SER A 261 -26.71 6.66 17.53
C SER A 261 -28.11 6.86 16.97
N TYR A 262 -28.41 6.13 15.89
CA TYR A 262 -29.70 6.19 15.23
C TYR A 262 -30.40 4.84 15.36
N ASP A 263 -31.71 4.87 15.54
CA ASP A 263 -32.50 3.67 15.76
C ASP A 263 -33.06 3.16 14.42
N LEU A 264 -33.95 2.17 14.50
CA LEU A 264 -34.55 1.60 13.29
C LEU A 264 -35.51 2.55 12.60
N ASN A 265 -36.02 3.57 13.30
CA ASN A 265 -36.92 4.56 12.72
C ASN A 265 -36.20 5.79 12.18
N GLY A 266 -34.89 5.90 12.40
CA GLY A 266 -34.15 7.06 11.95
C GLY A 266 -34.06 8.20 12.93
N THR A 267 -34.37 7.96 14.20
CA THR A 267 -34.35 8.99 15.23
C THR A 267 -33.15 8.79 16.15
N ILE A 268 -32.64 9.89 16.70
CA ILE A 268 -31.50 9.82 17.61
C ILE A 268 -31.99 9.36 18.98
N LYS A 269 -31.38 8.30 19.50
CA LYS A 269 -31.78 7.72 20.77
C LYS A 269 -30.73 7.79 21.86
N ASN A 270 -29.46 7.96 21.51
CA ASN A 270 -28.41 8.02 22.52
C ASN A 270 -27.24 8.84 21.97
N ALA A 271 -26.46 9.38 22.90
CA ALA A 271 -25.30 10.20 22.55
C ALA A 271 -24.28 10.13 23.68
N VAL A 272 -23.01 10.34 23.32
CA VAL A 272 -21.90 10.30 24.27
C VAL A 272 -21.02 11.50 24.02
N ASP A 273 -20.76 12.29 25.06
CA ASP A 273 -19.80 13.40 25.01
C ASP A 273 -18.42 12.83 25.30
N CYS A 274 -17.54 12.85 24.30
CA CYS A 274 -16.26 12.18 24.39
C CYS A 274 -15.27 12.86 25.33
N SER A 275 -15.55 14.09 25.78
CA SER A 275 -14.61 14.84 26.60
C SER A 275 -15.02 14.90 28.06
N GLN A 276 -16.00 14.11 28.49
CA GLN A 276 -16.51 14.22 29.85
C GLN A 276 -15.65 13.44 30.84
N ASP A 277 -15.56 12.13 30.66
CA ASP A 277 -14.89 11.25 31.61
C ASP A 277 -14.04 10.24 30.83
N PRO A 278 -13.07 9.57 31.48
CA PRO A 278 -12.29 8.54 30.76
C PRO A 278 -13.12 7.40 30.19
N LEU A 279 -14.24 7.04 30.84
CA LEU A 279 -15.11 6.00 30.29
C LEU A 279 -15.74 6.45 28.97
N ALA A 280 -16.14 7.72 28.89
CA ALA A 280 -16.70 8.23 27.64
C ALA A 280 -15.63 8.31 26.55
N GLU A 281 -14.40 8.63 26.92
CA GLU A 281 -13.30 8.62 25.96
C GLU A 281 -13.03 7.20 25.45
N LEU A 282 -13.10 6.21 26.34
CA LEU A 282 -12.96 4.83 25.94
C LEU A 282 -14.10 4.40 25.03
N LYS A 283 -15.32 4.84 25.32
CA LYS A 283 -16.46 4.53 24.47
C LYS A 283 -16.31 5.14 23.08
N CYS A 284 -15.82 6.38 23.01
CA CYS A 284 -15.65 7.05 21.72
C CYS A 284 -14.49 6.46 20.93
N THR A 285 -13.44 5.99 21.60
CA THR A 285 -12.34 5.34 20.90
C THR A 285 -12.77 3.99 20.34
N ILE A 286 -13.47 3.19 21.14
CA ILE A 286 -13.96 1.88 20.71
C ILE A 286 -15.07 2.02 19.68
N LYS A 287 -15.85 3.11 19.77
CA LYS A 287 -17.07 3.35 18.98
C LYS A 287 -18.11 2.26 19.23
N ASN A 288 -18.48 2.14 20.51
CA ASN A 288 -19.54 1.23 20.95
C ASN A 288 -20.03 1.71 22.30
N PHE A 289 -21.33 1.53 22.55
CA PHE A 289 -21.89 1.90 23.85
C PHE A 289 -21.60 0.86 24.92
N ASN A 290 -21.23 -0.36 24.53
CA ASN A 290 -20.87 -1.41 25.46
C ASN A 290 -19.40 -1.77 25.26
N VAL A 291 -18.67 -1.90 26.36
CA VAL A 291 -17.26 -2.29 26.34
C VAL A 291 -17.07 -3.45 27.32
N SER A 292 -16.29 -4.44 26.90
CA SER A 292 -16.03 -5.61 27.70
C SER A 292 -14.89 -5.37 28.67
N LYS A 293 -14.59 -6.39 29.49
CA LYS A 293 -13.50 -6.30 30.45
C LYS A 293 -12.15 -6.30 29.74
N GLY A 294 -11.24 -5.46 30.22
CA GLY A 294 -9.90 -5.41 29.68
C GLY A 294 -9.28 -4.05 29.90
N ILE A 295 -8.13 -3.86 29.25
CA ILE A 295 -7.39 -2.60 29.28
C ILE A 295 -7.20 -2.13 27.85
N TYR A 296 -7.51 -0.86 27.60
CA TYR A 296 -7.53 -0.31 26.26
C TYR A 296 -6.77 1.00 26.22
N GLN A 297 -6.16 1.28 25.07
CA GLN A 297 -5.53 2.58 24.82
C GLN A 297 -6.55 3.52 24.21
N THR A 298 -6.52 4.78 24.63
CA THR A 298 -7.49 5.76 24.20
C THR A 298 -6.81 6.92 23.49
N SER A 299 -7.59 7.63 22.69
CA SER A 299 -7.12 8.81 21.98
C SER A 299 -7.19 10.03 22.90
N ASN A 300 -6.99 11.22 22.34
CA ASN A 300 -6.99 12.46 23.11
C ASN A 300 -8.23 13.27 22.73
N PHE A 301 -9.25 13.23 23.58
CA PHE A 301 -10.44 14.05 23.44
C PHE A 301 -10.60 15.04 24.58
N ARG A 302 -9.70 15.05 25.55
CA ARG A 302 -9.96 15.70 26.83
C ARG A 302 -9.47 17.15 26.90
N VAL A 303 -8.60 17.58 26.00
CA VAL A 303 -8.00 18.90 26.10
C VAL A 303 -8.28 19.68 24.83
N SER A 304 -8.26 21.02 24.94
CA SER A 304 -8.52 21.93 23.85
C SER A 304 -7.94 23.31 24.16
N PRO A 305 -7.28 23.96 23.22
CA PRO A 305 -6.77 25.30 23.45
C PRO A 305 -7.88 26.34 23.46
N THR A 306 -7.66 27.41 24.23
CA THR A 306 -8.67 28.46 24.38
C THR A 306 -8.09 29.84 24.18
N ARG A 307 -6.81 30.02 24.48
CA ARG A 307 -6.17 31.33 24.44
C ARG A 307 -5.47 31.52 23.09
N GLU A 308 -4.74 32.63 22.97
CA GLU A 308 -4.02 32.96 21.74
C GLU A 308 -2.83 33.85 22.08
N VAL A 309 -1.75 33.68 21.32
CA VAL A 309 -0.53 34.46 21.48
C VAL A 309 -0.04 34.86 20.09
N VAL A 310 0.27 36.14 19.91
CA VAL A 310 0.85 36.63 18.67
C VAL A 310 1.98 37.59 19.03
N ARG A 311 3.15 37.40 18.42
CA ARG A 311 4.30 38.26 18.66
C ARG A 311 4.92 38.67 17.33
N PHE A 312 5.12 39.96 17.15
CA PHE A 312 5.58 40.56 15.91
C PHE A 312 6.69 41.56 16.20
N PRO A 313 7.56 41.86 15.21
CA PRO A 313 8.65 42.82 15.44
C PRO A 313 8.20 44.26 15.68
N ASN A 314 9.18 45.15 15.87
CA ASN A 314 8.96 46.51 16.31
C ASN A 314 8.85 47.51 15.17
N ILE A 315 8.46 47.06 13.97
CA ILE A 315 8.41 47.97 12.83
C ILE A 315 7.16 48.84 12.94
N THR A 316 7.36 50.15 12.80
CA THR A 316 6.25 51.09 12.95
C THR A 316 6.11 52.06 11.77
N ASN A 317 6.97 52.00 10.76
CA ASN A 317 6.89 52.93 9.63
C ASN A 317 5.72 52.60 8.71
N ARG A 318 5.38 53.53 7.84
CA ARG A 318 4.35 53.29 6.83
C ARG A 318 5.05 53.04 5.51
N CYS A 319 4.52 52.12 4.72
CA CYS A 319 5.27 51.62 3.59
C CYS A 319 4.89 52.41 2.34
N PRO A 320 5.87 52.87 1.55
CA PRO A 320 5.57 53.82 0.46
C PRO A 320 4.82 53.22 -0.72
N PHE A 321 3.50 53.11 -0.58
CA PHE A 321 2.67 52.64 -1.69
C PHE A 321 2.48 53.71 -2.75
N ASP A 322 2.32 54.98 -2.34
CA ASP A 322 2.05 56.04 -3.30
C ASP A 322 3.27 56.41 -4.13
N SER A 323 4.48 56.14 -3.64
CA SER A 323 5.67 56.43 -4.42
C SER A 323 5.85 55.45 -5.57
N ILE A 324 5.34 54.24 -5.44
CA ILE A 324 5.45 53.21 -6.46
C ILE A 324 4.23 53.18 -7.36
N PHE A 325 3.04 53.10 -6.77
CA PHE A 325 1.82 52.96 -7.56
C PHE A 325 1.45 54.27 -8.27
N ASN A 326 1.75 55.40 -7.65
CA ASN A 326 1.36 56.71 -8.19
C ASN A 326 2.59 57.55 -8.53
N ALA A 327 3.56 56.94 -9.19
CA ALA A 327 4.74 57.67 -9.63
C ALA A 327 4.38 58.61 -10.80
N SER A 328 5.31 59.53 -11.09
CA SER A 328 5.06 60.51 -12.14
C SER A 328 5.04 59.86 -13.52
N ARG A 329 5.92 58.89 -13.76
CA ARG A 329 5.98 58.21 -15.04
C ARG A 329 6.50 56.80 -14.84
N PHE A 330 6.24 55.94 -15.83
CA PHE A 330 6.64 54.55 -15.82
C PHE A 330 7.54 54.25 -17.01
N PRO A 331 8.52 53.37 -16.86
CA PRO A 331 9.44 53.08 -17.96
C PRO A 331 8.81 52.17 -19.00
N SER A 332 9.49 52.03 -20.12
CA SER A 332 9.09 51.09 -21.15
C SER A 332 9.34 49.66 -20.69
N VAL A 333 8.67 48.71 -21.36
CA VAL A 333 8.76 47.32 -20.95
C VAL A 333 10.14 46.73 -21.23
N TYR A 334 10.81 47.20 -22.29
CA TYR A 334 12.15 46.69 -22.58
C TYR A 334 13.20 47.25 -21.62
N ALA A 335 12.87 48.32 -20.89
CA ALA A 335 13.76 48.94 -19.92
C ALA A 335 13.10 49.03 -18.56
N TRP A 336 12.52 47.91 -18.11
CA TRP A 336 11.84 47.86 -16.82
C TRP A 336 12.82 48.03 -15.67
N GLU A 337 12.31 48.56 -14.56
CA GLU A 337 13.14 48.95 -13.43
C GLU A 337 12.77 48.12 -12.21
N ARG A 338 13.74 47.96 -11.31
CA ARG A 338 13.58 47.18 -10.09
C ARG A 338 13.83 48.06 -8.87
N THR A 339 13.01 47.88 -7.84
CA THR A 339 13.11 48.67 -6.62
C THR A 339 13.04 47.74 -5.41
N LYS A 340 13.94 47.97 -4.46
CA LYS A 340 13.97 47.19 -3.22
C LYS A 340 13.05 47.82 -2.19
N ILE A 341 12.30 46.98 -1.49
CA ILE A 341 11.37 47.41 -0.46
C ILE A 341 11.76 46.75 0.86
N SER A 342 12.00 47.57 1.87
CA SER A 342 12.40 47.07 3.19
C SER A 342 11.99 48.06 4.25
N ASP A 343 11.92 47.58 5.49
CA ASP A 343 11.48 48.33 6.66
C ASP A 343 10.09 48.93 6.44
N CYS A 344 9.15 48.05 6.12
CA CYS A 344 7.79 48.43 5.73
C CYS A 344 6.78 47.78 6.65
N VAL A 345 5.60 48.37 6.70
CA VAL A 345 4.40 47.73 7.23
C VAL A 345 3.38 47.75 6.09
N ALA A 346 3.14 46.59 5.50
CA ALA A 346 2.34 46.51 4.27
C ALA A 346 0.88 46.31 4.62
N ASP A 347 0.12 47.40 4.62
CA ASP A 347 -1.34 47.35 4.77
C ASP A 347 -1.96 47.82 3.47
N TYR A 348 -2.56 46.89 2.73
CA TYR A 348 -3.11 47.18 1.42
C TYR A 348 -4.43 47.96 1.47
N THR A 349 -5.02 48.10 2.65
CA THR A 349 -6.32 48.74 2.79
C THR A 349 -6.30 50.25 2.61
N VAL A 350 -5.10 50.86 2.53
CA VAL A 350 -5.03 52.31 2.33
C VAL A 350 -5.31 52.72 0.89
N LEU A 351 -5.32 51.76 -0.04
CA LEU A 351 -5.60 52.04 -1.44
C LEU A 351 -7.03 51.71 -1.83
N TYR A 352 -7.89 51.43 -0.85
CA TYR A 352 -9.24 50.97 -1.16
C TYR A 352 -10.12 52.08 -1.71
N ASN A 353 -9.91 53.32 -1.29
CA ASN A 353 -10.72 54.44 -1.74
C ASN A 353 -10.02 55.29 -2.79
N SER A 354 -8.91 54.82 -3.35
CA SER A 354 -8.15 55.63 -4.30
C SER A 354 -7.89 54.90 -5.61
N THR A 355 -7.68 53.58 -5.54
CA THR A 355 -7.26 52.81 -6.70
C THR A 355 -8.31 51.80 -7.10
N LEU A 356 -8.18 51.29 -8.32
CA LEU A 356 -9.06 50.26 -8.88
C LEU A 356 -8.23 49.39 -9.78
N PHE A 357 -7.99 48.14 -9.37
CA PHE A 357 -7.10 47.24 -10.07
C PHE A 357 -7.89 46.25 -10.92
N SER A 358 -7.56 46.19 -12.21
CA SER A 358 -8.18 45.25 -13.12
C SER A 358 -7.62 43.84 -12.99
N THR A 359 -6.43 43.68 -12.39
CA THR A 359 -5.80 42.38 -12.28
C THR A 359 -5.10 42.29 -10.92
N PHE A 360 -5.39 41.24 -10.17
CA PHE A 360 -4.71 40.98 -8.90
C PHE A 360 -4.63 39.46 -8.75
N LYS A 361 -3.51 38.89 -9.18
CA LYS A 361 -3.29 37.46 -9.16
C LYS A 361 -2.00 37.17 -8.41
N CYS A 362 -2.06 36.25 -7.43
CA CYS A 362 -0.92 35.91 -6.61
C CYS A 362 -0.55 34.44 -6.80
N TYR A 363 0.75 34.16 -6.65
CA TYR A 363 1.29 32.83 -6.89
C TYR A 363 2.09 32.39 -5.68
N GLY A 364 1.84 31.17 -5.21
CA GLY A 364 2.53 30.62 -4.07
C GLY A 364 1.96 31.03 -2.73
N VAL A 365 1.00 31.95 -2.70
CA VAL A 365 0.35 32.39 -1.47
C VAL A 365 -1.04 32.91 -1.82
N SER A 366 -2.04 32.51 -1.07
CA SER A 366 -3.39 32.94 -1.38
C SER A 366 -3.61 34.38 -0.89
N PRO A 367 -4.47 35.13 -1.58
CA PRO A 367 -4.89 36.44 -1.06
C PRO A 367 -5.75 36.26 0.19
N SER A 368 -5.92 37.37 0.91
CA SER A 368 -6.49 37.45 2.25
C SER A 368 -5.65 36.71 3.28
N LYS A 369 -4.40 36.37 2.96
CA LYS A 369 -3.43 35.88 3.91
C LYS A 369 -2.20 36.77 4.01
N LEU A 370 -2.10 37.80 3.17
CA LEU A 370 -0.95 38.69 3.21
C LEU A 370 -0.99 39.63 4.40
N ILE A 371 -2.12 39.72 5.09
CA ILE A 371 -2.22 40.59 6.27
C ILE A 371 -1.39 40.03 7.41
N ASP A 372 -1.46 38.71 7.62
CA ASP A 372 -0.80 38.05 8.74
C ASP A 372 0.52 37.39 8.35
N LEU A 373 1.26 37.98 7.41
CA LEU A 373 2.50 37.37 6.93
C LEU A 373 3.64 38.37 6.97
N CYS A 374 4.86 37.84 7.05
CA CYS A 374 6.08 38.62 6.97
C CYS A 374 6.95 38.11 5.83
N PHE A 375 7.48 39.04 5.04
CA PHE A 375 8.27 38.73 3.87
C PHE A 375 9.69 39.24 4.05
N THR A 376 10.68 38.40 3.72
CA THR A 376 12.07 38.74 3.99
C THR A 376 12.62 39.74 2.97
N SER A 377 12.66 39.36 1.69
CA SER A 377 13.21 40.21 0.64
C SER A 377 12.10 40.50 -0.36
N VAL A 378 11.75 41.78 -0.50
CA VAL A 378 10.66 42.22 -1.36
C VAL A 378 11.22 43.12 -2.45
N TYR A 379 10.85 42.83 -3.69
CA TYR A 379 11.25 43.63 -4.84
C TYR A 379 10.01 43.97 -5.67
N ALA A 380 10.08 45.09 -6.38
CA ALA A 380 8.98 45.56 -7.21
C ALA A 380 9.48 45.92 -8.60
N ASP A 381 8.86 45.36 -9.62
CA ASP A 381 9.17 45.67 -11.01
C ASP A 381 8.02 46.44 -11.63
N THR A 382 8.35 47.52 -12.34
CA THR A 382 7.36 48.40 -12.94
C THR A 382 7.67 48.61 -14.41
N PHE A 383 6.62 48.51 -15.24
CA PHE A 383 6.74 48.80 -16.67
C PHE A 383 5.36 49.18 -17.18
N LEU A 384 5.27 49.38 -18.49
CA LEU A 384 4.05 49.86 -19.13
C LEU A 384 3.84 49.14 -20.45
N ILE A 385 2.69 48.48 -20.60
CA ILE A 385 2.36 47.69 -21.78
C ILE A 385 0.94 48.04 -22.22
N ARG A 386 0.49 47.35 -23.26
CA ARG A 386 -0.88 47.46 -23.74
C ARG A 386 -1.83 46.66 -22.86
N PHE A 387 -3.12 46.91 -23.02
CA PHE A 387 -4.12 46.31 -22.13
C PHE A 387 -4.29 44.82 -22.41
N SER A 388 -4.14 44.40 -23.67
CA SER A 388 -4.34 43.01 -24.02
C SER A 388 -3.13 42.12 -23.69
N GLU A 389 -1.99 42.71 -23.35
CA GLU A 389 -0.77 41.95 -23.10
C GLU A 389 -0.57 41.63 -21.62
N VAL A 390 -1.53 41.95 -20.76
CA VAL A 390 -1.40 41.65 -19.34
C VAL A 390 -1.45 40.15 -19.10
N ARG A 391 -2.17 39.40 -19.95
CA ARG A 391 -2.24 37.96 -19.81
C ARG A 391 -0.91 37.26 -20.04
N GLN A 392 0.02 37.91 -20.75
CA GLN A 392 1.33 37.34 -20.99
C GLN A 392 2.26 37.45 -19.80
N VAL A 393 1.92 38.28 -18.80
CA VAL A 393 2.76 38.43 -17.61
C VAL A 393 2.30 37.36 -16.63
N ALA A 394 2.82 36.15 -16.83
CA ALA A 394 2.49 34.99 -16.02
C ALA A 394 3.57 33.93 -16.23
N PRO A 395 3.82 33.07 -15.24
CA PRO A 395 4.84 32.03 -15.42
C PRO A 395 4.39 30.98 -16.43
N GLY A 396 5.20 30.76 -17.44
CA GLY A 396 4.93 29.76 -18.45
C GLY A 396 4.20 30.25 -19.69
N GLU A 397 4.07 31.55 -19.87
CA GLU A 397 3.33 32.09 -21.00
C GLU A 397 4.25 32.28 -22.22
N THR A 398 3.63 32.61 -23.34
CA THR A 398 4.31 32.92 -24.58
C THR A 398 3.75 34.23 -25.15
N GLY A 399 4.42 34.77 -26.15
CA GLY A 399 4.07 36.04 -26.73
C GLY A 399 5.26 36.98 -26.81
N VAL A 400 5.01 38.15 -27.40
CA VAL A 400 6.09 39.10 -27.65
C VAL A 400 6.63 39.71 -26.36
N ILE A 401 5.88 39.66 -25.26
CA ILE A 401 6.36 40.21 -24.00
C ILE A 401 7.08 39.14 -23.19
N ALA A 402 6.58 37.90 -23.23
CA ALA A 402 7.04 36.88 -22.29
C ALA A 402 8.44 36.36 -22.60
N ASP A 403 8.92 36.48 -23.85
CA ASP A 403 10.21 35.94 -24.20
C ASP A 403 11.22 36.98 -24.67
N TYR A 404 10.79 38.16 -25.08
CA TYR A 404 11.70 39.16 -25.60
C TYR A 404 11.83 40.40 -24.72
N ASN A 405 10.90 40.64 -23.80
CA ASN A 405 10.94 41.83 -22.97
C ASN A 405 11.02 41.52 -21.48
N TYR A 406 10.16 40.63 -20.97
CA TYR A 406 10.10 40.38 -19.53
C TYR A 406 9.63 38.95 -19.32
N ARG A 407 10.41 38.17 -18.56
CA ARG A 407 10.12 36.76 -18.35
C ARG A 407 10.16 36.45 -16.86
N LEU A 408 9.12 35.77 -16.38
CA LEU A 408 8.97 35.31 -15.00
C LEU A 408 9.54 33.92 -14.84
N PRO A 409 10.19 33.63 -13.71
CA PRO A 409 10.67 32.27 -13.46
C PRO A 409 9.53 31.31 -13.19
N ASP A 410 9.83 30.01 -13.36
CA ASP A 410 8.81 28.99 -13.16
C ASP A 410 8.43 28.83 -11.69
N ASP A 411 9.40 28.93 -10.78
CA ASP A 411 9.13 28.86 -9.34
C ASP A 411 8.90 30.25 -8.75
N PHE A 412 7.97 30.99 -9.35
CA PHE A 412 7.72 32.37 -8.97
C PHE A 412 6.81 32.42 -7.75
N THR A 413 7.15 33.29 -6.81
CA THR A 413 6.31 33.58 -5.64
C THR A 413 6.11 35.08 -5.55
N GLY A 414 4.85 35.51 -5.62
CA GLY A 414 4.54 36.93 -5.59
C GLY A 414 3.18 37.19 -6.19
N CYS A 415 2.94 38.46 -6.51
CA CYS A 415 1.66 38.90 -7.04
C CYS A 415 1.87 39.82 -8.23
N VAL A 416 0.88 39.83 -9.12
CA VAL A 416 0.89 40.67 -10.31
C VAL A 416 -0.30 41.61 -10.24
N ILE A 417 -0.04 42.91 -10.36
CA ILE A 417 -1.05 43.95 -10.22
C ILE A 417 -1.02 44.83 -11.47
N ALA A 418 -2.18 45.05 -12.07
CA ALA A 418 -2.27 45.90 -13.26
C ALA A 418 -3.54 46.74 -13.19
N TRP A 419 -3.47 47.93 -13.80
CA TRP A 419 -4.61 48.82 -13.88
C TRP A 419 -4.43 49.76 -15.05
N ASN A 420 -5.55 50.16 -15.67
CA ASN A 420 -5.51 50.98 -16.86
C ASN A 420 -5.18 52.43 -16.50
N THR A 421 -4.33 53.06 -17.31
CA THR A 421 -3.86 54.42 -17.07
C THR A 421 -3.96 55.26 -18.34
N ALA A 422 -5.12 55.21 -18.99
CA ALA A 422 -5.38 56.15 -20.07
C ALA A 422 -5.57 57.56 -19.51
N ASN A 423 -5.44 58.54 -20.40
CA ASN A 423 -5.46 59.99 -20.08
C ASN A 423 -4.36 60.38 -19.09
N GLN A 424 -3.35 59.55 -18.92
CA GLN A 424 -2.21 59.86 -18.05
C GLN A 424 -0.87 59.67 -18.74
N ASP A 425 -0.75 58.67 -19.60
CA ASP A 425 0.48 58.39 -20.34
C ASP A 425 0.20 58.62 -21.82
N VAL A 426 0.80 59.68 -22.38
CA VAL A 426 0.51 60.11 -23.74
C VAL A 426 1.71 59.95 -24.67
N GLY A 427 2.91 59.77 -24.13
CA GLY A 427 4.10 59.69 -24.97
C GLY A 427 4.18 58.38 -25.74
N SER A 428 5.22 58.29 -26.55
CA SER A 428 5.50 57.12 -27.37
C SER A 428 6.49 56.23 -26.65
N TYR A 429 6.18 54.93 -26.59
CA TYR A 429 6.98 53.96 -25.86
C TYR A 429 7.39 52.84 -26.80
N PHE A 430 8.35 52.02 -26.35
CA PHE A 430 9.01 51.06 -27.20
C PHE A 430 8.97 49.67 -26.58
N TYR A 431 9.08 48.65 -27.44
CA TYR A 431 9.14 47.27 -27.01
C TYR A 431 9.91 46.47 -28.04
N ARG A 432 10.43 45.32 -27.61
CA ARG A 432 11.23 44.47 -28.48
C ARG A 432 10.32 43.60 -29.34
N SER A 433 10.50 43.66 -30.65
CA SER A 433 9.67 42.89 -31.57
C SER A 433 10.28 41.55 -31.95
N HIS A 434 11.61 41.47 -32.06
CA HIS A 434 12.27 40.23 -32.43
C HIS A 434 13.65 40.18 -31.79
N ARG A 435 14.19 38.97 -31.69
CA ARG A 435 15.48 38.75 -31.06
C ARG A 435 16.05 37.44 -31.57
N SER A 436 17.37 37.30 -31.42
CA SER A 436 18.03 36.06 -31.85
C SER A 436 17.63 34.89 -30.96
N THR A 437 17.59 35.12 -29.65
CA THR A 437 17.13 34.10 -28.71
C THR A 437 16.12 34.70 -27.75
N LYS A 438 15.59 33.90 -26.83
CA LYS A 438 14.63 34.38 -25.85
C LYS A 438 15.31 34.62 -24.51
N LEU A 439 14.71 35.52 -23.73
CA LEU A 439 15.36 36.01 -22.52
C LEU A 439 15.30 34.98 -21.39
N LYS A 440 16.29 35.05 -20.51
CA LYS A 440 16.27 34.35 -19.24
C LYS A 440 15.32 35.04 -18.28
N PRO A 441 14.84 34.34 -17.24
CA PRO A 441 13.99 35.01 -16.25
C PRO A 441 14.70 36.14 -15.53
N PHE A 442 13.96 37.24 -15.32
CA PHE A 442 14.41 38.43 -14.60
C PHE A 442 15.67 39.03 -15.24
N GLU A 443 15.65 39.17 -16.57
CA GLU A 443 16.77 39.70 -17.31
C GLU A 443 16.33 40.86 -18.19
N ARG A 444 17.29 41.70 -18.56
CA ARG A 444 17.06 42.90 -19.33
C ARG A 444 17.94 42.92 -20.57
N ASP A 445 17.51 43.68 -21.57
CA ASP A 445 18.29 43.89 -22.78
C ASP A 445 18.11 45.34 -23.21
N LEU A 446 19.09 46.18 -22.90
CA LEU A 446 19.00 47.61 -23.10
C LEU A 446 19.58 48.07 -24.43
N SER A 447 19.93 47.13 -25.32
CA SER A 447 20.46 47.49 -26.64
C SER A 447 19.36 48.14 -27.47
N SER A 448 19.52 49.44 -27.74
CA SER A 448 18.48 50.18 -28.44
C SER A 448 18.35 49.75 -29.89
N ASP A 449 19.45 49.38 -30.54
CA ASP A 449 19.41 48.95 -31.92
C ASP A 449 20.58 48.04 -32.20
N GLU A 450 20.37 47.09 -33.10
CA GLU A 450 21.46 46.26 -33.60
C GLU A 450 22.21 47.02 -34.69
N ASN A 451 23.37 46.48 -35.07
CA ASN A 451 24.17 47.10 -36.13
C ASN A 451 23.47 46.95 -37.49
N GLY A 452 22.86 45.80 -37.74
CA GLY A 452 22.18 45.57 -39.00
C GLY A 452 20.85 46.29 -39.13
N VAL A 453 19.87 45.90 -38.30
CA VAL A 453 18.53 46.46 -38.37
C VAL A 453 18.07 46.81 -36.96
N ARG A 454 17.13 47.75 -36.89
CA ARG A 454 16.55 48.13 -35.60
C ARG A 454 15.65 47.04 -35.06
N THR A 455 15.70 46.83 -33.75
CA THR A 455 14.91 45.80 -33.09
C THR A 455 13.75 46.33 -32.27
N LEU A 456 13.69 47.64 -32.02
CA LEU A 456 12.69 48.23 -31.15
C LEU A 456 11.51 48.72 -31.97
N SER A 457 10.36 48.11 -31.78
CA SER A 457 9.11 48.61 -32.33
C SER A 457 8.47 49.58 -31.35
N THR A 458 7.58 50.42 -31.85
CA THR A 458 6.96 51.46 -31.05
C THR A 458 5.45 51.41 -31.15
N TYR A 459 4.79 51.87 -30.09
CA TYR A 459 3.36 52.13 -30.10
C TYR A 459 3.08 53.49 -29.48
N ASP A 460 2.06 54.16 -29.98
CA ASP A 460 1.66 55.48 -29.52
C ASP A 460 0.42 55.38 -28.66
N PHE A 461 0.43 56.05 -27.51
CA PHE A 461 -0.66 56.00 -26.55
C PHE A 461 -1.41 57.32 -26.58
N ASN A 462 -2.71 57.27 -26.86
CA ASN A 462 -3.59 58.42 -26.80
C ASN A 462 -4.94 57.96 -26.31
N PRO A 463 -5.73 58.85 -25.69
CA PRO A 463 -7.06 58.44 -25.22
C PRO A 463 -8.01 57.99 -26.33
N ASN A 464 -7.83 58.50 -27.55
CA ASN A 464 -8.71 58.13 -28.66
C ASN A 464 -8.39 56.75 -29.23
N VAL A 465 -7.30 56.13 -28.82
CA VAL A 465 -6.94 54.79 -29.29
C VAL A 465 -7.92 53.77 -28.72
N PRO A 466 -8.16 52.64 -29.38
CA PRO A 466 -9.14 51.67 -28.86
C PRO A 466 -8.68 51.02 -27.56
N LEU A 467 -9.62 50.30 -26.94
CA LEU A 467 -9.39 49.75 -25.59
C LEU A 467 -8.32 48.67 -25.60
N ASP A 468 -8.22 47.92 -26.70
CA ASP A 468 -7.22 46.85 -26.78
C ASP A 468 -5.81 47.40 -26.84
N TYR A 469 -5.63 48.63 -27.32
CA TYR A 469 -4.32 49.24 -27.50
C TYR A 469 -4.02 50.31 -26.47
N GLN A 470 -4.71 50.32 -25.33
CA GLN A 470 -4.56 51.37 -24.33
C GLN A 470 -3.46 51.02 -23.34
N ALA A 471 -2.92 52.06 -22.71
CA ALA A 471 -1.74 51.94 -21.85
C ALA A 471 -2.15 51.62 -20.41
N THR A 472 -1.58 50.53 -19.88
CA THR A 472 -1.81 50.13 -18.49
C THR A 472 -0.46 49.97 -17.78
N ARG A 473 -0.48 50.21 -16.47
CA ARG A 473 0.70 50.07 -15.63
C ARG A 473 0.68 48.73 -14.92
N VAL A 474 1.83 48.05 -14.91
CA VAL A 474 1.96 46.72 -14.31
C VAL A 474 3.01 46.78 -13.22
N VAL A 475 2.66 46.28 -12.04
CA VAL A 475 3.58 46.19 -10.91
C VAL A 475 3.63 44.73 -10.47
N VAL A 476 4.85 44.17 -10.41
CA VAL A 476 5.06 42.78 -10.05
C VAL A 476 5.88 42.74 -8.76
N LEU A 477 5.37 42.03 -7.77
CA LEU A 477 6.06 41.85 -6.50
C LEU A 477 6.58 40.42 -6.38
N SER A 478 7.63 40.27 -5.57
CA SER A 478 8.24 38.95 -5.36
C SER A 478 8.83 38.91 -3.96
N PHE A 479 8.61 37.80 -3.26
CA PHE A 479 9.09 37.65 -1.90
C PHE A 479 9.33 36.18 -1.59
N GLU A 480 9.93 35.92 -0.43
CA GLU A 480 10.24 34.58 0.02
C GLU A 480 10.36 34.60 1.53
N LEU A 481 10.29 33.40 2.13
CA LEU A 481 10.30 33.25 3.58
C LEU A 481 11.49 32.40 3.99
N LEU A 482 12.32 32.94 4.90
CA LEU A 482 13.52 32.28 5.37
C LEU A 482 13.49 32.18 6.89
N ASN A 483 14.58 31.67 7.47
CA ASN A 483 14.75 31.62 8.92
C ASN A 483 15.56 32.84 9.38
N ALA A 484 15.02 34.02 9.04
CA ALA A 484 15.71 35.27 9.25
C ALA A 484 14.66 36.33 9.60
N PRO A 485 15.07 37.45 10.21
CA PRO A 485 14.14 38.59 10.32
C PRO A 485 13.74 39.10 8.94
N ALA A 486 12.48 39.52 8.83
CA ALA A 486 11.87 39.81 7.54
C ALA A 486 11.83 41.29 7.18
N THR A 487 11.60 42.16 8.17
CA THR A 487 11.55 43.61 8.07
C THR A 487 10.39 44.14 7.23
N VAL A 488 9.58 43.27 6.64
CA VAL A 488 8.36 43.67 5.92
C VAL A 488 7.24 42.77 6.47
N CYS A 489 6.41 43.32 7.34
CA CYS A 489 5.35 42.57 8.00
C CYS A 489 4.02 43.28 7.83
N GLY A 490 2.96 42.60 8.27
CA GLY A 490 1.63 43.17 8.23
C GLY A 490 1.28 43.90 9.51
N PRO A 491 0.07 44.47 9.56
CA PRO A 491 -0.35 45.24 10.74
C PRO A 491 -0.96 44.37 11.84
N LYS A 492 -0.10 43.67 12.58
CA LYS A 492 -0.52 42.84 13.69
C LYS A 492 0.06 43.38 15.00
N LEU A 493 -0.72 43.27 16.07
CA LEU A 493 -0.33 43.77 17.38
C LEU A 493 0.09 42.60 18.27
N SER A 494 1.20 42.77 18.97
CA SER A 494 1.67 41.74 19.89
C SER A 494 0.79 41.71 21.14
N THR A 495 0.49 40.50 21.61
CA THR A 495 -0.34 40.31 22.79
C THR A 495 0.48 39.77 23.95
N GLU A 496 -0.19 39.46 25.05
CA GLU A 496 0.49 38.99 26.24
C GLU A 496 0.94 37.54 26.10
N LEU A 497 2.16 37.27 26.53
CA LEU A 497 2.73 35.92 26.49
C LEU A 497 2.25 35.16 27.71
N VAL A 498 1.56 34.04 27.48
CA VAL A 498 1.12 33.15 28.53
C VAL A 498 1.84 31.81 28.38
N LYS A 499 2.00 31.11 29.49
CA LYS A 499 2.74 29.86 29.52
C LYS A 499 1.93 28.80 30.25
N ASN A 500 2.38 27.54 30.11
CA ASN A 500 1.86 26.36 30.79
C ASN A 500 0.42 26.03 30.40
N GLN A 501 -0.06 26.53 29.26
CA GLN A 501 -1.40 26.21 28.77
C GLN A 501 -1.32 25.86 27.29
N CYS A 502 -2.33 25.13 26.81
CA CYS A 502 -2.47 24.84 25.39
C CYS A 502 -2.93 26.14 24.70
N VAL A 503 -2.03 26.74 23.92
CA VAL A 503 -2.30 28.01 23.25
C VAL A 503 -1.87 27.91 21.80
N ASN A 504 -2.36 28.83 20.98
CA ASN A 504 -1.96 28.94 19.59
C ASN A 504 -1.05 30.16 19.44
N PHE A 505 0.17 29.94 18.97
CA PHE A 505 1.14 31.02 18.87
C PHE A 505 1.31 31.44 17.41
N ASN A 506 1.75 32.69 17.24
CA ASN A 506 1.82 33.32 15.92
C ASN A 506 3.15 34.05 15.75
N PHE A 507 4.26 33.37 16.01
CA PHE A 507 5.59 33.91 15.71
C PHE A 507 5.86 33.77 14.21
N ASN A 508 5.06 34.52 13.43
CA ASN A 508 5.02 34.54 11.97
C ASN A 508 4.55 33.22 11.37
N GLY A 509 4.19 32.25 12.21
CA GLY A 509 3.66 30.97 11.80
C GLY A 509 2.69 30.42 12.83
N LEU A 510 1.66 29.71 12.38
CA LEU A 510 0.59 29.27 13.26
C LEU A 510 0.79 27.81 13.67
N LYS A 511 0.68 27.55 14.97
CA LYS A 511 0.72 26.20 15.53
C LYS A 511 0.20 26.28 16.96
N GLY A 512 -0.60 25.29 17.36
CA GLY A 512 -1.17 25.29 18.70
C GLY A 512 -0.58 24.25 19.64
N THR A 513 0.26 24.68 20.58
CA THR A 513 0.96 23.78 21.51
C THR A 513 0.92 24.37 22.91
N GLY A 514 1.76 23.82 23.79
CA GLY A 514 1.98 24.36 25.12
C GLY A 514 3.32 25.05 25.17
N VAL A 515 3.39 26.16 25.91
CA VAL A 515 4.53 27.06 25.90
C VAL A 515 5.20 27.04 27.26
N LEU A 516 6.51 26.73 27.28
CA LEU A 516 7.28 26.73 28.51
C LEU A 516 8.53 27.60 28.36
N THR A 517 9.38 27.64 29.39
CA THR A 517 10.58 28.46 29.39
C THR A 517 11.79 27.58 29.12
N SER A 518 12.58 27.93 28.11
CA SER A 518 13.77 27.18 27.73
C SER A 518 15.02 27.95 28.14
N SER A 519 15.96 27.25 28.77
CA SER A 519 17.20 27.86 29.22
C SER A 519 18.45 27.16 28.69
N SER A 520 18.31 26.16 27.84
CA SER A 520 19.44 25.38 27.33
C SER A 520 19.43 25.35 25.81
N LYS A 521 19.24 26.51 25.20
CA LYS A 521 19.19 26.64 23.75
C LYS A 521 20.29 27.57 23.27
N ARG A 522 21.00 27.13 22.22
CA ARG A 522 22.07 27.91 21.60
C ARG A 522 21.64 28.24 20.17
N PHE A 523 21.35 29.51 19.91
CA PHE A 523 20.96 29.98 18.59
C PHE A 523 22.10 30.73 17.93
N GLN A 524 21.97 30.94 16.62
CA GLN A 524 23.02 31.56 15.81
C GLN A 524 22.78 33.04 15.56
N SER A 525 21.81 33.64 16.26
CA SER A 525 21.39 35.04 16.19
C SER A 525 20.70 35.41 14.88
N PHE A 526 20.58 34.48 13.93
CA PHE A 526 19.79 34.68 12.71
C PHE A 526 18.45 33.98 12.78
N GLN A 527 18.44 32.72 13.22
CA GLN A 527 17.28 31.86 13.14
C GLN A 527 16.24 32.23 14.21
N GLN A 528 14.98 31.93 13.89
CA GLN A 528 13.88 32.08 14.83
C GLN A 528 13.39 30.75 15.38
N PHE A 529 13.37 29.71 14.58
CA PHE A 529 12.86 28.40 14.99
C PHE A 529 13.85 27.27 14.77
N GLY A 530 14.60 27.29 13.69
CA GLY A 530 15.50 26.19 13.38
C GLY A 530 14.80 25.08 12.60
N ARG A 531 15.34 23.88 12.73
CA ARG A 531 14.77 22.72 12.06
C ARG A 531 15.14 21.46 12.82
N ASP A 532 14.20 20.50 12.87
CA ASP A 532 14.41 19.24 13.54
C ASP A 532 14.77 18.15 12.54
N ALA A 533 14.83 16.91 13.02
CA ALA A 533 15.19 15.78 12.15
C ALA A 533 14.05 15.40 11.21
N SER A 534 12.80 15.53 11.66
CA SER A 534 11.64 15.20 10.87
C SER A 534 11.00 16.42 10.22
N ASP A 535 11.83 17.42 9.85
CA ASP A 535 11.38 18.69 9.25
C ASP A 535 10.36 19.40 10.14
N PHE A 536 10.70 19.48 11.43
CA PHE A 536 9.86 20.14 12.42
C PHE A 536 10.59 21.37 12.97
N THR A 537 9.82 22.31 13.50
CA THR A 537 10.35 23.54 14.08
C THR A 537 10.04 23.56 15.56
N ASP A 538 11.07 23.76 16.38
CA ASP A 538 10.94 23.72 17.84
C ASP A 538 11.75 24.84 18.46
N SER A 539 11.33 25.26 19.67
CA SER A 539 11.97 26.30 20.47
C SER A 539 12.08 27.63 19.72
N VAL A 540 10.90 28.21 19.47
CA VAL A 540 10.81 29.45 18.71
C VAL A 540 11.38 30.61 19.55
N ARG A 541 11.72 31.71 18.86
CA ARG A 541 12.30 32.89 19.45
C ARG A 541 11.31 34.05 19.45
N ASP A 542 11.37 34.86 20.50
CA ASP A 542 10.60 36.09 20.55
C ASP A 542 11.16 37.07 19.52
N PRO A 543 10.34 37.60 18.60
CA PRO A 543 10.89 38.31 17.43
C PRO A 543 11.59 39.62 17.75
N GLN A 544 11.38 40.21 18.92
CA GLN A 544 12.07 41.44 19.30
C GLN A 544 13.10 41.25 20.40
N THR A 545 12.90 40.31 21.32
CA THR A 545 13.87 40.01 22.35
C THR A 545 14.79 38.88 21.88
N LEU A 546 15.60 38.36 22.79
CA LEU A 546 16.43 37.20 22.53
C LEU A 546 15.98 35.97 23.32
N GLU A 547 14.88 36.09 24.06
CA GLU A 547 14.38 35.00 24.88
C GLU A 547 13.82 33.88 23.99
N ILE A 548 14.25 32.65 24.27
CA ILE A 548 13.90 31.49 23.47
C ILE A 548 12.84 30.71 24.23
N LEU A 549 11.69 30.48 23.60
CA LEU A 549 10.58 29.82 24.26
C LEU A 549 10.68 28.31 24.07
N ASP A 550 9.63 27.59 24.46
CA ASP A 550 9.58 26.14 24.33
C ASP A 550 8.28 25.72 23.67
N ILE A 551 8.38 24.90 22.63
CA ILE A 551 7.24 24.36 21.90
C ILE A 551 7.17 22.87 22.22
N THR A 552 6.19 22.48 23.03
CA THR A 552 5.93 21.08 23.32
C THR A 552 4.44 20.79 23.17
N PRO A 553 4.08 19.63 22.62
CA PRO A 553 2.65 19.28 22.54
C PRO A 553 2.08 19.07 23.93
N CYS A 554 0.88 19.63 24.14
CA CYS A 554 0.22 19.53 25.44
C CYS A 554 -0.62 18.28 25.59
N SER A 555 -0.37 17.28 24.74
CA SER A 555 -0.90 15.92 24.92
C SER A 555 0.25 14.96 24.58
N PHE A 556 1.06 14.64 25.58
CA PHE A 556 2.23 13.79 25.41
C PHE A 556 1.93 12.41 25.97
N GLY A 557 2.33 11.38 25.24
CA GLY A 557 2.21 10.02 25.72
C GLY A 557 0.81 9.46 25.61
N GLY A 558 0.67 8.16 25.86
CA GLY A 558 -0.62 7.52 25.85
C GLY A 558 -1.08 7.15 27.25
N VAL A 559 -2.39 7.20 27.44
CA VAL A 559 -3.02 6.77 28.68
C VAL A 559 -3.86 5.53 28.37
N SER A 560 -4.16 4.78 29.43
CA SER A 560 -4.93 3.55 29.31
C SER A 560 -6.05 3.54 30.33
N VAL A 561 -7.17 2.92 29.96
CA VAL A 561 -8.35 2.86 30.81
C VAL A 561 -8.62 1.40 31.12
N ILE A 562 -8.71 1.07 32.40
CA ILE A 562 -8.99 -0.28 32.87
C ILE A 562 -10.43 -0.33 33.35
N THR A 563 -11.23 -1.24 32.78
CA THR A 563 -12.62 -1.37 33.15
C THR A 563 -12.97 -2.83 33.39
N PRO A 564 -13.93 -3.10 34.27
CA PRO A 564 -14.47 -4.45 34.42
C PRO A 564 -15.65 -4.77 33.53
N GLY A 565 -16.00 -3.90 32.58
CA GLY A 565 -17.17 -4.09 31.76
C GLY A 565 -18.33 -3.22 32.20
N THR A 566 -19.06 -2.65 31.24
CA THR A 566 -20.17 -1.77 31.57
C THR A 566 -21.38 -2.51 32.12
N ASN A 567 -21.50 -3.80 31.85
CA ASN A 567 -22.58 -4.60 32.41
C ASN A 567 -22.35 -4.97 33.86
N ALA A 568 -21.16 -4.71 34.40
CA ALA A 568 -20.84 -4.97 35.79
C ALA A 568 -20.77 -3.69 36.62
N SER A 569 -20.07 -2.68 36.14
CA SER A 569 -19.92 -1.42 36.85
C SER A 569 -19.62 -0.30 35.86
N SER A 570 -19.45 0.91 36.38
CA SER A 570 -19.14 2.06 35.55
C SER A 570 -17.87 2.79 35.99
N GLU A 571 -17.21 2.32 37.04
CA GLU A 571 -15.97 2.93 37.50
C GLU A 571 -14.78 2.36 36.73
N VAL A 572 -13.76 3.19 36.53
CA VAL A 572 -12.59 2.83 35.75
C VAL A 572 -11.34 3.21 36.52
N ALA A 573 -10.20 2.78 36.00
CA ALA A 573 -8.88 3.15 36.51
C ALA A 573 -8.02 3.58 35.34
N VAL A 574 -7.22 4.63 35.54
CA VAL A 574 -6.44 5.24 34.49
C VAL A 574 -4.96 5.00 34.77
N LEU A 575 -4.23 4.54 33.76
CA LEU A 575 -2.80 4.33 33.84
C LEU A 575 -2.10 5.34 32.94
N TYR A 576 -1.19 6.13 33.52
CA TYR A 576 -0.43 7.13 32.79
C TYR A 576 0.99 6.59 32.61
N GLN A 577 1.37 6.31 31.37
CA GLN A 577 2.64 5.64 31.10
C GLN A 577 3.81 6.62 31.11
N ASP A 578 4.92 6.17 31.72
CA ASP A 578 6.20 6.87 31.70
C ASP A 578 6.14 8.26 32.32
N VAL A 579 5.33 8.42 33.36
CA VAL A 579 5.33 9.65 34.17
C VAL A 579 5.39 9.24 35.63
N ASN A 580 5.84 10.17 36.46
CA ASN A 580 5.82 9.98 37.90
C ASN A 580 4.46 10.36 38.46
N CYS A 581 4.15 9.84 39.66
CA CYS A 581 2.84 10.04 40.24
C CYS A 581 2.62 11.46 40.73
N THR A 582 3.70 12.21 41.00
CA THR A 582 3.57 13.59 41.44
C THR A 582 3.56 14.58 40.27
N ASP A 583 3.85 14.12 39.05
CA ASP A 583 3.86 14.98 37.87
C ASP A 583 2.65 14.74 36.97
N VAL A 584 1.66 13.99 37.44
CA VAL A 584 0.46 13.72 36.64
C VAL A 584 -0.35 14.97 36.34
N PRO A 585 -0.69 15.85 37.30
CA PRO A 585 -1.49 17.04 36.93
C PRO A 585 -0.81 17.99 35.96
N THR A 586 0.53 18.08 36.00
CA THR A 586 1.22 18.93 35.04
C THR A 586 1.27 18.28 33.66
N ALA A 587 1.30 16.94 33.60
CA ALA A 587 1.47 16.24 32.33
C ALA A 587 0.20 16.23 31.49
N ILE A 588 -0.98 16.18 32.11
CA ILE A 588 -2.23 16.05 31.37
C ILE A 588 -3.02 17.35 31.34
N ARG A 589 -2.41 18.46 31.78
CA ARG A 589 -3.03 19.78 31.91
C ARG A 589 -4.36 19.69 32.68
N ALA A 590 -4.24 19.28 33.95
CA ALA A 590 -5.41 18.91 34.74
C ALA A 590 -6.26 20.12 35.11
N ASP A 591 -5.69 21.33 35.11
CA ASP A 591 -6.46 22.50 35.49
C ASP A 591 -7.44 22.95 34.41
N GLN A 592 -7.25 22.50 33.17
CA GLN A 592 -8.13 22.86 32.06
C GLN A 592 -9.14 21.77 31.72
N LEU A 593 -9.21 20.71 32.52
CA LEU A 593 -10.12 19.61 32.23
C LEU A 593 -11.42 19.77 33.02
N THR A 594 -12.36 18.89 32.75
CA THR A 594 -13.61 18.85 33.50
C THR A 594 -13.35 18.35 34.92
N PRO A 595 -14.21 18.73 35.88
CA PRO A 595 -14.06 18.20 37.25
C PRO A 595 -14.17 16.70 37.36
N ALA A 596 -14.87 16.03 36.43
CA ALA A 596 -14.90 14.58 36.43
C ALA A 596 -13.54 14.00 36.05
N TRP A 597 -12.81 14.67 35.15
CA TRP A 597 -11.47 14.24 34.78
C TRP A 597 -10.42 14.55 35.84
N ARG A 598 -10.72 15.48 36.75
CA ARG A 598 -9.75 15.87 37.77
C ARG A 598 -9.69 14.91 38.95
N VAL A 599 -10.70 14.05 39.11
CA VAL A 599 -10.67 13.07 40.20
C VAL A 599 -9.80 11.86 39.87
N TYR A 600 -9.38 11.72 38.62
CA TYR A 600 -8.45 10.68 38.22
C TYR A 600 -7.04 11.22 38.02
N SER A 601 -6.75 12.39 38.57
CA SER A 601 -5.42 12.99 38.48
C SER A 601 -4.68 13.00 39.81
N THR A 602 -5.37 12.82 40.93
CA THR A 602 -4.76 12.81 42.26
C THR A 602 -5.69 12.04 43.19
N GLY A 603 -5.37 12.07 44.48
CA GLY A 603 -6.21 11.40 45.46
C GLY A 603 -5.44 10.47 46.37
N VAL A 604 -6.12 9.48 46.94
CA VAL A 604 -5.49 8.52 47.83
C VAL A 604 -5.22 7.18 47.16
N ASN A 605 -5.91 6.86 46.07
CA ASN A 605 -5.70 5.62 45.34
C ASN A 605 -4.66 5.82 44.23
N VAL A 606 -3.46 6.18 44.65
CA VAL A 606 -2.33 6.45 43.75
C VAL A 606 -1.28 5.38 43.97
N PHE A 607 -0.90 4.70 42.88
CA PHE A 607 0.07 3.61 42.95
C PHE A 607 1.07 3.79 41.82
N GLN A 608 2.36 3.66 42.15
CA GLN A 608 3.44 3.83 41.19
C GLN A 608 4.01 2.46 40.81
N THR A 609 3.91 2.11 39.54
CA THR A 609 4.46 0.87 39.00
C THR A 609 5.61 1.19 38.05
N GLN A 610 6.23 0.15 37.52
CA GLN A 610 7.28 0.32 36.53
C GLN A 610 6.74 0.68 35.16
N ALA A 611 5.45 0.48 34.91
CA ALA A 611 4.81 0.85 33.66
C ALA A 611 4.20 2.24 33.70
N GLY A 612 4.26 2.92 34.86
CA GLY A 612 3.70 4.24 35.01
C GLY A 612 2.85 4.33 36.26
N CYS A 613 2.24 5.51 36.43
CA CYS A 613 1.40 5.77 37.59
C CYS A 613 -0.01 5.27 37.33
N LEU A 614 -0.56 4.52 38.28
CA LEU A 614 -1.90 3.97 38.20
C LEU A 614 -2.77 4.64 39.23
N ILE A 615 -3.86 5.26 38.79
CA ILE A 615 -4.73 6.06 39.65
C ILE A 615 -6.14 5.49 39.56
N GLY A 616 -6.74 5.21 40.72
CA GLY A 616 -8.10 4.73 40.80
C GLY A 616 -8.27 3.29 41.18
N ALA A 617 -7.20 2.59 41.55
CA ALA A 617 -7.26 1.19 41.93
C ALA A 617 -6.61 0.98 43.29
N GLU A 618 -7.24 0.16 44.12
CA GLU A 618 -6.67 -0.18 45.41
C GLU A 618 -5.46 -1.10 45.24
N HIS A 619 -4.54 -1.01 46.19
CA HIS A 619 -3.32 -1.82 46.17
C HIS A 619 -3.37 -2.76 47.36
N VAL A 620 -3.31 -4.06 47.08
CA VAL A 620 -3.38 -5.08 48.11
C VAL A 620 -2.04 -5.80 48.18
N ASN A 621 -1.81 -6.49 49.30
CA ASN A 621 -0.56 -7.20 49.51
C ASN A 621 -0.62 -8.66 49.09
N ALA A 622 -1.81 -9.21 48.87
CA ALA A 622 -1.93 -10.61 48.48
C ALA A 622 -1.55 -10.79 47.02
N SER A 623 -1.31 -12.04 46.65
CA SER A 623 -0.94 -12.41 45.29
C SER A 623 -1.99 -13.36 44.72
N TYR A 624 -2.43 -13.06 43.49
CA TYR A 624 -3.43 -13.85 42.79
C TYR A 624 -2.94 -14.12 41.37
N GLU A 625 -3.71 -14.91 40.63
CA GLU A 625 -3.45 -15.08 39.22
C GLU A 625 -3.85 -13.82 38.46
N CYS A 626 -3.28 -13.65 37.27
CA CYS A 626 -3.51 -12.46 36.49
C CYS A 626 -4.89 -12.48 35.85
N ASP A 627 -5.68 -11.44 36.11
CA ASP A 627 -6.99 -11.27 35.49
C ASP A 627 -6.92 -10.27 34.34
N ILE A 628 -6.47 -9.05 34.61
CA ILE A 628 -6.24 -8.04 33.58
C ILE A 628 -4.77 -7.64 33.65
N PRO A 629 -3.96 -7.97 32.64
CA PRO A 629 -2.53 -7.63 32.70
C PRO A 629 -2.30 -6.15 32.48
N ILE A 630 -1.45 -5.55 33.31
CA ILE A 630 -1.07 -4.15 33.19
C ILE A 630 0.35 -4.01 32.67
N GLY A 631 1.29 -4.72 33.27
CA GLY A 631 2.67 -4.69 32.85
C GLY A 631 3.61 -4.74 34.05
N ALA A 632 4.81 -5.29 33.81
CA ALA A 632 5.88 -5.40 34.81
C ALA A 632 5.43 -6.18 36.04
N GLY A 633 4.68 -7.25 35.84
CA GLY A 633 4.27 -8.11 36.92
C GLY A 633 3.10 -7.62 37.74
N ILE A 634 2.37 -6.61 37.26
CA ILE A 634 1.23 -6.05 37.97
C ILE A 634 -0.03 -6.40 37.20
N CYS A 635 -1.02 -6.94 37.89
CA CYS A 635 -2.32 -7.28 37.31
C CYS A 635 -3.43 -6.59 38.09
N ALA A 636 -4.60 -6.52 37.48
CA ALA A 636 -5.76 -5.88 38.09
C ALA A 636 -6.97 -6.79 37.97
N SER A 637 -7.91 -6.62 38.89
CA SER A 637 -9.11 -7.43 38.93
C SER A 637 -10.22 -6.66 39.63
N TYR A 638 -11.37 -7.30 39.76
CA TYR A 638 -12.58 -6.70 40.36
C TYR A 638 -12.97 -7.57 41.56
N HIS A 639 -12.41 -7.26 42.72
CA HIS A 639 -12.62 -8.03 43.94
C HIS A 639 -13.53 -7.26 44.90
N THR A 640 -13.76 -7.84 46.07
CA THR A 640 -14.60 -7.22 47.08
C THR A 640 -13.76 -6.39 48.05
N GLN A 649 -20.10 -4.43 47.96
CA GLN A 649 -19.06 -3.42 47.80
C GLN A 649 -17.85 -3.99 47.07
N LYS A 650 -17.80 -3.76 45.76
CA LYS A 650 -16.70 -4.22 44.94
C LYS A 650 -15.87 -3.04 44.43
N SER A 651 -14.60 -3.31 44.16
CA SER A 651 -13.67 -2.27 43.73
C SER A 651 -12.61 -2.89 42.84
N ILE A 652 -11.88 -2.02 42.15
CA ILE A 652 -10.76 -2.45 41.31
C ILE A 652 -9.50 -2.49 42.17
N VAL A 653 -8.87 -3.65 42.22
CA VAL A 653 -7.67 -3.86 43.04
C VAL A 653 -6.48 -4.13 42.13
N ALA A 654 -5.30 -3.77 42.62
CA ALA A 654 -4.04 -3.99 41.90
C ALA A 654 -3.10 -4.80 42.79
N TYR A 655 -2.39 -5.74 42.18
CA TYR A 655 -1.58 -6.68 42.95
C TYR A 655 -0.45 -7.20 42.08
N THR A 656 0.50 -7.86 42.73
CA THR A 656 1.59 -8.55 42.05
C THR A 656 1.17 -9.99 41.75
N MET A 657 1.35 -10.41 40.50
CA MET A 657 0.93 -11.74 40.08
C MET A 657 1.76 -12.81 40.76
N SER A 658 1.15 -13.99 40.91
CA SER A 658 1.79 -15.13 41.55
C SER A 658 2.23 -16.13 40.49
N LEU A 659 3.49 -16.56 40.57
CA LEU A 659 4.04 -17.45 39.56
C LEU A 659 3.53 -18.87 39.72
N GLY A 660 3.39 -19.33 40.96
CA GLY A 660 2.93 -20.69 41.20
C GLY A 660 3.04 -21.04 42.66
N ALA A 661 2.67 -22.29 42.94
CA ALA A 661 2.71 -22.79 44.32
C ALA A 661 4.14 -23.03 44.75
N GLU A 662 4.42 -22.75 46.02
CA GLU A 662 5.75 -22.93 46.58
C GLU A 662 5.92 -24.38 47.02
N ASN A 663 7.05 -24.99 46.67
CA ASN A 663 7.30 -26.39 46.96
C ASN A 663 8.78 -26.58 47.25
N SER A 664 9.09 -27.71 47.91
CA SER A 664 10.46 -28.07 48.22
C SER A 664 10.58 -29.59 48.18
N ILE A 665 11.71 -30.07 47.69
CA ILE A 665 11.96 -31.50 47.53
C ILE A 665 13.01 -31.92 48.55
N ALA A 666 12.72 -32.99 49.29
CA ALA A 666 13.62 -33.53 50.29
C ALA A 666 14.65 -34.40 49.58
N TYR A 667 15.89 -33.93 49.50
CA TYR A 667 16.95 -34.63 48.79
C TYR A 667 17.92 -35.25 49.79
N ALA A 668 18.18 -36.54 49.61
CA ALA A 668 19.21 -37.24 50.36
C ALA A 668 19.96 -38.15 49.39
N ASN A 669 21.21 -38.46 49.73
CA ASN A 669 22.03 -39.25 48.82
C ASN A 669 21.75 -40.74 48.88
N ASN A 670 20.97 -41.20 49.87
CA ASN A 670 20.40 -42.55 49.86
C ASN A 670 18.90 -42.41 50.18
N SER A 671 18.11 -42.13 49.15
CA SER A 671 16.67 -41.92 49.27
C SER A 671 16.07 -41.89 47.87
N ILE A 672 14.93 -42.54 47.71
CA ILE A 672 14.20 -42.52 46.44
C ILE A 672 12.71 -42.53 46.75
N ALA A 673 11.93 -41.97 45.83
CA ALA A 673 10.47 -41.97 45.92
C ALA A 673 9.91 -42.80 44.79
N ILE A 674 9.10 -43.79 45.12
CA ILE A 674 8.54 -44.73 44.15
C ILE A 674 7.03 -44.71 44.28
N PRO A 675 6.29 -44.52 43.18
CA PRO A 675 4.83 -44.53 43.27
C PRO A 675 4.27 -45.90 43.59
N THR A 676 3.15 -45.91 44.32
CA THR A 676 2.47 -47.14 44.69
C THR A 676 1.11 -47.30 44.04
N ASN A 677 0.65 -46.30 43.28
CA ASN A 677 -0.64 -46.36 42.61
C ASN A 677 -0.60 -45.44 41.41
N PHE A 678 -1.59 -45.57 40.53
CA PHE A 678 -1.64 -44.78 39.31
C PHE A 678 -3.08 -44.40 39.01
N SER A 679 -3.25 -43.62 37.94
CA SER A 679 -4.57 -43.24 37.47
C SER A 679 -4.50 -43.00 35.96
N ILE A 680 -5.66 -43.10 35.32
CA ILE A 680 -5.78 -42.89 33.88
C ILE A 680 -6.52 -41.58 33.66
N SER A 681 -5.92 -40.69 32.87
CA SER A 681 -6.47 -39.37 32.63
C SER A 681 -6.65 -39.15 31.12
N VAL A 682 -7.76 -38.49 30.76
CA VAL A 682 -8.06 -38.13 29.38
C VAL A 682 -8.19 -36.62 29.30
N THR A 683 -7.44 -35.99 28.40
CA THR A 683 -7.43 -34.55 28.23
C THR A 683 -7.68 -34.20 26.77
N THR A 684 -8.17 -32.99 26.54
CA THR A 684 -8.51 -32.52 25.20
C THR A 684 -7.42 -31.58 24.68
N GLU A 685 -7.43 -31.39 23.36
CA GLU A 685 -6.55 -30.43 22.70
C GLU A 685 -7.22 -30.00 21.41
N VAL A 686 -7.45 -28.70 21.28
CA VAL A 686 -8.19 -28.13 20.15
C VAL A 686 -7.21 -27.40 19.26
N MET A 687 -7.12 -27.81 17.99
CA MET A 687 -6.23 -27.20 17.02
C MET A 687 -7.03 -26.77 15.79
N PRO A 688 -6.91 -25.52 15.35
CA PRO A 688 -7.56 -25.13 14.09
C PRO A 688 -6.89 -25.77 12.88
N VAL A 689 -7.66 -25.94 11.82
CA VAL A 689 -7.20 -26.59 10.60
C VAL A 689 -7.34 -25.68 9.38
N SER A 690 -8.54 -25.15 9.15
CA SER A 690 -8.82 -24.36 7.96
C SER A 690 -9.66 -23.15 8.31
N MET A 691 -9.60 -22.14 7.45
CA MET A 691 -10.42 -20.95 7.54
C MET A 691 -11.36 -20.88 6.35
N ALA A 692 -12.18 -19.83 6.32
CA ALA A 692 -13.15 -19.66 5.25
C ALA A 692 -12.46 -19.21 3.96
N LYS A 693 -12.96 -19.72 2.84
CA LYS A 693 -12.45 -19.36 1.51
C LYS A 693 -13.31 -18.22 0.97
N THR A 694 -12.69 -17.10 0.65
CA THR A 694 -13.37 -15.90 0.19
C THR A 694 -12.97 -15.57 -1.23
N SER A 695 -13.90 -14.94 -1.96
CA SER A 695 -13.66 -14.49 -3.32
C SER A 695 -14.14 -13.06 -3.45
N VAL A 696 -13.41 -12.26 -4.24
CA VAL A 696 -13.67 -10.83 -4.39
C VAL A 696 -13.81 -10.51 -5.87
N ASP A 697 -14.91 -9.84 -6.22
CA ASP A 697 -15.09 -9.28 -7.56
C ASP A 697 -14.60 -7.83 -7.54
N CYS A 698 -13.70 -7.50 -8.47
CA CYS A 698 -13.07 -6.19 -8.47
C CYS A 698 -14.04 -5.09 -8.87
N THR A 699 -14.61 -5.18 -10.06
CA THR A 699 -15.45 -4.11 -10.58
C THR A 699 -16.74 -3.98 -9.79
N MET A 700 -17.29 -5.09 -9.30
CA MET A 700 -18.50 -5.04 -8.49
C MET A 700 -18.24 -4.33 -7.17
N TYR A 701 -17.07 -4.53 -6.57
CA TYR A 701 -16.75 -3.82 -5.34
C TYR A 701 -16.44 -2.36 -5.59
N ILE A 702 -15.69 -2.06 -6.65
CA ILE A 702 -15.25 -0.68 -6.86
C ILE A 702 -16.37 0.16 -7.43
N CYS A 703 -16.81 -0.14 -8.65
CA CYS A 703 -17.82 0.66 -9.34
C CYS A 703 -18.84 -0.24 -10.03
N GLY A 704 -19.40 -1.18 -9.27
CA GLY A 704 -20.42 -2.05 -9.82
C GLY A 704 -21.62 -1.27 -10.37
N ASP A 705 -22.05 -1.65 -11.57
CA ASP A 705 -23.09 -0.98 -12.35
C ASP A 705 -22.74 0.49 -12.60
N SER A 706 -21.60 0.69 -13.25
CA SER A 706 -21.18 2.02 -13.69
C SER A 706 -20.24 1.82 -14.87
N GLN A 707 -20.73 2.09 -16.08
CA GLN A 707 -19.94 1.86 -17.28
C GLN A 707 -18.78 2.84 -17.40
N GLU A 708 -18.93 4.05 -16.86
CA GLU A 708 -17.88 5.06 -16.97
C GLU A 708 -16.63 4.65 -16.17
N CYS A 709 -16.83 4.22 -14.92
CA CYS A 709 -15.70 3.75 -14.12
C CYS A 709 -15.17 2.42 -14.65
N SER A 710 -16.06 1.58 -15.18
CA SER A 710 -15.64 0.31 -15.76
C SER A 710 -14.73 0.53 -16.96
N ASN A 711 -15.01 1.55 -17.77
CA ASN A 711 -14.07 1.96 -18.80
C ASN A 711 -12.83 2.58 -18.20
N LEU A 712 -12.98 3.31 -17.09
CA LEU A 712 -11.81 3.90 -16.42
C LEU A 712 -10.98 2.84 -15.70
N LEU A 713 -11.61 1.73 -15.31
CA LEU A 713 -10.88 0.63 -14.67
C LEU A 713 -10.37 -0.36 -15.72
N LEU A 714 -9.64 0.15 -16.70
CA LEU A 714 -9.02 -0.67 -17.72
C LEU A 714 -7.53 -0.41 -17.89
N GLN A 715 -7.03 0.76 -17.48
CA GLN A 715 -5.59 0.94 -17.34
C GLN A 715 -5.04 0.00 -16.27
N TYR A 716 -5.76 -0.12 -15.16
CA TYR A 716 -5.50 -1.17 -14.19
C TYR A 716 -6.14 -2.48 -14.68
N GLY A 717 -5.90 -3.54 -13.93
CA GLY A 717 -6.38 -4.85 -14.31
C GLY A 717 -5.35 -5.92 -14.05
N SER A 718 -4.07 -5.56 -14.17
CA SER A 718 -3.01 -6.43 -13.69
C SER A 718 -3.06 -6.54 -12.18
N PHE A 719 -3.38 -5.45 -11.49
CA PHE A 719 -3.54 -5.46 -10.04
C PHE A 719 -4.70 -6.35 -9.62
N CYS A 720 -5.82 -6.26 -10.35
CA CYS A 720 -7.02 -7.01 -9.98
C CYS A 720 -6.83 -8.50 -10.22
N THR A 721 -6.25 -8.88 -11.36
CA THR A 721 -5.96 -10.29 -11.60
C THR A 721 -4.89 -10.80 -10.63
N GLN A 722 -3.94 -9.94 -10.26
CA GLN A 722 -2.91 -10.32 -9.29
C GLN A 722 -3.53 -10.64 -7.93
N LEU A 723 -4.40 -9.77 -7.44
CA LEU A 723 -5.02 -10.02 -6.13
C LEU A 723 -6.03 -11.15 -6.22
N ASN A 724 -6.68 -11.34 -7.37
CA ASN A 724 -7.59 -12.46 -7.53
C ASN A 724 -6.85 -13.79 -7.49
N ARG A 725 -5.69 -13.86 -8.14
CA ARG A 725 -4.90 -15.09 -8.09
C ARG A 725 -4.27 -15.28 -6.71
N ALA A 726 -3.96 -14.19 -6.00
CA ALA A 726 -3.47 -14.31 -4.64
C ALA A 726 -4.54 -14.87 -3.71
N LEU A 727 -5.79 -14.42 -3.87
CA LEU A 727 -6.87 -14.97 -3.07
C LEU A 727 -7.23 -16.39 -3.49
N THR A 728 -7.07 -16.72 -4.77
CA THR A 728 -7.33 -18.07 -5.25
C THR A 728 -6.30 -19.06 -4.72
N GLY A 729 -5.06 -18.62 -4.54
CA GLY A 729 -4.05 -19.48 -3.95
C GLY A 729 -4.35 -19.83 -2.50
N VAL A 730 -4.96 -18.91 -1.77
CA VAL A 730 -5.32 -19.18 -0.37
C VAL A 730 -6.44 -20.20 -0.28
N ALA A 731 -7.44 -20.08 -1.16
CA ALA A 731 -8.61 -20.95 -1.08
C ALA A 731 -8.28 -22.39 -1.43
N LEU A 732 -7.28 -22.60 -2.28
CA LEU A 732 -6.84 -23.96 -2.61
C LEU A 732 -6.08 -24.62 -1.47
N GLU A 733 -5.47 -23.83 -0.59
CA GLU A 733 -4.68 -24.39 0.51
C GLU A 733 -5.57 -24.93 1.62
N GLN A 734 -6.77 -24.36 1.79
CA GLN A 734 -7.66 -24.79 2.86
C GLN A 734 -8.16 -26.21 2.66
N ASP A 735 -8.42 -26.62 1.43
CA ASP A 735 -8.79 -28.00 1.16
C ASP A 735 -7.61 -28.94 1.35
N LYS A 736 -6.40 -28.47 1.00
CA LYS A 736 -5.20 -29.28 1.17
C LYS A 736 -4.89 -29.53 2.64
N ASN A 737 -5.17 -28.55 3.50
CA ASN A 737 -4.98 -28.74 4.94
C ASN A 737 -5.88 -29.85 5.48
N THR A 738 -7.15 -29.83 5.10
CA THR A 738 -8.09 -30.85 5.55
C THR A 738 -7.73 -32.22 4.97
N GLN A 739 -7.30 -32.26 3.71
CA GLN A 739 -6.88 -33.51 3.09
C GLN A 739 -5.65 -34.09 3.78
N GLU A 740 -4.71 -33.23 4.18
CA GLU A 740 -3.50 -33.71 4.83
C GLU A 740 -3.76 -34.14 6.27
N VAL A 741 -4.73 -33.51 6.94
CA VAL A 741 -5.00 -33.88 8.33
C VAL A 741 -5.85 -35.14 8.39
N PHE A 742 -6.98 -35.17 7.68
CA PHE A 742 -7.96 -36.23 7.93
C PHE A 742 -7.80 -37.44 7.02
N ALA A 743 -7.39 -37.24 5.77
CA ALA A 743 -7.31 -38.35 4.81
C ALA A 743 -5.96 -39.04 4.85
N GLN A 744 -5.54 -39.47 6.05
CA GLN A 744 -4.27 -40.17 6.19
C GLN A 744 -4.35 -41.60 5.66
N VAL A 745 -5.44 -42.31 5.98
CA VAL A 745 -5.63 -43.67 5.51
C VAL A 745 -6.72 -43.69 4.46
N LYS A 746 -6.69 -44.73 3.61
CA LYS A 746 -7.60 -44.85 2.50
C LYS A 746 -8.40 -46.14 2.56
N GLN A 747 -8.61 -46.66 3.77
CA GLN A 747 -9.44 -47.84 3.99
C GLN A 747 -10.55 -47.46 4.97
N MET A 748 -11.78 -47.40 4.48
CA MET A 748 -12.92 -47.02 5.31
C MET A 748 -13.35 -48.26 6.10
N TYR A 749 -12.78 -48.41 7.29
CA TYR A 749 -13.08 -49.55 8.13
C TYR A 749 -14.48 -49.42 8.73
N LYS A 750 -15.22 -50.53 8.71
CA LYS A 750 -16.60 -50.51 9.19
C LYS A 750 -16.65 -50.37 10.71
N THR A 751 -17.66 -49.67 11.19
CA THR A 751 -17.86 -49.51 12.62
C THR A 751 -18.29 -50.85 13.22
N PRO A 752 -17.62 -51.32 14.28
CA PRO A 752 -18.00 -52.60 14.89
C PRO A 752 -19.38 -52.54 15.53
N ALA A 753 -20.07 -53.68 15.51
CA ALA A 753 -21.41 -53.75 16.09
C ALA A 753 -21.36 -53.65 17.61
N ILE A 754 -20.38 -54.29 18.23
CA ILE A 754 -20.20 -54.23 19.69
C ILE A 754 -19.18 -53.15 20.00
N LYS A 755 -19.55 -52.23 20.88
CA LYS A 755 -18.69 -51.11 21.26
C LYS A 755 -17.95 -51.34 22.57
N ASP A 756 -18.00 -52.56 23.09
CA ASP A 756 -17.31 -52.92 24.32
C ASP A 756 -16.14 -53.83 23.98
N PHE A 757 -14.95 -53.45 24.44
CA PHE A 757 -13.71 -54.16 24.13
C PHE A 757 -12.98 -54.46 25.44
N GLY A 758 -13.32 -55.57 26.06
CA GLY A 758 -12.70 -55.97 27.32
C GLY A 758 -12.99 -55.04 28.48
N GLY A 759 -14.21 -54.52 28.56
CA GLY A 759 -14.59 -53.61 29.61
C GLY A 759 -14.41 -52.15 29.28
N PHE A 760 -13.76 -51.83 28.17
CA PHE A 760 -13.57 -50.45 27.73
C PHE A 760 -14.75 -50.06 26.85
N ASN A 761 -15.42 -48.96 27.20
CA ASN A 761 -16.65 -48.54 26.53
C ASN A 761 -16.32 -47.47 25.50
N PHE A 762 -16.52 -47.79 24.22
CA PHE A 762 -16.23 -46.89 23.11
C PHE A 762 -17.50 -46.30 22.50
N SER A 763 -18.60 -46.31 23.24
CA SER A 763 -19.88 -45.93 22.66
C SER A 763 -19.99 -44.43 22.41
N GLN A 764 -19.34 -43.60 23.23
CA GLN A 764 -19.49 -42.16 23.12
C GLN A 764 -18.66 -41.54 22.01
N ILE A 765 -17.64 -42.24 21.51
CA ILE A 765 -16.78 -41.71 20.47
C ILE A 765 -16.99 -42.43 19.14
N LEU A 766 -18.07 -43.19 19.02
CA LEU A 766 -18.41 -43.88 17.79
C LEU A 766 -19.86 -43.58 17.41
N PRO A 767 -20.19 -43.58 16.12
CA PRO A 767 -21.58 -43.33 15.71
C PRO A 767 -22.50 -44.47 16.13
N ASP A 768 -23.73 -44.10 16.48
CA ASP A 768 -24.71 -45.11 16.84
C ASP A 768 -25.78 -45.22 15.77
N PRO A 769 -26.18 -46.45 15.41
CA PRO A 769 -27.11 -46.62 14.28
C PRO A 769 -28.53 -46.14 14.58
N SER A 770 -28.89 -45.95 15.84
CA SER A 770 -30.25 -45.51 16.17
C SER A 770 -30.48 -44.06 15.81
N LYS A 771 -29.52 -43.18 16.11
CA LYS A 771 -29.66 -41.76 15.83
C LYS A 771 -29.56 -41.49 14.33
N PRO A 772 -30.30 -40.49 13.82
CA PRO A 772 -30.26 -40.21 12.38
C PRO A 772 -28.97 -39.59 11.89
N THR A 773 -28.23 -38.87 12.73
CA THR A 773 -26.99 -38.24 12.31
C THR A 773 -25.86 -39.26 12.34
N LYS A 774 -24.92 -39.11 11.41
CA LYS A 774 -23.78 -40.03 11.29
C LYS A 774 -22.52 -39.50 11.96
N ARG A 775 -22.62 -39.20 13.25
CA ARG A 775 -21.46 -38.78 14.02
C ARG A 775 -21.68 -39.09 15.49
N SER A 776 -20.60 -39.06 16.25
CA SER A 776 -20.62 -39.49 17.64
C SER A 776 -21.28 -38.44 18.52
N PHE A 777 -21.49 -38.82 19.79
CA PHE A 777 -22.09 -37.91 20.76
C PHE A 777 -21.16 -36.74 21.07
N ILE A 778 -19.86 -37.02 21.18
CA ILE A 778 -18.88 -35.95 21.45
C ILE A 778 -18.83 -34.97 20.30
N GLU A 779 -18.89 -35.46 19.06
CA GLU A 779 -18.90 -34.58 17.90
C GLU A 779 -20.17 -33.74 17.86
N ASP A 780 -21.31 -34.33 18.24
CA ASP A 780 -22.56 -33.58 18.32
C ASP A 780 -22.49 -32.47 19.36
N LEU A 781 -21.86 -32.76 20.51
CA LEU A 781 -21.67 -31.73 21.53
C LEU A 781 -20.71 -30.65 21.07
N LEU A 782 -19.66 -31.03 20.32
CA LEU A 782 -18.68 -30.05 19.86
C LEU A 782 -19.25 -29.16 18.76
N PHE A 783 -20.16 -29.68 17.94
CA PHE A 783 -20.69 -28.90 16.83
C PHE A 783 -21.68 -27.83 17.28
N ASN A 784 -22.12 -27.85 18.53
CA ASN A 784 -23.02 -26.82 19.05
C ASN A 784 -22.30 -25.73 19.83
N LYS A 785 -21.00 -25.88 20.08
CA LYS A 785 -20.27 -24.89 20.86
C LYS A 785 -19.73 -23.75 20.02
N VAL A 786 -19.78 -23.85 18.69
CA VAL A 786 -19.29 -22.81 17.79
C VAL A 786 -20.47 -22.28 17.00
N THR A 787 -20.69 -20.97 17.07
CA THR A 787 -21.80 -20.34 16.35
C THR A 787 -21.32 -19.66 15.07
N PHE A 793 -21.90 -16.59 4.35
CA PHE A 793 -22.94 -17.58 4.58
C PHE A 793 -23.55 -18.04 3.26
N MET A 794 -24.61 -18.85 3.34
CA MET A 794 -25.27 -19.41 2.17
C MET A 794 -26.63 -18.77 1.90
N LYS A 795 -26.76 -17.47 2.18
CA LYS A 795 -27.99 -16.76 1.86
C LYS A 795 -28.14 -16.60 0.35
N GLN A 796 -29.38 -16.68 -0.12
CA GLN A 796 -29.69 -16.66 -1.54
C GLN A 796 -30.35 -15.35 -1.92
N TYR A 797 -30.33 -15.06 -3.23
CA TYR A 797 -31.08 -13.93 -3.76
C TYR A 797 -32.57 -14.20 -3.63
N GLY A 798 -33.31 -13.18 -3.20
CA GLY A 798 -34.72 -13.36 -2.89
C GLY A 798 -34.94 -13.27 -1.40
N GLU A 799 -34.05 -13.91 -0.63
CA GLU A 799 -34.03 -13.69 0.81
C GLU A 799 -33.38 -12.36 1.16
N CYS A 800 -32.34 -11.97 0.42
CA CYS A 800 -31.71 -10.68 0.64
C CYS A 800 -32.63 -9.54 0.25
N LEU A 801 -33.34 -9.68 -0.88
CA LEU A 801 -34.25 -8.63 -1.34
C LEU A 801 -35.52 -8.60 -0.50
N GLY A 802 -35.96 -9.76 -0.02
CA GLY A 802 -37.19 -9.82 0.75
C GLY A 802 -37.10 -9.24 2.15
N ASP A 803 -35.88 -9.03 2.64
CA ASP A 803 -35.66 -8.51 3.99
C ASP A 803 -34.74 -7.30 3.91
N ILE A 804 -35.31 -6.13 3.71
CA ILE A 804 -34.58 -4.87 3.87
C ILE A 804 -34.97 -4.14 5.15
N SER A 805 -36.06 -4.55 5.81
CA SER A 805 -36.39 -3.99 7.10
C SER A 805 -35.33 -4.31 8.15
N ALA A 806 -34.71 -5.48 8.02
CA ALA A 806 -33.54 -5.85 8.82
C ALA A 806 -32.36 -6.00 7.86
N ARG A 807 -31.46 -5.02 7.85
CA ARG A 807 -30.32 -5.03 6.95
C ARG A 807 -29.16 -5.73 7.65
N ASP A 808 -28.95 -7.00 7.32
CA ASP A 808 -27.85 -7.75 7.88
C ASP A 808 -26.56 -7.50 7.10
N LEU A 809 -25.44 -7.90 7.69
CA LEU A 809 -24.14 -7.66 7.09
C LEU A 809 -23.86 -8.59 5.90
N ILE A 810 -24.48 -9.77 5.87
CA ILE A 810 -24.21 -10.72 4.79
C ILE A 810 -24.78 -10.22 3.47
N CYS A 811 -25.97 -9.62 3.50
CA CYS A 811 -26.55 -9.09 2.27
C CYS A 811 -25.76 -7.91 1.72
N ALA A 812 -25.20 -7.08 2.60
CA ALA A 812 -24.37 -5.97 2.14
C ALA A 812 -23.07 -6.45 1.52
N GLN A 813 -22.51 -7.56 2.01
CA GLN A 813 -21.31 -8.11 1.41
C GLN A 813 -21.60 -8.68 0.02
N LYS A 814 -22.74 -9.36 -0.14
CA LYS A 814 -23.05 -9.99 -1.41
C LYS A 814 -23.52 -8.99 -2.47
N PHE A 815 -24.00 -7.81 -2.06
CA PHE A 815 -24.33 -6.78 -3.04
C PHE A 815 -23.09 -6.07 -3.56
N ASN A 816 -21.98 -6.18 -2.84
CA ASN A 816 -20.67 -5.92 -3.42
C ASN A 816 -20.08 -7.25 -3.91
N GLY A 817 -18.80 -7.27 -4.22
CA GLY A 817 -18.22 -8.46 -4.83
C GLY A 817 -17.69 -9.51 -3.88
N LEU A 818 -18.07 -9.46 -2.61
CA LEU A 818 -17.52 -10.32 -1.58
C LEU A 818 -18.43 -11.53 -1.38
N THR A 819 -17.86 -12.73 -1.53
CA THR A 819 -18.59 -13.98 -1.35
C THR A 819 -17.69 -14.99 -0.64
N VAL A 820 -18.33 -16.04 -0.12
CA VAL A 820 -17.63 -17.13 0.57
C VAL A 820 -17.99 -18.44 -0.12
N LEU A 821 -16.96 -19.20 -0.51
CA LEU A 821 -17.10 -20.48 -1.20
C LEU A 821 -17.20 -21.62 -0.20
N PRO A 822 -18.00 -22.66 -0.51
CA PRO A 822 -18.14 -23.77 0.43
C PRO A 822 -16.90 -24.67 0.38
N PRO A 823 -16.63 -25.40 1.45
CA PRO A 823 -15.50 -26.34 1.44
C PRO A 823 -15.77 -27.55 0.55
N LEU A 824 -14.69 -28.21 0.14
CA LEU A 824 -14.81 -29.38 -0.73
C LEU A 824 -15.39 -30.57 0.04
N LEU A 825 -14.90 -30.83 1.25
CA LEU A 825 -15.35 -31.95 2.06
C LEU A 825 -16.45 -31.50 3.01
N THR A 826 -17.59 -32.18 2.96
CA THR A 826 -18.67 -31.89 3.89
C THR A 826 -18.37 -32.50 5.26
N ASP A 827 -19.19 -32.16 6.24
CA ASP A 827 -18.96 -32.63 7.60
C ASP A 827 -19.20 -34.13 7.74
N GLU A 828 -20.05 -34.70 6.89
CA GLU A 828 -20.29 -36.14 6.93
C GLU A 828 -19.05 -36.92 6.54
N MET A 829 -18.29 -36.43 5.56
CA MET A 829 -17.07 -37.11 5.14
C MET A 829 -16.00 -37.05 6.22
N ILE A 830 -15.89 -35.91 6.91
CA ILE A 830 -14.95 -35.79 8.02
C ILE A 830 -15.34 -36.71 9.16
N ALA A 831 -16.65 -36.79 9.44
CA ALA A 831 -17.13 -37.71 10.47
C ALA A 831 -16.85 -39.16 10.11
N ALA A 832 -17.01 -39.51 8.82
CA ALA A 832 -16.70 -40.86 8.37
C ALA A 832 -15.21 -41.17 8.50
N TYR A 833 -14.36 -40.19 8.17
CA TYR A 833 -12.92 -40.38 8.33
C TYR A 833 -12.54 -40.60 9.80
N THR A 834 -13.12 -39.79 10.70
CA THR A 834 -12.81 -39.95 12.11
C THR A 834 -13.34 -41.27 12.66
N ALA A 835 -14.53 -41.69 12.21
CA ALA A 835 -15.08 -42.97 12.64
C ALA A 835 -14.24 -44.14 12.16
N ALA A 836 -13.75 -44.06 10.92
CA ALA A 836 -12.87 -45.09 10.40
C ALA A 836 -11.55 -45.15 11.18
N LEU A 837 -11.00 -43.98 11.51
CA LEU A 837 -9.77 -43.95 12.31
C LEU A 837 -9.97 -44.53 13.69
N VAL A 838 -11.09 -44.20 14.34
CA VAL A 838 -11.35 -44.70 15.69
C VAL A 838 -11.59 -46.21 15.67
N SER A 839 -12.35 -46.69 14.69
CA SER A 839 -12.60 -48.14 14.59
C SER A 839 -11.32 -48.90 14.27
N GLY A 840 -10.47 -48.34 13.42
CA GLY A 840 -9.20 -48.98 13.11
C GLY A 840 -8.27 -49.03 14.31
N THR A 841 -8.18 -47.94 15.06
CA THR A 841 -7.31 -47.94 16.23
C THR A 841 -7.92 -48.71 17.40
N ALA A 842 -9.21 -49.03 17.34
CA ALA A 842 -9.82 -49.86 18.37
C ALA A 842 -9.74 -51.34 18.05
N THR A 843 -9.77 -51.72 16.78
CA THR A 843 -9.76 -53.14 16.42
C THR A 843 -8.41 -53.66 15.96
N ALA A 844 -7.49 -52.78 15.55
CA ALA A 844 -6.20 -53.22 15.04
C ALA A 844 -5.00 -52.54 15.68
N GLY A 845 -5.20 -51.56 16.54
CA GLY A 845 -4.10 -50.90 17.23
C GLY A 845 -3.29 -49.97 16.35
N TRP A 846 -2.01 -50.31 16.14
CA TRP A 846 -1.08 -49.46 15.43
C TRP A 846 -0.62 -50.06 14.10
N THR A 847 -1.10 -51.25 13.76
CA THR A 847 -0.55 -51.97 12.61
C THR A 847 -1.03 -51.39 11.28
N PHE A 848 -2.21 -50.77 11.25
CA PHE A 848 -2.75 -50.27 9.99
C PHE A 848 -2.09 -48.98 9.52
N GLY A 849 -1.28 -48.33 10.36
CA GLY A 849 -0.55 -47.16 9.94
C GLY A 849 0.74 -47.44 9.20
N ALA A 850 1.15 -48.70 9.13
CA ALA A 850 2.38 -49.11 8.45
C ALA A 850 2.13 -50.36 7.62
N GLY A 851 0.94 -50.44 7.01
CA GLY A 851 0.58 -51.59 6.21
C GLY A 851 -0.86 -52.01 6.41
N ALA A 852 -1.14 -53.29 6.23
CA ALA A 852 -2.49 -53.83 6.40
C ALA A 852 -2.83 -53.95 7.88
N ALA A 853 -4.13 -53.84 8.18
CA ALA A 853 -4.58 -53.91 9.56
C ALA A 853 -4.55 -55.36 10.06
N LEU A 854 -3.97 -55.55 11.25
CA LEU A 854 -3.93 -56.85 11.91
C LEU A 854 -4.67 -56.75 13.24
N GLN A 855 -5.63 -57.65 13.45
CA GLN A 855 -6.48 -57.59 14.63
C GLN A 855 -5.73 -58.06 15.88
N ILE A 856 -6.19 -57.58 17.03
CA ILE A 856 -5.58 -57.85 18.32
C ILE A 856 -6.67 -57.64 19.38
N PRO A 857 -6.76 -58.48 20.42
CA PRO A 857 -7.93 -58.44 21.31
C PRO A 857 -8.03 -57.25 22.26
N PHE A 858 -7.16 -56.24 22.11
CA PHE A 858 -7.23 -54.94 22.79
C PHE A 858 -6.89 -55.02 24.28
N ALA A 859 -6.75 -56.22 24.83
CA ALA A 859 -6.14 -56.37 26.14
C ALA A 859 -4.65 -56.62 26.01
N MET A 860 -4.27 -57.42 25.02
CA MET A 860 -2.87 -57.60 24.69
C MET A 860 -2.28 -56.32 24.08
N GLN A 861 -3.09 -55.57 23.34
CA GLN A 861 -2.64 -54.27 22.83
C GLN A 861 -2.39 -53.29 23.97
N MET A 862 -3.29 -53.26 24.97
CA MET A 862 -3.06 -52.41 26.13
C MET A 862 -1.87 -52.89 26.96
N ALA A 863 -1.64 -54.21 27.01
CA ALA A 863 -0.45 -54.72 27.67
C ALA A 863 0.82 -54.29 26.96
N TYR A 864 0.81 -54.31 25.62
CA TYR A 864 1.95 -53.81 24.85
C TYR A 864 2.18 -52.33 25.07
N ARG A 865 1.09 -51.55 25.14
CA ARG A 865 1.22 -50.11 25.37
C ARG A 865 1.72 -49.83 26.78
N PHE A 866 1.32 -50.64 27.76
CA PHE A 866 1.87 -50.51 29.11
C PHE A 866 3.34 -50.88 29.13
N ASN A 867 3.73 -51.90 28.36
CA ASN A 867 5.14 -52.26 28.24
C ASN A 867 5.95 -51.18 27.55
N GLY A 868 5.29 -50.36 26.73
CA GLY A 868 6.01 -49.30 26.02
C GLY A 868 6.45 -48.16 26.92
N ILE A 869 5.84 -48.01 28.09
CA ILE A 869 6.14 -46.89 28.98
C ILE A 869 6.94 -47.34 30.21
N GLY A 870 7.41 -48.58 30.23
CA GLY A 870 8.25 -49.04 31.32
C GLY A 870 7.53 -49.77 32.43
N VAL A 871 6.28 -50.16 32.24
CA VAL A 871 5.52 -50.91 33.23
C VAL A 871 5.29 -52.31 32.69
N THR A 872 5.57 -53.32 33.51
CA THR A 872 5.41 -54.70 33.07
C THR A 872 3.94 -55.02 32.86
N GLN A 873 3.68 -55.92 31.90
CA GLN A 873 2.32 -56.14 31.41
C GLN A 873 1.44 -56.89 32.40
N ASN A 874 2.01 -57.48 33.45
CA ASN A 874 1.17 -58.18 34.42
C ASN A 874 0.38 -57.22 35.30
N VAL A 875 0.81 -55.95 35.39
CA VAL A 875 0.08 -54.95 36.17
C VAL A 875 -1.29 -54.69 35.54
N LEU A 876 -1.33 -54.58 34.20
CA LEU A 876 -2.60 -54.37 33.51
C LEU A 876 -3.52 -55.57 33.67
N TYR A 877 -2.97 -56.79 33.54
CA TYR A 877 -3.80 -57.97 33.68
C TYR A 877 -4.28 -58.16 35.12
N GLU A 878 -3.54 -57.64 36.09
CA GLU A 878 -3.99 -57.70 37.48
C GLU A 878 -5.05 -56.64 37.77
N ASN A 879 -4.95 -55.46 37.17
CA ASN A 879 -5.83 -54.34 37.49
C ASN A 879 -6.69 -53.90 36.30
N GLN A 880 -7.04 -54.84 35.43
CA GLN A 880 -7.80 -54.54 34.23
C GLN A 880 -9.16 -53.93 34.53
N LYS A 881 -9.88 -54.46 35.53
CA LYS A 881 -11.20 -53.95 35.86
C LYS A 881 -11.12 -52.51 36.35
N GLN A 882 -10.16 -52.21 37.22
CA GLN A 882 -9.99 -50.85 37.73
C GLN A 882 -9.55 -49.89 36.63
N ILE A 883 -8.66 -50.35 35.74
CA ILE A 883 -8.21 -49.51 34.63
C ILE A 883 -9.35 -49.20 33.67
N ALA A 884 -10.18 -50.22 33.36
CA ALA A 884 -11.32 -50.01 32.47
C ALA A 884 -12.35 -49.09 33.11
N ASN A 885 -12.58 -49.24 34.41
CA ASN A 885 -13.49 -48.35 35.12
C ASN A 885 -12.98 -46.91 35.12
N GLN A 886 -11.67 -46.73 35.31
CA GLN A 886 -11.09 -45.39 35.27
C GLN A 886 -11.19 -44.78 33.88
N PHE A 887 -10.96 -45.59 32.84
CA PHE A 887 -11.09 -45.08 31.47
C PHE A 887 -12.53 -44.70 31.15
N ASN A 888 -13.49 -45.51 31.60
CA ASN A 888 -14.89 -45.19 31.36
C ASN A 888 -15.34 -43.97 32.15
N LYS A 889 -14.79 -43.78 33.35
CA LYS A 889 -15.11 -42.58 34.13
C LYS A 889 -14.44 -41.35 33.55
N ALA A 890 -13.29 -41.52 32.88
CA ALA A 890 -12.61 -40.38 32.27
C ALA A 890 -13.19 -40.04 30.90
N ILE A 891 -13.78 -41.01 30.20
CA ILE A 891 -14.55 -40.69 29.01
C ILE A 891 -15.82 -39.94 29.39
N SER A 892 -16.46 -40.37 30.48
CA SER A 892 -17.44 -39.52 31.15
C SER A 892 -16.74 -38.36 31.83
N GLN A 893 -17.55 -37.47 32.43
CA GLN A 893 -17.18 -36.17 33.02
C GLN A 893 -16.22 -35.36 32.14
N ILE A 894 -16.30 -35.57 30.83
CA ILE A 894 -15.70 -34.69 29.83
C ILE A 894 -16.70 -34.33 28.74
N GLN A 895 -17.78 -35.08 28.60
CA GLN A 895 -18.93 -34.71 27.78
C GLN A 895 -19.91 -33.84 28.55
N GLU A 896 -19.85 -33.88 29.88
CA GLU A 896 -20.59 -32.91 30.70
C GLU A 896 -19.78 -31.65 30.92
N SER A 897 -18.46 -31.69 30.70
CA SER A 897 -17.66 -30.48 30.67
C SER A 897 -17.80 -29.73 29.35
N LEU A 898 -18.32 -30.38 28.32
CA LEU A 898 -18.62 -29.72 27.06
C LEU A 898 -20.04 -29.20 26.99
N THR A 899 -20.83 -29.39 28.05
CA THR A 899 -22.20 -28.89 28.13
C THR A 899 -22.32 -27.66 29.01
N THR A 900 -21.60 -27.61 30.13
CA THR A 900 -21.65 -26.46 31.03
C THR A 900 -20.59 -25.41 30.66
N THR A 901 -19.32 -25.82 30.63
CA THR A 901 -18.24 -24.91 30.29
C THR A 901 -18.31 -24.56 28.80
N SER A 902 -18.27 -23.25 28.51
CA SER A 902 -18.46 -22.74 27.16
C SER A 902 -17.27 -21.90 26.72
N THR A 903 -16.05 -22.35 27.04
CA THR A 903 -14.85 -21.64 26.63
C THR A 903 -13.75 -22.57 26.16
N ALA A 904 -14.01 -23.87 26.01
CA ALA A 904 -12.97 -24.80 25.60
C ALA A 904 -12.64 -24.68 24.12
N LEU A 905 -13.59 -24.22 23.30
CA LEU A 905 -13.43 -24.10 21.86
C LEU A 905 -13.11 -22.67 21.44
N GLY A 906 -12.30 -21.96 22.25
CA GLY A 906 -12.07 -20.56 22.00
C GLY A 906 -11.27 -20.27 20.74
N LYS A 907 -10.37 -21.17 20.36
CA LYS A 907 -9.52 -20.93 19.19
C LYS A 907 -10.33 -20.97 17.90
N LEU A 908 -11.23 -21.94 17.76
CA LEU A 908 -12.06 -22.01 16.57
C LEU A 908 -13.02 -20.83 16.48
N GLN A 909 -13.55 -20.41 17.63
CA GLN A 909 -14.41 -19.22 17.65
C GLN A 909 -13.64 -17.96 17.30
N ASP A 910 -12.38 -17.88 17.73
CA ASP A 910 -11.54 -16.75 17.34
C ASP A 910 -11.26 -16.76 15.84
N VAL A 911 -11.04 -17.94 15.28
CA VAL A 911 -10.83 -18.05 13.83
C VAL A 911 -12.08 -17.61 13.07
N VAL A 912 -13.26 -18.04 13.54
CA VAL A 912 -14.52 -17.65 12.90
C VAL A 912 -14.74 -16.15 13.02
N ASN A 913 -14.47 -15.57 14.20
CA ASN A 913 -14.66 -14.15 14.42
C ASN A 913 -13.65 -13.31 13.64
N GLN A 914 -12.46 -13.84 13.35
CA GLN A 914 -11.50 -13.11 12.52
C GLN A 914 -11.79 -13.27 11.04
N ASN A 915 -12.43 -14.37 10.64
CA ASN A 915 -12.93 -14.48 9.28
C ASN A 915 -14.01 -13.45 9.02
N ALA A 916 -14.91 -13.26 9.98
CA ALA A 916 -15.79 -12.11 9.96
C ALA A 916 -15.03 -10.87 10.45
N GLN A 917 -15.73 -9.73 10.42
CA GLN A 917 -15.30 -8.40 10.90
C GLN A 917 -14.07 -7.87 10.17
N ALA A 918 -13.55 -8.63 9.20
CA ALA A 918 -12.62 -8.13 8.20
C ALA A 918 -13.29 -7.93 6.85
N LEU A 919 -14.30 -8.73 6.55
CA LEU A 919 -15.21 -8.42 5.45
C LEU A 919 -16.17 -7.29 5.80
N ASN A 920 -16.49 -7.14 7.09
CA ASN A 920 -17.37 -6.05 7.52
C ASN A 920 -16.65 -4.70 7.44
N THR A 921 -15.37 -4.65 7.81
CA THR A 921 -14.61 -3.42 7.67
C THR A 921 -14.33 -3.08 6.21
N LEU A 922 -14.26 -4.10 5.34
CA LEU A 922 -14.12 -3.84 3.91
C LEU A 922 -15.38 -3.23 3.32
N VAL A 923 -16.56 -3.63 3.83
CA VAL A 923 -17.81 -3.02 3.38
C VAL A 923 -17.91 -1.59 3.88
N LYS A 924 -17.59 -1.36 5.15
CA LYS A 924 -17.71 -0.03 5.74
C LYS A 924 -16.63 0.93 5.26
N GLN A 925 -15.57 0.43 4.61
CA GLN A 925 -14.54 1.31 4.07
C GLN A 925 -14.97 1.97 2.75
N LEU A 926 -16.12 1.60 2.20
CA LEU A 926 -16.65 2.27 1.03
C LEU A 926 -17.22 3.64 1.34
N SER A 927 -17.39 3.97 2.61
CA SER A 927 -17.87 5.30 3.04
C SER A 927 -16.72 6.26 3.28
N SER A 928 -15.84 6.39 2.30
CA SER A 928 -14.67 7.26 2.42
C SER A 928 -14.47 8.03 1.13
N ASN A 929 -14.18 9.32 1.26
CA ASN A 929 -14.01 10.19 0.11
C ASN A 929 -12.67 10.02 -0.59
N PHE A 930 -11.61 9.71 0.17
CA PHE A 930 -10.23 9.61 -0.33
C PHE A 930 -9.81 10.90 -1.05
N GLY A 931 -10.24 12.04 -0.52
CA GLY A 931 -9.91 13.32 -1.11
C GLY A 931 -10.84 13.78 -2.21
N ALA A 932 -12.00 13.16 -2.38
CA ALA A 932 -12.97 13.56 -3.38
C ALA A 932 -14.10 14.34 -2.72
N ILE A 933 -14.99 14.87 -3.56
CA ILE A 933 -16.09 15.69 -3.05
C ILE A 933 -17.20 14.84 -2.45
N SER A 934 -17.27 13.55 -2.79
CA SER A 934 -18.28 12.67 -2.24
C SER A 934 -17.80 11.24 -2.33
N SER A 935 -18.38 10.38 -1.48
CA SER A 935 -18.10 8.96 -1.52
C SER A 935 -19.10 8.18 -2.38
N VAL A 936 -20.08 8.86 -2.96
CA VAL A 936 -21.07 8.21 -3.81
C VAL A 936 -20.74 8.55 -5.27
N LEU A 937 -20.67 7.51 -6.11
CA LEU A 937 -20.36 7.72 -7.52
C LEU A 937 -21.49 8.42 -8.25
N ASN A 938 -22.74 8.17 -7.83
CA ASN A 938 -23.88 8.77 -8.52
C ASN A 938 -23.93 10.28 -8.30
N ASP A 939 -23.57 10.74 -7.09
CA ASP A 939 -23.53 12.17 -6.82
C ASP A 939 -22.47 12.87 -7.66
N ILE A 940 -21.32 12.24 -7.86
CA ILE A 940 -20.29 12.82 -8.72
C ILE A 940 -20.75 12.83 -10.17
N LEU A 941 -21.35 11.73 -10.63
CA LEU A 941 -21.71 11.61 -12.04
C LEU A 941 -22.94 12.45 -12.40
N SER A 942 -23.77 12.82 -11.43
CA SER A 942 -24.98 13.57 -11.72
C SER A 942 -24.78 15.08 -11.70
N ARG A 943 -23.63 15.56 -11.26
CA ARG A 943 -23.41 17.00 -11.13
C ARG A 943 -22.15 17.51 -11.81
N LEU A 944 -21.32 16.64 -12.39
CA LEU A 944 -20.09 17.07 -13.03
C LEU A 944 -20.00 16.49 -14.45
N ASP A 945 -19.43 17.29 -15.35
CA ASP A 945 -19.12 16.85 -16.69
C ASP A 945 -17.98 15.83 -16.66
N PRO A 946 -17.92 14.94 -17.66
CA PRO A 946 -16.93 13.82 -17.62
C PRO A 946 -15.48 14.24 -17.51
N PRO A 947 -15.00 15.32 -18.17
CA PRO A 947 -13.58 15.69 -17.95
C PRO A 947 -13.25 16.07 -16.51
N GLU A 948 -14.18 16.64 -15.77
CA GLU A 948 -13.95 16.91 -14.36
C GLU A 948 -14.30 15.71 -13.50
N ALA A 949 -15.29 14.90 -13.92
CA ALA A 949 -15.71 13.76 -13.13
C ALA A 949 -14.66 12.65 -13.12
N GLU A 950 -13.85 12.55 -14.18
CA GLU A 950 -12.81 11.53 -14.24
C GLU A 950 -11.78 11.72 -13.12
N VAL A 951 -11.43 12.97 -12.84
CA VAL A 951 -10.47 13.30 -11.78
C VAL A 951 -10.98 12.85 -10.42
N GLN A 952 -12.25 13.08 -10.12
CA GLN A 952 -12.83 12.64 -8.85
C GLN A 952 -13.04 11.14 -8.77
N ILE A 953 -13.36 10.49 -9.89
CA ILE A 953 -13.55 9.04 -9.89
C ILE A 953 -12.21 8.32 -9.66
N ASP A 954 -11.13 8.85 -10.24
CA ASP A 954 -9.81 8.24 -10.06
C ASP A 954 -9.37 8.26 -8.60
N ARG A 955 -9.74 9.31 -7.85
CA ARG A 955 -9.40 9.38 -6.44
C ARG A 955 -10.11 8.32 -5.61
N LEU A 956 -11.31 7.92 -5.99
CA LEU A 956 -11.98 6.81 -5.31
C LEU A 956 -11.37 5.46 -5.70
N ILE A 957 -11.02 5.32 -6.99
CA ILE A 957 -10.43 4.07 -7.49
C ILE A 957 -9.12 3.79 -6.77
N THR A 958 -8.24 4.79 -6.74
CA THR A 958 -7.00 4.70 -5.97
C THR A 958 -7.36 4.91 -4.51
N GLY A 959 -7.54 3.82 -3.79
CA GLY A 959 -7.95 3.83 -2.41
C GLY A 959 -8.98 2.75 -2.14
N ARG A 960 -9.89 2.52 -3.08
CA ARG A 960 -10.64 1.25 -3.01
C ARG A 960 -9.72 0.10 -3.40
N LEU A 961 -8.82 0.33 -4.36
CA LEU A 961 -7.78 -0.65 -4.67
C LEU A 961 -6.86 -0.87 -3.47
N GLN A 962 -6.56 0.20 -2.73
CA GLN A 962 -5.72 0.08 -1.54
C GLN A 962 -6.38 -0.74 -0.45
N SER A 963 -7.69 -0.54 -0.24
CA SER A 963 -8.43 -1.34 0.72
C SER A 963 -8.42 -2.83 0.35
N LEU A 964 -8.63 -3.12 -0.94
CA LEU A 964 -8.59 -4.51 -1.40
C LEU A 964 -7.21 -5.13 -1.20
N GLN A 965 -6.15 -4.36 -1.51
CA GLN A 965 -4.79 -4.87 -1.34
C GLN A 965 -4.47 -5.15 0.12
N THR A 966 -4.91 -4.26 1.02
CA THR A 966 -4.69 -4.48 2.45
C THR A 966 -5.40 -5.73 2.94
N TYR A 967 -6.65 -5.94 2.48
CA TYR A 967 -7.38 -7.14 2.87
C TYR A 967 -6.69 -8.40 2.38
N VAL A 968 -6.18 -8.38 1.14
CA VAL A 968 -5.50 -9.56 0.59
C VAL A 968 -4.22 -9.85 1.37
N THR A 969 -3.46 -8.81 1.73
CA THR A 969 -2.23 -9.02 2.50
C THR A 969 -2.51 -9.62 3.87
N GLN A 970 -3.52 -9.10 4.57
CA GLN A 970 -3.88 -9.66 5.88
C GLN A 970 -4.38 -11.09 5.76
N GLN A 971 -5.12 -11.41 4.69
CA GLN A 971 -5.59 -12.78 4.49
C GLN A 971 -4.43 -13.74 4.27
N LEU A 972 -3.42 -13.32 3.49
CA LEU A 972 -2.24 -14.17 3.29
C LEU A 972 -1.49 -14.40 4.60
N ILE A 973 -1.33 -13.34 5.40
CA ILE A 973 -0.62 -13.47 6.67
C ILE A 973 -1.36 -14.40 7.63
N ARG A 974 -2.69 -14.33 7.65
CA ARG A 974 -3.46 -15.26 8.49
C ARG A 974 -3.39 -16.69 7.97
N ALA A 975 -3.41 -16.86 6.64
CA ALA A 975 -3.36 -18.19 6.06
C ALA A 975 -2.04 -18.89 6.34
N ALA A 976 -0.95 -18.13 6.48
CA ALA A 976 0.34 -18.74 6.84
C ALA A 976 0.28 -19.44 8.19
N GLU A 977 -0.25 -18.77 9.22
CA GLU A 977 -0.32 -19.39 10.53
C GLU A 977 -1.38 -20.48 10.59
N ILE A 978 -2.44 -20.36 9.78
CA ILE A 978 -3.41 -21.45 9.68
C ILE A 978 -2.76 -22.70 9.10
N ARG A 979 -1.92 -22.53 8.08
CA ARG A 979 -1.19 -23.65 7.50
C ARG A 979 -0.20 -24.27 8.49
N ALA A 980 0.45 -23.43 9.30
CA ALA A 980 1.35 -23.95 10.33
C ALA A 980 0.60 -24.79 11.36
N SER A 981 -0.56 -24.32 11.81
CA SER A 981 -1.38 -25.09 12.74
C SER A 981 -1.86 -26.39 12.11
N ALA A 982 -2.21 -26.36 10.82
CA ALA A 982 -2.66 -27.58 10.14
C ALA A 982 -1.53 -28.58 10.02
N ASN A 983 -0.30 -28.12 9.76
CA ASN A 983 0.85 -29.03 9.70
C ASN A 983 1.12 -29.67 11.05
N LEU A 984 1.03 -28.88 12.13
CA LEU A 984 1.19 -29.44 13.47
C LEU A 984 0.12 -30.47 13.79
N ALA A 985 -1.13 -30.19 13.39
CA ALA A 985 -2.22 -31.13 13.61
C ALA A 985 -2.02 -32.42 12.82
N ALA A 986 -1.53 -32.32 11.59
CA ALA A 986 -1.25 -33.52 10.79
C ALA A 986 -0.15 -34.36 11.41
N THR A 987 0.90 -33.71 11.91
CA THR A 987 1.98 -34.43 12.58
C THR A 987 1.47 -35.11 13.85
N LYS A 988 0.62 -34.43 14.61
CA LYS A 988 0.05 -35.00 15.83
C LYS A 988 -0.86 -36.19 15.52
N MET A 989 -1.64 -36.10 14.43
CA MET A 989 -2.48 -37.23 14.03
C MET A 989 -1.65 -38.41 13.59
N SER A 990 -0.54 -38.16 12.87
CA SER A 990 0.30 -39.25 12.41
C SER A 990 1.07 -39.89 13.55
N GLU A 991 1.38 -39.14 14.60
CA GLU A 991 2.27 -39.66 15.63
C GLU A 991 1.58 -40.04 16.95
N CYS A 992 0.48 -39.39 17.31
CA CYS A 992 -0.22 -39.74 18.54
C CYS A 992 -1.35 -40.75 18.34
N VAL A 993 -1.96 -40.79 17.17
CA VAL A 993 -3.09 -41.67 16.91
C VAL A 993 -2.66 -42.98 16.26
N LEU A 994 -1.78 -42.91 15.26
CA LEU A 994 -1.34 -44.09 14.53
C LEU A 994 -0.19 -44.81 15.22
N GLY A 995 0.27 -44.30 16.36
CA GLY A 995 1.35 -44.95 17.08
C GLY A 995 1.44 -44.42 18.49
N GLN A 996 2.45 -44.91 19.20
CA GLN A 996 2.73 -44.46 20.56
C GLN A 996 3.99 -43.60 20.56
N SER A 997 3.90 -42.41 21.15
CA SER A 997 4.96 -41.44 21.09
C SER A 997 5.76 -41.41 22.39
N LYS A 998 7.08 -41.27 22.25
CA LYS A 998 7.96 -41.13 23.39
C LYS A 998 8.37 -39.69 23.67
N ARG A 999 7.95 -38.74 22.84
CA ARG A 999 8.30 -37.34 23.05
C ARG A 999 7.56 -36.78 24.25
N VAL A 1000 8.27 -36.04 25.09
CA VAL A 1000 7.69 -35.55 26.33
C VAL A 1000 6.73 -34.41 26.04
N ASP A 1001 5.52 -34.51 26.58
CA ASP A 1001 4.46 -33.50 26.48
C ASP A 1001 4.03 -33.22 25.05
N PHE A 1002 4.22 -34.18 24.14
CA PHE A 1002 3.75 -33.99 22.77
C PHE A 1002 2.28 -34.41 22.63
N CYS A 1003 1.91 -35.54 23.22
CA CYS A 1003 0.54 -36.04 23.19
C CYS A 1003 0.04 -36.04 24.63
N GLY A 1004 -0.47 -34.89 25.08
CA GLY A 1004 -0.95 -34.76 26.44
C GLY A 1004 0.19 -34.66 27.45
N ARG A 1005 -0.21 -34.64 28.72
CA ARG A 1005 0.74 -34.59 29.83
C ARG A 1005 0.72 -35.93 30.56
N GLY A 1006 1.90 -36.51 30.74
CA GLY A 1006 2.06 -37.82 31.33
C GLY A 1006 2.73 -38.77 30.37
N TYR A 1007 2.55 -40.06 30.63
CA TYR A 1007 3.07 -41.11 29.76
C TYR A 1007 1.99 -41.50 28.77
N HIS A 1008 2.24 -41.25 27.48
CA HIS A 1008 1.21 -41.41 26.45
C HIS A 1008 0.89 -42.89 26.22
N LEU A 1009 -0.40 -43.19 26.11
CA LEU A 1009 -0.87 -44.53 25.79
C LEU A 1009 -1.51 -44.60 24.42
N MET A 1010 -2.54 -43.80 24.17
CA MET A 1010 -3.24 -43.79 22.88
C MET A 1010 -4.00 -42.47 22.76
N SER A 1011 -4.42 -42.17 21.54
CA SER A 1011 -5.15 -40.95 21.25
C SER A 1011 -6.31 -41.25 20.30
N PHE A 1012 -7.35 -40.42 20.38
CA PHE A 1012 -8.52 -40.55 19.53
C PHE A 1012 -8.85 -39.19 18.92
N PRO A 1013 -9.09 -39.12 17.62
CA PRO A 1013 -9.51 -37.85 17.01
C PRO A 1013 -11.01 -37.68 16.95
N GLN A 1014 -11.45 -36.43 17.05
CA GLN A 1014 -12.86 -36.07 16.93
C GLN A 1014 -12.97 -34.86 16.02
N ALA A 1015 -14.02 -34.86 15.19
CA ALA A 1015 -14.20 -33.79 14.20
C ALA A 1015 -14.87 -32.57 14.84
N ALA A 1016 -14.33 -31.40 14.54
CA ALA A 1016 -14.82 -30.12 15.02
C ALA A 1016 -14.97 -29.19 13.83
N PRO A 1017 -15.83 -28.18 13.92
CA PRO A 1017 -15.93 -27.19 12.84
C PRO A 1017 -14.64 -26.39 12.69
N HIS A 1018 -14.06 -26.48 11.49
CA HIS A 1018 -12.81 -25.81 11.12
C HIS A 1018 -11.66 -26.19 12.04
N GLY A 1019 -11.60 -27.46 12.42
CA GLY A 1019 -10.54 -27.89 13.32
C GLY A 1019 -10.68 -29.36 13.67
N VAL A 1020 -9.87 -29.78 14.64
CA VAL A 1020 -9.86 -31.16 15.11
C VAL A 1020 -9.60 -31.16 16.61
N VAL A 1021 -10.15 -32.15 17.30
CA VAL A 1021 -10.00 -32.28 18.75
C VAL A 1021 -9.40 -33.66 19.04
N PHE A 1022 -8.32 -33.67 19.81
CA PHE A 1022 -7.66 -34.91 20.20
C PHE A 1022 -7.96 -35.23 21.66
N LEU A 1023 -8.24 -36.51 21.94
CA LEU A 1023 -8.40 -37.01 23.29
C LEU A 1023 -7.21 -37.89 23.62
N HIS A 1024 -6.34 -37.41 24.51
CA HIS A 1024 -5.10 -38.09 24.84
C HIS A 1024 -5.27 -38.88 26.12
N VAL A 1025 -4.98 -40.19 26.05
CA VAL A 1025 -5.06 -41.08 27.20
C VAL A 1025 -3.66 -41.28 27.73
N THR A 1026 -3.45 -40.98 29.01
CA THR A 1026 -2.12 -40.95 29.59
C THR A 1026 -2.08 -41.72 30.91
N TYR A 1027 -0.87 -41.98 31.37
CA TYR A 1027 -0.61 -42.72 32.60
C TYR A 1027 0.00 -41.76 33.61
N VAL A 1028 -0.64 -41.63 34.77
CA VAL A 1028 -0.18 -40.69 35.80
C VAL A 1028 0.08 -41.43 37.11
N PRO A 1029 1.32 -41.47 37.59
CA PRO A 1029 1.57 -42.04 38.92
C PRO A 1029 1.10 -41.11 40.02
N SER A 1030 0.52 -41.70 41.07
CA SER A 1030 -0.22 -40.92 42.07
C SER A 1030 0.43 -40.93 43.45
N HIS A 1031 0.66 -42.10 44.04
CA HIS A 1031 0.97 -42.21 45.47
C HIS A 1031 2.41 -42.67 45.67
N GLU A 1032 3.30 -41.74 45.96
CA GLU A 1032 4.71 -42.06 46.17
C GLU A 1032 4.97 -42.39 47.64
N LYS A 1033 6.10 -43.05 47.87
CA LYS A 1033 6.51 -43.47 49.21
C LYS A 1033 8.03 -43.39 49.33
N ASN A 1034 8.51 -43.20 50.55
CA ASN A 1034 9.94 -43.09 50.80
C ASN A 1034 10.58 -44.46 50.92
N PHE A 1035 11.79 -44.59 50.37
CA PHE A 1035 12.56 -45.82 50.47
C PHE A 1035 14.04 -45.48 50.56
N THR A 1036 14.82 -46.45 51.05
CA THR A 1036 16.27 -46.34 51.11
C THR A 1036 16.87 -47.17 49.99
N THR A 1037 17.73 -46.55 49.18
CA THR A 1037 18.25 -47.17 47.98
C THR A 1037 19.77 -47.24 48.02
N ALA A 1038 20.32 -48.12 47.19
CA ALA A 1038 21.76 -48.29 47.04
C ALA A 1038 22.06 -48.46 45.56
N PRO A 1039 23.21 -47.98 45.08
CA PRO A 1039 23.49 -48.12 43.64
C PRO A 1039 23.88 -49.53 43.24
N ALA A 1040 24.51 -50.29 44.12
CA ALA A 1040 24.96 -51.63 43.78
C ALA A 1040 25.05 -52.47 45.04
N ILE A 1041 25.07 -53.79 44.84
CA ILE A 1041 25.20 -54.77 45.91
C ILE A 1041 26.34 -55.70 45.54
N CYS A 1042 27.28 -55.92 46.46
CA CYS A 1042 28.38 -56.84 46.20
C CYS A 1042 28.34 -57.98 47.22
N HIS A 1043 28.58 -59.19 46.73
CA HIS A 1043 28.31 -60.42 47.48
C HIS A 1043 29.57 -61.17 47.86
N GLU A 1044 30.40 -61.55 46.89
CA GLU A 1044 31.62 -62.32 47.11
C GLU A 1044 32.81 -61.58 46.52
N GLY A 1045 32.89 -60.29 46.80
CA GLY A 1045 33.90 -59.45 46.18
C GLY A 1045 33.56 -58.97 44.80
N LYS A 1046 32.37 -59.27 44.28
CA LYS A 1046 31.96 -58.90 42.95
C LYS A 1046 30.67 -58.08 43.04
N ALA A 1047 30.64 -56.95 42.34
CA ALA A 1047 29.49 -56.06 42.39
C ALA A 1047 28.38 -56.54 41.47
N TYR A 1048 27.14 -56.30 41.89
CA TYR A 1048 25.96 -56.65 41.12
C TYR A 1048 25.15 -55.39 40.85
N PHE A 1049 24.61 -55.28 39.64
CA PHE A 1049 23.83 -54.12 39.24
C PHE A 1049 22.47 -54.58 38.74
N PRO A 1050 21.41 -53.79 38.97
CA PRO A 1050 20.09 -54.21 38.50
C PRO A 1050 19.98 -54.16 36.99
N ARG A 1051 19.25 -55.13 36.43
CA ARG A 1051 19.03 -55.16 34.99
C ARG A 1051 17.98 -54.15 34.56
N GLU A 1052 16.86 -54.09 35.28
CA GLU A 1052 15.81 -53.12 35.02
C GLU A 1052 15.13 -52.83 36.36
N GLY A 1053 15.42 -51.66 36.92
CA GLY A 1053 14.83 -51.27 38.19
C GLY A 1053 15.90 -50.75 39.12
N VAL A 1054 15.52 -50.64 40.39
CA VAL A 1054 16.40 -50.08 41.42
C VAL A 1054 16.37 -50.99 42.65
N PHE A 1055 17.43 -50.91 43.45
CA PHE A 1055 17.47 -51.63 44.72
C PHE A 1055 16.81 -50.78 45.80
N VAL A 1056 15.88 -51.38 46.55
CA VAL A 1056 15.18 -50.69 47.62
C VAL A 1056 15.19 -51.54 48.87
N SER A 1057 15.03 -50.88 50.02
CA SER A 1057 14.95 -51.54 51.32
C SER A 1057 13.75 -50.98 52.07
N ASN A 1058 12.93 -51.88 52.60
CA ASN A 1058 11.77 -51.49 53.40
C ASN A 1058 12.11 -51.30 54.86
N GLY A 1059 13.37 -51.47 55.25
CA GLY A 1059 13.79 -51.30 56.62
C GLY A 1059 14.60 -52.48 57.13
N THR A 1060 14.23 -53.69 56.72
CA THR A 1060 14.93 -54.90 57.13
C THR A 1060 15.60 -55.61 55.97
N SER A 1061 14.86 -55.94 54.92
CA SER A 1061 15.38 -56.69 53.79
C SER A 1061 15.54 -55.78 52.58
N TRP A 1062 16.17 -56.33 51.54
CA TRP A 1062 16.45 -55.60 50.31
C TRP A 1062 15.76 -56.28 49.14
N PHE A 1063 15.15 -55.47 48.27
CA PHE A 1063 14.41 -55.98 47.13
C PHE A 1063 14.77 -55.16 45.89
N ILE A 1064 14.27 -55.60 44.74
CA ILE A 1064 14.44 -54.90 43.48
C ILE A 1064 13.07 -54.74 42.84
N THR A 1065 12.73 -53.51 42.45
CA THR A 1065 11.42 -53.20 41.90
C THR A 1065 11.59 -52.26 40.70
N GLN A 1066 10.55 -52.23 39.87
CA GLN A 1066 10.54 -51.34 38.72
C GLN A 1066 10.38 -49.88 39.17
N ARG A 1067 10.73 -48.97 38.26
CA ARG A 1067 10.84 -47.56 38.62
C ARG A 1067 9.48 -46.91 38.81
N ASN A 1068 8.52 -47.18 37.93
CA ASN A 1068 7.27 -46.44 37.90
C ASN A 1068 6.14 -47.12 38.67
N PHE A 1069 6.39 -48.25 39.32
CA PHE A 1069 5.37 -48.93 40.09
C PHE A 1069 6.05 -49.79 41.13
N TYR A 1070 5.56 -49.71 42.38
CA TYR A 1070 6.17 -50.45 43.48
C TYR A 1070 5.71 -51.90 43.43
N SER A 1071 6.65 -52.81 43.19
CA SER A 1071 6.40 -54.25 43.20
C SER A 1071 7.70 -54.97 43.54
N PRO A 1072 7.97 -55.19 44.83
CA PRO A 1072 9.27 -55.75 45.22
C PRO A 1072 9.38 -57.22 44.89
N GLN A 1073 10.56 -57.62 44.42
CA GLN A 1073 10.89 -59.00 44.11
C GLN A 1073 12.18 -59.40 44.82
N ILE A 1074 12.42 -60.70 44.86
CA ILE A 1074 13.65 -61.23 45.47
C ILE A 1074 14.81 -61.02 44.52
N ILE A 1075 15.95 -60.59 45.07
CA ILE A 1075 17.15 -60.31 44.29
C ILE A 1075 17.80 -61.64 43.94
N THR A 1076 17.65 -62.08 42.69
CA THR A 1076 18.26 -63.31 42.19
C THR A 1076 19.31 -62.97 41.15
N THR A 1077 19.96 -64.01 40.63
CA THR A 1077 20.97 -63.82 39.59
C THR A 1077 20.35 -63.51 38.24
N ASP A 1078 19.08 -63.83 38.04
CA ASP A 1078 18.41 -63.46 36.79
C ASP A 1078 18.06 -61.97 36.76
N ASN A 1079 17.90 -61.36 37.93
CA ASN A 1079 17.56 -59.94 38.00
C ASN A 1079 18.77 -59.02 37.88
N THR A 1080 19.99 -59.56 38.00
CA THR A 1080 21.18 -58.74 38.08
C THR A 1080 22.26 -59.27 37.16
N PHE A 1081 23.32 -58.48 36.99
CA PHE A 1081 24.50 -58.87 36.24
C PHE A 1081 25.74 -58.41 36.99
N VAL A 1082 26.86 -59.08 36.72
CA VAL A 1082 28.12 -58.86 37.45
C VAL A 1082 29.06 -58.07 36.56
N ALA A 1083 29.66 -57.01 37.12
CA ALA A 1083 30.57 -56.16 36.38
C ALA A 1083 31.98 -56.12 36.96
N GLY A 1084 32.13 -55.79 38.24
CA GLY A 1084 33.46 -55.54 38.79
C GLY A 1084 33.67 -55.99 40.21
N ASN A 1085 34.21 -55.10 41.05
CA ASN A 1085 34.52 -55.38 42.44
C ASN A 1085 33.80 -54.37 43.33
N CYS A 1086 33.94 -54.57 44.65
CA CYS A 1086 33.21 -53.71 45.59
C CYS A 1086 33.85 -52.34 45.73
N ASP A 1087 35.16 -52.25 45.53
CA ASP A 1087 35.91 -51.04 45.90
C ASP A 1087 35.79 -49.91 44.89
N VAL A 1088 35.28 -50.18 43.68
CA VAL A 1088 35.23 -49.15 42.65
C VAL A 1088 33.91 -48.40 42.61
N VAL A 1089 32.92 -48.79 43.42
CA VAL A 1089 31.60 -48.17 43.42
C VAL A 1089 31.41 -47.43 44.73
N ILE A 1090 31.05 -46.15 44.64
CA ILE A 1090 30.78 -45.34 45.82
C ILE A 1090 29.36 -45.60 46.29
N GLY A 1091 29.21 -46.02 47.54
CA GLY A 1091 27.91 -46.29 48.10
C GLY A 1091 27.45 -47.73 48.02
N ILE A 1092 28.35 -48.66 47.71
CA ILE A 1092 27.98 -50.07 47.63
C ILE A 1092 27.69 -50.60 49.03
N ILE A 1093 26.80 -51.60 49.10
CA ILE A 1093 26.38 -52.19 50.36
C ILE A 1093 26.62 -53.70 50.30
N ASN A 1094 26.49 -54.34 51.44
CA ASN A 1094 26.67 -55.78 51.58
C ASN A 1094 25.31 -56.46 51.67
N ASN A 1095 25.09 -57.45 50.81
CA ASN A 1095 23.86 -58.24 50.84
C ASN A 1095 24.15 -59.58 50.18
N THR A 1096 23.11 -60.39 50.01
CA THR A 1096 23.23 -61.71 49.41
C THR A 1096 22.35 -61.81 48.17
N VAL A 1097 22.83 -62.54 47.18
CA VAL A 1097 22.11 -62.76 45.93
C VAL A 1097 21.74 -64.24 45.87
N TYR A 1098 20.44 -64.52 45.82
CA TYR A 1098 19.96 -65.90 45.77
C TYR A 1098 20.19 -66.49 44.39
N ASP A 1099 20.59 -67.76 44.35
CA ASP A 1099 20.84 -68.45 43.11
C ASP A 1099 20.02 -69.73 43.05
N PRO A 1100 19.19 -69.92 42.01
CA PRO A 1100 18.39 -71.14 41.84
C PRO A 1100 19.25 -72.34 41.46
N THR B 15 42.14 57.40 -19.41
CA THR B 15 43.45 57.08 -19.95
C THR B 15 43.91 55.70 -19.50
N CYS B 16 44.48 54.92 -20.42
CA CYS B 16 44.97 53.59 -20.12
C CYS B 16 46.37 53.44 -20.70
N LEU B 17 47.15 52.55 -20.07
CA LEU B 17 48.58 52.49 -20.31
C LEU B 17 48.90 51.74 -21.60
N ASN B 18 50.21 51.64 -21.87
CA ASN B 18 50.75 51.00 -23.05
C ASN B 18 51.67 49.86 -22.64
N PHE B 19 51.62 48.75 -23.39
CA PHE B 19 52.46 47.61 -23.08
C PHE B 19 52.93 46.95 -24.37
N THR B 20 54.22 46.62 -24.43
CA THR B 20 54.80 45.92 -25.57
C THR B 20 55.66 44.73 -25.19
N ASN B 21 56.10 44.62 -23.94
CA ASN B 21 56.96 43.54 -23.49
C ASN B 21 56.19 42.47 -22.72
N LEU B 22 54.86 42.48 -22.79
CA LEU B 22 54.06 41.50 -22.08
C LEU B 22 54.23 40.11 -22.71
N ALA B 23 54.27 39.11 -21.84
CA ALA B 23 54.39 37.72 -22.26
C ALA B 23 53.02 37.06 -22.32
N ALA B 24 52.89 36.10 -23.23
CA ALA B 24 51.65 35.36 -23.37
C ALA B 24 51.44 34.49 -22.13
N PRO B 25 50.21 34.36 -21.63
CA PRO B 25 49.96 33.53 -20.46
C PRO B 25 50.19 32.06 -20.75
N ALA B 26 50.68 31.35 -19.73
CA ALA B 26 50.86 29.90 -19.79
C ALA B 26 49.76 29.26 -18.96
N TYR B 27 48.93 28.45 -19.61
CA TYR B 27 47.77 27.84 -18.94
C TYR B 27 48.24 26.60 -18.20
N ASN B 28 48.84 26.84 -17.03
CA ASN B 28 49.30 25.75 -16.18
C ASN B 28 48.11 25.04 -15.54
N ILE B 29 48.33 23.79 -15.15
CA ILE B 29 47.27 22.93 -14.64
C ILE B 29 47.62 22.56 -13.20
N ALA B 30 46.71 22.89 -12.28
CA ALA B 30 46.82 22.49 -10.88
C ALA B 30 45.51 21.85 -10.46
N SER B 31 45.60 20.80 -9.66
CA SER B 31 44.41 20.02 -9.29
C SER B 31 43.89 20.45 -7.93
N SER B 32 42.59 20.75 -7.87
CA SER B 32 41.93 21.02 -6.61
C SER B 32 41.65 19.71 -5.89
N SER B 33 41.32 19.82 -4.60
CA SER B 33 41.03 18.65 -3.79
C SER B 33 40.15 19.07 -2.63
N ARG B 34 38.88 18.68 -2.68
CA ARG B 34 37.87 18.99 -1.64
C ARG B 34 37.74 20.48 -1.39
N ARG B 35 37.75 21.26 -2.47
CA ARG B 35 37.70 22.71 -2.39
C ARG B 35 36.45 23.22 -3.10
N GLY B 36 35.83 24.25 -2.52
CA GLY B 36 34.70 24.90 -3.17
C GLY B 36 33.33 24.37 -2.78
N VAL B 37 33.05 24.33 -1.48
CA VAL B 37 31.75 23.90 -0.96
C VAL B 37 31.10 25.08 -0.27
N TYR B 38 29.84 25.35 -0.60
CA TYR B 38 29.11 26.49 -0.05
C TYR B 38 27.75 26.04 0.47
N TYR B 39 27.13 26.90 1.26
CA TYR B 39 25.84 26.59 1.86
C TYR B 39 24.74 26.66 0.81
N PRO B 40 23.91 25.62 0.66
CA PRO B 40 22.84 25.67 -0.34
C PRO B 40 21.55 26.34 0.15
N ASP B 41 21.30 26.33 1.45
CA ASP B 41 20.03 26.80 1.99
C ASP B 41 20.27 27.54 3.30
N ASP B 42 19.42 28.53 3.58
CA ASP B 42 19.52 29.33 4.80
C ASP B 42 18.60 28.78 5.88
N ILE B 43 18.83 27.52 6.25
CA ILE B 43 18.07 26.85 7.30
C ILE B 43 19.06 26.24 8.28
N PHE B 44 18.89 26.54 9.56
CA PHE B 44 19.78 26.00 10.58
C PHE B 44 19.45 24.54 10.84
N ARG B 45 20.39 23.65 10.52
CA ARG B 45 20.26 22.23 10.80
C ARG B 45 21.47 21.75 11.58
N SER B 46 21.24 20.88 12.55
CA SER B 46 22.30 20.33 13.37
C SER B 46 22.22 18.81 13.36
N ASP B 47 23.39 18.16 13.26
CA ASP B 47 23.52 16.71 13.18
C ASP B 47 22.69 16.14 12.03
N PHE B 48 22.77 16.78 10.87
CA PHE B 48 21.98 16.41 9.71
C PHE B 48 22.87 15.85 8.62
N LEU B 49 22.24 15.14 7.68
CA LEU B 49 22.95 14.46 6.60
C LEU B 49 21.97 14.22 5.47
N HIS B 50 22.21 14.83 4.31
CA HIS B 50 21.28 14.69 3.20
C HIS B 50 22.00 14.96 1.88
N LEU B 51 21.39 14.46 0.80
CA LEU B 51 21.93 14.61 -0.55
C LEU B 51 21.38 15.87 -1.20
N VAL B 52 22.23 16.54 -1.98
CA VAL B 52 21.86 17.76 -2.69
C VAL B 52 22.38 17.65 -4.11
N ASN B 53 21.49 17.87 -5.09
CA ASN B 53 21.86 17.93 -6.50
C ASN B 53 21.87 19.39 -6.92
N ASP B 54 23.06 19.96 -7.11
CA ASP B 54 23.21 21.36 -7.47
C ASP B 54 24.48 21.50 -8.30
N TYR B 55 24.96 22.73 -8.45
CA TYR B 55 26.18 23.01 -9.20
C TYR B 55 27.35 23.11 -8.23
N PHE B 56 28.33 22.23 -8.39
CA PHE B 56 29.48 22.18 -7.49
C PHE B 56 30.75 22.02 -8.30
N LEU B 57 31.86 22.44 -7.70
CA LEU B 57 33.16 22.15 -8.28
C LEU B 57 33.53 20.70 -7.98
N PRO B 58 33.86 19.90 -9.00
CA PRO B 58 34.10 18.47 -8.77
C PRO B 58 35.34 18.22 -7.94
N PHE B 59 35.29 17.15 -7.14
CA PHE B 59 36.44 16.78 -6.31
C PHE B 59 37.54 16.19 -7.18
N GLY B 60 38.76 16.67 -7.00
CA GLY B 60 39.89 16.20 -7.77
C GLY B 60 40.01 16.79 -9.16
N SER B 61 39.10 17.69 -9.55
CA SER B 61 39.21 18.33 -10.85
C SER B 61 40.34 19.34 -10.86
N ASN B 62 40.86 19.60 -12.06
CA ASN B 62 42.01 20.47 -12.23
C ASN B 62 41.59 21.86 -12.68
N VAL B 63 42.22 22.87 -12.09
CA VAL B 63 41.94 24.27 -12.40
C VAL B 63 43.11 24.85 -13.17
N THR B 64 42.89 26.02 -13.75
CA THR B 64 43.92 26.72 -14.50
C THR B 64 44.62 27.75 -13.61
N GLN B 65 45.92 27.90 -13.82
CA GLN B 65 46.76 28.74 -12.97
C GLN B 65 47.20 29.98 -13.74
N PHE B 66 46.98 31.15 -13.14
CA PHE B 66 47.46 32.42 -13.67
C PHE B 66 48.24 33.14 -12.57
N PHE B 67 49.44 33.61 -12.89
CA PHE B 67 50.26 34.31 -11.93
C PHE B 67 50.89 35.54 -12.57
N THR B 68 51.22 36.51 -11.71
CA THR B 68 51.97 37.70 -12.10
C THR B 68 53.32 37.63 -11.38
N GLN B 69 54.37 37.25 -12.10
CA GLN B 69 55.69 37.07 -11.52
C GLN B 69 56.70 38.07 -12.06
N GLY B 70 56.89 38.13 -13.37
CA GLY B 70 57.81 39.07 -13.97
C GLY B 70 57.59 39.13 -15.46
N THR B 71 57.44 40.36 -16.01
CA THR B 71 56.99 40.70 -17.36
C THR B 71 55.90 39.76 -17.88
N ASN B 72 54.96 39.41 -17.00
CA ASN B 72 53.91 38.43 -17.31
C ASN B 72 52.69 38.80 -16.46
N ILE B 73 51.78 39.55 -17.06
CA ILE B 73 50.52 39.93 -16.43
C ILE B 73 49.41 39.16 -17.11
N ASP B 74 48.68 38.35 -16.34
CA ASP B 74 47.69 37.42 -16.88
C ASP B 74 46.30 37.84 -16.41
N ASN B 75 45.62 38.65 -17.21
CA ASN B 75 44.22 38.98 -17.01
C ASN B 75 43.47 38.83 -18.32
N PRO B 76 43.21 37.61 -18.77
CA PRO B 76 42.44 37.42 -20.00
C PRO B 76 40.95 37.32 -19.74
N THR B 77 40.18 37.44 -20.82
CA THR B 77 38.74 37.26 -20.72
C THR B 77 38.41 35.77 -20.70
N LEU B 78 37.79 35.33 -19.60
CA LEU B 78 37.51 33.92 -19.41
C LEU B 78 36.00 33.66 -19.49
N PRO B 79 35.60 32.49 -19.98
CA PRO B 79 34.17 32.19 -20.07
C PRO B 79 33.53 32.02 -18.70
N PHE B 80 32.23 32.35 -18.64
CA PHE B 80 31.41 32.18 -17.44
C PHE B 80 30.30 31.21 -17.85
N ARG B 81 30.58 29.92 -17.75
CA ARG B 81 29.67 28.92 -18.30
C ARG B 81 28.47 28.68 -17.38
N ASP B 82 28.74 28.17 -16.18
CA ASP B 82 27.68 27.83 -15.24
C ASP B 82 28.04 28.22 -13.81
N GLY B 83 29.10 28.98 -13.60
CA GLY B 83 29.58 29.29 -12.28
C GLY B 83 31.08 29.12 -12.19
N VAL B 84 31.75 30.03 -11.47
CA VAL B 84 33.20 30.08 -11.43
C VAL B 84 33.67 29.98 -9.98
N TYR B 85 34.59 29.06 -9.73
CA TYR B 85 35.33 29.02 -8.46
C TYR B 85 36.60 29.84 -8.62
N PHE B 86 36.79 30.80 -7.72
CA PHE B 86 37.93 31.69 -7.77
C PHE B 86 38.66 31.64 -6.43
N ALA B 87 39.98 31.45 -6.48
CA ALA B 87 40.81 31.40 -5.29
C ALA B 87 42.12 32.12 -5.57
N ALA B 88 42.53 32.99 -4.66
CA ALA B 88 43.73 33.80 -4.83
C ALA B 88 44.65 33.64 -3.63
N THR B 89 45.94 33.42 -3.91
CA THR B 89 46.98 33.34 -2.89
C THR B 89 47.88 34.56 -3.08
N GLU B 90 47.79 35.52 -2.16
CA GLU B 90 48.51 36.77 -2.31
C GLU B 90 48.96 37.29 -0.95
N LYS B 91 49.89 38.24 -0.98
CA LYS B 91 50.41 38.91 0.20
C LYS B 91 50.21 40.41 0.17
N SER B 92 50.31 41.04 -1.01
CA SER B 92 50.34 42.49 -1.12
C SER B 92 49.08 43.05 -1.77
N ASN B 93 47.96 42.32 -1.70
CA ASN B 93 46.65 42.78 -2.17
C ASN B 93 46.66 43.14 -3.66
N ILE B 94 47.21 42.24 -4.47
CA ILE B 94 47.31 42.49 -5.91
C ILE B 94 45.96 42.37 -6.58
N VAL B 95 45.24 41.28 -6.32
CA VAL B 95 43.94 41.05 -6.94
C VAL B 95 42.90 41.90 -6.22
N ARG B 96 42.21 42.75 -6.97
CA ARG B 96 41.26 43.71 -6.40
C ARG B 96 39.81 43.38 -6.68
N GLY B 97 39.47 42.98 -7.90
CA GLY B 97 38.07 42.74 -8.21
C GLY B 97 37.91 42.23 -9.63
N TRP B 98 36.65 42.12 -10.05
CA TRP B 98 36.31 41.52 -11.33
C TRP B 98 35.23 42.35 -12.02
N ILE B 99 35.07 42.10 -13.31
CA ILE B 99 33.99 42.69 -14.11
C ILE B 99 33.24 41.56 -14.81
N PHE B 100 31.92 41.58 -14.71
CA PHE B 100 31.07 40.56 -15.31
C PHE B 100 30.19 41.19 -16.39
N GLY B 101 29.94 40.44 -17.45
CA GLY B 101 29.06 40.92 -18.50
C GLY B 101 29.21 40.11 -19.77
N SER B 102 28.64 40.64 -20.84
CA SER B 102 28.71 40.04 -22.16
C SER B 102 29.43 40.99 -23.11
N THR B 103 30.49 40.49 -23.76
CA THR B 103 31.33 41.15 -24.77
C THR B 103 32.14 42.32 -24.23
N LEU B 104 31.90 42.72 -22.97
CA LEU B 104 32.76 43.62 -22.19
C LEU B 104 33.09 44.92 -22.91
N ASP B 105 32.09 45.50 -23.59
CA ASP B 105 32.30 46.74 -24.32
C ASP B 105 31.07 47.63 -24.17
N SER B 106 31.05 48.72 -24.94
CA SER B 106 29.98 49.71 -24.82
C SER B 106 28.69 49.30 -25.50
N THR B 107 28.69 48.21 -26.27
CA THR B 107 27.47 47.77 -26.94
C THR B 107 26.51 47.06 -26.01
N SER B 108 26.93 46.72 -24.79
CA SER B 108 26.08 46.03 -23.83
C SER B 108 26.46 46.50 -22.43
N GLN B 109 25.73 45.98 -21.45
CA GLN B 109 25.90 46.37 -20.05
C GLN B 109 26.81 45.38 -19.33
N SER B 110 27.65 45.90 -18.44
CA SER B 110 28.57 45.07 -17.67
C SER B 110 28.62 45.56 -16.23
N ALA B 111 28.84 44.62 -15.32
CA ALA B 111 28.84 44.89 -13.88
C ALA B 111 30.24 44.71 -13.31
N ILE B 112 30.63 45.58 -12.39
CA ILE B 112 31.93 45.48 -11.75
C ILE B 112 31.75 45.36 -10.24
N ILE B 113 32.68 44.66 -9.62
CA ILE B 113 32.82 44.60 -8.16
C ILE B 113 34.27 44.95 -7.86
N LEU B 114 34.49 46.04 -7.14
CA LEU B 114 35.81 46.64 -7.06
C LEU B 114 36.16 46.97 -5.61
N ASN B 115 37.46 46.97 -5.33
CA ASN B 115 38.00 47.41 -4.05
C ASN B 115 39.16 48.36 -4.36
N ASN B 116 38.90 49.67 -4.32
CA ASN B 116 39.89 50.67 -4.64
C ASN B 116 40.63 51.18 -3.40
N SER B 117 40.78 50.34 -2.38
CA SER B 117 41.48 50.56 -1.12
C SER B 117 40.83 51.62 -0.24
N THR B 118 39.67 52.14 -0.63
CA THR B 118 38.92 53.05 0.22
C THR B 118 37.46 52.64 0.38
N ASN B 119 36.84 52.11 -0.67
CA ASN B 119 35.43 51.75 -0.64
C ASN B 119 35.20 50.50 -1.47
N LEU B 120 34.14 49.76 -1.15
CA LEU B 120 33.70 48.66 -1.99
C LEU B 120 32.68 49.19 -2.99
N ILE B 121 32.95 48.99 -4.28
CA ILE B 121 32.15 49.57 -5.34
C ILE B 121 31.45 48.46 -6.10
N VAL B 122 30.13 48.50 -6.12
CA VAL B 122 29.30 47.62 -6.93
C VAL B 122 28.50 48.51 -7.87
N ARG B 123 28.73 48.39 -9.16
CA ARG B 123 28.09 49.26 -10.14
C ARG B 123 28.07 48.57 -11.49
N VAL B 124 26.93 48.63 -12.15
CA VAL B 124 26.77 48.06 -13.49
C VAL B 124 26.42 49.19 -14.45
N CYS B 125 27.27 49.39 -15.46
CA CYS B 125 27.06 50.45 -16.42
C CYS B 125 27.52 49.97 -17.79
N ASN B 126 27.54 50.89 -18.76
CA ASN B 126 27.97 50.59 -20.12
C ASN B 126 29.45 50.92 -20.21
N PHE B 127 30.27 50.06 -19.60
CA PHE B 127 31.70 50.29 -19.50
C PHE B 127 32.39 50.06 -20.84
N GLU B 128 33.42 50.86 -21.10
CA GLU B 128 34.30 50.68 -22.24
C GLU B 128 35.69 50.38 -21.69
N LEU B 129 36.06 49.12 -21.70
CA LEU B 129 37.32 48.67 -21.12
C LEU B 129 38.46 48.87 -22.10
N CYS B 130 39.64 49.19 -21.56
CA CYS B 130 40.84 49.27 -22.37
C CYS B 130 41.49 47.88 -22.43
N LYS B 131 42.66 47.79 -23.06
CA LYS B 131 43.30 46.49 -23.26
C LYS B 131 43.82 45.92 -21.95
N VAL B 132 44.55 46.71 -21.18
CA VAL B 132 45.17 46.24 -19.94
C VAL B 132 44.68 47.10 -18.78
N PRO B 133 43.60 46.74 -18.11
CA PRO B 133 43.12 47.51 -16.95
C PRO B 133 43.88 47.13 -15.69
N LEU B 134 44.67 48.07 -15.18
CA LEU B 134 45.49 47.84 -14.00
C LEU B 134 45.43 49.03 -13.06
N PHE B 135 45.62 48.75 -11.77
CA PHE B 135 45.82 49.79 -10.77
C PHE B 135 47.31 50.06 -10.64
N VAL B 136 47.68 51.33 -10.52
CA VAL B 136 49.09 51.74 -10.48
C VAL B 136 49.35 52.37 -9.12
N VAL B 137 50.34 51.84 -8.41
CA VAL B 137 50.74 52.35 -7.11
C VAL B 137 52.19 52.81 -7.18
N PHE B 138 52.42 54.05 -6.76
CA PHE B 138 53.76 54.61 -6.69
C PHE B 138 54.45 54.10 -5.43
N LYS B 139 55.68 53.62 -5.58
CA LYS B 139 56.45 53.21 -4.41
C LYS B 139 56.77 54.39 -3.51
N SER B 140 57.14 55.51 -4.12
CA SER B 140 57.25 56.79 -3.41
C SER B 140 55.89 57.48 -3.43
N ASN B 141 55.88 58.78 -3.11
CA ASN B 141 54.72 59.66 -3.32
C ASN B 141 53.51 59.26 -2.48
N ASN B 142 53.76 58.59 -1.35
CA ASN B 142 52.76 58.17 -0.37
C ASN B 142 51.73 57.18 -0.92
N SER B 143 52.06 56.52 -2.04
CA SER B 143 51.39 55.29 -2.50
C SER B 143 49.89 55.50 -2.76
N GLN B 144 49.60 56.30 -3.78
CA GLN B 144 48.23 56.53 -4.21
C GLN B 144 47.88 55.59 -5.36
N LEU B 145 46.59 55.57 -5.73
CA LEU B 145 46.09 54.74 -6.80
C LEU B 145 45.99 55.53 -8.09
N SER B 146 45.45 54.89 -9.13
CA SER B 146 45.41 55.50 -10.45
C SER B 146 44.19 54.99 -11.21
N HIS B 147 44.19 55.18 -12.53
CA HIS B 147 43.06 54.91 -13.41
C HIS B 147 42.81 53.40 -13.56
N LEU B 148 41.60 53.07 -14.01
CA LEU B 148 41.27 51.70 -14.39
C LEU B 148 40.86 51.57 -15.84
N PHE B 149 39.89 52.35 -16.31
CA PHE B 149 39.38 52.22 -17.67
C PHE B 149 39.11 53.61 -18.24
N SER B 150 38.41 53.66 -19.38
CA SER B 150 38.29 54.89 -20.16
C SER B 150 37.03 55.69 -19.83
N ASP B 151 35.86 55.11 -20.04
CA ASP B 151 34.62 55.88 -19.88
C ASP B 151 33.45 54.93 -19.64
N SER B 152 32.36 55.50 -19.14
CA SER B 152 31.14 54.76 -18.85
C SER B 152 29.97 55.74 -18.79
N PHE B 153 29.03 55.60 -19.72
CA PHE B 153 27.89 56.49 -19.81
C PHE B 153 26.70 55.88 -19.05
N ASN B 154 25.49 56.37 -19.33
CA ASN B 154 24.33 56.29 -18.43
C ASN B 154 23.98 54.87 -18.01
N CYS B 155 23.48 54.75 -16.79
CA CYS B 155 23.22 53.45 -16.15
C CYS B 155 22.31 53.66 -14.94
N THR B 156 21.93 52.55 -14.30
CA THR B 156 20.80 52.55 -13.37
C THR B 156 21.10 51.75 -12.11
N PHE B 157 22.33 51.81 -11.60
CA PHE B 157 22.66 51.16 -10.34
C PHE B 157 23.91 51.78 -9.74
N GLU B 158 23.95 51.84 -8.41
CA GLU B 158 25.08 52.39 -7.68
C GLU B 158 25.19 51.69 -6.34
N TYR B 159 26.42 51.61 -5.83
CA TYR B 159 26.69 51.15 -4.47
C TYR B 159 28.10 51.62 -4.12
N VAL B 160 28.21 52.40 -3.05
CA VAL B 160 29.49 52.74 -2.43
C VAL B 160 29.40 52.38 -0.96
N SER B 161 30.31 51.54 -0.49
CA SER B 161 30.29 51.08 0.89
C SER B 161 30.90 52.13 1.81
N ARG B 162 31.15 51.75 3.06
CA ARG B 162 31.77 52.67 4.00
C ARG B 162 33.25 52.83 3.69
N ALA B 163 33.84 53.91 4.21
CA ALA B 163 35.25 54.18 4.01
C ALA B 163 36.10 53.28 4.90
N PHE B 164 37.27 52.89 4.38
CA PHE B 164 38.23 52.12 5.15
C PHE B 164 39.62 52.38 4.59
N SER B 165 40.63 52.03 5.38
CA SER B 165 42.03 52.14 4.98
C SER B 165 42.59 50.76 4.70
N LEU B 166 43.23 50.61 3.55
CA LEU B 166 43.75 49.33 3.10
C LEU B 166 45.26 49.44 2.86
N ASP B 167 46.02 48.51 3.45
CA ASP B 167 47.44 48.44 3.17
C ASP B 167 47.65 47.94 1.74
N ILE B 168 48.54 48.60 1.01
CA ILE B 168 48.70 48.31 -0.41
C ILE B 168 50.15 48.04 -0.78
N ARG B 169 50.97 47.67 0.22
CA ARG B 169 52.33 47.21 -0.05
C ARG B 169 52.82 46.41 1.14
N GLU B 170 53.19 45.15 0.90
CA GLU B 170 53.76 44.28 1.92
C GLU B 170 54.43 43.11 1.23
N GLN B 171 55.71 42.89 1.52
CA GLN B 171 56.47 41.78 0.97
C GLN B 171 56.95 40.92 2.14
N SER B 172 56.30 39.76 2.32
CA SER B 172 56.67 38.84 3.38
C SER B 172 57.49 37.66 2.88
N GLY B 173 57.52 37.42 1.57
CA GLY B 173 58.22 36.30 0.99
C GLY B 173 57.39 35.03 0.87
N ASN B 174 56.31 34.92 1.65
CA ASN B 174 55.41 33.79 1.60
C ASN B 174 53.97 34.30 1.54
N PHE B 175 53.13 33.54 0.86
CA PHE B 175 51.71 33.91 0.77
C PHE B 175 51.02 33.63 2.10
N VAL B 176 50.36 34.64 2.65
CA VAL B 176 49.77 34.56 3.98
C VAL B 176 48.25 34.64 3.95
N ASP B 177 47.65 34.93 2.80
CA ASP B 177 46.21 35.06 2.69
C ASP B 177 45.69 34.15 1.58
N LEU B 178 44.56 33.51 1.84
CA LEU B 178 43.87 32.68 0.84
C LEU B 178 42.41 33.08 0.85
N ARG B 179 41.98 33.80 -0.20
CA ARG B 179 40.59 34.20 -0.36
C ARG B 179 39.96 33.38 -1.47
N GLU B 180 38.80 32.80 -1.19
CA GLU B 180 38.12 31.92 -2.11
C GLU B 180 36.71 32.44 -2.39
N PHE B 181 36.29 32.36 -3.64
CA PHE B 181 35.00 32.87 -4.04
C PHE B 181 34.30 31.89 -4.97
N VAL B 182 32.97 31.94 -4.95
CA VAL B 182 32.13 31.19 -5.89
C VAL B 182 31.09 32.16 -6.43
N PHE B 183 31.04 32.31 -7.75
CA PHE B 183 30.11 33.21 -8.42
C PHE B 183 29.03 32.39 -9.12
N ARG B 184 27.77 32.78 -8.92
CA ARG B 184 26.65 32.13 -9.59
C ARG B 184 25.69 33.19 -10.09
N ASN B 185 25.04 32.90 -11.22
CA ASN B 185 24.05 33.77 -11.82
C ASN B 185 22.73 33.00 -11.92
N ARG B 186 21.69 33.51 -11.26
CA ARG B 186 20.41 32.81 -11.22
C ARG B 186 19.30 33.83 -11.03
N ASN B 187 18.36 33.85 -11.99
CA ASN B 187 17.16 34.70 -11.95
C ASN B 187 17.51 36.18 -11.80
N GLY B 188 18.54 36.62 -12.53
CA GLY B 188 18.95 38.02 -12.50
C GLY B 188 19.73 38.42 -11.27
N PHE B 189 20.12 37.47 -10.42
CA PHE B 189 20.89 37.75 -9.22
C PHE B 189 22.29 37.18 -9.36
N LEU B 190 23.27 37.87 -8.77
CA LEU B 190 24.64 37.38 -8.70
C LEU B 190 24.93 37.00 -7.26
N HIS B 191 25.06 35.69 -7.01
CA HIS B 191 25.34 35.19 -5.68
C HIS B 191 26.84 35.12 -5.45
N ILE B 192 27.26 35.58 -4.27
CA ILE B 192 28.67 35.62 -3.90
C ILE B 192 28.84 34.83 -2.60
N TYR B 193 29.77 33.86 -2.63
CA TYR B 193 30.12 33.08 -1.46
C TYR B 193 31.60 33.31 -1.15
N GLU B 194 31.89 33.62 0.11
CA GLU B 194 33.22 34.08 0.50
C GLU B 194 33.80 33.15 1.57
N GLY B 195 35.13 33.11 1.60
CA GLY B 195 35.84 32.35 2.62
C GLY B 195 37.27 32.79 2.70
N TYR B 196 37.82 32.77 3.91
CA TYR B 196 39.17 33.22 4.18
C TYR B 196 39.91 32.18 5.02
N GLU B 197 41.21 32.04 4.76
CA GLU B 197 42.01 31.04 5.44
C GLU B 197 43.47 31.49 5.46
N ALA B 198 44.06 31.57 6.65
CA ALA B 198 45.47 31.93 6.77
C ALA B 198 46.35 30.77 6.36
N ILE B 199 47.43 31.08 5.64
CA ILE B 199 48.31 30.08 5.04
C ILE B 199 49.76 30.53 5.16
N SER B 200 50.66 29.63 4.81
CA SER B 200 52.08 29.96 4.65
C SER B 200 52.65 28.98 3.63
N ILE B 201 52.69 29.40 2.35
CA ILE B 201 53.11 28.55 1.24
C ILE B 201 53.96 29.39 0.28
N VAL B 202 54.59 28.70 -0.67
CA VAL B 202 55.42 29.38 -1.66
C VAL B 202 55.06 28.97 -3.07
N ARG B 203 54.47 27.79 -3.24
CA ARG B 203 54.40 27.16 -4.56
C ARG B 203 53.05 27.30 -5.24
N GLY B 204 51.99 26.77 -4.65
CA GLY B 204 50.73 26.69 -5.37
C GLY B 204 49.48 26.64 -4.53
N LEU B 205 48.46 25.91 -5.00
CA LEU B 205 47.19 25.83 -4.31
C LEU B 205 47.25 24.73 -3.26
N PRO B 206 47.09 25.03 -1.97
CA PRO B 206 47.20 23.99 -0.94
C PRO B 206 45.93 23.15 -0.88
N ALA B 207 46.13 21.85 -0.67
CA ALA B 207 45.01 20.94 -0.46
C ALA B 207 44.36 21.18 0.89
N GLY B 208 43.04 21.12 0.93
CA GLY B 208 42.35 21.35 2.18
C GLY B 208 40.85 21.29 2.00
N PHE B 209 40.15 21.90 2.95
CA PHE B 209 38.68 21.88 2.97
C PHE B 209 38.21 23.03 3.84
N ASN B 210 37.40 23.93 3.27
CA ASN B 210 36.79 25.01 4.04
C ASN B 210 35.50 25.42 3.35
N VAL B 211 34.43 25.54 4.14
CA VAL B 211 33.15 25.95 3.58
C VAL B 211 33.15 27.46 3.33
N LEU B 212 32.26 27.89 2.44
CA LEU B 212 32.10 29.29 2.09
C LEU B 212 30.69 29.75 2.45
N LYS B 213 30.59 30.94 3.04
CA LYS B 213 29.32 31.49 3.52
C LYS B 213 28.75 32.47 2.51
N PRO B 214 27.42 32.54 2.40
CA PRO B 214 26.81 33.51 1.47
C PRO B 214 27.02 34.94 1.94
N LEU B 215 27.43 35.79 1.01
CA LEU B 215 27.79 37.17 1.33
C LEU B 215 26.92 38.19 0.61
N LEU B 216 26.80 38.11 -0.71
CA LEU B 216 26.14 39.13 -1.50
C LEU B 216 25.07 38.51 -2.39
N LYS B 217 24.04 39.31 -2.67
CA LYS B 217 22.98 38.94 -3.60
C LYS B 217 22.51 40.23 -4.27
N ILE B 218 23.06 40.52 -5.43
CA ILE B 218 22.84 41.78 -6.14
C ILE B 218 21.96 41.51 -7.36
N PRO B 219 20.86 42.25 -7.53
CA PRO B 219 20.04 42.09 -8.73
C PRO B 219 20.64 42.85 -9.91
N PHE B 220 21.02 42.14 -10.95
CA PHE B 220 21.63 42.73 -12.13
C PHE B 220 20.73 42.71 -13.35
N GLY B 221 20.10 41.58 -13.65
CA GLY B 221 19.37 41.45 -14.90
C GLY B 221 20.28 41.46 -16.11
N LEU B 222 21.44 40.82 -16.00
CA LEU B 222 22.46 40.86 -17.03
C LEU B 222 22.66 39.49 -17.65
N ASN B 223 22.89 39.49 -18.96
CA ASN B 223 23.34 38.29 -19.67
C ASN B 223 24.83 38.16 -19.44
N VAL B 224 25.23 37.27 -18.53
CA VAL B 224 26.61 37.12 -18.11
C VAL B 224 27.19 35.89 -18.81
N THR B 225 28.18 36.10 -19.65
CA THR B 225 28.87 35.01 -20.35
C THR B 225 30.37 35.04 -20.21
N SER B 226 30.98 36.15 -19.80
CA SER B 226 32.42 36.25 -19.68
C SER B 226 32.76 37.14 -18.49
N PHE B 227 33.99 37.01 -18.00
CA PHE B 227 34.45 37.84 -16.90
C PHE B 227 35.95 38.04 -16.99
N LYS B 228 36.42 39.09 -16.34
CA LYS B 228 37.83 39.48 -16.35
C LYS B 228 38.19 40.01 -14.98
N THR B 229 39.45 39.85 -14.59
CA THR B 229 39.90 40.21 -13.24
C THR B 229 40.76 41.46 -13.28
N PHE B 230 40.68 42.24 -12.22
CA PHE B 230 41.45 43.48 -12.07
C PHE B 230 42.65 43.22 -11.17
N LEU B 231 43.83 43.64 -11.62
CA LEU B 231 45.07 43.46 -10.89
C LEU B 231 45.65 44.83 -10.52
N ALA B 232 46.81 44.81 -9.88
CA ALA B 232 47.51 46.02 -9.48
C ALA B 232 49.00 45.85 -9.71
N VAL B 233 49.65 46.89 -10.22
CA VAL B 233 51.07 46.91 -10.48
C VAL B 233 51.69 48.09 -9.73
N TYR B 234 53.01 48.22 -9.86
CA TYR B 234 53.75 49.26 -9.16
C TYR B 234 54.63 50.03 -10.14
N ARG B 235 54.67 51.35 -9.97
CA ARG B 235 55.54 52.21 -10.75
C ARG B 235 56.74 52.60 -9.88
N VAL B 236 57.95 52.32 -10.37
CA VAL B 236 59.17 52.63 -9.64
C VAL B 236 59.44 54.13 -9.70
N ALA B 237 60.38 54.60 -8.88
CA ALA B 237 60.74 56.00 -8.86
C ALA B 237 61.37 56.47 -10.17
N ALA B 238 62.01 55.56 -10.91
CA ALA B 238 62.55 55.93 -12.21
C ALA B 238 61.45 56.19 -13.23
N GLY B 239 60.33 55.48 -13.14
CA GLY B 239 59.20 55.66 -14.03
C GLY B 239 58.70 54.38 -14.67
N SER B 240 59.50 53.31 -14.67
CA SER B 240 59.07 52.05 -15.25
C SER B 240 58.09 51.34 -14.33
N ILE B 241 57.42 50.34 -14.88
CA ILE B 241 56.44 49.54 -14.14
C ILE B 241 57.12 48.29 -13.60
N SER B 242 56.71 47.89 -12.41
CA SER B 242 57.22 46.68 -11.76
C SER B 242 56.06 45.88 -11.19
N VAL B 243 56.03 44.59 -11.48
CA VAL B 243 54.95 43.72 -11.04
C VAL B 243 55.34 43.08 -9.72
N ALA B 244 54.33 42.58 -9.00
CA ALA B 244 54.52 41.94 -7.71
C ALA B 244 53.94 40.54 -7.75
N SER B 245 54.45 39.68 -6.86
CA SER B 245 54.13 38.26 -6.91
C SER B 245 52.71 38.00 -6.41
N SER B 246 51.92 37.32 -7.25
CA SER B 246 50.57 36.91 -6.91
C SER B 246 50.17 35.78 -7.84
N ALA B 247 49.08 35.09 -7.47
CA ALA B 247 48.57 34.00 -8.28
C ALA B 247 47.10 33.81 -7.97
N TYR B 248 46.34 33.30 -8.95
CA TYR B 248 44.94 32.97 -8.75
C TYR B 248 44.58 31.80 -9.63
N TYR B 249 43.47 31.13 -9.27
CA TYR B 249 43.04 29.90 -9.91
C TYR B 249 41.56 29.98 -10.25
N VAL B 250 41.18 29.40 -11.39
CA VAL B 250 39.82 29.48 -11.90
C VAL B 250 39.31 28.07 -12.16
N GLY B 251 38.17 27.73 -11.56
CA GLY B 251 37.53 26.46 -11.81
C GLY B 251 36.07 26.66 -12.17
N TYR B 252 35.49 25.63 -12.79
CA TYR B 252 34.12 25.68 -13.29
C TYR B 252 33.24 24.67 -12.57
N LEU B 253 32.00 25.06 -12.32
CA LEU B 253 31.04 24.21 -11.64
C LEU B 253 30.28 23.34 -12.65
N LYS B 254 29.93 22.14 -12.20
CA LYS B 254 29.19 21.16 -13.00
C LYS B 254 27.97 20.68 -12.23
N PRO B 255 26.91 20.25 -12.94
CA PRO B 255 25.76 19.66 -12.24
C PRO B 255 26.10 18.30 -11.65
N LEU B 256 26.21 18.24 -10.32
CA LEU B 256 26.64 17.02 -9.64
C LEU B 256 25.79 16.80 -8.41
N THR B 257 25.87 15.60 -7.87
CA THR B 257 25.18 15.23 -6.64
C THR B 257 26.20 15.13 -5.52
N PHE B 258 26.00 15.93 -4.47
CA PHE B 258 26.89 15.92 -3.31
C PHE B 258 26.11 15.42 -2.10
N MET B 259 26.84 15.19 -1.01
CA MET B 259 26.27 14.61 0.20
C MET B 259 26.94 15.28 1.39
N LEU B 260 26.31 16.32 1.91
CA LEU B 260 26.89 17.20 2.92
C LEU B 260 26.49 16.76 4.32
N SER B 261 27.28 17.19 5.30
CA SER B 261 27.05 16.83 6.69
C SER B 261 27.06 18.08 7.55
N TYR B 262 26.22 18.08 8.59
CA TYR B 262 26.13 19.17 9.55
C TYR B 262 26.41 18.63 10.94
N ASP B 263 26.84 19.52 11.83
CA ASP B 263 27.20 19.16 13.19
C ASP B 263 26.60 20.19 14.14
N LEU B 264 27.05 20.15 15.39
CA LEU B 264 26.67 21.19 16.35
C LEU B 264 27.19 22.54 15.88
N ASN B 265 26.45 23.59 16.26
CA ASN B 265 26.52 24.98 15.78
C ASN B 265 26.07 25.13 14.33
N GLY B 266 25.64 24.05 13.67
CA GLY B 266 25.08 24.13 12.33
C GLY B 266 26.05 24.54 11.23
N THR B 267 27.26 23.99 11.24
CA THR B 267 28.26 24.29 10.22
C THR B 267 28.54 23.05 9.38
N ILE B 268 28.86 23.26 8.10
CA ILE B 268 29.24 22.15 7.24
C ILE B 268 30.69 21.76 7.53
N LYS B 269 30.91 20.49 7.85
CA LYS B 269 32.24 20.01 8.21
C LYS B 269 32.78 18.94 7.30
N ASN B 270 31.95 18.27 6.50
CA ASN B 270 32.42 17.23 5.60
C ASN B 270 31.47 17.14 4.41
N ALA B 271 32.00 16.61 3.31
CA ALA B 271 31.24 16.45 2.09
C ALA B 271 31.85 15.32 1.26
N VAL B 272 31.02 14.71 0.41
CA VAL B 272 31.44 13.62 -0.45
C VAL B 272 30.89 13.88 -1.85
N ASP B 273 31.78 13.86 -2.84
CA ASP B 273 31.38 13.94 -4.24
C ASP B 273 31.07 12.53 -4.74
N CYS B 274 29.79 12.28 -5.05
CA CYS B 274 29.33 10.92 -5.32
C CYS B 274 29.80 10.37 -6.66
N SER B 275 30.37 11.19 -7.53
CA SER B 275 30.76 10.75 -8.86
C SER B 275 32.26 10.61 -9.04
N GLN B 276 33.02 10.52 -7.94
CA GLN B 276 34.47 10.52 -8.04
C GLN B 276 35.02 9.10 -8.19
N ASP B 277 34.75 8.24 -7.21
CA ASP B 277 35.31 6.89 -7.17
C ASP B 277 34.22 5.93 -6.72
N PRO B 278 34.38 4.60 -6.93
CA PRO B 278 33.38 3.65 -6.43
C PRO B 278 33.17 3.70 -4.92
N LEU B 279 34.20 4.04 -4.15
CA LEU B 279 34.03 4.17 -2.70
C LEU B 279 33.10 5.33 -2.36
N ALA B 280 33.21 6.44 -3.09
CA ALA B 280 32.30 7.57 -2.88
C ALA B 280 30.88 7.21 -3.30
N GLU B 281 30.74 6.44 -4.38
CA GLU B 281 29.42 5.95 -4.79
C GLU B 281 28.80 5.06 -3.71
N LEU B 282 29.62 4.20 -3.11
CA LEU B 282 29.14 3.35 -2.01
C LEU B 282 28.76 4.18 -0.79
N LYS B 283 29.55 5.22 -0.50
CA LYS B 283 29.23 6.09 0.64
C LYS B 283 27.93 6.86 0.41
N CYS B 284 27.71 7.32 -0.82
CA CYS B 284 26.48 8.04 -1.13
C CYS B 284 25.27 7.13 -1.23
N THR B 285 25.47 5.85 -1.54
CA THR B 285 24.34 4.93 -1.65
C THR B 285 23.73 4.63 -0.28
N ILE B 286 24.58 4.33 0.71
CA ILE B 286 24.08 3.99 2.04
C ILE B 286 23.95 5.20 2.95
N LYS B 287 24.38 6.38 2.51
CA LYS B 287 24.28 7.65 3.24
C LYS B 287 24.99 7.57 4.59
N ASN B 288 26.29 7.29 4.54
CA ASN B 288 27.11 7.22 5.74
C ASN B 288 28.56 7.45 5.34
N PHE B 289 29.34 8.04 6.26
CA PHE B 289 30.75 8.22 6.01
C PHE B 289 31.57 6.98 6.32
N ASN B 290 31.07 6.10 7.18
CA ASN B 290 31.77 4.89 7.58
C ASN B 290 31.07 3.69 6.97
N VAL B 291 31.86 2.81 6.34
CA VAL B 291 31.34 1.61 5.70
C VAL B 291 31.96 0.39 6.38
N SER B 292 31.12 -0.56 6.75
CA SER B 292 31.59 -1.81 7.34
C SER B 292 32.02 -2.79 6.24
N LYS B 293 32.59 -3.91 6.66
CA LYS B 293 33.03 -4.93 5.73
C LYS B 293 31.83 -5.63 5.08
N GLY B 294 31.93 -5.85 3.77
CA GLY B 294 30.89 -6.56 3.05
C GLY B 294 30.91 -6.17 1.58
N ILE B 295 29.86 -6.60 0.89
CA ILE B 295 29.65 -6.30 -0.52
C ILE B 295 28.27 -5.69 -0.66
N TYR B 296 28.18 -4.55 -1.35
CA TYR B 296 26.96 -3.77 -1.42
C TYR B 296 26.65 -3.42 -2.87
N GLN B 297 25.36 -3.32 -3.18
CA GLN B 297 24.93 -2.82 -4.47
C GLN B 297 24.83 -1.29 -4.43
N THR B 298 25.26 -0.65 -5.50
CA THR B 298 25.33 0.80 -5.57
C THR B 298 24.46 1.32 -6.71
N SER B 299 23.90 2.51 -6.50
CA SER B 299 23.14 3.19 -7.53
C SER B 299 24.08 3.96 -8.46
N ASN B 300 23.55 4.34 -9.62
CA ASN B 300 24.38 4.97 -10.64
C ASN B 300 24.59 6.45 -10.36
N PHE B 301 25.85 6.86 -10.27
CA PHE B 301 26.19 8.26 -10.08
C PHE B 301 27.32 8.72 -10.99
N ARG B 302 27.87 7.85 -11.83
CA ARG B 302 29.15 8.10 -12.48
C ARG B 302 29.06 8.73 -13.85
N VAL B 303 27.94 8.57 -14.57
CA VAL B 303 27.88 9.04 -15.95
C VAL B 303 26.72 10.02 -16.09
N SER B 304 26.88 10.97 -17.01
CA SER B 304 25.90 11.99 -17.31
C SER B 304 26.06 12.41 -18.76
N PRO B 305 24.95 12.67 -19.47
CA PRO B 305 25.07 13.15 -20.85
C PRO B 305 25.61 14.57 -20.91
N THR B 306 26.30 14.88 -22.02
CA THR B 306 26.92 16.20 -22.16
C THR B 306 26.72 16.78 -23.56
N ARG B 307 25.77 16.26 -24.34
CA ARG B 307 25.55 16.74 -25.69
C ARG B 307 24.10 16.53 -26.08
N GLU B 308 23.67 17.27 -27.11
CA GLU B 308 22.33 17.19 -27.65
C GLU B 308 22.35 16.79 -29.12
N VAL B 309 21.35 16.01 -29.52
CA VAL B 309 21.18 15.58 -30.90
C VAL B 309 19.73 15.86 -31.31
N VAL B 310 19.55 16.56 -32.42
CA VAL B 310 18.23 16.93 -32.91
C VAL B 310 18.11 16.49 -34.37
N ARG B 311 17.06 15.75 -34.70
CA ARG B 311 16.78 15.31 -36.06
C ARG B 311 15.35 15.65 -36.41
N PHE B 312 15.16 16.43 -37.46
CA PHE B 312 13.87 16.93 -37.91
C PHE B 312 13.74 16.73 -39.41
N PRO B 313 12.51 16.67 -39.93
CA PRO B 313 12.33 16.60 -41.38
C PRO B 313 12.76 17.88 -42.06
N ASN B 314 13.11 17.76 -43.34
CA ASN B 314 13.76 18.83 -44.10
C ASN B 314 12.77 19.73 -44.83
N ILE B 315 11.55 19.86 -44.30
CA ILE B 315 10.54 20.70 -44.94
C ILE B 315 10.87 22.17 -44.64
N THR B 316 10.85 23.00 -45.68
CA THR B 316 11.27 24.39 -45.56
C THR B 316 10.21 25.41 -45.96
N ASN B 317 9.07 24.99 -46.50
CA ASN B 317 8.04 25.93 -46.91
C ASN B 317 7.31 26.49 -45.69
N ARG B 318 7.14 27.80 -45.66
CA ARG B 318 6.50 28.45 -44.53
C ARG B 318 4.99 28.27 -44.58
N CYS B 319 4.34 28.57 -43.46
CA CYS B 319 2.91 28.34 -43.33
C CYS B 319 2.13 29.62 -43.59
N PRO B 320 1.00 29.53 -44.29
CA PRO B 320 0.18 30.73 -44.52
C PRO B 320 -0.55 31.19 -43.26
N PHE B 321 -0.08 32.29 -42.67
CA PHE B 321 -0.71 32.89 -41.52
C PHE B 321 -1.56 34.10 -41.89
N ASP B 322 -1.12 34.91 -42.85
CA ASP B 322 -1.91 36.04 -43.30
C ASP B 322 -3.11 35.63 -44.14
N SER B 323 -3.09 34.41 -44.70
CA SER B 323 -4.25 33.94 -45.45
C SER B 323 -5.37 33.52 -44.51
N ILE B 324 -5.05 33.16 -43.28
CA ILE B 324 -6.05 32.70 -42.31
C ILE B 324 -6.45 33.84 -41.39
N PHE B 325 -5.46 34.44 -40.71
CA PHE B 325 -5.77 35.47 -39.73
C PHE B 325 -6.19 36.78 -40.40
N ASN B 326 -5.54 37.15 -41.50
CA ASN B 326 -5.79 38.40 -42.20
C ASN B 326 -6.62 38.20 -43.47
N ALA B 327 -7.61 37.33 -43.40
CA ALA B 327 -8.50 37.11 -44.55
C ALA B 327 -9.40 38.33 -44.77
N SER B 328 -10.00 38.38 -45.96
CA SER B 328 -10.83 39.52 -46.33
C SER B 328 -12.12 39.56 -45.51
N ARG B 329 -12.73 38.42 -45.26
CA ARG B 329 -13.96 38.37 -44.50
C ARG B 329 -14.06 37.03 -43.77
N PHE B 330 -14.88 37.01 -42.73
CA PHE B 330 -15.10 35.83 -41.90
C PHE B 330 -16.56 35.42 -41.94
N PRO B 331 -16.86 34.12 -41.89
CA PRO B 331 -18.25 33.68 -41.95
C PRO B 331 -18.97 33.86 -40.62
N SER B 332 -20.28 33.68 -40.67
CA SER B 332 -21.09 33.71 -39.46
C SER B 332 -20.83 32.48 -38.61
N VAL B 333 -21.23 32.56 -37.34
CA VAL B 333 -20.97 31.48 -36.41
C VAL B 333 -21.80 30.24 -36.74
N TYR B 334 -23.01 30.41 -37.26
CA TYR B 334 -23.83 29.25 -37.60
C TYR B 334 -23.36 28.56 -38.87
N ALA B 335 -22.52 29.23 -39.67
CA ALA B 335 -21.98 28.69 -40.91
C ALA B 335 -20.47 28.76 -40.91
N TRP B 336 -19.87 28.28 -39.83
CA TRP B 336 -18.42 28.30 -39.69
C TRP B 336 -17.77 27.34 -40.68
N GLU B 337 -16.53 27.66 -41.06
CA GLU B 337 -15.81 26.94 -42.11
C GLU B 337 -14.56 26.29 -41.54
N ARG B 338 -14.15 25.19 -42.16
CA ARG B 338 -12.98 24.42 -41.73
C ARG B 338 -11.97 24.37 -42.87
N THR B 339 -10.71 24.60 -42.52
CA THR B 339 -9.61 24.61 -43.49
C THR B 339 -8.51 23.67 -43.01
N LYS B 340 -8.02 22.84 -43.92
CA LYS B 340 -6.94 21.91 -43.60
C LYS B 340 -5.59 22.59 -43.83
N ILE B 341 -4.68 22.41 -42.87
CA ILE B 341 -3.33 22.97 -42.93
C ILE B 341 -2.35 21.81 -42.98
N SER B 342 -1.54 21.77 -44.03
CA SER B 342 -0.56 20.70 -44.19
C SER B 342 0.62 21.23 -44.99
N ASP B 343 1.75 20.53 -44.86
CA ASP B 343 3.03 20.89 -45.50
C ASP B 343 3.45 22.30 -45.11
N CYS B 344 3.70 22.47 -43.81
CA CYS B 344 3.92 23.79 -43.22
C CYS B 344 5.12 23.76 -42.29
N VAL B 345 5.69 24.95 -42.09
CA VAL B 345 6.61 25.22 -40.99
C VAL B 345 5.96 26.30 -40.14
N ALA B 346 5.57 25.96 -38.92
CA ALA B 346 4.75 26.82 -38.08
C ALA B 346 5.64 27.59 -37.11
N ASP B 347 5.79 28.89 -37.36
CA ASP B 347 6.49 29.78 -36.44
C ASP B 347 5.58 30.98 -36.18
N TYR B 348 5.16 31.13 -34.92
CA TYR B 348 4.24 32.20 -34.53
C TYR B 348 4.96 33.52 -34.28
N THR B 349 6.28 33.54 -34.43
CA THR B 349 7.07 34.76 -34.18
C THR B 349 6.75 35.85 -35.20
N VAL B 350 6.42 35.47 -36.44
CA VAL B 350 6.22 36.43 -37.52
C VAL B 350 5.01 37.33 -37.30
N LEU B 351 4.11 36.98 -36.40
CA LEU B 351 2.94 37.79 -36.10
C LEU B 351 3.13 38.72 -34.90
N TYR B 352 4.36 38.81 -34.38
CA TYR B 352 4.59 39.55 -33.15
C TYR B 352 4.46 41.06 -33.34
N ASN B 353 4.88 41.58 -34.49
CA ASN B 353 4.89 43.01 -34.73
C ASN B 353 3.70 43.49 -35.55
N SER B 354 2.70 42.65 -35.77
CA SER B 354 1.53 43.02 -36.56
C SER B 354 0.20 42.68 -35.93
N THR B 355 0.13 41.74 -34.99
CA THR B 355 -1.13 41.28 -34.43
C THR B 355 -1.14 41.46 -32.91
N LEU B 356 -2.35 41.49 -32.36
CA LEU B 356 -2.55 41.61 -30.92
C LEU B 356 -3.73 40.73 -30.54
N PHE B 357 -3.47 39.66 -29.81
CA PHE B 357 -4.49 38.68 -29.46
C PHE B 357 -4.91 38.89 -28.01
N SER B 358 -6.22 39.01 -27.80
CA SER B 358 -6.79 39.17 -26.46
C SER B 358 -7.11 37.83 -25.81
N THR B 359 -6.95 36.71 -26.51
CA THR B 359 -7.23 35.40 -25.96
C THR B 359 -6.33 34.38 -26.62
N PHE B 360 -5.59 33.63 -25.81
CA PHE B 360 -4.72 32.56 -26.31
C PHE B 360 -4.69 31.47 -25.25
N LYS B 361 -5.54 30.47 -25.41
CA LYS B 361 -5.65 29.36 -24.47
C LYS B 361 -5.48 28.06 -25.22
N CYS B 362 -4.61 27.18 -24.71
CA CYS B 362 -4.32 25.91 -25.34
C CYS B 362 -4.69 24.77 -24.40
N TYR B 363 -5.17 23.67 -24.99
CA TYR B 363 -5.65 22.52 -24.23
C TYR B 363 -4.90 21.28 -24.68
N GLY B 364 -4.40 20.51 -23.72
CA GLY B 364 -3.66 19.30 -24.00
C GLY B 364 -2.19 19.50 -24.29
N VAL B 365 -1.74 20.75 -24.41
CA VAL B 365 -0.34 21.07 -24.64
C VAL B 365 -0.08 22.48 -24.13
N SER B 366 1.01 22.66 -23.39
CA SER B 366 1.32 23.96 -22.83
C SER B 366 1.88 24.89 -23.89
N PRO B 367 1.64 26.19 -23.79
CA PRO B 367 2.34 27.16 -24.64
C PRO B 367 3.81 27.21 -24.29
N SER B 368 4.57 27.84 -25.20
CA SER B 368 6.05 27.84 -25.22
C SER B 368 6.63 26.44 -25.36
N LYS B 369 5.83 25.51 -25.87
CA LYS B 369 6.29 24.20 -26.29
C LYS B 369 5.94 23.89 -27.74
N LEU B 370 5.18 24.75 -28.41
CA LEU B 370 4.79 24.52 -29.79
C LEU B 370 5.94 24.74 -30.76
N ILE B 371 7.03 25.35 -30.30
CA ILE B 371 8.18 25.58 -31.17
C ILE B 371 8.89 24.26 -31.50
N ASP B 372 9.02 23.39 -30.51
CA ASP B 372 9.76 22.14 -30.65
C ASP B 372 8.82 20.94 -30.79
N LEU B 373 7.70 21.12 -31.47
CA LEU B 373 6.71 20.06 -31.63
C LEU B 373 6.31 19.92 -33.09
N CYS B 374 5.88 18.70 -33.45
CA CYS B 374 5.38 18.40 -34.78
C CYS B 374 3.96 17.85 -34.67
N PHE B 375 3.03 18.45 -35.39
CA PHE B 375 1.63 18.04 -35.38
C PHE B 375 1.28 17.37 -36.70
N THR B 376 0.52 16.27 -36.62
CA THR B 376 0.33 15.40 -37.78
C THR B 376 -0.98 15.64 -38.51
N SER B 377 -1.95 16.35 -37.92
CA SER B 377 -3.20 16.64 -38.59
C SER B 377 -3.76 17.93 -37.98
N VAL B 378 -3.58 19.05 -38.70
CA VAL B 378 -3.96 20.37 -38.20
C VAL B 378 -5.16 20.86 -38.99
N TYR B 379 -6.16 21.39 -38.28
CA TYR B 379 -7.34 21.99 -38.88
C TYR B 379 -7.59 23.35 -38.24
N ALA B 380 -8.23 24.24 -38.99
CA ALA B 380 -8.52 25.58 -38.52
C ALA B 380 -10.00 25.91 -38.78
N ASP B 381 -10.69 26.36 -37.75
CA ASP B 381 -12.08 26.77 -37.84
C ASP B 381 -12.18 28.27 -37.56
N THR B 382 -12.90 28.99 -38.41
CA THR B 382 -13.01 30.44 -38.31
C THR B 382 -14.47 30.85 -38.31
N PHE B 383 -14.82 31.78 -37.43
CA PHE B 383 -16.15 32.36 -37.37
C PHE B 383 -16.05 33.73 -36.70
N LEU B 384 -17.19 34.38 -36.50
CA LEU B 384 -17.23 35.74 -36.00
C LEU B 384 -18.39 35.87 -35.01
N ILE B 385 -18.06 36.24 -33.76
CA ILE B 385 -19.04 36.36 -32.69
C ILE B 385 -18.84 37.72 -32.00
N ARG B 386 -19.62 37.93 -30.95
CA ARG B 386 -19.49 39.11 -30.11
C ARG B 386 -18.33 38.95 -29.13
N PHE B 387 -17.97 40.05 -28.48
CA PHE B 387 -16.79 40.05 -27.61
C PHE B 387 -17.05 39.31 -26.31
N SER B 388 -18.29 39.34 -25.82
CA SER B 388 -18.61 38.69 -24.55
C SER B 388 -18.84 37.19 -24.69
N GLU B 389 -18.95 36.68 -25.92
CA GLU B 389 -19.24 35.27 -26.15
C GLU B 389 -17.99 34.42 -26.36
N VAL B 390 -16.79 35.00 -26.22
CA VAL B 390 -15.56 34.25 -26.40
C VAL B 390 -15.40 33.21 -25.30
N ARG B 391 -15.89 33.50 -24.09
CA ARG B 391 -15.77 32.57 -22.98
C ARG B 391 -16.55 31.28 -23.19
N GLN B 392 -17.54 31.28 -24.09
CA GLN B 392 -18.29 30.06 -24.39
C GLN B 392 -17.54 29.13 -25.34
N VAL B 393 -16.46 29.59 -25.97
CA VAL B 393 -15.67 28.74 -26.87
C VAL B 393 -14.65 28.02 -25.99
N ALA B 394 -15.10 26.94 -25.37
CA ALA B 394 -14.29 26.14 -24.46
C ALA B 394 -14.99 24.80 -24.27
N PRO B 395 -14.24 23.73 -23.98
CA PRO B 395 -14.87 22.44 -23.72
C PRO B 395 -15.72 22.46 -22.46
N GLY B 396 -16.89 21.83 -22.54
CA GLY B 396 -17.80 21.76 -21.42
C GLY B 396 -18.41 23.07 -20.97
N GLU B 397 -18.85 23.90 -21.92
CA GLU B 397 -19.47 25.18 -21.63
C GLU B 397 -20.94 25.16 -22.03
N THR B 398 -21.64 26.22 -21.63
CA THR B 398 -23.04 26.41 -21.97
C THR B 398 -23.22 27.83 -22.52
N GLY B 399 -24.40 28.09 -23.06
CA GLY B 399 -24.71 29.36 -23.70
C GLY B 399 -25.25 29.16 -25.11
N VAL B 400 -25.60 30.30 -25.72
CA VAL B 400 -26.23 30.26 -27.04
C VAL B 400 -25.27 29.83 -28.14
N ILE B 401 -23.96 29.90 -27.90
CA ILE B 401 -22.98 29.49 -28.89
C ILE B 401 -22.57 28.03 -28.69
N ALA B 402 -22.48 27.59 -27.44
CA ALA B 402 -21.85 26.31 -27.13
C ALA B 402 -22.72 25.12 -27.50
N ASP B 403 -24.05 25.30 -27.59
CA ASP B 403 -24.92 24.17 -27.86
C ASP B 403 -25.71 24.29 -29.15
N TYR B 404 -25.88 25.49 -29.70
CA TYR B 404 -26.68 25.67 -30.90
C TYR B 404 -25.88 26.10 -32.13
N ASN B 405 -24.65 26.60 -31.95
CA ASN B 405 -23.86 27.07 -33.08
C ASN B 405 -22.54 26.32 -33.24
N TYR B 406 -21.76 26.17 -32.17
CA TYR B 406 -20.44 25.56 -32.28
C TYR B 406 -20.10 24.90 -30.95
N ARG B 407 -19.82 23.59 -31.00
CA ARG B 407 -19.57 22.82 -29.79
C ARG B 407 -18.22 22.11 -29.93
N LEU B 408 -17.39 22.23 -28.90
CA LEU B 408 -16.08 21.59 -28.81
C LEU B 408 -16.18 20.23 -28.13
N PRO B 409 -15.40 19.25 -28.56
CA PRO B 409 -15.41 17.95 -27.89
C PRO B 409 -14.77 18.03 -26.52
N ASP B 410 -15.10 17.03 -25.68
CA ASP B 410 -14.59 17.01 -24.32
C ASP B 410 -13.09 16.75 -24.27
N ASP B 411 -12.60 15.83 -25.11
CA ASP B 411 -11.17 15.54 -25.18
C ASP B 411 -10.52 16.36 -26.30
N PHE B 412 -10.65 17.67 -26.18
CA PHE B 412 -10.15 18.59 -27.19
C PHE B 412 -8.65 18.81 -27.00
N THR B 413 -7.91 18.82 -28.10
CA THR B 413 -6.49 19.14 -28.11
C THR B 413 -6.23 20.20 -29.17
N GLY B 414 -5.81 21.38 -28.74
CA GLY B 414 -5.58 22.48 -29.64
C GLY B 414 -5.58 23.80 -28.89
N CYS B 415 -5.70 24.88 -29.65
CA CYS B 415 -5.64 26.23 -29.08
C CYS B 415 -6.78 27.07 -29.63
N VAL B 416 -7.19 28.06 -28.84
CA VAL B 416 -8.27 28.98 -29.20
C VAL B 416 -7.69 30.39 -29.20
N ILE B 417 -7.85 31.10 -30.31
CA ILE B 417 -7.30 32.43 -30.51
C ILE B 417 -8.42 33.38 -30.90
N ALA B 418 -8.52 34.52 -30.23
CA ALA B 418 -9.52 35.52 -30.53
C ALA B 418 -8.92 36.91 -30.42
N TRP B 419 -9.44 37.83 -31.24
CA TRP B 419 -9.00 39.22 -31.22
C TRP B 419 -10.10 40.09 -31.80
N ASN B 420 -10.24 41.30 -31.24
CA ASN B 420 -11.30 42.20 -31.63
C ASN B 420 -11.03 42.80 -33.01
N THR B 421 -12.09 42.90 -33.81
CA THR B 421 -11.99 43.38 -35.20
C THR B 421 -13.07 44.41 -35.48
N ALA B 422 -13.19 45.40 -34.60
CA ALA B 422 -14.04 46.54 -34.90
C ALA B 422 -13.40 47.39 -36.01
N ASN B 423 -14.24 48.23 -36.63
CA ASN B 423 -13.90 49.07 -37.78
C ASN B 423 -13.44 48.25 -38.99
N GLN B 424 -13.73 46.96 -39.02
CA GLN B 424 -13.38 46.10 -40.15
C GLN B 424 -14.56 45.30 -40.67
N ASP B 425 -15.44 44.84 -39.79
CA ASP B 425 -16.62 44.06 -40.17
C ASP B 425 -17.85 44.89 -39.83
N VAL B 426 -18.61 45.27 -40.86
CA VAL B 426 -19.70 46.22 -40.71
C VAL B 426 -21.07 45.60 -41.00
N GLY B 427 -21.15 44.58 -41.84
CA GLY B 427 -22.42 44.00 -42.21
C GLY B 427 -23.11 43.25 -41.08
N SER B 428 -24.31 42.77 -41.38
CA SER B 428 -25.14 42.05 -40.42
C SER B 428 -24.86 40.57 -40.51
N TYR B 429 -24.80 39.90 -39.36
CA TYR B 429 -24.50 38.48 -39.28
C TYR B 429 -25.57 37.79 -38.45
N PHE B 430 -25.55 36.47 -38.43
CA PHE B 430 -26.65 35.67 -37.91
C PHE B 430 -26.15 34.60 -36.95
N TYR B 431 -27.05 34.14 -36.09
CA TYR B 431 -26.77 33.07 -35.15
C TYR B 431 -28.08 32.39 -34.77
N ARG B 432 -27.95 31.21 -34.17
CA ARG B 432 -29.11 30.40 -33.81
C ARG B 432 -29.59 30.76 -32.41
N SER B 433 -30.82 31.28 -32.32
CA SER B 433 -31.39 31.59 -31.02
C SER B 433 -31.88 30.35 -30.29
N HIS B 434 -32.50 29.42 -31.02
CA HIS B 434 -33.10 28.26 -30.39
C HIS B 434 -33.05 27.08 -31.36
N ARG B 435 -33.21 25.88 -30.79
CA ARG B 435 -33.17 24.65 -31.55
C ARG B 435 -33.94 23.59 -30.78
N SER B 436 -34.33 22.53 -31.50
CA SER B 436 -35.04 21.43 -30.85
C SER B 436 -34.12 20.66 -29.93
N THR B 437 -32.92 20.32 -30.41
CA THR B 437 -31.91 19.68 -29.58
C THR B 437 -30.61 20.46 -29.68
N LYS B 438 -29.59 20.04 -28.95
CA LYS B 438 -28.29 20.69 -28.97
C LYS B 438 -27.33 19.93 -29.88
N LEU B 439 -26.35 20.67 -30.41
CA LEU B 439 -25.48 20.13 -31.44
C LEU B 439 -24.46 19.17 -30.87
N LYS B 440 -24.06 18.21 -31.70
CA LYS B 440 -22.93 17.34 -31.43
C LYS B 440 -21.63 18.12 -31.67
N PRO B 441 -20.51 17.67 -31.10
CA PRO B 441 -19.24 18.35 -31.36
C PRO B 441 -18.84 18.34 -32.83
N PHE B 442 -18.30 19.49 -33.28
CA PHE B 442 -17.81 19.69 -34.65
C PHE B 442 -18.88 19.43 -35.70
N GLU B 443 -20.08 19.96 -35.46
CA GLU B 443 -21.19 19.86 -36.42
C GLU B 443 -21.84 21.22 -36.57
N ARG B 444 -22.48 21.42 -37.72
CA ARG B 444 -23.15 22.68 -38.02
C ARG B 444 -24.51 22.41 -38.63
N ASP B 445 -25.38 23.41 -38.56
CA ASP B 445 -26.72 23.37 -39.13
C ASP B 445 -26.92 24.60 -40.00
N LEU B 446 -27.07 24.39 -41.31
CA LEU B 446 -27.16 25.48 -42.26
C LEU B 446 -28.59 25.83 -42.64
N SER B 447 -29.58 25.24 -41.99
CA SER B 447 -30.98 25.51 -42.32
C SER B 447 -31.36 26.90 -41.82
N SER B 448 -31.99 27.69 -42.70
CA SER B 448 -32.41 29.04 -42.37
C SER B 448 -33.92 29.19 -42.22
N ASP B 449 -34.70 28.57 -43.11
CA ASP B 449 -36.15 28.63 -43.06
C ASP B 449 -36.69 27.31 -42.53
N GLU B 450 -37.54 27.39 -41.52
CA GLU B 450 -38.14 26.24 -40.87
C GLU B 450 -39.63 26.17 -41.21
N ASN B 451 -40.33 25.24 -40.55
CA ASN B 451 -41.73 24.98 -40.88
C ASN B 451 -42.62 26.17 -40.55
N GLY B 452 -42.54 26.69 -39.32
CA GLY B 452 -43.43 27.76 -38.93
C GLY B 452 -42.78 29.07 -38.54
N VAL B 453 -41.59 29.00 -37.94
CA VAL B 453 -40.91 30.19 -37.42
C VAL B 453 -39.46 30.16 -37.86
N ARG B 454 -38.84 31.33 -37.88
CA ARG B 454 -37.42 31.44 -38.21
C ARG B 454 -36.58 31.23 -36.96
N THR B 455 -35.43 30.56 -37.14
CA THR B 455 -34.53 30.26 -36.04
C THR B 455 -33.30 31.15 -35.99
N LEU B 456 -33.03 31.91 -37.04
CA LEU B 456 -31.83 32.75 -37.10
C LEU B 456 -32.16 34.17 -36.63
N SER B 457 -31.37 34.66 -35.69
CA SER B 457 -31.48 36.04 -35.21
C SER B 457 -30.22 36.79 -35.61
N THR B 458 -30.36 38.10 -35.75
CA THR B 458 -29.29 38.93 -36.29
C THR B 458 -28.78 39.92 -35.25
N TYR B 459 -27.48 40.19 -35.29
CA TYR B 459 -26.87 41.31 -34.59
C TYR B 459 -26.13 42.19 -35.58
N ASP B 460 -26.22 43.49 -35.37
CA ASP B 460 -25.54 44.46 -36.22
C ASP B 460 -24.19 44.85 -35.61
N PHE B 461 -23.23 45.12 -36.49
CA PHE B 461 -21.86 45.42 -36.08
C PHE B 461 -21.47 46.78 -36.63
N ASN B 462 -21.39 47.77 -35.76
CA ASN B 462 -20.91 49.10 -36.12
C ASN B 462 -19.90 49.54 -35.06
N PRO B 463 -18.97 50.41 -35.41
CA PRO B 463 -17.99 50.87 -34.42
C PRO B 463 -18.59 51.64 -33.25
N ASN B 464 -19.79 52.18 -33.40
CA ASN B 464 -20.44 52.93 -32.33
C ASN B 464 -21.20 52.03 -31.35
N VAL B 465 -21.18 50.72 -31.55
CA VAL B 465 -21.83 49.76 -30.66
C VAL B 465 -20.99 49.69 -29.39
N PRO B 466 -21.56 49.34 -28.24
CA PRO B 466 -20.76 49.19 -27.02
C PRO B 466 -19.73 48.07 -27.12
N LEU B 467 -18.82 48.06 -26.14
CA LEU B 467 -17.69 47.13 -26.16
C LEU B 467 -18.14 45.68 -26.00
N ASP B 468 -19.25 45.44 -25.29
CA ASP B 468 -19.71 44.08 -25.08
C ASP B 468 -20.32 43.49 -26.35
N TYR B 469 -20.74 44.33 -27.29
CA TYR B 469 -21.41 43.88 -28.51
C TYR B 469 -20.54 44.00 -29.75
N GLN B 470 -19.23 44.18 -29.59
CA GLN B 470 -18.34 44.39 -30.72
C GLN B 470 -17.93 43.06 -31.35
N ALA B 471 -17.64 43.10 -32.65
CA ALA B 471 -17.35 41.90 -33.41
C ALA B 471 -15.88 41.50 -33.29
N THR B 472 -15.63 40.24 -32.93
CA THR B 472 -14.29 39.70 -32.84
C THR B 472 -14.18 38.45 -33.71
N ARG B 473 -12.96 38.16 -34.15
CA ARG B 473 -12.67 37.00 -34.98
C ARG B 473 -12.06 35.91 -34.11
N VAL B 474 -12.55 34.67 -34.29
CA VAL B 474 -12.09 33.53 -33.51
C VAL B 474 -11.51 32.49 -34.45
N VAL B 475 -10.31 32.01 -34.14
CA VAL B 475 -9.65 30.94 -34.88
C VAL B 475 -9.38 29.80 -33.90
N VAL B 476 -9.84 28.60 -34.24
CA VAL B 476 -9.69 27.43 -33.39
C VAL B 476 -8.84 26.41 -34.14
N LEU B 477 -7.73 26.00 -33.53
CA LEU B 477 -6.85 25.00 -34.09
C LEU B 477 -6.99 23.69 -33.31
N SER B 478 -6.76 22.59 -34.01
CA SER B 478 -6.87 21.27 -33.40
C SER B 478 -5.85 20.35 -34.05
N PHE B 479 -5.17 19.54 -33.22
CA PHE B 479 -4.14 18.64 -33.72
C PHE B 479 -4.01 17.45 -32.78
N GLU B 480 -3.23 16.46 -33.20
CA GLU B 480 -2.92 15.28 -32.41
C GLU B 480 -1.60 14.67 -32.90
N LEU B 481 -1.07 13.74 -32.12
CA LEU B 481 0.24 13.16 -32.36
C LEU B 481 0.11 11.65 -32.53
N LEU B 482 0.73 11.13 -33.59
CA LEU B 482 0.65 9.72 -33.95
C LEU B 482 2.05 9.18 -34.26
N ASN B 483 2.10 7.90 -34.63
CA ASN B 483 3.32 7.26 -35.14
C ASN B 483 3.39 7.35 -36.67
N ALA B 484 3.24 8.56 -37.18
CA ALA B 484 3.16 8.86 -38.60
C ALA B 484 3.96 10.14 -38.86
N PRO B 485 4.41 10.35 -40.11
CA PRO B 485 5.00 11.64 -40.45
C PRO B 485 4.01 12.78 -40.25
N ALA B 486 4.53 13.93 -39.81
CA ALA B 486 3.67 15.00 -39.32
C ALA B 486 3.33 16.07 -40.34
N THR B 487 4.29 16.45 -41.20
CA THR B 487 4.17 17.45 -42.27
C THR B 487 3.94 18.87 -41.76
N VAL B 488 3.79 19.06 -40.46
CA VAL B 488 3.71 20.38 -39.84
C VAL B 488 4.65 20.36 -38.65
N CYS B 489 5.70 21.18 -38.69
CA CYS B 489 6.69 21.18 -37.63
C CYS B 489 7.14 22.58 -37.27
N GLY B 490 8.05 22.69 -36.30
CA GLY B 490 8.58 23.96 -35.89
C GLY B 490 9.92 24.25 -36.55
N PRO B 491 10.45 25.44 -36.32
CA PRO B 491 11.71 25.85 -36.95
C PRO B 491 12.95 25.36 -36.21
N LYS B 492 13.15 24.05 -36.22
CA LYS B 492 14.36 23.45 -35.64
C LYS B 492 15.29 22.96 -36.74
N LEU B 493 16.59 22.96 -36.44
CA LEU B 493 17.62 22.55 -37.38
C LEU B 493 18.18 21.20 -36.97
N SER B 494 18.31 20.30 -37.93
CA SER B 494 18.82 18.96 -37.65
C SER B 494 20.34 19.01 -37.39
N THR B 495 20.81 18.00 -36.66
CA THR B 495 22.22 17.91 -36.29
C THR B 495 22.82 16.58 -36.69
N GLU B 496 24.05 16.31 -36.26
CA GLU B 496 24.75 15.08 -36.63
C GLU B 496 24.55 13.99 -35.58
N LEU B 497 24.33 12.77 -36.05
CA LEU B 497 24.02 11.63 -35.19
C LEU B 497 25.25 10.75 -34.96
N VAL B 498 26.26 11.32 -34.30
CA VAL B 498 27.40 10.52 -33.87
C VAL B 498 26.97 9.62 -32.71
N LYS B 499 27.43 8.37 -32.73
CA LYS B 499 26.90 7.30 -31.92
C LYS B 499 27.79 7.00 -30.72
N ASN B 500 27.37 6.01 -29.94
CA ASN B 500 28.14 5.40 -28.85
C ASN B 500 28.47 6.38 -27.72
N GLN B 501 27.60 7.36 -27.48
CA GLN B 501 27.76 8.28 -26.36
C GLN B 501 26.42 8.47 -25.67
N CYS B 502 26.49 8.92 -24.42
CA CYS B 502 25.28 9.29 -23.68
C CYS B 502 24.77 10.61 -24.24
N VAL B 503 23.77 10.55 -25.12
CA VAL B 503 23.26 11.73 -25.81
C VAL B 503 21.84 12.01 -25.36
N ASN B 504 21.25 13.10 -25.84
CA ASN B 504 19.83 13.38 -25.68
C ASN B 504 19.25 13.64 -27.06
N PHE B 505 18.52 12.68 -27.59
CA PHE B 505 17.98 12.80 -28.92
C PHE B 505 16.59 13.47 -28.89
N ASN B 506 16.28 14.17 -29.97
CA ASN B 506 14.97 14.80 -30.16
C ASN B 506 14.48 14.37 -31.54
N PHE B 507 13.89 13.18 -31.62
CA PHE B 507 13.28 12.69 -32.84
C PHE B 507 11.78 12.97 -32.82
N ASN B 508 11.47 14.26 -32.66
CA ASN B 508 10.15 14.84 -32.34
C ASN B 508 9.73 14.50 -30.91
N GLY B 509 10.56 13.77 -30.18
CA GLY B 509 10.31 13.49 -28.78
C GLY B 509 11.63 13.42 -28.04
N LEU B 510 11.59 13.82 -26.76
CA LEU B 510 12.80 14.00 -25.98
C LEU B 510 13.05 12.79 -25.08
N LYS B 511 14.28 12.29 -25.12
CA LYS B 511 14.77 11.22 -24.24
C LYS B 511 16.29 11.19 -24.34
N GLY B 512 16.96 10.99 -23.21
CA GLY B 512 18.41 10.95 -23.23
C GLY B 512 19.02 9.59 -22.92
N THR B 513 19.58 8.94 -23.94
CA THR B 513 20.21 7.62 -23.80
C THR B 513 21.40 7.55 -24.76
N GLY B 514 21.87 6.33 -25.04
CA GLY B 514 22.93 6.10 -26.00
C GLY B 514 22.39 5.63 -27.33
N VAL B 515 23.23 5.73 -28.36
CA VAL B 515 22.80 5.48 -29.77
C VAL B 515 23.88 4.70 -30.50
N LEU B 516 23.46 3.84 -31.43
CA LEU B 516 24.34 3.12 -32.39
C LEU B 516 23.42 2.41 -33.38
N THR B 517 23.98 1.54 -34.25
CA THR B 517 23.29 1.15 -35.49
C THR B 517 22.44 -0.07 -35.27
N SER B 518 21.22 -0.08 -35.84
CA SER B 518 20.22 -1.11 -35.60
C SER B 518 19.93 -1.87 -36.89
N SER B 519 19.60 -3.15 -36.76
CA SER B 519 19.11 -3.92 -37.90
C SER B 519 17.68 -3.52 -38.25
N SER B 520 16.79 -3.53 -37.24
CA SER B 520 15.43 -2.99 -37.32
C SER B 520 14.59 -3.67 -38.40
N LYS B 521 14.32 -4.95 -38.18
CA LYS B 521 13.51 -5.70 -39.14
C LYS B 521 12.05 -5.28 -39.10
N ARG B 522 11.52 -4.96 -37.91
CA ARG B 522 10.09 -4.76 -37.73
C ARG B 522 9.75 -3.27 -37.87
N PHE B 523 9.73 -2.79 -39.12
CA PHE B 523 9.32 -1.43 -39.44
C PHE B 523 8.35 -1.47 -40.62
N GLN B 524 7.06 -1.52 -40.31
CA GLN B 524 6.02 -1.54 -41.32
C GLN B 524 5.06 -0.38 -41.07
N SER B 525 4.40 0.04 -42.16
CA SER B 525 3.29 1.01 -42.14
C SER B 525 3.70 2.36 -41.53
N PHE B 526 4.60 3.04 -42.25
CA PHE B 526 5.12 4.38 -41.97
C PHE B 526 5.41 4.62 -40.49
N GLN B 527 6.33 3.82 -39.97
CA GLN B 527 6.67 3.81 -38.55
C GLN B 527 7.89 4.69 -38.27
N GLN B 528 7.93 5.26 -37.07
CA GLN B 528 9.05 6.08 -36.63
C GLN B 528 9.82 5.45 -35.48
N PHE B 529 9.15 5.11 -34.38
CA PHE B 529 9.81 4.60 -33.19
C PHE B 529 9.33 3.18 -32.88
N GLY B 530 10.28 2.26 -32.69
CA GLY B 530 9.99 0.87 -32.44
C GLY B 530 9.88 0.48 -30.98
N ARG B 531 8.81 0.94 -30.31
CA ARG B 531 8.62 0.66 -28.89
C ARG B 531 8.38 -0.84 -28.65
N ASP B 532 8.39 -1.22 -27.38
CA ASP B 532 8.23 -2.61 -26.98
C ASP B 532 7.30 -2.66 -25.77
N ALA B 533 7.28 -3.81 -25.09
CA ALA B 533 6.50 -3.95 -23.87
C ALA B 533 7.05 -3.02 -22.79
N SER B 534 6.14 -2.57 -21.91
CA SER B 534 6.40 -1.58 -20.85
C SER B 534 6.81 -0.22 -21.41
N ASP B 535 6.55 0.02 -22.70
CA ASP B 535 6.70 1.32 -23.37
C ASP B 535 8.11 1.88 -23.27
N PHE B 536 9.12 1.02 -23.33
CA PHE B 536 10.51 1.48 -23.40
C PHE B 536 10.85 1.78 -24.85
N THR B 537 11.60 2.86 -25.08
CA THR B 537 11.87 3.29 -26.43
C THR B 537 13.17 2.70 -26.96
N ASP B 538 13.08 2.06 -28.13
CA ASP B 538 14.24 1.59 -28.88
C ASP B 538 13.88 1.65 -30.35
N SER B 539 14.92 1.62 -31.20
CA SER B 539 14.79 1.48 -32.66
C SER B 539 13.97 2.60 -33.29
N VAL B 540 14.51 3.82 -33.24
CA VAL B 540 13.92 4.97 -33.91
C VAL B 540 14.71 5.26 -35.18
N ARG B 541 14.04 5.86 -36.15
CA ARG B 541 14.59 6.13 -37.47
C ARG B 541 14.76 7.63 -37.66
N ASP B 542 15.68 8.00 -38.56
CA ASP B 542 15.85 9.40 -38.91
C ASP B 542 14.62 9.89 -39.66
N PRO B 543 14.08 11.07 -39.34
CA PRO B 543 12.80 11.48 -39.93
C PRO B 543 12.85 11.78 -41.42
N GLN B 544 14.04 12.05 -41.98
CA GLN B 544 14.14 12.25 -43.42
C GLN B 544 14.78 11.09 -44.16
N THR B 545 15.79 10.42 -43.59
CA THR B 545 16.40 9.27 -44.22
C THR B 545 15.65 8.01 -43.81
N LEU B 546 16.19 6.84 -44.12
CA LEU B 546 15.57 5.57 -43.76
C LEU B 546 16.39 4.77 -42.76
N GLU B 547 17.54 5.28 -42.34
CA GLU B 547 18.39 4.55 -41.40
C GLU B 547 17.78 4.58 -40.00
N ILE B 548 17.88 3.46 -39.30
CA ILE B 548 17.24 3.27 -37.99
C ILE B 548 18.31 2.95 -36.97
N LEU B 549 18.32 3.69 -35.87
CA LEU B 549 19.34 3.58 -34.82
C LEU B 549 18.81 2.72 -33.67
N ASP B 550 19.61 2.61 -32.62
CA ASP B 550 19.22 1.93 -31.39
C ASP B 550 19.14 2.93 -30.25
N ILE B 551 18.07 2.87 -29.48
CA ILE B 551 17.98 3.54 -28.19
C ILE B 551 18.16 2.51 -27.09
N THR B 552 19.29 2.59 -26.39
CA THR B 552 19.67 1.71 -25.30
C THR B 552 20.15 2.54 -24.13
N PRO B 553 19.79 2.17 -22.89
CA PRO B 553 20.19 2.96 -21.72
C PRO B 553 21.69 2.93 -21.53
N CYS B 554 22.29 4.11 -21.35
CA CYS B 554 23.74 4.20 -21.22
C CYS B 554 24.21 4.02 -19.78
N SER B 555 23.32 3.63 -18.88
CA SER B 555 23.65 3.14 -17.55
C SER B 555 22.89 1.82 -17.38
N PHE B 556 23.50 0.73 -17.85
CA PHE B 556 22.86 -0.58 -17.86
C PHE B 556 23.46 -1.45 -16.77
N GLY B 557 22.61 -2.28 -16.17
CA GLY B 557 23.07 -3.31 -15.25
C GLY B 557 23.40 -2.79 -13.87
N GLY B 558 23.74 -3.70 -12.97
CA GLY B 558 24.12 -3.36 -11.61
C GLY B 558 25.54 -3.73 -11.31
N VAL B 559 26.22 -2.87 -10.54
CA VAL B 559 27.58 -3.11 -10.12
C VAL B 559 27.60 -3.23 -8.60
N SER B 560 28.64 -3.88 -8.08
CA SER B 560 28.79 -4.08 -6.66
C SER B 560 30.20 -3.69 -6.25
N VAL B 561 30.32 -3.19 -5.02
CA VAL B 561 31.60 -2.72 -4.48
C VAL B 561 31.94 -3.57 -3.27
N ILE B 562 33.13 -4.18 -3.29
CA ILE B 562 33.62 -5.00 -2.20
C ILE B 562 34.61 -4.18 -1.41
N THR B 563 34.37 -4.06 -0.10
CA THR B 563 35.26 -3.28 0.75
C THR B 563 35.63 -4.08 2.00
N PRO B 564 36.84 -3.88 2.54
CA PRO B 564 37.19 -4.48 3.82
C PRO B 564 36.83 -3.64 5.02
N GLY B 565 36.14 -2.51 4.82
CA GLY B 565 35.83 -1.61 5.90
C GLY B 565 36.68 -0.36 5.87
N THR B 566 36.08 0.80 6.14
CA THR B 566 36.83 2.05 6.11
C THR B 566 37.79 2.18 7.29
N ASN B 567 37.55 1.44 8.37
CA ASN B 567 38.49 1.44 9.49
C ASN B 567 39.79 0.71 9.16
N ALA B 568 39.77 -0.19 8.18
CA ALA B 568 40.95 -0.97 7.80
C ALA B 568 41.69 -0.38 6.62
N SER B 569 41.00 -0.06 5.53
CA SER B 569 41.65 0.46 4.33
C SER B 569 40.63 1.30 3.57
N SER B 570 41.06 1.81 2.40
CA SER B 570 40.19 2.61 1.56
C SER B 570 40.14 2.10 0.13
N GLU B 571 40.79 0.98 -0.18
CA GLU B 571 40.75 0.40 -1.51
C GLU B 571 39.56 -0.55 -1.63
N VAL B 572 39.02 -0.66 -2.84
CA VAL B 572 37.81 -1.43 -3.11
C VAL B 572 38.03 -2.31 -4.32
N ALA B 573 37.06 -3.17 -4.58
CA ALA B 573 37.00 -4.00 -5.77
C ALA B 573 35.60 -3.94 -6.34
N VAL B 574 35.50 -3.94 -7.67
CA VAL B 574 34.23 -3.75 -8.36
C VAL B 574 33.87 -5.03 -9.11
N LEU B 575 32.62 -5.44 -9.01
CA LEU B 575 32.09 -6.60 -9.72
C LEU B 575 31.04 -6.15 -10.72
N TYR B 576 31.20 -6.55 -11.98
CA TYR B 576 30.28 -6.20 -13.06
C TYR B 576 29.51 -7.46 -13.44
N GLN B 577 28.23 -7.52 -13.08
CA GLN B 577 27.45 -8.72 -13.27
C GLN B 577 27.02 -8.88 -14.72
N ASP B 578 27.13 -10.12 -15.22
CA ASP B 578 26.74 -10.50 -16.59
C ASP B 578 27.46 -9.66 -17.64
N VAL B 579 28.73 -9.37 -17.40
CA VAL B 579 29.55 -8.58 -18.31
C VAL B 579 30.86 -9.32 -18.52
N ASN B 580 31.20 -9.60 -19.78
CA ASN B 580 32.49 -10.22 -20.09
C ASN B 580 33.62 -9.25 -19.77
N CYS B 581 34.77 -9.82 -19.39
CA CYS B 581 35.88 -9.01 -18.88
C CYS B 581 36.51 -8.13 -19.95
N THR B 582 36.32 -8.44 -21.23
CA THR B 582 36.84 -7.60 -22.30
C THR B 582 35.84 -6.56 -22.78
N ASP B 583 34.59 -6.60 -22.30
CA ASP B 583 33.56 -5.66 -22.70
C ASP B 583 33.25 -4.66 -21.60
N VAL B 584 34.07 -4.60 -20.55
CA VAL B 584 33.81 -3.67 -19.44
C VAL B 584 33.90 -2.19 -19.85
N PRO B 585 34.94 -1.72 -20.58
CA PRO B 585 34.94 -0.28 -20.93
C PRO B 585 33.77 0.16 -21.80
N THR B 586 33.27 -0.71 -22.68
CA THR B 586 32.12 -0.34 -23.49
C THR B 586 30.82 -0.36 -22.69
N ALA B 587 30.75 -1.22 -21.66
CA ALA B 587 29.49 -1.39 -20.93
C ALA B 587 29.22 -0.22 -19.98
N ILE B 588 30.26 0.33 -19.35
CA ILE B 588 30.09 1.37 -18.35
C ILE B 588 30.46 2.75 -18.88
N ARG B 589 30.79 2.85 -20.17
CA ARG B 589 31.18 4.09 -20.84
C ARG B 589 32.38 4.74 -20.15
N ALA B 590 33.50 4.00 -20.14
CA ALA B 590 34.67 4.38 -19.35
C ALA B 590 35.38 5.62 -19.89
N ASP B 591 35.17 5.97 -21.16
CA ASP B 591 35.85 7.14 -21.72
C ASP B 591 35.24 8.45 -21.23
N GLN B 592 34.02 8.43 -20.70
CA GLN B 592 33.36 9.62 -20.19
C GLN B 592 33.43 9.73 -18.68
N LEU B 593 34.18 8.86 -18.01
CA LEU B 593 34.25 8.85 -16.56
C LEU B 593 35.52 9.57 -16.10
N THR B 594 35.64 9.72 -14.79
CA THR B 594 36.83 10.29 -14.19
C THR B 594 38.00 9.33 -14.34
N PRO B 595 39.24 9.84 -14.31
CA PRO B 595 40.40 8.94 -14.33
C PRO B 595 40.47 7.99 -13.15
N ALA B 596 39.91 8.36 -12.00
CA ALA B 596 39.85 7.43 -10.87
C ALA B 596 38.93 6.26 -11.17
N TRP B 597 37.83 6.50 -11.87
CA TRP B 597 36.92 5.42 -12.26
C TRP B 597 37.50 4.57 -13.39
N ARG B 598 38.44 5.10 -14.16
CA ARG B 598 38.99 4.35 -15.29
C ARG B 598 39.97 3.27 -14.88
N VAL B 599 40.54 3.35 -13.67
CA VAL B 599 41.48 2.32 -13.23
C VAL B 599 40.78 1.05 -12.77
N TYR B 600 39.46 1.08 -12.61
CA TYR B 600 38.68 -0.11 -12.28
C TYR B 600 37.98 -0.68 -13.50
N SER B 601 38.34 -0.25 -14.70
CA SER B 601 37.77 -0.77 -15.93
C SER B 601 38.70 -1.72 -16.67
N THR B 602 39.99 -1.71 -16.35
CA THR B 602 40.96 -2.60 -16.97
C THR B 602 42.14 -2.76 -16.02
N GLY B 603 43.21 -3.37 -16.50
CA GLY B 603 44.40 -3.56 -15.69
C GLY B 603 44.90 -4.99 -15.67
N VAL B 604 45.68 -5.33 -14.64
CA VAL B 604 46.20 -6.69 -14.51
C VAL B 604 45.42 -7.52 -13.49
N ASN B 605 44.66 -6.89 -12.60
CA ASN B 605 43.86 -7.63 -11.62
C ASN B 605 42.43 -7.82 -12.12
N VAL B 606 42.32 -8.56 -13.21
CA VAL B 606 41.04 -8.82 -13.88
C VAL B 606 40.77 -10.32 -13.77
N PHE B 607 39.64 -10.68 -13.18
CA PHE B 607 39.25 -12.07 -12.99
C PHE B 607 37.82 -12.27 -13.46
N GLN B 608 37.60 -13.38 -14.17
CA GLN B 608 36.29 -13.69 -14.74
C GLN B 608 35.66 -14.83 -13.94
N THR B 609 34.50 -14.55 -13.35
CA THR B 609 33.74 -15.54 -12.59
C THR B 609 32.43 -15.81 -13.31
N GLN B 610 31.65 -16.76 -12.77
CA GLN B 610 30.33 -17.02 -13.30
C GLN B 610 29.32 -15.95 -12.91
N ALA B 611 29.61 -15.17 -11.87
CA ALA B 611 28.76 -14.05 -11.47
C ALA B 611 29.08 -12.77 -12.22
N GLY B 612 30.15 -12.75 -13.00
CA GLY B 612 30.55 -11.58 -13.75
C GLY B 612 32.04 -11.37 -13.66
N CYS B 613 32.48 -10.18 -14.07
CA CYS B 613 33.89 -9.83 -14.09
C CYS B 613 34.24 -9.04 -12.83
N LEU B 614 35.29 -9.48 -12.14
CA LEU B 614 35.72 -8.86 -10.89
C LEU B 614 37.06 -8.17 -11.14
N ILE B 615 37.12 -6.87 -10.87
CA ILE B 615 38.30 -6.06 -11.11
C ILE B 615 38.72 -5.41 -9.80
N GLY B 616 40.00 -5.53 -9.46
CA GLY B 616 40.55 -4.97 -8.24
C GLY B 616 41.11 -5.98 -7.26
N ALA B 617 40.93 -7.28 -7.48
CA ALA B 617 41.46 -8.30 -6.61
C ALA B 617 42.21 -9.33 -7.44
N GLU B 618 43.27 -9.89 -6.86
CA GLU B 618 44.08 -10.89 -7.54
C GLU B 618 43.63 -12.29 -7.13
N HIS B 619 43.79 -13.22 -8.06
CA HIS B 619 43.35 -14.59 -7.85
C HIS B 619 44.41 -15.38 -7.08
N VAL B 620 43.96 -16.18 -6.13
CA VAL B 620 44.82 -17.00 -5.29
C VAL B 620 44.39 -18.45 -5.43
N ASN B 621 45.36 -19.33 -5.72
CA ASN B 621 45.05 -20.73 -5.99
C ASN B 621 44.71 -21.51 -4.72
N ALA B 622 44.98 -20.96 -3.54
CA ALA B 622 44.65 -21.64 -2.31
C ALA B 622 43.15 -21.54 -2.02
N SER B 623 42.68 -22.37 -1.10
CA SER B 623 41.28 -22.41 -0.72
C SER B 623 41.15 -22.13 0.77
N TYR B 624 40.20 -21.26 1.12
CA TYR B 624 39.95 -20.87 2.49
C TYR B 624 38.44 -20.90 2.75
N GLU B 625 38.06 -20.64 4.00
CA GLU B 625 36.66 -20.47 4.32
C GLU B 625 36.17 -19.13 3.78
N CYS B 626 34.86 -19.03 3.55
CA CYS B 626 34.29 -17.84 2.96
C CYS B 626 34.25 -16.70 3.96
N ASP B 627 34.80 -15.55 3.56
CA ASP B 627 34.76 -14.34 4.37
C ASP B 627 33.76 -13.33 3.83
N ILE B 628 33.89 -12.96 2.56
CA ILE B 628 32.92 -12.10 1.89
C ILE B 628 32.38 -12.86 0.68
N PRO B 629 31.12 -13.32 0.71
CA PRO B 629 30.59 -14.10 -0.40
C PRO B 629 30.33 -13.23 -1.62
N ILE B 630 30.82 -13.68 -2.77
CA ILE B 630 30.61 -13.00 -4.04
C ILE B 630 29.55 -13.71 -4.88
N GLY B 631 29.68 -15.01 -5.03
CA GLY B 631 28.72 -15.81 -5.78
C GLY B 631 29.41 -16.87 -6.61
N ALA B 632 28.69 -17.97 -6.86
CA ALA B 632 29.15 -19.10 -7.67
C ALA B 632 30.45 -19.71 -7.13
N GLY B 633 30.55 -19.83 -5.81
CA GLY B 633 31.69 -20.46 -5.18
C GLY B 633 32.90 -19.58 -5.00
N ILE B 634 32.81 -18.28 -5.27
CA ILE B 634 33.94 -17.36 -5.15
C ILE B 634 33.72 -16.49 -3.92
N CYS B 635 34.74 -16.38 -3.08
CA CYS B 635 34.71 -15.54 -1.89
C CYS B 635 35.91 -14.59 -1.92
N ALA B 636 35.82 -13.53 -1.12
CA ALA B 636 36.87 -12.51 -1.07
C ALA B 636 37.24 -12.25 0.38
N SER B 637 38.48 -11.81 0.57
CA SER B 637 39.00 -11.54 1.90
C SER B 637 40.13 -10.52 1.80
N TYR B 638 40.61 -10.09 2.96
CA TYR B 638 41.67 -9.09 3.08
C TYR B 638 42.87 -9.77 3.74
N HIS B 639 43.77 -10.30 2.93
CA HIS B 639 44.89 -11.11 3.40
C HIS B 639 46.19 -10.32 3.36
N THR B 640 47.16 -10.78 4.14
CA THR B 640 48.48 -10.16 4.19
C THR B 640 49.38 -10.66 3.08
N GLN B 649 51.44 -4.75 4.78
CA GLN B 649 51.10 -4.90 3.37
C GLN B 649 49.97 -5.92 3.21
N LYS B 650 48.77 -5.42 2.93
CA LYS B 650 47.59 -6.26 2.76
C LYS B 650 46.88 -5.89 1.47
N SER B 651 46.13 -6.85 0.93
CA SER B 651 45.42 -6.65 -0.33
C SER B 651 44.15 -7.50 -0.32
N ILE B 652 43.26 -7.17 -1.25
CA ILE B 652 42.02 -7.94 -1.41
C ILE B 652 42.29 -9.10 -2.37
N VAL B 653 41.99 -10.32 -1.92
CA VAL B 653 42.25 -11.51 -2.69
C VAL B 653 40.93 -12.21 -2.98
N ALA B 654 40.91 -12.95 -4.09
CA ALA B 654 39.74 -13.72 -4.51
C ALA B 654 40.15 -15.17 -4.67
N TYR B 655 39.28 -16.07 -4.22
CA TYR B 655 39.58 -17.50 -4.21
C TYR B 655 38.28 -18.29 -4.30
N THR B 656 38.40 -19.60 -4.40
CA THR B 656 37.27 -20.51 -4.34
C THR B 656 37.17 -21.11 -2.94
N MET B 657 35.95 -21.19 -2.43
CA MET B 657 35.74 -21.62 -1.06
C MET B 657 36.02 -23.11 -0.89
N SER B 658 36.37 -23.49 0.33
CA SER B 658 36.66 -24.87 0.68
C SER B 658 35.47 -25.46 1.44
N LEU B 659 34.98 -26.61 0.97
CA LEU B 659 33.81 -27.24 1.58
C LEU B 659 34.15 -27.87 2.92
N GLY B 660 35.32 -28.48 3.03
CA GLY B 660 35.71 -29.11 4.28
C GLY B 660 36.96 -29.94 4.10
N ALA B 661 37.36 -30.57 5.20
CA ALA B 661 38.56 -31.39 5.19
C ALA B 661 38.31 -32.70 4.47
N GLU B 662 39.32 -33.17 3.74
CA GLU B 662 39.22 -34.42 3.00
C GLU B 662 39.51 -35.60 3.92
N ASN B 663 38.71 -36.65 3.79
CA ASN B 663 38.85 -37.82 4.64
C ASN B 663 38.53 -39.07 3.85
N SER B 664 39.02 -40.21 4.34
CA SER B 664 38.76 -41.50 3.73
C SER B 664 38.58 -42.53 4.84
N ILE B 665 37.62 -43.42 4.66
CA ILE B 665 37.31 -44.46 5.64
C ILE B 665 37.78 -45.80 5.10
N ALA B 666 38.55 -46.52 5.91
CA ALA B 666 39.08 -47.83 5.53
C ALA B 666 37.98 -48.86 5.75
N TYR B 667 37.37 -49.30 4.65
CA TYR B 667 36.26 -50.25 4.72
C TYR B 667 36.76 -51.65 4.40
N ALA B 668 36.43 -52.61 5.27
CA ALA B 668 36.66 -54.02 5.01
C ALA B 668 35.45 -54.80 5.50
N ASN B 669 35.24 -55.97 4.92
CA ASN B 669 34.06 -56.76 5.25
C ASN B 669 34.21 -57.54 6.55
N ASN B 670 35.41 -57.60 7.12
CA ASN B 670 35.61 -58.06 8.51
C ASN B 670 36.52 -57.05 9.20
N SER B 671 35.91 -55.98 9.71
CA SER B 671 36.61 -54.89 10.38
C SER B 671 35.57 -54.00 11.05
N ILE B 672 35.90 -53.51 12.24
CA ILE B 672 35.02 -52.61 12.97
C ILE B 672 35.89 -51.71 13.85
N ALA B 673 35.46 -50.46 14.01
CA ALA B 673 36.11 -49.50 14.88
C ALA B 673 35.25 -49.30 16.12
N ILE B 674 35.84 -49.50 17.29
CA ILE B 674 35.13 -49.42 18.56
C ILE B 674 35.88 -48.41 19.44
N PRO B 675 35.19 -47.43 20.00
CA PRO B 675 35.86 -46.45 20.86
C PRO B 675 36.32 -47.07 22.17
N THR B 676 37.42 -46.54 22.69
CA THR B 676 37.98 -46.99 23.96
C THR B 676 37.93 -45.94 25.06
N ASN B 677 37.44 -44.73 24.75
CA ASN B 677 37.38 -43.65 25.72
C ASN B 677 36.27 -42.70 25.29
N PHE B 678 35.96 -41.74 26.15
CA PHE B 678 34.89 -40.80 25.87
C PHE B 678 35.20 -39.47 26.53
N SER B 679 34.34 -38.48 26.28
CA SER B 679 34.45 -37.17 26.90
C SER B 679 33.06 -36.58 27.05
N ILE B 680 32.93 -35.63 27.97
CA ILE B 680 31.67 -34.96 28.25
C ILE B 680 31.79 -33.54 27.69
N SER B 681 30.80 -33.15 26.88
CA SER B 681 30.83 -31.87 26.18
C SER B 681 29.57 -31.08 26.50
N VAL B 682 29.74 -29.77 26.71
CA VAL B 682 28.65 -28.85 26.95
C VAL B 682 28.70 -27.76 25.90
N THR B 683 27.58 -27.53 25.21
CA THR B 683 27.49 -26.53 24.16
C THR B 683 26.26 -25.66 24.39
N THR B 684 26.27 -24.49 23.77
CA THR B 684 25.19 -23.52 23.91
C THR B 684 24.27 -23.55 22.69
N GLU B 685 23.10 -22.93 22.85
CA GLU B 685 22.15 -22.71 21.77
C GLU B 685 21.28 -21.53 22.13
N VAL B 686 21.32 -20.48 21.31
CA VAL B 686 20.63 -19.23 21.57
C VAL B 686 19.41 -19.15 20.66
N MET B 687 18.23 -19.04 21.26
CA MET B 687 16.97 -18.97 20.53
C MET B 687 16.22 -17.71 20.95
N PRO B 688 15.85 -16.84 20.01
CA PRO B 688 14.99 -15.70 20.35
C PRO B 688 13.59 -16.17 20.73
N VAL B 689 12.95 -15.41 21.62
CA VAL B 689 11.64 -15.74 22.14
C VAL B 689 10.62 -14.65 21.82
N SER B 690 10.92 -13.41 22.20
CA SER B 690 9.96 -12.32 22.07
C SER B 690 10.66 -11.08 21.53
N MET B 691 9.86 -10.18 20.97
CA MET B 691 10.32 -8.90 20.44
C MET B 691 9.67 -7.77 21.22
N ALA B 692 10.00 -6.53 20.83
CA ALA B 692 9.50 -5.36 21.53
C ALA B 692 8.02 -5.15 21.24
N LYS B 693 7.34 -4.51 22.20
CA LYS B 693 5.90 -4.26 22.14
C LYS B 693 5.69 -2.79 21.82
N THR B 694 5.33 -2.50 20.57
CA THR B 694 5.19 -1.12 20.11
C THR B 694 3.72 -0.75 19.94
N SER B 695 3.43 0.53 20.18
CA SER B 695 2.09 1.07 20.00
C SER B 695 2.19 2.38 19.23
N VAL B 696 1.18 2.65 18.41
CA VAL B 696 1.18 3.79 17.50
C VAL B 696 -0.11 4.59 17.70
N ASP B 697 0.04 5.90 17.91
CA ASP B 697 -1.09 6.82 17.93
C ASP B 697 -1.24 7.45 16.56
N CYS B 698 -2.42 7.29 15.94
CA CYS B 698 -2.64 7.76 14.59
C CYS B 698 -2.62 9.28 14.49
N THR B 699 -3.39 9.95 15.36
CA THR B 699 -3.58 11.39 15.24
C THR B 699 -2.28 12.14 15.53
N MET B 700 -1.54 11.70 16.55
CA MET B 700 -0.28 12.35 16.90
C MET B 700 0.76 12.22 15.80
N TYR B 701 0.81 11.05 15.15
CA TYR B 701 1.79 10.87 14.07
C TYR B 701 1.37 11.63 12.81
N ILE B 702 0.10 11.55 12.43
CA ILE B 702 -0.32 12.11 11.16
C ILE B 702 -0.48 13.62 11.23
N CYS B 703 -1.27 14.09 12.19
CA CYS B 703 -1.66 15.50 12.23
C CYS B 703 -1.00 16.30 13.33
N GLY B 704 -0.51 15.65 14.39
CA GLY B 704 0.05 16.39 15.50
C GLY B 704 -1.03 17.07 16.30
N ASP B 705 -0.88 18.37 16.51
CA ASP B 705 -1.84 19.16 17.28
C ASP B 705 -2.77 19.98 16.41
N SER B 706 -2.73 19.81 15.10
CA SER B 706 -3.57 20.61 14.21
C SER B 706 -5.01 20.12 14.27
N GLN B 707 -5.93 21.04 14.61
CA GLN B 707 -7.34 20.66 14.70
C GLN B 707 -7.97 20.52 13.33
N GLU B 708 -7.52 21.30 12.35
CA GLU B 708 -8.05 21.18 10.98
C GLU B 708 -7.69 19.83 10.37
N CYS B 709 -6.46 19.37 10.58
CA CYS B 709 -6.07 18.04 10.11
C CYS B 709 -6.83 16.95 10.85
N SER B 710 -7.09 17.14 12.15
CA SER B 710 -7.87 16.17 12.91
C SER B 710 -9.30 16.08 12.40
N ASN B 711 -9.90 17.22 12.04
CA ASN B 711 -11.22 17.21 11.43
C ASN B 711 -11.18 16.57 10.04
N LEU B 712 -10.09 16.79 9.29
CA LEU B 712 -9.97 16.15 7.99
C LEU B 712 -9.67 14.66 8.11
N LEU B 713 -9.13 14.24 9.25
CA LEU B 713 -8.87 12.82 9.50
C LEU B 713 -10.07 12.18 10.21
N LEU B 714 -11.23 12.34 9.58
CA LEU B 714 -12.47 11.72 10.06
C LEU B 714 -13.21 10.94 8.99
N GLN B 715 -12.97 11.21 7.71
CA GLN B 715 -13.42 10.29 6.66
C GLN B 715 -12.73 8.94 6.82
N TYR B 716 -11.43 8.97 7.11
CA TYR B 716 -10.71 7.79 7.54
C TYR B 716 -10.94 7.56 9.04
N GLY B 717 -10.42 6.45 9.53
CA GLY B 717 -10.63 6.08 10.92
C GLY B 717 -10.87 4.60 11.06
N SER B 718 -11.50 3.99 10.05
CA SER B 718 -11.54 2.55 9.97
C SER B 718 -10.16 1.97 9.69
N PHE B 719 -9.37 2.69 8.88
CA PHE B 719 -7.98 2.28 8.64
C PHE B 719 -7.15 2.36 9.91
N CYS B 720 -7.35 3.42 10.69
CA CYS B 720 -6.55 3.61 11.90
C CYS B 720 -6.92 2.60 12.98
N THR B 721 -8.22 2.33 13.16
CA THR B 721 -8.62 1.28 14.09
C THR B 721 -8.17 -0.09 13.59
N GLN B 722 -8.16 -0.30 12.27
CA GLN B 722 -7.68 -1.55 11.70
C GLN B 722 -6.20 -1.77 12.02
N LEU B 723 -5.37 -0.75 11.81
CA LEU B 723 -3.95 -0.90 12.09
C LEU B 723 -3.67 -0.95 13.59
N ASN B 724 -4.48 -0.27 14.40
CA ASN B 724 -4.34 -0.37 15.85
C ASN B 724 -4.67 -1.77 16.34
N ARG B 725 -5.73 -2.38 15.81
CA ARG B 725 -6.06 -3.75 16.20
C ARG B 725 -5.05 -4.74 15.65
N ALA B 726 -4.47 -4.46 14.48
CA ALA B 726 -3.40 -5.31 13.97
C ALA B 726 -2.16 -5.24 14.85
N LEU B 727 -1.80 -4.04 15.32
CA LEU B 727 -0.68 -3.91 16.23
C LEU B 727 -0.99 -4.41 17.64
N THR B 728 -2.28 -4.50 17.99
CA THR B 728 -2.68 -5.08 19.27
C THR B 728 -2.76 -6.60 19.21
N GLY B 729 -2.93 -7.18 18.02
CA GLY B 729 -2.76 -8.61 17.87
C GLY B 729 -1.34 -9.06 18.17
N VAL B 730 -0.36 -8.33 17.63
CA VAL B 730 1.01 -8.42 18.13
C VAL B 730 1.05 -7.77 19.51
N ALA B 731 2.09 -8.14 20.28
CA ALA B 731 2.38 -7.66 21.64
C ALA B 731 1.40 -8.23 22.67
N LEU B 732 0.40 -8.98 22.21
CA LEU B 732 -0.37 -9.85 23.08
C LEU B 732 0.14 -11.28 23.01
N GLU B 733 0.65 -11.69 21.85
CA GLU B 733 1.29 -12.99 21.69
C GLU B 733 2.76 -12.97 22.09
N GLN B 734 3.35 -11.78 22.27
CA GLN B 734 4.71 -11.71 22.79
C GLN B 734 4.77 -12.19 24.23
N ASP B 735 3.76 -11.86 25.03
CA ASP B 735 3.67 -12.42 26.38
C ASP B 735 3.31 -13.90 26.36
N LYS B 736 2.51 -14.31 25.37
CA LYS B 736 2.13 -15.72 25.27
C LYS B 736 3.32 -16.59 24.90
N ASN B 737 4.26 -16.05 24.13
CA ASN B 737 5.49 -16.78 23.81
C ASN B 737 6.31 -17.06 25.06
N THR B 738 6.49 -16.04 25.90
CA THR B 738 7.22 -16.21 27.15
C THR B 738 6.50 -17.15 28.09
N GLN B 739 5.17 -17.05 28.15
CA GLN B 739 4.39 -17.94 29.00
C GLN B 739 4.50 -19.40 28.54
N GLU B 740 4.50 -19.62 27.22
CA GLU B 740 4.59 -20.98 26.71
C GLU B 740 5.99 -21.54 26.85
N VAL B 741 7.02 -20.70 26.79
CA VAL B 741 8.39 -21.20 26.89
C VAL B 741 8.76 -21.46 28.34
N PHE B 742 8.55 -20.49 29.23
CA PHE B 742 9.12 -20.54 30.56
C PHE B 742 8.19 -21.12 31.62
N ALA B 743 6.88 -20.93 31.50
CA ALA B 743 5.96 -21.37 32.53
C ALA B 743 5.43 -22.78 32.27
N GLN B 744 6.36 -23.72 32.04
CA GLN B 744 5.97 -25.11 31.84
C GLN B 744 5.57 -25.79 33.14
N VAL B 745 6.33 -25.56 34.21
CA VAL B 745 6.09 -26.18 35.50
C VAL B 745 5.42 -25.18 36.43
N LYS B 746 4.38 -25.61 37.13
CA LYS B 746 3.60 -24.75 37.99
C LYS B 746 4.01 -24.83 39.46
N GLN B 747 5.12 -25.49 39.77
CA GLN B 747 5.62 -25.59 41.13
C GLN B 747 6.96 -24.87 41.21
N MET B 748 7.07 -23.97 42.18
CA MET B 748 8.32 -23.21 42.40
C MET B 748 9.17 -23.99 43.39
N TYR B 749 10.05 -24.83 42.86
CA TYR B 749 10.90 -25.66 43.71
C TYR B 749 12.01 -24.82 44.32
N LYS B 750 12.24 -25.01 45.62
CA LYS B 750 13.23 -24.22 46.34
C LYS B 750 14.65 -24.59 45.91
N THR B 751 15.53 -23.60 45.89
CA THR B 751 16.93 -23.83 45.58
C THR B 751 17.59 -24.62 46.70
N PRO B 752 18.29 -25.71 46.41
CA PRO B 752 18.96 -26.47 47.47
C PRO B 752 20.08 -25.68 48.11
N ALA B 753 20.31 -25.95 49.40
CA ALA B 753 21.37 -25.27 50.14
C ALA B 753 22.75 -25.72 49.68
N ILE B 754 22.88 -27.01 49.36
CA ILE B 754 24.14 -27.58 48.90
C ILE B 754 24.10 -27.67 47.38
N LYS B 755 25.11 -27.11 46.71
CA LYS B 755 25.17 -27.06 45.27
C LYS B 755 26.03 -28.17 44.68
N ASP B 756 26.48 -29.11 45.51
CA ASP B 756 27.30 -30.23 45.05
C ASP B 756 26.49 -31.52 45.15
N PHE B 757 26.41 -32.24 44.04
CA PHE B 757 25.60 -33.46 43.94
C PHE B 757 26.50 -34.59 43.42
N GLY B 758 27.17 -35.27 44.34
CA GLY B 758 28.05 -36.37 43.99
C GLY B 758 29.25 -35.98 43.16
N GLY B 759 29.86 -34.83 43.48
CA GLY B 759 30.99 -34.33 42.73
C GLY B 759 30.65 -33.39 41.60
N PHE B 760 29.37 -33.27 41.25
CA PHE B 760 28.94 -32.36 40.20
C PHE B 760 28.63 -30.99 40.82
N ASN B 761 29.22 -29.95 40.25
CA ASN B 761 29.13 -28.61 40.81
C ASN B 761 28.12 -27.80 40.01
N PHE B 762 27.01 -27.42 40.65
CA PHE B 762 25.94 -26.67 40.02
C PHE B 762 25.88 -25.22 40.51
N SER B 763 26.96 -24.72 41.10
CA SER B 763 26.91 -23.40 41.72
C SER B 763 26.90 -22.28 40.70
N GLN B 764 27.44 -22.52 39.50
CA GLN B 764 27.52 -21.47 38.49
C GLN B 764 26.21 -21.25 37.75
N ILE B 765 25.30 -22.21 37.78
CA ILE B 765 24.03 -22.11 37.08
C ILE B 765 22.85 -22.01 38.05
N LEU B 766 23.13 -21.72 39.32
CA LEU B 766 22.10 -21.56 40.33
C LEU B 766 22.31 -20.23 41.06
N PRO B 767 21.24 -19.59 41.54
CA PRO B 767 21.41 -18.37 42.34
C PRO B 767 22.06 -18.66 43.67
N ASP B 768 22.82 -17.67 44.15
CA ASP B 768 23.48 -17.77 45.44
C ASP B 768 22.99 -16.69 46.37
N PRO B 769 22.85 -16.98 47.67
CA PRO B 769 22.31 -15.98 48.60
C PRO B 769 23.27 -14.85 48.94
N SER B 770 24.55 -14.97 48.60
CA SER B 770 25.51 -13.92 48.93
C SER B 770 25.30 -12.68 48.07
N LYS B 771 25.14 -12.87 46.75
CA LYS B 771 24.98 -11.74 45.85
C LYS B 771 23.59 -11.12 45.99
N PRO B 772 23.48 -9.80 45.78
CA PRO B 772 22.17 -9.16 45.90
C PRO B 772 21.21 -9.52 44.78
N THR B 773 21.70 -9.77 43.58
CA THR B 773 20.82 -10.13 42.47
C THR B 773 20.37 -11.57 42.59
N LYS B 774 19.13 -11.84 42.21
CA LYS B 774 18.54 -13.17 42.33
C LYS B 774 18.61 -13.92 40.99
N ARG B 775 19.83 -14.07 40.48
CA ARG B 775 20.06 -14.86 39.27
C ARG B 775 21.48 -15.39 39.28
N SER B 776 21.73 -16.36 38.42
CA SER B 776 22.98 -17.09 38.42
C SER B 776 24.11 -16.26 37.81
N PHE B 777 25.33 -16.79 37.92
CA PHE B 777 26.50 -16.13 37.35
C PHE B 777 26.46 -16.12 35.83
N ILE B 778 26.01 -17.23 35.23
CA ILE B 778 25.93 -17.31 33.77
C ILE B 778 24.90 -16.33 33.24
N GLU B 779 23.76 -16.19 33.92
CA GLU B 779 22.76 -15.22 33.50
C GLU B 779 23.27 -13.79 33.66
N ASP B 780 24.06 -13.53 34.70
CA ASP B 780 24.67 -12.21 34.86
C ASP B 780 25.64 -11.91 33.75
N LEU B 781 26.42 -12.91 33.31
CA LEU B 781 27.30 -12.71 32.17
C LEU B 781 26.52 -12.51 30.87
N LEU B 782 25.40 -13.23 30.72
CA LEU B 782 24.60 -13.13 29.50
C LEU B 782 23.88 -11.79 29.39
N PHE B 783 23.48 -11.21 30.53
CA PHE B 783 22.71 -9.96 30.48
C PHE B 783 23.56 -8.75 30.14
N ASN B 784 24.88 -8.88 30.16
CA ASN B 784 25.75 -7.77 29.78
C ASN B 784 26.22 -7.85 28.33
N LYS B 785 25.95 -8.95 27.63
CA LYS B 785 26.41 -9.10 26.25
C LYS B 785 25.47 -8.47 25.24
N VAL B 786 24.26 -8.09 25.65
CA VAL B 786 23.28 -7.48 24.76
C VAL B 786 23.03 -6.06 25.25
N THR B 787 23.26 -5.08 24.38
CA THR B 787 23.09 -3.68 24.73
C THR B 787 21.78 -3.14 24.19
N PHE B 793 14.29 3.76 26.20
CA PHE B 793 13.00 3.09 26.07
C PHE B 793 11.96 3.69 27.01
N MET B 794 12.26 3.68 28.30
CA MET B 794 11.34 4.14 29.34
C MET B 794 11.68 5.55 29.82
N LYS B 795 12.14 6.41 28.92
CA LYS B 795 12.39 7.80 29.28
C LYS B 795 11.08 8.54 29.54
N GLN B 796 11.12 9.45 30.49
CA GLN B 796 9.95 10.17 30.94
C GLN B 796 9.90 11.57 30.34
N TYR B 797 8.74 12.21 30.47
CA TYR B 797 8.64 13.63 30.14
C TYR B 797 9.43 14.45 31.14
N GLY B 798 10.15 15.44 30.64
CA GLY B 798 11.07 16.23 31.43
C GLY B 798 12.48 15.72 31.43
N GLU B 799 12.70 14.45 31.05
CA GLU B 799 14.06 13.93 30.95
C GLU B 799 14.79 14.54 29.75
N CYS B 800 14.12 14.54 28.59
CA CYS B 800 14.69 15.14 27.39
C CYS B 800 14.03 16.47 27.02
N LEU B 801 13.15 16.99 27.87
CA LEU B 801 12.69 18.37 27.69
C LEU B 801 13.83 19.36 27.96
N GLY B 802 14.73 19.01 28.88
CA GLY B 802 15.85 19.86 29.20
C GLY B 802 16.93 19.90 28.13
N ASP B 803 17.49 18.73 27.80
CA ASP B 803 18.57 18.66 26.81
C ASP B 803 18.01 18.36 25.43
N ILE B 804 17.40 19.40 24.85
CA ILE B 804 17.04 19.33 23.43
C ILE B 804 18.29 19.36 22.56
N SER B 805 19.35 20.03 23.04
CA SER B 805 20.61 20.08 22.31
C SER B 805 21.22 18.70 22.15
N ALA B 806 21.01 17.80 23.11
CA ALA B 806 21.33 16.40 22.94
C ALA B 806 20.19 15.76 22.17
N ARG B 807 20.36 15.68 20.85
CA ARG B 807 19.31 15.18 19.98
C ARG B 807 19.13 13.68 20.18
N ASP B 808 18.02 13.29 20.79
CA ASP B 808 17.74 11.90 21.09
C ASP B 808 16.68 11.37 20.13
N LEU B 809 16.97 10.22 19.53
CA LEU B 809 16.00 9.54 18.68
C LEU B 809 14.88 8.87 19.47
N ILE B 810 15.06 8.68 20.77
CA ILE B 810 14.09 7.91 21.54
C ILE B 810 12.81 8.71 21.78
N CYS B 811 12.95 9.94 22.29
CA CYS B 811 11.78 10.78 22.53
C CYS B 811 11.43 11.66 21.34
N ALA B 812 12.21 11.63 20.27
CA ALA B 812 11.71 12.11 19.00
C ALA B 812 10.58 11.22 18.50
N GLN B 813 10.66 9.92 18.78
CA GLN B 813 9.52 9.02 18.53
C GLN B 813 8.36 9.35 19.46
N LYS B 814 8.65 9.66 20.73
CA LYS B 814 7.59 9.89 21.71
C LYS B 814 6.89 11.23 21.52
N PHE B 815 7.51 12.19 20.85
CA PHE B 815 6.79 13.41 20.51
C PHE B 815 5.81 13.17 19.36
N ASN B 816 6.02 12.12 18.58
CA ASN B 816 4.99 11.57 17.72
C ASN B 816 4.26 10.46 18.50
N GLY B 817 3.48 9.65 17.81
CA GLY B 817 2.66 8.67 18.49
C GLY B 817 3.27 7.32 18.74
N LEU B 818 4.59 7.21 18.64
CA LEU B 818 5.28 5.92 18.75
C LEU B 818 5.80 5.72 20.16
N THR B 819 5.40 4.61 20.78
CA THR B 819 5.82 4.26 22.14
C THR B 819 6.08 2.76 22.21
N VAL B 820 6.77 2.36 23.27
CA VAL B 820 7.09 0.96 23.53
C VAL B 820 6.54 0.57 24.90
N LEU B 821 5.75 -0.50 24.94
CA LEU B 821 5.11 -1.00 26.16
C LEU B 821 6.00 -2.03 26.85
N PRO B 822 6.03 -2.05 28.18
CA PRO B 822 6.89 -3.00 28.90
C PRO B 822 6.30 -4.40 28.88
N PRO B 823 7.14 -5.42 29.03
CA PRO B 823 6.62 -6.79 29.07
C PRO B 823 5.87 -7.08 30.36
N LEU B 824 5.00 -8.09 30.30
CA LEU B 824 4.23 -8.48 31.47
C LEU B 824 5.11 -9.14 32.53
N LEU B 825 6.01 -10.03 32.12
CA LEU B 825 6.90 -10.72 33.04
C LEU B 825 8.22 -9.99 33.13
N THR B 826 8.65 -9.71 34.36
CA THR B 826 9.95 -9.08 34.57
C THR B 826 11.06 -10.11 34.45
N ASP B 827 12.30 -9.62 34.48
CA ASP B 827 13.45 -10.51 34.36
C ASP B 827 13.64 -11.35 35.61
N GLU B 828 13.25 -10.84 36.78
CA GLU B 828 13.37 -11.59 38.02
C GLU B 828 12.44 -12.81 38.02
N MET B 829 11.23 -12.65 37.46
CA MET B 829 10.29 -13.77 37.40
C MET B 829 10.79 -14.87 36.46
N ILE B 830 11.38 -14.49 35.33
CA ILE B 830 11.95 -15.47 34.41
C ILE B 830 13.15 -16.15 35.04
N ALA B 831 13.97 -15.39 35.78
CA ALA B 831 15.09 -15.99 36.50
C ALA B 831 14.62 -16.97 37.56
N ALA B 832 13.52 -16.65 38.24
CA ALA B 832 12.94 -17.57 39.22
C ALA B 832 12.43 -18.84 38.56
N TYR B 833 11.80 -18.70 37.39
CA TYR B 833 11.34 -19.87 36.63
C TYR B 833 12.51 -20.76 36.23
N THR B 834 13.60 -20.15 35.74
CA THR B 834 14.76 -20.95 35.32
C THR B 834 15.44 -21.60 36.52
N ALA B 835 15.50 -20.90 37.66
CA ALA B 835 16.08 -21.49 38.87
C ALA B 835 15.25 -22.65 39.36
N ALA B 836 13.91 -22.53 39.31
CA ALA B 836 13.05 -23.63 39.70
C ALA B 836 13.23 -24.83 38.78
N LEU B 837 13.35 -24.58 37.47
CA LEU B 837 13.58 -25.67 36.52
C LEU B 837 14.91 -26.37 36.76
N VAL B 838 15.96 -25.59 37.01
CA VAL B 838 17.29 -26.17 37.24
C VAL B 838 17.30 -26.98 38.54
N SER B 839 16.69 -26.45 39.61
CA SER B 839 16.64 -27.18 40.87
C SER B 839 15.81 -28.45 40.75
N GLY B 840 14.70 -28.38 40.01
CA GLY B 840 13.89 -29.58 39.81
C GLY B 840 14.60 -30.65 39.01
N THR B 841 15.29 -30.26 37.94
CA THR B 841 16.02 -31.25 37.15
C THR B 841 17.30 -31.71 37.83
N ALA B 842 17.77 -30.99 38.84
CA ALA B 842 18.92 -31.45 39.61
C ALA B 842 18.54 -32.36 40.76
N THR B 843 17.36 -32.18 41.34
CA THR B 843 16.93 -32.99 42.48
C THR B 843 16.07 -34.18 42.08
N ALA B 844 15.03 -33.96 41.28
CA ALA B 844 14.07 -35.00 40.93
C ALA B 844 14.29 -35.59 39.55
N GLY B 845 15.26 -35.10 38.78
CA GLY B 845 15.55 -35.65 37.48
C GLY B 845 14.52 -35.34 36.41
N TRP B 846 13.80 -36.35 35.96
CA TRP B 846 12.84 -36.21 34.88
C TRP B 846 11.41 -36.48 35.31
N THR B 847 11.18 -36.86 36.56
CA THR B 847 9.85 -37.31 36.98
C THR B 847 8.87 -36.17 37.17
N PHE B 848 9.35 -34.95 37.45
CA PHE B 848 8.47 -33.83 37.72
C PHE B 848 7.80 -33.27 36.47
N GLY B 849 8.25 -33.68 35.28
CA GLY B 849 7.60 -33.25 34.06
C GLY B 849 6.40 -34.06 33.64
N ALA B 850 6.11 -35.16 34.35
CA ALA B 850 4.98 -36.03 34.04
C ALA B 850 4.24 -36.41 35.31
N GLY B 851 4.18 -35.48 36.26
CA GLY B 851 3.53 -35.74 37.53
C GLY B 851 4.24 -35.09 38.70
N ALA B 852 4.11 -35.67 39.88
CA ALA B 852 4.78 -35.15 41.06
C ALA B 852 6.28 -35.45 41.00
N ALA B 853 7.05 -34.61 41.68
CA ALA B 853 8.50 -34.76 41.71
C ALA B 853 8.90 -35.89 42.64
N LEU B 854 9.77 -36.78 42.16
CA LEU B 854 10.30 -37.89 42.96
C LEU B 854 11.81 -37.77 43.01
N GLN B 855 12.36 -37.76 44.23
CA GLN B 855 13.78 -37.52 44.40
C GLN B 855 14.61 -38.75 44.03
N ILE B 856 15.87 -38.50 43.67
CA ILE B 856 16.80 -39.54 43.23
C ILE B 856 18.21 -39.00 43.49
N PRO B 857 19.16 -39.82 43.95
CA PRO B 857 20.45 -39.28 44.41
C PRO B 857 21.41 -38.76 43.34
N PHE B 858 20.97 -38.67 42.09
CA PHE B 858 21.66 -38.01 40.97
C PHE B 858 22.88 -38.79 40.48
N ALA B 859 23.27 -39.84 41.18
CA ALA B 859 24.22 -40.79 40.61
C ALA B 859 23.49 -41.93 39.93
N MET B 860 22.39 -42.38 40.54
CA MET B 860 21.53 -43.36 39.90
C MET B 860 20.79 -42.74 38.72
N GLN B 861 20.47 -41.45 38.80
CA GLN B 861 19.88 -40.74 37.66
C GLN B 861 20.85 -40.66 36.49
N MET B 862 22.12 -40.35 36.77
CA MET B 862 23.12 -40.32 35.71
C MET B 862 23.39 -41.72 35.17
N ALA B 863 23.32 -42.74 36.01
CA ALA B 863 23.44 -44.12 35.53
C ALA B 863 22.28 -44.49 34.61
N TYR B 864 21.06 -44.06 34.95
CA TYR B 864 19.91 -44.29 34.09
C TYR B 864 20.06 -43.56 32.76
N ARG B 865 20.56 -42.32 32.80
CA ARG B 865 20.77 -41.57 31.56
C ARG B 865 21.87 -42.19 30.70
N PHE B 866 22.90 -42.76 31.34
CA PHE B 866 23.91 -43.51 30.60
C PHE B 866 23.31 -44.78 29.99
N ASN B 867 22.41 -45.44 30.72
CA ASN B 867 21.72 -46.60 30.18
C ASN B 867 20.80 -46.24 29.03
N GLY B 868 20.34 -44.99 28.98
CA GLY B 868 19.44 -44.57 27.92
C GLY B 868 20.10 -44.45 26.56
N ILE B 869 21.42 -44.30 26.54
CA ILE B 869 22.15 -44.12 25.27
C ILE B 869 22.92 -45.36 24.87
N GLY B 870 22.69 -46.49 25.53
CA GLY B 870 23.31 -47.74 25.13
C GLY B 870 24.61 -48.09 25.83
N VAL B 871 24.94 -47.41 26.92
CA VAL B 871 26.14 -47.69 27.70
C VAL B 871 25.70 -48.26 29.04
N THR B 872 26.32 -49.36 29.45
CA THR B 872 25.97 -50.00 30.71
C THR B 872 26.32 -49.09 31.89
N GLN B 873 25.52 -49.19 32.96
CA GLN B 873 25.62 -48.24 34.06
C GLN B 873 26.86 -48.44 34.91
N ASN B 874 27.57 -49.55 34.77
CA ASN B 874 28.77 -49.77 35.56
C ASN B 874 29.93 -48.88 35.10
N VAL B 875 29.89 -48.40 33.85
CA VAL B 875 30.92 -47.48 33.37
C VAL B 875 30.86 -46.17 34.13
N LEU B 876 29.64 -45.67 34.37
CA LEU B 876 29.47 -44.44 35.15
C LEU B 876 29.97 -44.60 36.57
N TYR B 877 29.66 -45.74 37.21
CA TYR B 877 30.11 -45.93 38.58
C TYR B 877 31.60 -46.21 38.66
N GLU B 878 32.20 -46.70 37.58
CA GLU B 878 33.65 -46.89 37.57
C GLU B 878 34.39 -45.58 37.33
N ASN B 879 33.82 -44.69 36.52
CA ASN B 879 34.50 -43.46 36.13
C ASN B 879 33.76 -42.21 36.59
N GLN B 880 33.07 -42.29 37.73
CA GLN B 880 32.31 -41.17 38.27
C GLN B 880 33.18 -39.95 38.54
N LYS B 881 34.37 -40.15 39.12
CA LYS B 881 35.24 -39.01 39.43
C LYS B 881 35.72 -38.31 38.16
N GLN B 882 36.13 -39.08 37.15
CA GLN B 882 36.58 -38.50 35.90
C GLN B 882 35.44 -37.80 35.17
N ILE B 883 34.24 -38.39 35.20
CA ILE B 883 33.08 -37.79 34.54
C ILE B 883 32.68 -36.48 35.24
N ALA B 884 32.71 -36.47 36.58
CA ALA B 884 32.39 -35.26 37.31
C ALA B 884 33.42 -34.17 37.07
N ASN B 885 34.71 -34.54 37.00
CA ASN B 885 35.75 -33.57 36.69
C ASN B 885 35.58 -33.01 35.27
N GLN B 886 35.23 -33.87 34.31
CA GLN B 886 35.00 -33.40 32.95
C GLN B 886 33.79 -32.48 32.88
N PHE B 887 32.73 -32.78 33.61
CA PHE B 887 31.55 -31.92 33.62
C PHE B 887 31.87 -30.57 34.27
N ASN B 888 32.65 -30.58 35.36
CA ASN B 888 33.02 -29.34 36.01
C ASN B 888 33.95 -28.50 35.13
N LYS B 889 34.83 -29.15 34.39
CA LYS B 889 35.69 -28.44 33.45
C LYS B 889 34.91 -27.89 32.28
N ALA B 890 33.87 -28.60 31.82
CA ALA B 890 33.06 -28.11 30.71
C ALA B 890 32.09 -27.01 31.15
N ILE B 891 31.66 -27.02 32.41
CA ILE B 891 30.91 -25.90 32.95
C ILE B 891 31.83 -24.68 33.10
N SER B 892 33.09 -24.93 33.47
CA SER B 892 34.11 -23.92 33.31
C SER B 892 34.46 -23.77 31.82
N GLN B 893 35.34 -22.79 31.54
CA GLN B 893 35.84 -22.39 30.21
C GLN B 893 34.72 -22.14 29.19
N ILE B 894 33.48 -22.00 29.66
CA ILE B 894 32.39 -21.52 28.84
C ILE B 894 31.78 -20.24 29.40
N GLN B 895 31.98 -19.95 30.68
CA GLN B 895 31.65 -18.64 31.22
C GLN B 895 32.70 -17.61 30.84
N GLU B 896 33.99 -18.01 30.81
CA GLU B 896 35.03 -17.11 30.34
C GLU B 896 34.97 -16.94 28.83
N SER B 897 34.38 -17.90 28.12
CA SER B 897 34.07 -17.70 26.71
C SER B 897 32.95 -16.69 26.49
N LEU B 898 32.19 -16.38 27.53
CA LEU B 898 31.17 -15.34 27.47
C LEU B 898 31.68 -13.99 27.94
N THR B 899 32.95 -13.89 28.30
CA THR B 899 33.56 -12.61 28.66
C THR B 899 34.47 -12.06 27.58
N THR B 900 35.08 -12.92 26.78
CA THR B 900 35.98 -12.51 25.71
C THR B 900 35.29 -12.48 24.35
N THR B 901 34.66 -13.59 23.96
CA THR B 901 33.97 -13.66 22.67
C THR B 901 32.68 -12.83 22.73
N SER B 902 32.55 -11.88 21.81
CA SER B 902 31.45 -10.93 21.79
C SER B 902 30.59 -11.11 20.55
N THR B 903 30.35 -12.36 20.14
CA THR B 903 29.50 -12.62 18.99
C THR B 903 28.58 -13.83 19.20
N ALA B 904 28.55 -14.41 20.40
CA ALA B 904 27.70 -15.58 20.63
C ALA B 904 26.24 -15.21 20.74
N LEU B 905 25.93 -13.99 21.16
CA LEU B 905 24.55 -13.53 21.36
C LEU B 905 24.07 -12.68 20.17
N GLY B 906 24.48 -13.05 18.95
CA GLY B 906 24.21 -12.21 17.81
C GLY B 906 22.77 -12.16 17.38
N LYS B 907 22.00 -13.22 17.64
CA LYS B 907 20.61 -13.25 17.18
C LYS B 907 19.73 -12.30 17.97
N LEU B 908 19.89 -12.27 19.29
CA LEU B 908 19.13 -11.34 20.12
C LEU B 908 19.50 -9.89 19.80
N GLN B 909 20.78 -9.62 19.58
CA GLN B 909 21.22 -8.28 19.20
C GLN B 909 20.67 -7.89 17.84
N ASP B 910 20.59 -8.86 16.91
CA ASP B 910 19.98 -8.58 15.61
C ASP B 910 18.50 -8.27 15.73
N VAL B 911 17.80 -8.97 16.62
CA VAL B 911 16.38 -8.68 16.86
C VAL B 911 16.22 -7.27 17.43
N VAL B 912 17.06 -6.91 18.39
CA VAL B 912 17.01 -5.58 19.01
C VAL B 912 17.32 -4.49 17.98
N ASN B 913 18.32 -4.72 17.13
CA ASN B 913 18.68 -3.74 16.12
C ASN B 913 17.62 -3.62 15.04
N GLN B 914 16.96 -4.73 14.69
CA GLN B 914 15.90 -4.68 13.69
C GLN B 914 14.67 -3.95 14.22
N ASN B 915 14.37 -4.11 15.51
CA ASN B 915 13.25 -3.36 16.08
C ASN B 915 13.55 -1.86 16.15
N ALA B 916 14.80 -1.51 16.48
CA ALA B 916 15.13 -0.11 16.72
C ALA B 916 15.16 0.70 15.43
N GLN B 917 15.73 0.13 14.35
CA GLN B 917 15.87 0.90 13.12
C GLN B 917 14.57 1.01 12.34
N ALA B 918 13.57 0.18 12.64
CA ALA B 918 12.28 0.31 12.00
C ALA B 918 11.51 1.52 12.51
N LEU B 919 11.67 1.85 13.79
CA LEU B 919 11.01 3.03 14.35
C LEU B 919 11.69 4.31 13.90
N ASN B 920 13.00 4.27 13.65
CA ASN B 920 13.72 5.46 13.23
C ASN B 920 13.41 5.85 11.79
N THR B 921 13.15 4.88 10.92
CA THR B 921 12.77 5.20 9.55
C THR B 921 11.35 5.74 9.49
N LEU B 922 10.50 5.37 10.44
CA LEU B 922 9.14 5.89 10.47
C LEU B 922 9.14 7.36 10.91
N VAL B 923 10.06 7.74 11.79
CA VAL B 923 10.19 9.14 12.18
C VAL B 923 10.75 9.99 11.04
N LYS B 924 11.79 9.51 10.36
CA LYS B 924 12.43 10.27 9.30
C LYS B 924 11.60 10.34 8.02
N GLN B 925 10.55 9.52 7.91
CA GLN B 925 9.67 9.60 6.75
C GLN B 925 8.64 10.71 6.87
N LEU B 926 8.58 11.40 8.01
CA LEU B 926 7.71 12.56 8.14
C LEU B 926 8.23 13.75 7.35
N SER B 927 9.50 13.75 6.96
CA SER B 927 10.09 14.83 6.18
C SER B 927 10.01 14.53 4.68
N SER B 928 8.78 14.31 4.22
CA SER B 928 8.52 14.01 2.82
C SER B 928 7.33 14.81 2.36
N ASN B 929 7.44 15.37 1.15
CA ASN B 929 6.38 16.25 0.64
C ASN B 929 5.18 15.46 0.14
N PHE B 930 5.40 14.26 -0.42
CA PHE B 930 4.34 13.42 -1.00
C PHE B 930 3.57 14.13 -2.11
N GLY B 931 4.25 15.01 -2.84
CA GLY B 931 3.60 15.77 -3.89
C GLY B 931 2.96 17.06 -3.47
N ALA B 932 3.28 17.56 -2.28
CA ALA B 932 2.74 18.82 -1.78
C ALA B 932 3.82 19.89 -1.84
N ILE B 933 3.43 21.12 -1.49
CA ILE B 933 4.35 22.24 -1.58
C ILE B 933 5.33 22.23 -0.41
N SER B 934 4.98 21.58 0.69
CA SER B 934 5.86 21.52 1.86
C SER B 934 5.50 20.30 2.68
N SER B 935 6.46 19.83 3.47
CA SER B 935 6.24 18.73 4.39
C SER B 935 5.83 19.20 5.78
N VAL B 936 5.76 20.50 6.01
CA VAL B 936 5.35 21.05 7.30
C VAL B 936 3.90 21.50 7.19
N LEU B 937 3.06 21.03 8.12
CA LEU B 937 1.66 21.39 8.11
C LEU B 937 1.44 22.87 8.44
N ASN B 938 2.28 23.43 9.31
CA ASN B 938 2.13 24.82 9.70
C ASN B 938 2.42 25.77 8.53
N ASP B 939 3.41 25.42 7.70
CA ASP B 939 3.72 26.25 6.54
C ASP B 939 2.58 26.27 5.54
N ILE B 940 1.91 25.13 5.35
CA ILE B 940 0.76 25.08 4.46
C ILE B 940 -0.41 25.85 5.06
N LEU B 941 -0.64 25.69 6.37
CA LEU B 941 -1.82 26.30 7.00
C LEU B 941 -1.66 27.80 7.20
N SER B 942 -0.43 28.31 7.24
CA SER B 942 -0.20 29.72 7.52
C SER B 942 -0.05 30.58 6.28
N ARG B 943 -0.19 30.00 5.08
CA ARG B 943 -0.07 30.78 3.85
C ARG B 943 -1.13 30.47 2.81
N LEU B 944 -2.06 29.56 3.08
CA LEU B 944 -3.09 29.20 2.13
C LEU B 944 -4.47 29.24 2.79
N ASP B 945 -5.47 29.62 2.01
CA ASP B 945 -6.85 29.56 2.44
C ASP B 945 -7.29 28.09 2.55
N PRO B 946 -8.27 27.80 3.42
CA PRO B 946 -8.66 26.39 3.68
C PRO B 946 -9.10 25.60 2.46
N PRO B 947 -9.87 26.16 1.49
CA PRO B 947 -10.22 25.33 0.32
C PRO B 947 -9.03 24.87 -0.51
N GLU B 948 -7.96 25.66 -0.59
CA GLU B 948 -6.76 25.21 -1.29
C GLU B 948 -5.86 24.37 -0.38
N ALA B 949 -5.81 24.69 0.91
CA ALA B 949 -4.94 23.98 1.84
C ALA B 949 -5.43 22.56 2.10
N GLU B 950 -6.74 22.31 1.93
CA GLU B 950 -7.27 20.97 2.13
C GLU B 950 -6.66 19.95 1.16
N VAL B 951 -6.34 20.39 -0.05
CA VAL B 951 -5.73 19.50 -1.05
C VAL B 951 -4.36 19.04 -0.58
N GLN B 952 -3.53 19.98 -0.10
CA GLN B 952 -2.19 19.62 0.36
C GLN B 952 -2.24 18.79 1.64
N ILE B 953 -3.19 19.09 2.53
CA ILE B 953 -3.32 18.30 3.75
C ILE B 953 -3.74 16.87 3.43
N ASP B 954 -4.67 16.71 2.47
CA ASP B 954 -5.04 15.37 2.03
C ASP B 954 -3.88 14.65 1.36
N ARG B 955 -3.07 15.38 0.59
CA ARG B 955 -1.90 14.77 -0.05
C ARG B 955 -0.88 14.30 0.97
N LEU B 956 -0.76 14.99 2.10
CA LEU B 956 0.14 14.52 3.16
C LEU B 956 -0.45 13.31 3.89
N ILE B 957 -1.75 13.35 4.18
CA ILE B 957 -2.41 12.28 4.92
C ILE B 957 -2.35 10.97 4.14
N THR B 958 -2.69 11.01 2.86
CA THR B 958 -2.47 9.87 1.98
C THR B 958 -0.98 9.78 1.70
N GLY B 959 -0.31 8.89 2.41
CA GLY B 959 1.13 8.76 2.35
C GLY B 959 1.73 8.67 3.74
N ARG B 960 1.25 9.49 4.69
CA ARG B 960 1.58 9.19 6.08
C ARG B 960 0.84 7.94 6.53
N LEU B 961 -0.42 7.78 6.10
CA LEU B 961 -1.14 6.54 6.34
C LEU B 961 -0.47 5.36 5.66
N GLN B 962 0.09 5.59 4.46
CA GLN B 962 0.80 4.53 3.75
C GLN B 962 2.05 4.09 4.50
N SER B 963 2.81 5.04 5.05
CA SER B 963 3.98 4.69 5.85
C SER B 963 3.60 3.88 7.08
N LEU B 964 2.51 4.27 7.76
CA LEU B 964 2.04 3.52 8.92
C LEU B 964 1.63 2.09 8.53
N GLN B 965 0.93 1.94 7.40
CA GLN B 965 0.50 0.62 6.95
C GLN B 965 1.69 -0.27 6.61
N THR B 966 2.72 0.31 5.97
CA THR B 966 3.92 -0.44 5.65
C THR B 966 4.63 -0.93 6.91
N TYR B 967 4.72 -0.05 7.93
CA TYR B 967 5.33 -0.46 9.19
C TYR B 967 4.56 -1.58 9.86
N VAL B 968 3.21 -1.51 9.83
CA VAL B 968 2.40 -2.56 10.44
C VAL B 968 2.59 -3.89 9.72
N THR B 969 2.66 -3.86 8.39
CA THR B 969 2.86 -5.10 7.62
C THR B 969 4.21 -5.73 7.93
N GLN B 970 5.28 -4.92 7.98
CA GLN B 970 6.59 -5.48 8.33
C GLN B 970 6.61 -6.03 9.75
N GLN B 971 5.91 -5.36 10.69
CA GLN B 971 5.86 -5.86 12.07
C GLN B 971 5.15 -7.21 12.14
N LEU B 972 4.05 -7.39 11.40
CA LEU B 972 3.36 -8.67 11.37
C LEU B 972 4.25 -9.77 10.79
N ILE B 973 4.95 -9.46 9.69
CA ILE B 973 5.80 -10.45 9.05
C ILE B 973 6.95 -10.88 9.97
N ARG B 974 7.51 -9.92 10.72
CA ARG B 974 8.57 -10.27 11.68
C ARG B 974 8.02 -11.08 12.85
N ALA B 975 6.83 -10.72 13.33
CA ALA B 975 6.23 -11.41 14.47
C ALA B 975 5.91 -12.86 14.16
N ALA B 976 5.60 -13.17 12.89
CA ALA B 976 5.36 -14.56 12.50
C ALA B 976 6.58 -15.44 12.73
N GLU B 977 7.76 -14.98 12.30
CA GLU B 977 8.96 -15.78 12.47
C GLU B 977 9.44 -15.77 13.93
N ILE B 978 9.14 -14.69 14.67
CA ILE B 978 9.43 -14.69 16.11
C ILE B 978 8.59 -15.76 16.82
N ARG B 979 7.31 -15.87 16.43
CA ARG B 979 6.44 -16.90 17.01
C ARG B 979 6.91 -18.30 16.65
N ALA B 980 7.39 -18.49 15.42
CA ALA B 980 7.92 -19.81 15.03
C ALA B 980 9.15 -20.18 15.86
N SER B 981 10.06 -19.23 16.07
CA SER B 981 11.23 -19.49 16.91
C SER B 981 10.83 -19.78 18.36
N ALA B 982 9.81 -19.07 18.86
CA ALA B 982 9.33 -19.31 20.21
C ALA B 982 8.72 -20.70 20.35
N ASN B 983 7.99 -21.16 19.33
CA ASN B 983 7.42 -22.50 19.36
C ASN B 983 8.52 -23.56 19.36
N LEU B 984 9.56 -23.36 18.55
CA LEU B 984 10.68 -24.29 18.55
C LEU B 984 11.39 -24.31 19.91
N ALA B 985 11.54 -23.14 20.52
CA ALA B 985 12.16 -23.07 21.85
C ALA B 985 11.32 -23.77 22.90
N ALA B 986 9.99 -23.63 22.83
CA ALA B 986 9.12 -24.32 23.76
C ALA B 986 9.20 -25.83 23.60
N THR B 987 9.26 -26.30 22.34
CA THR B 987 9.42 -27.74 22.10
C THR B 987 10.74 -28.25 22.63
N LYS B 988 11.82 -27.48 22.44
CA LYS B 988 13.12 -27.89 22.96
C LYS B 988 13.16 -27.88 24.48
N MET B 989 12.47 -26.93 25.12
CA MET B 989 12.37 -26.95 26.57
C MET B 989 11.60 -28.16 27.06
N SER B 990 10.53 -28.53 26.35
CA SER B 990 9.71 -29.66 26.80
C SER B 990 10.39 -30.99 26.55
N GLU B 991 11.27 -31.09 25.55
CA GLU B 991 11.81 -32.38 25.16
C GLU B 991 13.27 -32.60 25.56
N CYS B 992 14.05 -31.54 25.76
CA CYS B 992 15.45 -31.70 26.14
C CYS B 992 15.73 -31.45 27.62
N VAL B 993 14.88 -30.70 28.30
CA VAL B 993 15.08 -30.36 29.71
C VAL B 993 14.27 -31.28 30.62
N LEU B 994 13.01 -31.51 30.29
CA LEU B 994 12.12 -32.35 31.08
C LEU B 994 12.26 -33.83 30.75
N GLY B 995 13.14 -34.19 29.83
CA GLY B 995 13.32 -35.59 29.49
C GLY B 995 14.62 -35.76 28.71
N GLN B 996 14.81 -36.99 28.23
CA GLN B 996 15.97 -37.34 27.43
C GLN B 996 15.50 -37.70 26.02
N SER B 997 16.12 -37.08 25.02
CA SER B 997 15.66 -37.20 23.64
C SER B 997 16.53 -38.16 22.84
N LYS B 998 15.88 -38.95 21.99
CA LYS B 998 16.56 -39.85 21.08
C LYS B 998 16.67 -39.29 19.68
N ARG B 999 16.16 -38.09 19.43
CA ARG B 999 16.22 -37.50 18.09
C ARG B 999 17.63 -36.98 17.83
N VAL B 1000 18.15 -37.27 16.64
CA VAL B 1000 19.53 -36.97 16.31
C VAL B 1000 19.70 -35.47 16.08
N ASP B 1001 20.70 -34.88 16.74
CA ASP B 1001 21.10 -33.47 16.58
C ASP B 1001 19.97 -32.51 16.94
N PHE B 1002 19.11 -32.90 17.88
CA PHE B 1002 18.07 -32.00 18.38
C PHE B 1002 18.58 -31.22 19.59
N CYS B 1003 18.96 -31.92 20.65
CA CYS B 1003 19.55 -31.29 21.83
C CYS B 1003 21.07 -31.39 21.79
N GLY B 1004 21.66 -30.70 20.82
CA GLY B 1004 23.11 -30.68 20.67
C GLY B 1004 23.63 -31.80 19.79
N ARG B 1005 24.95 -31.82 19.65
CA ARG B 1005 25.63 -32.80 18.82
C ARG B 1005 26.23 -33.89 19.70
N GLY B 1006 25.91 -35.14 19.39
CA GLY B 1006 26.32 -36.28 20.18
C GLY B 1006 25.12 -37.00 20.75
N TYR B 1007 25.39 -37.84 21.76
CA TYR B 1007 24.33 -38.55 22.45
C TYR B 1007 23.87 -37.72 23.65
N HIS B 1008 22.63 -37.26 23.60
CA HIS B 1008 22.12 -36.32 24.59
C HIS B 1008 21.96 -36.98 25.96
N LEU B 1009 22.37 -36.25 27.00
CA LEU B 1009 22.20 -36.71 28.38
C LEU B 1009 21.18 -35.86 29.14
N MET B 1010 21.41 -34.56 29.24
CA MET B 1010 20.51 -33.65 29.96
C MET B 1010 20.83 -32.23 29.54
N SER B 1011 19.90 -31.32 29.85
CA SER B 1011 20.01 -29.94 29.42
C SER B 1011 19.57 -29.01 30.56
N PHE B 1012 20.06 -27.77 30.51
CA PHE B 1012 19.71 -26.75 31.49
C PHE B 1012 19.30 -25.47 30.77
N PRO B 1013 18.22 -24.82 31.19
CA PRO B 1013 17.85 -23.52 30.61
C PRO B 1013 18.43 -22.35 31.40
N GLN B 1014 18.80 -21.30 30.66
CA GLN B 1014 19.30 -20.07 31.24
C GLN B 1014 18.58 -18.89 30.60
N ALA B 1015 18.20 -17.92 31.44
CA ALA B 1015 17.46 -16.76 30.97
C ALA B 1015 18.37 -15.77 30.26
N ALA B 1016 17.88 -15.24 29.15
CA ALA B 1016 18.58 -14.26 28.34
C ALA B 1016 17.62 -13.13 28.01
N PRO B 1017 18.12 -11.93 27.72
CA PRO B 1017 17.23 -10.83 27.31
C PRO B 1017 16.57 -11.14 25.97
N HIS B 1018 15.24 -11.21 25.99
CA HIS B 1018 14.41 -11.51 24.81
C HIS B 1018 14.77 -12.85 24.17
N GLY B 1019 15.10 -13.83 25.00
CA GLY B 1019 15.46 -15.13 24.48
C GLY B 1019 15.78 -16.10 25.59
N VAL B 1020 16.32 -17.26 25.19
CA VAL B 1020 16.70 -18.31 26.13
C VAL B 1020 17.96 -18.98 25.60
N VAL B 1021 18.77 -19.48 26.52
CA VAL B 1021 20.02 -20.18 26.20
C VAL B 1021 19.98 -21.56 26.83
N PHE B 1022 20.21 -22.59 26.02
CA PHE B 1022 20.25 -23.97 26.49
C PHE B 1022 21.69 -24.44 26.58
N LEU B 1023 22.00 -25.21 27.63
CA LEU B 1023 23.29 -25.85 27.80
C LEU B 1023 23.09 -27.36 27.69
N HIS B 1024 23.49 -27.93 26.56
CA HIS B 1024 23.28 -29.34 26.28
C HIS B 1024 24.50 -30.16 26.70
N VAL B 1025 24.27 -31.18 27.52
CA VAL B 1025 25.32 -32.09 27.96
C VAL B 1025 25.23 -33.35 27.13
N THR B 1026 26.33 -33.73 26.48
CA THR B 1026 26.32 -34.82 25.52
C THR B 1026 27.48 -35.77 25.78
N TYR B 1027 27.39 -36.96 25.18
CA TYR B 1027 28.39 -38.00 25.30
C TYR B 1027 29.08 -38.15 23.95
N VAL B 1028 30.40 -38.00 23.93
CA VAL B 1028 31.20 -38.04 22.72
C VAL B 1028 32.27 -39.11 22.86
N PRO B 1029 32.23 -40.18 22.07
CA PRO B 1029 33.33 -41.16 22.10
C PRO B 1029 34.52 -40.67 21.30
N SER B 1030 35.73 -40.93 21.83
CA SER B 1030 36.92 -40.27 21.34
C SER B 1030 37.93 -41.20 20.66
N HIS B 1031 38.38 -42.26 21.33
CA HIS B 1031 39.54 -43.02 20.89
C HIS B 1031 39.12 -44.39 20.37
N GLU B 1032 39.07 -44.53 19.05
CA GLU B 1032 38.66 -45.77 18.42
C GLU B 1032 39.88 -46.65 18.10
N LYS B 1033 39.61 -47.95 17.94
CA LYS B 1033 40.65 -48.93 17.66
C LYS B 1033 40.11 -49.94 16.65
N ASN B 1034 41.04 -50.54 15.89
CA ASN B 1034 40.68 -51.53 14.89
C ASN B 1034 40.49 -52.90 15.52
N PHE B 1035 39.50 -53.64 15.02
CA PHE B 1035 39.23 -54.99 15.50
C PHE B 1035 38.72 -55.83 14.33
N THR B 1036 38.85 -57.14 14.48
CA THR B 1036 38.32 -58.10 13.51
C THR B 1036 37.01 -58.66 14.06
N THR B 1037 35.95 -58.59 13.26
CA THR B 1037 34.61 -58.94 13.72
C THR B 1037 34.04 -60.05 12.86
N ALA B 1038 32.99 -60.68 13.38
CA ALA B 1038 32.25 -61.74 12.70
C ALA B 1038 30.78 -61.58 13.02
N PRO B 1039 29.89 -61.88 12.09
CA PRO B 1039 28.45 -61.70 12.37
C PRO B 1039 27.90 -62.74 13.34
N ALA B 1040 28.39 -63.97 13.29
CA ALA B 1040 27.86 -65.02 14.15
C ALA B 1040 28.93 -66.07 14.40
N ILE B 1041 28.68 -66.89 15.41
CA ILE B 1041 29.56 -67.98 15.81
C ILE B 1041 28.71 -69.24 15.93
N CYS B 1042 29.14 -70.33 15.32
CA CYS B 1042 28.44 -71.60 15.45
C CYS B 1042 29.35 -72.62 16.13
N HIS B 1043 28.76 -73.39 17.05
CA HIS B 1043 29.53 -74.19 18.00
C HIS B 1043 29.34 -75.69 17.77
N GLU B 1044 28.11 -76.19 17.79
CA GLU B 1044 27.82 -77.61 17.61
C GLU B 1044 26.80 -77.78 16.49
N GLY B 1045 27.04 -77.10 15.37
CA GLY B 1045 26.08 -77.06 14.29
C GLY B 1045 24.98 -76.05 14.45
N LYS B 1046 24.99 -75.28 15.53
CA LYS B 1046 23.95 -74.28 15.81
C LYS B 1046 24.59 -72.91 15.89
N ALA B 1047 24.02 -71.96 15.16
CA ALA B 1047 24.56 -70.60 15.11
C ALA B 1047 24.16 -69.82 16.36
N TYR B 1048 25.08 -68.97 16.82
CA TYR B 1048 24.85 -68.11 17.98
C TYR B 1048 24.98 -66.65 17.55
N PHE B 1049 24.08 -65.82 18.06
CA PHE B 1049 24.06 -64.40 17.73
C PHE B 1049 24.15 -63.60 19.02
N PRO B 1050 24.84 -62.45 19.00
CA PRO B 1050 24.93 -61.64 20.22
C PRO B 1050 23.60 -61.02 20.59
N ARG B 1051 23.38 -60.89 21.90
CA ARG B 1051 22.15 -60.26 22.39
C ARG B 1051 22.25 -58.75 22.29
N GLU B 1052 23.23 -58.15 22.97
CA GLU B 1052 23.53 -56.73 22.86
C GLU B 1052 25.03 -56.59 22.68
N GLY B 1053 25.46 -56.24 21.48
CA GLY B 1053 26.86 -56.01 21.21
C GLY B 1053 27.31 -56.73 19.95
N VAL B 1054 28.62 -56.80 19.77
CA VAL B 1054 29.23 -57.39 18.58
C VAL B 1054 30.32 -58.36 19.00
N PHE B 1055 30.64 -59.29 18.11
CA PHE B 1055 31.75 -60.20 18.32
C PHE B 1055 33.04 -59.57 17.81
N VAL B 1056 34.08 -59.58 18.64
CA VAL B 1056 35.37 -59.02 18.27
C VAL B 1056 36.48 -60.00 18.64
N SER B 1057 37.62 -59.83 17.99
CA SER B 1057 38.81 -60.63 18.26
C SER B 1057 40.01 -59.70 18.40
N ASN B 1058 40.80 -59.93 19.44
CA ASN B 1058 42.01 -59.14 19.67
C ASN B 1058 43.24 -59.75 19.00
N GLY B 1059 43.05 -60.81 18.21
CA GLY B 1059 44.15 -61.46 17.53
C GLY B 1059 44.21 -62.95 17.83
N THR B 1060 43.95 -63.32 19.08
CA THR B 1060 43.97 -64.70 19.52
C THR B 1060 42.61 -65.21 19.93
N SER B 1061 41.94 -64.54 20.86
CA SER B 1061 40.66 -64.99 21.40
C SER B 1061 39.53 -64.13 20.90
N TRP B 1062 38.30 -64.63 21.05
CA TRP B 1062 37.10 -63.95 20.61
C TRP B 1062 36.28 -63.52 21.82
N PHE B 1063 35.81 -62.27 21.81
CA PHE B 1063 35.05 -61.71 22.91
C PHE B 1063 33.81 -61.03 22.37
N ILE B 1064 32.95 -60.58 23.29
CA ILE B 1064 31.75 -59.82 22.96
C ILE B 1064 31.75 -58.54 23.81
N THR B 1065 31.59 -57.41 23.15
CA THR B 1065 31.60 -56.12 23.82
C THR B 1065 30.47 -55.24 23.31
N GLN B 1066 30.11 -54.23 24.10
CA GLN B 1066 29.10 -53.27 23.70
C GLN B 1066 29.64 -52.36 22.59
N ARG B 1067 28.71 -51.70 21.91
CA ARG B 1067 29.05 -50.98 20.67
C ARG B 1067 29.82 -49.69 20.97
N ASN B 1068 29.39 -48.93 21.97
CA ASN B 1068 29.88 -47.57 22.17
C ASN B 1068 31.02 -47.49 23.17
N PHE B 1069 31.48 -48.61 23.73
CA PHE B 1069 32.59 -48.59 24.67
C PHE B 1069 33.24 -49.96 24.67
N TYR B 1070 34.57 -50.00 24.58
CA TYR B 1070 35.29 -51.26 24.51
C TYR B 1070 35.37 -51.88 25.89
N SER B 1071 34.69 -53.00 26.08
CA SER B 1071 34.73 -53.74 27.34
C SER B 1071 34.48 -55.21 27.03
N PRO B 1072 35.53 -55.97 26.72
CA PRO B 1072 35.34 -57.35 26.27
C PRO B 1072 34.94 -58.28 27.41
N GLN B 1073 34.04 -59.21 27.09
CA GLN B 1073 33.56 -60.23 28.03
C GLN B 1073 33.73 -61.61 27.42
N ILE B 1074 33.56 -62.63 28.26
CA ILE B 1074 33.61 -64.01 27.80
C ILE B 1074 32.29 -64.38 27.15
N ILE B 1075 32.35 -65.10 26.03
CA ILE B 1075 31.15 -65.48 25.29
C ILE B 1075 30.52 -66.67 25.99
N THR B 1076 29.44 -66.43 26.73
CA THR B 1076 28.69 -67.47 27.41
C THR B 1076 27.31 -67.60 26.77
N THR B 1077 26.52 -68.53 27.31
CA THR B 1077 25.16 -68.73 26.82
C THR B 1077 24.21 -67.64 27.27
N ASP B 1078 24.58 -66.86 28.29
CA ASP B 1078 23.73 -65.75 28.72
C ASP B 1078 23.89 -64.54 27.81
N ASN B 1079 25.01 -64.44 27.10
CA ASN B 1079 25.24 -63.31 26.20
C ASN B 1079 24.71 -63.56 24.79
N THR B 1080 24.28 -64.78 24.47
CA THR B 1080 23.91 -65.14 23.11
C THR B 1080 22.61 -65.94 23.10
N PHE B 1081 22.10 -66.16 21.89
CA PHE B 1081 20.92 -66.98 21.68
C PHE B 1081 21.07 -67.78 20.40
N VAL B 1082 20.33 -68.89 20.32
CA VAL B 1082 20.46 -69.87 19.24
C VAL B 1082 19.31 -69.68 18.27
N ALA B 1083 19.63 -69.57 16.98
CA ALA B 1083 18.60 -69.39 15.96
C ALA B 1083 18.56 -70.51 14.94
N GLY B 1084 19.68 -70.82 14.29
CA GLY B 1084 19.66 -71.80 13.21
C GLY B 1084 20.92 -72.63 13.06
N ASN B 1085 21.34 -72.86 11.83
CA ASN B 1085 22.51 -73.69 11.52
C ASN B 1085 23.65 -72.82 11.01
N CYS B 1086 24.79 -73.48 10.77
CA CYS B 1086 25.99 -72.74 10.37
C CYS B 1086 25.95 -72.30 8.92
N ASP B 1087 25.21 -73.00 8.06
CA ASP B 1087 25.34 -72.85 6.62
C ASP B 1087 24.40 -71.82 6.01
N VAL B 1088 23.62 -71.10 6.82
CA VAL B 1088 22.66 -70.13 6.28
C VAL B 1088 23.14 -68.70 6.37
N VAL B 1089 24.18 -68.42 7.14
CA VAL B 1089 24.66 -67.05 7.36
C VAL B 1089 26.07 -66.93 6.79
N ILE B 1090 26.28 -65.93 5.94
CA ILE B 1090 27.57 -65.71 5.30
C ILE B 1090 28.51 -65.04 6.29
N GLY B 1091 29.71 -65.60 6.44
CA GLY B 1091 30.73 -65.04 7.30
C GLY B 1091 30.82 -65.63 8.69
N ILE B 1092 30.15 -66.76 8.95
CA ILE B 1092 30.20 -67.37 10.27
C ILE B 1092 31.57 -67.99 10.49
N ILE B 1093 31.99 -68.04 11.76
CA ILE B 1093 33.30 -68.58 12.14
C ILE B 1093 33.09 -69.65 13.20
N ASN B 1094 34.14 -70.45 13.40
CA ASN B 1094 34.11 -71.51 14.39
C ASN B 1094 34.73 -71.04 15.70
N ASN B 1095 34.02 -71.25 16.80
CA ASN B 1095 34.51 -70.91 18.13
C ASN B 1095 33.72 -71.74 19.14
N THR B 1096 33.99 -71.50 20.41
CA THR B 1096 33.34 -72.22 21.50
C THR B 1096 32.55 -71.25 22.37
N VAL B 1097 31.46 -71.77 22.95
CA VAL B 1097 30.58 -71.00 23.83
C VAL B 1097 30.62 -71.65 25.20
N TYR B 1098 30.97 -70.86 26.21
CA TYR B 1098 31.09 -71.37 27.57
C TYR B 1098 29.71 -71.56 28.20
N ASP B 1099 29.55 -72.65 28.95
CA ASP B 1099 28.31 -72.96 29.63
C ASP B 1099 28.57 -73.05 31.13
N PRO B 1100 27.96 -72.21 31.96
CA PRO B 1100 28.12 -72.28 33.42
C PRO B 1100 27.42 -73.49 34.02
N THR C 15 -32.23 14.31 -65.14
CA THR C 15 -33.52 13.64 -65.21
C THR C 15 -33.48 12.30 -64.46
N CYS C 16 -34.66 11.80 -64.09
CA CYS C 16 -34.79 10.54 -63.37
C CYS C 16 -36.01 9.78 -63.87
N LEU C 17 -35.84 8.48 -64.06
CA LEU C 17 -36.90 7.61 -64.56
C LEU C 17 -37.67 6.99 -63.41
N ASN C 18 -38.77 6.30 -63.76
CA ASN C 18 -39.64 5.66 -62.79
C ASN C 18 -39.92 4.23 -63.22
N PHE C 19 -40.41 3.43 -62.27
CA PHE C 19 -40.68 2.02 -62.50
C PHE C 19 -42.07 1.68 -61.98
N THR C 20 -42.65 0.62 -62.54
CA THR C 20 -43.94 0.11 -62.08
C THR C 20 -43.93 -1.37 -61.74
N ASN C 21 -42.94 -2.13 -62.19
CA ASN C 21 -42.88 -3.56 -61.95
C ASN C 21 -41.95 -3.92 -60.80
N LEU C 22 -41.49 -2.94 -60.03
CA LEU C 22 -40.59 -3.22 -58.91
C LEU C 22 -41.33 -3.95 -57.79
N ALA C 23 -40.65 -4.92 -57.20
CA ALA C 23 -41.18 -5.70 -56.10
C ALA C 23 -40.63 -5.20 -54.78
N ALA C 24 -41.43 -5.34 -53.72
CA ALA C 24 -41.00 -4.93 -52.39
C ALA C 24 -39.85 -5.82 -51.92
N PRO C 25 -38.85 -5.25 -51.24
CA PRO C 25 -37.72 -6.06 -50.77
C PRO C 25 -38.14 -7.05 -49.69
N ALA C 26 -37.50 -8.21 -49.71
CA ALA C 26 -37.70 -9.23 -48.70
C ALA C 26 -36.52 -9.20 -47.74
N TYR C 27 -36.78 -8.85 -46.48
CA TYR C 27 -35.72 -8.66 -45.49
C TYR C 27 -35.28 -10.04 -44.99
N ASN C 28 -34.43 -10.67 -45.79
CA ASN C 28 -33.87 -11.96 -45.41
C ASN C 28 -32.86 -11.81 -44.29
N ILE C 29 -32.63 -12.90 -43.57
CA ILE C 29 -31.76 -12.90 -42.40
C ILE C 29 -30.60 -13.84 -42.66
N ALA C 30 -29.39 -13.32 -42.58
CA ALA C 30 -28.16 -14.11 -42.69
C ALA C 30 -27.26 -13.76 -41.53
N SER C 31 -26.59 -14.76 -40.96
CA SER C 31 -25.80 -14.57 -39.76
C SER C 31 -24.34 -14.36 -40.10
N SER C 32 -23.75 -13.30 -39.54
CA SER C 32 -22.32 -13.08 -39.64
C SER C 32 -21.58 -14.00 -38.67
N SER C 33 -20.27 -14.14 -38.89
CA SER C 33 -19.46 -15.01 -38.04
C SER C 33 -18.02 -14.50 -38.11
N ARG C 34 -17.59 -13.83 -37.03
CA ARG C 34 -16.23 -13.31 -36.88
C ARG C 34 -15.86 -12.35 -38.01
N ARG C 35 -16.80 -11.50 -38.40
CA ARG C 35 -16.61 -10.54 -39.47
C ARG C 35 -16.77 -9.13 -38.92
N GLY C 36 -15.97 -8.20 -39.43
CA GLY C 36 -16.12 -6.80 -39.07
C GLY C 36 -15.21 -6.31 -37.97
N VAL C 37 -13.91 -6.59 -38.09
CA VAL C 37 -12.92 -6.14 -37.13
C VAL C 37 -12.01 -5.13 -37.81
N TYR C 38 -11.77 -4.00 -37.13
CA TYR C 38 -10.93 -2.94 -37.68
C TYR C 38 -9.94 -2.50 -36.62
N TYR C 39 -8.91 -1.77 -37.06
CA TYR C 39 -7.85 -1.32 -36.17
C TYR C 39 -8.36 -0.22 -35.25
N PRO C 40 -8.05 -0.27 -33.94
CA PRO C 40 -8.55 0.76 -33.03
C PRO C 40 -7.79 2.08 -33.12
N ASP C 41 -6.48 2.03 -33.33
CA ASP C 41 -5.66 3.24 -33.35
C ASP C 41 -4.48 3.01 -34.30
N ASP C 42 -3.55 3.96 -34.32
CA ASP C 42 -2.44 3.97 -35.27
C ASP C 42 -1.10 3.74 -34.58
N ILE C 43 -1.05 2.82 -33.61
CA ILE C 43 0.19 2.49 -32.91
C ILE C 43 0.61 1.09 -33.32
N PHE C 44 1.86 0.97 -33.78
CA PHE C 44 2.40 -0.32 -34.19
C PHE C 44 2.71 -1.16 -32.95
N ARG C 45 1.97 -2.24 -32.76
CA ARG C 45 2.19 -3.16 -31.66
C ARG C 45 2.45 -4.55 -32.21
N SER C 46 3.41 -5.25 -31.61
CA SER C 46 3.78 -6.59 -32.03
C SER C 46 3.74 -7.54 -30.83
N ASP C 47 3.18 -8.73 -31.06
CA ASP C 47 3.02 -9.76 -30.03
C ASP C 47 2.27 -9.24 -28.81
N PHE C 48 1.17 -8.51 -29.07
CA PHE C 48 0.43 -7.84 -28.02
C PHE C 48 -0.92 -8.51 -27.81
N LEU C 49 -1.55 -8.18 -26.66
CA LEU C 49 -2.83 -8.75 -26.29
C LEU C 49 -3.48 -7.80 -25.28
N HIS C 50 -4.60 -7.20 -25.66
CA HIS C 50 -5.24 -6.22 -24.78
C HIS C 50 -6.73 -6.15 -25.08
N LEU C 51 -7.48 -5.62 -24.11
CA LEU C 51 -8.92 -5.48 -24.19
C LEU C 51 -9.28 -4.05 -24.61
N VAL C 52 -10.20 -3.93 -25.56
CA VAL C 52 -10.66 -2.65 -26.07
C VAL C 52 -12.18 -2.61 -25.99
N ASN C 53 -12.71 -1.56 -25.36
CA ASN C 53 -14.15 -1.33 -25.31
C ASN C 53 -14.48 -0.24 -26.32
N ASP C 54 -15.12 -0.63 -27.42
CA ASP C 54 -15.46 0.29 -28.49
C ASP C 54 -16.74 -0.21 -29.15
N TYR C 55 -17.04 0.31 -30.34
CA TYR C 55 -18.22 -0.10 -31.09
C TYR C 55 -17.81 -1.17 -32.11
N PHE C 56 -18.40 -2.35 -31.98
CA PHE C 56 -18.04 -3.48 -32.81
C PHE C 56 -19.29 -4.20 -33.28
N LEU C 57 -19.16 -4.92 -34.39
CA LEU C 57 -20.21 -5.82 -34.84
C LEU C 57 -20.13 -7.11 -34.03
N PRO C 58 -21.21 -7.53 -33.37
CA PRO C 58 -21.14 -8.70 -32.50
C PRO C 58 -20.93 -9.99 -33.28
N PHE C 59 -20.22 -10.92 -32.63
CA PHE C 59 -19.96 -12.22 -33.24
C PHE C 59 -21.24 -13.04 -33.23
N GLY C 60 -21.57 -13.65 -34.37
CA GLY C 60 -22.78 -14.44 -34.49
C GLY C 60 -24.04 -13.65 -34.70
N SER C 61 -23.96 -12.32 -34.78
CA SER C 61 -25.13 -11.51 -35.03
C SER C 61 -25.61 -11.68 -36.47
N ASN C 62 -26.90 -11.50 -36.68
CA ASN C 62 -27.53 -11.71 -37.98
C ASN C 62 -27.76 -10.38 -38.67
N VAL C 63 -27.41 -10.32 -39.95
CA VAL C 63 -27.53 -9.11 -40.76
C VAL C 63 -28.69 -9.28 -41.74
N THR C 64 -29.05 -8.18 -42.38
CA THR C 64 -30.13 -8.18 -43.36
C THR C 64 -29.58 -8.28 -44.77
N GLN C 65 -30.25 -9.08 -45.59
CA GLN C 65 -29.79 -9.39 -46.94
C GLN C 65 -30.63 -8.63 -47.97
N PHE C 66 -29.95 -7.93 -48.88
CA PHE C 66 -30.59 -7.27 -50.01
C PHE C 66 -29.89 -7.72 -51.28
N PHE C 67 -30.67 -8.13 -52.28
CA PHE C 67 -30.10 -8.56 -53.55
C PHE C 67 -30.90 -7.99 -54.70
N THR C 68 -30.24 -7.90 -55.86
CA THR C 68 -30.87 -7.50 -57.12
C THR C 68 -30.80 -8.71 -58.05
N GLN C 69 -31.94 -9.37 -58.27
CA GLN C 69 -31.98 -10.56 -59.12
C GLN C 69 -32.84 -10.33 -60.37
N GLY C 70 -34.11 -9.97 -60.20
CA GLY C 70 -34.97 -9.68 -61.32
C GLY C 70 -36.28 -9.08 -60.88
N THR C 71 -36.66 -7.95 -61.49
CA THR C 71 -37.79 -7.10 -61.05
C THR C 71 -37.70 -6.81 -59.55
N ASN C 72 -36.48 -6.63 -59.05
CA ASN C 72 -36.23 -6.50 -57.62
C ASN C 72 -34.97 -5.67 -57.45
N ILE C 73 -35.14 -4.37 -57.20
CA ILE C 73 -34.03 -3.47 -56.93
C ILE C 73 -34.21 -2.95 -55.52
N ASP C 74 -33.27 -3.30 -54.63
CA ASP C 74 -33.39 -3.03 -53.21
C ASP C 74 -32.38 -1.97 -52.82
N ASN C 75 -32.83 -0.71 -52.82
CA ASN C 75 -32.06 0.40 -52.25
C ASN C 75 -32.97 1.25 -51.38
N PRO C 76 -33.35 0.76 -50.19
CA PRO C 76 -34.19 1.54 -49.30
C PRO C 76 -33.35 2.46 -48.42
N THR C 77 -34.02 3.37 -47.73
CA THR C 77 -33.36 4.24 -46.77
C THR C 77 -33.24 3.50 -45.44
N LEU C 78 -32.00 3.28 -45.00
CA LEU C 78 -31.75 2.50 -43.81
C LEU C 78 -31.19 3.39 -42.71
N PRO C 79 -31.51 3.11 -41.44
CA PRO C 79 -31.02 3.94 -40.34
C PRO C 79 -29.51 3.81 -40.16
N PHE C 80 -28.92 4.88 -39.65
CA PHE C 80 -27.49 4.94 -39.32
C PHE C 80 -27.43 5.22 -37.82
N ARG C 81 -27.50 4.15 -37.01
CA ARG C 81 -27.68 4.33 -35.58
C ARG C 81 -26.37 4.69 -34.89
N ASP C 82 -25.40 3.78 -34.92
CA ASP C 82 -24.13 3.97 -34.23
C ASP C 82 -22.95 3.51 -35.07
N GLY C 83 -23.18 3.15 -36.32
CA GLY C 83 -22.14 2.60 -37.18
C GLY C 83 -22.75 1.46 -37.97
N VAL C 84 -22.30 1.31 -39.21
CA VAL C 84 -22.89 0.36 -40.15
C VAL C 84 -21.78 -0.53 -40.71
N TYR C 85 -21.98 -1.84 -40.63
CA TYR C 85 -21.13 -2.79 -41.34
C TYR C 85 -21.74 -3.07 -42.70
N PHE C 86 -20.94 -2.90 -43.75
CA PHE C 86 -21.39 -3.09 -45.11
C PHE C 86 -20.47 -4.07 -45.81
N ALA C 87 -21.06 -5.07 -46.47
CA ALA C 87 -20.30 -6.08 -47.19
C ALA C 87 -21.07 -6.45 -48.45
N ALA C 88 -20.38 -6.46 -49.59
CA ALA C 88 -21.00 -6.73 -50.88
C ALA C 88 -20.26 -7.85 -51.59
N THR C 89 -21.01 -8.82 -52.09
CA THR C 89 -20.48 -9.90 -52.93
C THR C 89 -20.96 -9.66 -54.35
N GLU C 90 -20.04 -9.26 -55.23
CA GLU C 90 -20.44 -8.84 -56.57
C GLU C 90 -19.39 -9.28 -57.57
N LYS C 91 -19.81 -9.35 -58.84
CA LYS C 91 -18.93 -9.68 -59.95
C LYS C 91 -18.99 -8.66 -61.08
N SER C 92 -20.04 -7.83 -61.15
CA SER C 92 -20.24 -6.93 -62.27
C SER C 92 -20.17 -5.46 -61.88
N ASN C 93 -19.58 -5.15 -60.71
CA ASN C 93 -19.44 -3.78 -60.19
C ASN C 93 -20.78 -3.07 -60.07
N ILE C 94 -21.79 -3.79 -59.58
CA ILE C 94 -23.14 -3.23 -59.48
C ILE C 94 -23.21 -2.17 -58.39
N VAL C 95 -22.68 -2.48 -57.21
CA VAL C 95 -22.71 -1.53 -56.09
C VAL C 95 -21.61 -0.50 -56.32
N ARG C 96 -21.98 0.78 -56.34
CA ARG C 96 -21.07 1.86 -56.66
C ARG C 96 -20.74 2.76 -55.49
N GLY C 97 -21.71 3.15 -54.68
CA GLY C 97 -21.43 4.06 -53.59
C GLY C 97 -22.66 4.33 -52.77
N TRP C 98 -22.51 5.23 -51.81
CA TRP C 98 -23.56 5.52 -50.83
C TRP C 98 -23.71 7.02 -50.64
N ILE C 99 -24.83 7.41 -50.05
CA ILE C 99 -25.11 8.79 -49.67
C ILE C 99 -25.50 8.83 -48.20
N PHE C 100 -24.87 9.71 -47.43
CA PHE C 100 -25.14 9.84 -46.01
C PHE C 100 -25.72 11.22 -45.71
N GLY C 101 -26.61 11.27 -44.73
CA GLY C 101 -27.18 12.54 -44.33
C GLY C 101 -28.44 12.33 -43.51
N SER C 102 -29.15 13.44 -43.31
CA SER C 102 -30.42 13.44 -42.59
C SER C 102 -31.53 13.86 -43.53
N THR C 103 -32.56 13.02 -43.62
CA THR C 103 -33.80 13.19 -44.38
C THR C 103 -33.61 13.20 -45.91
N LEU C 104 -32.35 13.20 -46.35
CA LEU C 104 -31.95 12.92 -47.74
C LEU C 104 -32.70 13.78 -48.76
N ASP C 105 -32.88 15.06 -48.45
CA ASP C 105 -33.59 15.96 -49.34
C ASP C 105 -32.89 17.32 -49.33
N SER C 106 -33.52 18.29 -49.99
CA SER C 106 -32.93 19.62 -50.14
C SER C 106 -33.03 20.47 -48.88
N THR C 107 -33.77 20.01 -47.86
CA THR C 107 -33.89 20.77 -46.63
C THR C 107 -32.57 20.83 -45.88
N SER C 108 -31.84 19.73 -45.83
CA SER C 108 -30.58 19.64 -45.11
C SER C 108 -29.46 19.22 -46.06
N GLN C 109 -28.26 19.09 -45.51
CA GLN C 109 -27.07 18.74 -46.27
C GLN C 109 -26.85 17.24 -46.24
N SER C 110 -26.32 16.70 -47.34
CA SER C 110 -26.04 15.28 -47.44
C SER C 110 -24.74 15.06 -48.20
N ALA C 111 -24.00 14.03 -47.81
CA ALA C 111 -22.69 13.73 -48.38
C ALA C 111 -22.76 12.44 -49.18
N ILE C 112 -22.07 12.41 -50.32
CA ILE C 112 -22.04 11.24 -51.17
C ILE C 112 -20.59 10.78 -51.34
N ILE C 113 -20.42 9.48 -51.50
CA ILE C 113 -19.15 8.87 -51.88
C ILE C 113 -19.45 7.97 -53.07
N LEU C 114 -18.86 8.29 -54.22
CA LEU C 114 -19.32 7.71 -55.48
C LEU C 114 -18.14 7.23 -56.30
N ASN C 115 -18.37 6.17 -57.09
CA ASN C 115 -17.44 5.67 -58.08
C ASN C 115 -18.17 5.67 -59.42
N ASN C 116 -17.97 6.72 -60.22
CA ASN C 116 -18.62 6.84 -61.51
C ASN C 116 -17.79 6.25 -62.66
N SER C 117 -16.95 5.25 -62.35
CA SER C 117 -16.09 4.49 -63.26
C SER C 117 -14.97 5.32 -63.88
N THR C 118 -14.82 6.56 -63.48
CA THR C 118 -13.68 7.37 -63.92
C THR C 118 -12.93 8.02 -62.76
N ASN C 119 -13.65 8.48 -61.74
CA ASN C 119 -13.04 9.16 -60.61
C ASN C 119 -13.78 8.78 -59.33
N LEU C 120 -13.08 8.94 -58.20
CA LEU C 120 -13.71 8.80 -56.89
C LEU C 120 -14.19 10.17 -56.43
N ILE C 121 -15.49 10.30 -56.20
CA ILE C 121 -16.12 11.58 -55.93
C ILE C 121 -16.57 11.60 -54.47
N VAL C 122 -16.07 12.56 -53.71
CA VAL C 122 -16.52 12.85 -52.35
C VAL C 122 -17.00 14.28 -52.34
N ARG C 123 -18.29 14.48 -52.10
CA ARG C 123 -18.89 15.80 -52.21
C ARG C 123 -20.16 15.84 -51.38
N VAL C 124 -20.30 16.90 -50.58
CA VAL C 124 -21.47 17.09 -49.73
C VAL C 124 -22.18 18.37 -50.16
N CYS C 125 -23.46 18.23 -50.54
CA CYS C 125 -24.26 19.38 -50.92
C CYS C 125 -25.70 19.16 -50.44
N ASN C 126 -26.61 20.04 -50.85
CA ASN C 126 -28.03 19.90 -50.55
C ASN C 126 -28.68 19.14 -51.71
N PHE C 127 -28.41 17.84 -51.75
CA PHE C 127 -28.85 17.00 -52.85
C PHE C 127 -30.35 16.77 -52.79
N GLU C 128 -30.96 16.62 -53.96
CA GLU C 128 -32.37 16.26 -54.10
C GLU C 128 -32.43 15.01 -54.96
N LEU C 129 -32.77 13.88 -54.33
CA LEU C 129 -32.75 12.58 -55.00
C LEU C 129 -34.10 12.29 -55.62
N CYS C 130 -34.08 11.46 -56.67
CA CYS C 130 -35.30 10.88 -57.20
C CYS C 130 -35.64 9.62 -56.40
N LYS C 131 -36.71 8.93 -56.83
CA LYS C 131 -37.16 7.75 -56.09
C LYS C 131 -36.18 6.59 -56.26
N VAL C 132 -35.76 6.31 -57.50
CA VAL C 132 -34.87 5.19 -57.77
C VAL C 132 -33.59 5.72 -58.41
N PRO C 133 -32.56 6.03 -57.62
CA PRO C 133 -31.29 6.52 -58.19
C PRO C 133 -30.44 5.36 -58.69
N LEU C 134 -30.29 5.27 -60.01
CA LEU C 134 -29.58 4.16 -60.64
C LEU C 134 -28.60 4.69 -61.69
N PHE C 135 -27.55 3.91 -61.93
CA PHE C 135 -26.64 4.14 -63.05
C PHE C 135 -27.09 3.24 -64.20
N VAL C 136 -27.19 3.81 -65.39
CA VAL C 136 -27.71 3.11 -66.56
C VAL C 136 -26.55 2.86 -67.53
N VAL C 137 -26.33 1.59 -67.87
CA VAL C 137 -25.28 1.20 -68.80
C VAL C 137 -25.91 0.51 -70.00
N PHE C 138 -25.61 1.01 -71.18
CA PHE C 138 -26.08 0.45 -72.43
C PHE C 138 -25.29 -0.80 -72.78
N LYS C 139 -25.98 -1.83 -73.26
CA LYS C 139 -25.30 -3.04 -73.72
C LYS C 139 -24.43 -2.75 -74.94
N SER C 140 -25.01 -2.08 -75.94
CA SER C 140 -24.27 -1.59 -77.09
C SER C 140 -23.73 -0.20 -76.76
N ASN C 141 -23.28 0.53 -77.80
CA ASN C 141 -22.89 1.94 -77.72
C ASN C 141 -21.69 2.16 -76.79
N ASN C 142 -20.82 1.15 -76.69
CA ASN C 142 -19.56 1.19 -75.95
C ASN C 142 -19.74 1.40 -74.44
N SER C 143 -20.94 1.15 -73.92
CA SER C 143 -21.23 1.01 -72.49
C SER C 143 -20.86 2.27 -71.70
N GLN C 144 -21.58 3.34 -71.99
CA GLN C 144 -21.41 4.59 -71.27
C GLN C 144 -22.35 4.66 -70.06
N LEU C 145 -22.16 5.68 -69.24
CA LEU C 145 -22.90 5.86 -68.00
C LEU C 145 -24.00 6.90 -68.19
N SER C 146 -24.75 7.15 -67.12
CA SER C 146 -25.93 8.01 -67.19
C SER C 146 -26.10 8.76 -65.87
N HIS C 147 -27.29 9.30 -65.65
CA HIS C 147 -27.61 10.20 -64.56
C HIS C 147 -27.67 9.47 -63.22
N LEU C 148 -27.64 10.26 -62.13
CA LEU C 148 -27.92 9.73 -60.81
C LEU C 148 -29.09 10.41 -60.12
N PHE C 149 -29.11 11.75 -60.06
CA PHE C 149 -30.16 12.47 -59.36
C PHE C 149 -30.57 13.69 -60.18
N SER C 150 -31.40 14.54 -59.56
CA SER C 150 -32.07 15.63 -60.28
C SER C 150 -31.44 16.99 -60.02
N ASP C 151 -31.38 17.44 -58.77
CA ASP C 151 -31.09 18.83 -58.47
C ASP C 151 -30.05 18.95 -57.36
N SER C 152 -29.16 19.93 -57.49
CA SER C 152 -28.15 20.24 -56.49
C SER C 152 -28.17 21.73 -56.18
N PHE C 153 -27.67 22.09 -55.00
CA PHE C 153 -27.68 23.45 -54.49
C PHE C 153 -26.26 23.96 -54.30
N ASN C 154 -26.14 25.14 -53.67
CA ASN C 154 -24.86 25.67 -53.28
C ASN C 154 -24.25 24.82 -52.17
N CYS C 155 -22.93 24.67 -52.20
CA CYS C 155 -22.24 23.79 -51.25
C CYS C 155 -20.75 24.10 -51.23
N THR C 156 -20.04 23.44 -50.31
CA THR C 156 -18.70 23.82 -49.90
C THR C 156 -17.62 22.81 -50.29
N PHE C 157 -17.77 21.55 -49.90
CA PHE C 157 -16.67 20.59 -49.97
C PHE C 157 -16.77 19.74 -51.23
N GLU C 158 -15.65 19.64 -51.95
CA GLU C 158 -15.54 18.82 -53.14
C GLU C 158 -14.21 18.07 -53.11
N TYR C 159 -14.19 16.90 -53.75
CA TYR C 159 -12.95 16.16 -53.94
C TYR C 159 -13.12 15.22 -55.13
N VAL C 160 -12.21 15.31 -56.09
CA VAL C 160 -12.18 14.41 -57.24
C VAL C 160 -10.82 13.75 -57.28
N SER C 161 -10.80 12.43 -57.33
CA SER C 161 -9.55 11.68 -57.35
C SER C 161 -8.98 11.64 -58.76
N ARG C 162 -7.88 10.93 -58.95
CA ARG C 162 -7.27 10.81 -60.25
C ARG C 162 -8.11 9.92 -61.17
N ALA C 163 -7.89 10.07 -62.47
CA ALA C 163 -8.65 9.32 -63.45
C ALA C 163 -8.20 7.86 -63.48
N PHE C 164 -9.16 6.97 -63.71
CA PHE C 164 -8.88 5.54 -63.87
C PHE C 164 -9.94 4.95 -64.78
N SER C 165 -9.66 3.73 -65.25
CA SER C 165 -10.59 2.99 -66.09
C SER C 165 -11.16 1.82 -65.30
N LEU C 166 -12.48 1.73 -65.25
CA LEU C 166 -13.18 0.70 -64.49
C LEU C 166 -13.94 -0.20 -65.46
N ASP C 167 -13.74 -1.51 -65.32
CA ASP C 167 -14.49 -2.47 -66.11
C ASP C 167 -15.94 -2.51 -65.64
N ILE C 168 -16.87 -2.54 -66.59
CA ILE C 168 -18.29 -2.51 -66.31
C ILE C 168 -19.00 -3.78 -66.78
N ARG C 169 -18.82 -4.15 -68.05
CA ARG C 169 -19.50 -5.31 -68.63
C ARG C 169 -18.70 -6.56 -68.29
N GLU C 170 -19.21 -7.35 -67.35
CA GLU C 170 -18.58 -8.61 -66.96
C GLU C 170 -19.60 -9.46 -66.24
N GLN C 171 -19.88 -10.67 -66.77
CA GLN C 171 -20.80 -11.62 -66.16
C GLN C 171 -20.10 -12.98 -66.14
N SER C 172 -19.37 -13.25 -65.07
CA SER C 172 -18.60 -14.48 -64.95
C SER C 172 -19.41 -15.66 -64.43
N GLY C 173 -20.62 -15.42 -63.91
CA GLY C 173 -21.43 -16.49 -63.35
C GLY C 173 -21.10 -16.88 -61.93
N ASN C 174 -20.08 -16.27 -61.33
CA ASN C 174 -19.69 -16.57 -59.96
C ASN C 174 -19.19 -15.29 -59.29
N PHE C 175 -19.50 -15.14 -58.00
CA PHE C 175 -19.04 -13.98 -57.24
C PHE C 175 -17.55 -14.13 -56.94
N VAL C 176 -16.74 -13.21 -57.47
CA VAL C 176 -15.29 -13.28 -57.33
C VAL C 176 -14.73 -12.19 -56.44
N ASP C 177 -15.53 -11.20 -56.05
CA ASP C 177 -15.06 -10.11 -55.22
C ASP C 177 -15.93 -9.95 -53.99
N LEU C 178 -15.30 -9.70 -52.84
CA LEU C 178 -16.00 -9.37 -51.61
C LEU C 178 -15.33 -8.15 -51.00
N ARG C 179 -16.08 -7.05 -50.94
CA ARG C 179 -15.60 -5.80 -50.36
C ARG C 179 -16.40 -5.52 -49.11
N GLU C 180 -15.70 -5.25 -48.01
CA GLU C 180 -16.32 -5.04 -46.71
C GLU C 180 -15.98 -3.64 -46.21
N PHE C 181 -16.96 -2.98 -45.62
CA PHE C 181 -16.79 -1.61 -45.16
C PHE C 181 -17.37 -1.45 -43.76
N VAL C 182 -16.80 -0.51 -43.01
CA VAL C 182 -17.31 -0.10 -41.72
C VAL C 182 -17.34 1.43 -41.71
N PHE C 183 -18.52 2.00 -41.47
CA PHE C 183 -18.72 3.44 -41.46
C PHE C 183 -18.97 3.91 -40.03
N ARG C 184 -18.27 4.96 -39.63
CA ARG C 184 -18.46 5.56 -38.31
C ARG C 184 -18.50 7.07 -38.44
N ASN C 185 -19.15 7.71 -37.47
CA ASN C 185 -19.31 9.16 -37.45
C ASN C 185 -18.99 9.66 -36.05
N ARG C 186 -17.86 10.36 -35.91
CA ARG C 186 -17.43 10.85 -34.61
C ARG C 186 -16.71 12.18 -34.78
N ASN C 187 -17.16 13.19 -34.02
CA ASN C 187 -16.55 14.53 -33.99
C ASN C 187 -16.50 15.17 -35.38
N GLY C 188 -17.57 15.00 -36.15
CA GLY C 188 -17.65 15.60 -37.46
C GLY C 188 -16.89 14.90 -38.56
N PHE C 189 -16.26 13.76 -38.26
CA PHE C 189 -15.51 13.00 -39.25
C PHE C 189 -16.25 11.73 -39.61
N LEU C 190 -16.03 11.25 -40.82
CA LEU C 190 -16.58 9.97 -41.29
C LEU C 190 -15.43 9.02 -41.55
N HIS C 191 -15.19 8.11 -40.60
CA HIS C 191 -14.14 7.11 -40.75
C HIS C 191 -14.63 5.95 -41.59
N ILE C 192 -13.80 5.54 -42.54
CA ILE C 192 -14.10 4.42 -43.45
C ILE C 192 -12.99 3.40 -43.33
N TYR C 193 -13.36 2.14 -43.11
CA TYR C 193 -12.43 1.03 -43.04
C TYR C 193 -12.72 0.06 -44.17
N GLU C 194 -11.68 -0.32 -44.92
CA GLU C 194 -11.83 -1.06 -46.16
C GLU C 194 -11.14 -2.41 -46.07
N GLY C 195 -11.68 -3.38 -46.80
CA GLY C 195 -11.08 -4.71 -46.87
C GLY C 195 -11.59 -5.47 -48.08
N TYR C 196 -10.69 -6.24 -48.68
CA TYR C 196 -10.99 -6.99 -49.89
C TYR C 196 -10.48 -8.42 -49.74
N GLU C 197 -11.19 -9.38 -50.36
CA GLU C 197 -10.83 -10.79 -50.21
C GLU C 197 -11.28 -11.52 -51.48
N ALA C 198 -10.42 -12.40 -52.01
CA ALA C 198 -10.76 -13.18 -53.19
C ALA C 198 -11.62 -14.38 -52.82
N ILE C 199 -12.80 -14.46 -53.45
CA ILE C 199 -13.87 -15.38 -53.08
C ILE C 199 -14.44 -16.08 -54.31
N SER C 200 -15.17 -17.17 -54.07
CA SER C 200 -15.87 -17.90 -55.12
C SER C 200 -17.01 -18.68 -54.46
N ILE C 201 -18.24 -18.16 -54.61
CA ILE C 201 -19.45 -18.79 -54.05
C ILE C 201 -20.62 -18.51 -54.98
N VAL C 202 -21.81 -18.93 -54.54
CA VAL C 202 -23.02 -18.69 -55.34
C VAL C 202 -24.14 -18.03 -54.56
N ARG C 203 -24.21 -18.25 -53.24
CA ARG C 203 -25.47 -18.03 -52.53
C ARG C 203 -25.43 -16.90 -51.49
N GLY C 204 -24.56 -16.97 -50.50
CA GLY C 204 -24.75 -16.16 -49.32
C GLY C 204 -23.49 -15.43 -48.89
N LEU C 205 -23.42 -15.16 -47.58
CA LEU C 205 -22.26 -14.52 -46.99
C LEU C 205 -21.31 -15.58 -46.48
N PRO C 206 -20.07 -15.66 -46.99
CA PRO C 206 -19.15 -16.71 -46.52
C PRO C 206 -18.59 -16.40 -45.15
N ALA C 207 -18.53 -17.44 -44.31
CA ALA C 207 -17.92 -17.31 -43.00
C ALA C 207 -16.41 -17.16 -43.12
N GLY C 208 -15.83 -16.33 -42.26
CA GLY C 208 -14.40 -16.11 -42.30
C GLY C 208 -13.97 -15.05 -41.30
N PHE C 209 -12.78 -14.51 -41.53
CA PHE C 209 -12.18 -13.52 -40.63
C PHE C 209 -11.16 -12.74 -41.42
N ASN C 210 -11.35 -11.42 -41.52
CA ASN C 210 -10.36 -10.55 -42.15
C ASN C 210 -10.48 -9.17 -41.54
N VAL C 211 -9.33 -8.61 -41.13
CA VAL C 211 -9.33 -7.28 -40.54
C VAL C 211 -9.47 -6.23 -41.65
N LEU C 212 -9.90 -5.03 -41.26
CA LEU C 212 -10.08 -3.92 -42.17
C LEU C 212 -9.18 -2.77 -41.76
N LYS C 213 -8.52 -2.15 -42.76
CA LYS C 213 -7.56 -1.08 -42.55
C LYS C 213 -8.23 0.28 -42.69
N PRO C 214 -7.77 1.28 -41.94
CA PRO C 214 -8.34 2.63 -42.08
C PRO C 214 -7.97 3.27 -43.41
N LEU C 215 -8.96 3.87 -44.06
CA LEU C 215 -8.77 4.44 -45.39
C LEU C 215 -8.95 5.95 -45.41
N LEU C 216 -10.09 6.47 -44.95
CA LEU C 216 -10.40 7.88 -45.09
C LEU C 216 -10.88 8.46 -43.77
N LYS C 217 -10.64 9.76 -43.60
CA LYS C 217 -11.13 10.54 -42.46
C LYS C 217 -11.51 11.92 -43.02
N ILE C 218 -12.77 12.06 -43.40
CA ILE C 218 -13.26 13.24 -44.11
C ILE C 218 -14.07 14.08 -43.14
N PRO C 219 -13.79 15.37 -43.00
CA PRO C 219 -14.58 16.23 -42.12
C PRO C 219 -15.87 16.67 -42.81
N PHE C 220 -17.00 16.23 -42.27
CA PHE C 220 -18.32 16.54 -42.82
C PHE C 220 -19.07 17.59 -42.02
N GLY C 221 -19.09 17.47 -40.69
CA GLY C 221 -19.94 18.32 -39.88
C GLY C 221 -21.41 18.10 -40.11
N LEU C 222 -21.83 16.85 -40.27
CA LEU C 222 -23.19 16.50 -40.65
C LEU C 222 -23.88 15.70 -39.55
N ASN C 223 -25.17 15.99 -39.36
CA ASN C 223 -26.04 15.16 -38.54
C ASN C 223 -26.46 13.97 -39.40
N VAL C 224 -25.84 12.83 -39.18
CA VAL C 224 -26.03 11.64 -40.01
C VAL C 224 -26.93 10.68 -39.26
N THR C 225 -28.09 10.38 -39.85
CA THR C 225 -29.03 9.44 -39.27
C THR C 225 -29.51 8.36 -40.23
N SER C 226 -29.37 8.56 -41.54
CA SER C 226 -29.84 7.60 -42.52
C SER C 226 -28.86 7.53 -43.68
N PHE C 227 -28.92 6.44 -44.44
CA PHE C 227 -28.06 6.29 -45.60
C PHE C 227 -28.76 5.41 -46.63
N LYS C 228 -28.30 5.54 -47.87
CA LYS C 228 -28.84 4.81 -49.02
C LYS C 228 -27.69 4.40 -49.91
N THR C 229 -27.93 3.42 -50.77
CA THR C 229 -26.89 2.86 -51.63
C THR C 229 -27.22 3.08 -53.09
N PHE C 230 -26.17 3.25 -53.90
CA PHE C 230 -26.29 3.45 -55.33
C PHE C 230 -25.94 2.16 -56.06
N LEU C 231 -26.77 1.79 -57.04
CA LEU C 231 -26.60 0.56 -57.81
C LEU C 231 -26.43 0.91 -59.29
N ALA C 232 -26.19 -0.14 -60.09
CA ALA C 232 -26.04 0.00 -61.52
C ALA C 232 -26.97 -0.99 -62.21
N VAL C 233 -27.70 -0.52 -63.22
CA VAL C 233 -28.70 -1.32 -63.92
C VAL C 233 -28.47 -1.16 -65.42
N TYR C 234 -28.43 -2.29 -66.14
CA TYR C 234 -28.14 -2.30 -67.56
C TYR C 234 -29.40 -2.02 -68.38
N ARG C 235 -29.22 -1.40 -69.54
CA ARG C 235 -30.30 -1.17 -70.48
C ARG C 235 -30.01 -1.93 -71.77
N VAL C 236 -30.96 -2.76 -72.19
CA VAL C 236 -30.81 -3.59 -73.38
C VAL C 236 -30.94 -2.74 -74.63
N ALA C 237 -30.55 -3.30 -75.78
CA ALA C 237 -30.60 -2.58 -77.04
C ALA C 237 -32.03 -2.33 -77.52
N ALA C 238 -33.00 -3.09 -77.02
CA ALA C 238 -34.39 -2.92 -77.41
C ALA C 238 -35.10 -1.81 -76.65
N GLY C 239 -34.42 -1.18 -75.68
CA GLY C 239 -35.02 -0.12 -74.89
C GLY C 239 -35.52 -0.57 -73.53
N SER C 240 -35.67 -1.87 -73.30
CA SER C 240 -36.11 -2.36 -72.01
C SER C 240 -34.98 -2.29 -70.99
N ILE C 241 -35.32 -2.53 -69.73
CA ILE C 241 -34.38 -2.46 -68.62
C ILE C 241 -34.10 -3.88 -68.14
N SER C 242 -32.93 -4.09 -67.54
CA SER C 242 -32.53 -5.38 -67.02
C SER C 242 -31.52 -5.20 -65.90
N VAL C 243 -31.62 -6.03 -64.87
CA VAL C 243 -30.77 -5.93 -63.70
C VAL C 243 -29.82 -7.13 -63.69
N ALA C 244 -28.64 -6.94 -63.11
CA ALA C 244 -27.66 -8.00 -62.98
C ALA C 244 -27.61 -8.52 -61.55
N SER C 245 -26.97 -9.67 -61.37
CA SER C 245 -26.96 -10.34 -60.07
C SER C 245 -25.94 -9.70 -59.14
N SER C 246 -26.41 -9.30 -57.96
CA SER C 246 -25.55 -8.74 -56.92
C SER C 246 -26.27 -8.88 -55.58
N ALA C 247 -25.52 -8.72 -54.50
CA ALA C 247 -26.08 -8.80 -53.16
C ALA C 247 -25.19 -8.02 -52.19
N TYR C 248 -25.81 -7.50 -51.14
CA TYR C 248 -25.07 -6.81 -50.10
C TYR C 248 -25.77 -7.03 -48.76
N TYR C 249 -25.02 -6.81 -47.68
CA TYR C 249 -25.47 -7.10 -46.33
C TYR C 249 -25.18 -5.92 -45.42
N VAL C 250 -26.10 -5.63 -44.51
CA VAL C 250 -26.01 -4.47 -43.63
C VAL C 250 -26.10 -4.93 -42.18
N GLY C 251 -25.10 -4.57 -41.37
CA GLY C 251 -25.14 -4.85 -39.96
C GLY C 251 -24.83 -3.61 -39.16
N TYR C 252 -25.17 -3.66 -37.88
CA TYR C 252 -25.03 -2.52 -36.99
C TYR C 252 -24.06 -2.83 -35.86
N LEU C 253 -23.33 -1.80 -35.44
CA LEU C 253 -22.34 -1.94 -34.38
C LEU C 253 -22.98 -1.68 -33.02
N LYS C 254 -22.41 -2.31 -31.99
CA LYS C 254 -22.89 -2.22 -30.62
C LYS C 254 -21.72 -1.91 -29.69
N PRO C 255 -21.98 -1.25 -28.56
CA PRO C 255 -20.90 -1.04 -27.58
C PRO C 255 -20.54 -2.33 -26.85
N LEU C 256 -19.39 -2.91 -27.19
CA LEU C 256 -18.98 -4.20 -26.66
C LEU C 256 -17.51 -4.15 -26.28
N THR C 257 -17.08 -5.16 -25.53
CA THR C 257 -15.68 -5.32 -25.16
C THR C 257 -15.09 -6.46 -25.98
N PHE C 258 -13.93 -6.19 -26.59
CA PHE C 258 -13.27 -7.14 -27.47
C PHE C 258 -11.84 -7.36 -27.01
N MET C 259 -11.32 -8.54 -27.32
CA MET C 259 -9.93 -8.88 -27.06
C MET C 259 -9.24 -9.08 -28.39
N LEU C 260 -8.13 -8.36 -28.61
CA LEU C 260 -7.46 -8.34 -29.89
C LEU C 260 -6.03 -8.86 -29.73
N SER C 261 -5.51 -9.46 -30.80
CA SER C 261 -4.18 -10.03 -30.82
C SER C 261 -3.40 -9.46 -32.00
N TYR C 262 -2.10 -9.30 -31.80
CA TYR C 262 -1.20 -8.79 -32.83
C TYR C 262 -0.08 -9.79 -33.06
N ASP C 263 0.33 -9.93 -34.31
CA ASP C 263 1.36 -10.89 -34.70
C ASP C 263 2.71 -10.20 -34.79
N LEU C 264 3.71 -10.94 -35.28
CA LEU C 264 5.07 -10.40 -35.37
C LEU C 264 5.20 -9.29 -36.42
N ASN C 265 4.27 -9.20 -37.36
CA ASN C 265 4.27 -8.13 -38.37
C ASN C 265 3.42 -6.94 -37.97
N GLY C 266 2.76 -6.99 -36.81
CA GLY C 266 1.93 -5.89 -36.37
C GLY C 266 0.52 -5.88 -36.91
N THR C 267 0.01 -7.02 -37.39
CA THR C 267 -1.32 -7.12 -37.96
C THR C 267 -2.23 -7.92 -37.03
N ILE C 268 -3.51 -7.57 -37.03
CA ILE C 268 -4.48 -8.27 -36.20
C ILE C 268 -4.81 -9.61 -36.85
N LYS C 269 -4.66 -10.70 -36.07
CA LYS C 269 -4.88 -12.04 -36.58
C LYS C 269 -5.98 -12.81 -35.88
N ASN C 270 -6.41 -12.40 -34.69
CA ASN C 270 -7.46 -13.11 -33.98
C ASN C 270 -8.20 -12.14 -33.07
N ALA C 271 -9.44 -12.50 -32.75
CA ALA C 271 -10.28 -11.66 -31.90
C ALA C 271 -11.30 -12.53 -31.19
N VAL C 272 -11.76 -12.04 -30.03
CA VAL C 272 -12.73 -12.74 -29.21
C VAL C 272 -13.77 -11.72 -28.73
N ASP C 273 -15.05 -12.02 -28.96
CA ASP C 273 -16.14 -11.22 -28.43
C ASP C 273 -16.53 -11.79 -27.07
N CYS C 274 -16.27 -11.02 -26.00
CA CYS C 274 -16.41 -11.53 -24.65
C CYS C 274 -17.85 -11.73 -24.21
N SER C 275 -18.83 -11.23 -24.96
CA SER C 275 -20.23 -11.31 -24.56
C SER C 275 -20.99 -12.40 -25.30
N GLN C 276 -20.30 -13.28 -26.04
CA GLN C 276 -20.99 -14.26 -26.86
C GLN C 276 -21.39 -15.49 -26.05
N ASP C 277 -20.41 -16.21 -25.49
CA ASP C 277 -20.66 -17.46 -24.81
C ASP C 277 -19.83 -17.50 -23.51
N PRO C 278 -20.15 -18.39 -22.56
CA PRO C 278 -19.32 -18.49 -21.35
C PRO C 278 -17.86 -18.81 -21.60
N LEU C 279 -17.56 -19.57 -22.66
CA LEU C 279 -16.16 -19.85 -23.00
C LEU C 279 -15.42 -18.57 -23.40
N ALA C 280 -16.08 -17.69 -24.16
CA ALA C 280 -15.47 -16.42 -24.52
C ALA C 280 -15.29 -15.52 -23.30
N GLU C 281 -16.25 -15.56 -22.37
CA GLU C 281 -16.12 -14.82 -21.12
C GLU C 281 -14.94 -15.32 -20.30
N LEU C 282 -14.74 -16.65 -20.28
CA LEU C 282 -13.59 -17.23 -19.59
C LEU C 282 -12.29 -16.83 -20.27
N LYS C 283 -12.27 -16.80 -21.61
CA LYS C 283 -11.08 -16.40 -22.34
C LYS C 283 -10.73 -14.94 -22.08
N CYS C 284 -11.74 -14.07 -22.04
CA CYS C 284 -11.52 -12.66 -21.79
C CYS C 284 -11.19 -12.35 -20.33
N THR C 285 -11.62 -13.21 -19.40
CA THR C 285 -11.30 -12.99 -17.98
C THR C 285 -9.82 -13.25 -17.71
N ILE C 286 -9.28 -14.37 -18.19
CA ILE C 286 -7.88 -14.72 -17.96
C ILE C 286 -6.94 -14.13 -18.99
N LYS C 287 -7.47 -13.52 -20.05
CA LYS C 287 -6.70 -12.86 -21.11
C LYS C 287 -5.74 -13.83 -21.80
N ASN C 288 -6.31 -14.90 -22.35
CA ASN C 288 -5.54 -15.89 -23.09
C ASN C 288 -6.46 -16.61 -24.06
N PHE C 289 -5.90 -17.04 -25.19
CA PHE C 289 -6.67 -17.78 -26.17
C PHE C 289 -6.69 -19.27 -25.92
N ASN C 290 -5.86 -19.75 -25.00
CA ASN C 290 -5.82 -21.17 -24.63
C ASN C 290 -6.14 -21.30 -23.15
N VAL C 291 -7.05 -22.21 -22.83
CA VAL C 291 -7.51 -22.44 -21.46
C VAL C 291 -7.17 -23.86 -21.07
N SER C 292 -6.54 -24.02 -19.90
CA SER C 292 -6.25 -25.33 -19.35
C SER C 292 -7.47 -25.89 -18.62
N LYS C 293 -7.37 -27.15 -18.22
CA LYS C 293 -8.45 -27.80 -17.50
C LYS C 293 -8.56 -27.26 -16.08
N GLY C 294 -9.78 -26.97 -15.66
CA GLY C 294 -10.03 -26.50 -14.31
C GLY C 294 -11.36 -25.78 -14.23
N ILE C 295 -11.56 -25.10 -13.11
CA ILE C 295 -12.75 -24.30 -12.85
C ILE C 295 -12.30 -22.90 -12.45
N TYR C 296 -12.88 -21.89 -13.09
CA TYR C 296 -12.44 -20.52 -12.93
C TYR C 296 -13.64 -19.61 -12.69
N GLN C 297 -13.40 -18.54 -11.95
CA GLN C 297 -14.40 -17.49 -11.75
C GLN C 297 -14.26 -16.44 -12.83
N THR C 298 -15.39 -15.98 -13.36
CA THR C 298 -15.41 -15.06 -14.49
C THR C 298 -16.09 -13.75 -14.11
N SER C 299 -15.66 -12.67 -14.76
CA SER C 299 -16.26 -11.36 -14.59
C SER C 299 -17.48 -11.22 -15.49
N ASN C 300 -18.32 -10.24 -15.18
CA ASN C 300 -19.57 -10.05 -15.90
C ASN C 300 -19.33 -9.30 -17.19
N PHE C 301 -19.62 -9.93 -18.32
CA PHE C 301 -19.51 -9.32 -19.64
C PHE C 301 -20.79 -9.48 -20.46
N ARG C 302 -21.83 -10.09 -19.89
CA ARG C 302 -22.93 -10.61 -20.70
C ARG C 302 -24.17 -9.71 -20.73
N VAL C 303 -24.32 -8.77 -19.80
CA VAL C 303 -25.55 -8.01 -19.70
C VAL C 303 -25.22 -6.52 -19.77
N SER C 304 -26.13 -5.76 -20.39
CA SER C 304 -26.00 -4.32 -20.57
C SER C 304 -27.38 -3.69 -20.61
N PRO C 305 -27.57 -2.51 -20.04
CA PRO C 305 -28.86 -1.82 -20.14
C PRO C 305 -29.09 -1.29 -21.55
N THR C 306 -30.37 -1.07 -21.88
CA THR C 306 -30.75 -0.69 -23.23
C THR C 306 -31.67 0.51 -23.32
N ARG C 307 -32.38 0.89 -22.26
CA ARG C 307 -33.30 2.01 -22.30
C ARG C 307 -33.34 2.72 -20.95
N GLU C 308 -33.85 3.95 -20.97
CA GLU C 308 -33.75 4.88 -19.86
C GLU C 308 -35.12 5.23 -19.30
N VAL C 309 -35.19 5.29 -17.97
CA VAL C 309 -36.40 5.67 -17.25
C VAL C 309 -36.09 6.95 -16.47
N VAL C 310 -36.94 7.96 -16.60
CA VAL C 310 -36.77 9.23 -15.88
C VAL C 310 -38.10 9.62 -15.25
N ARG C 311 -38.05 10.01 -13.97
CA ARG C 311 -39.24 10.42 -13.22
C ARG C 311 -38.96 11.73 -12.53
N PHE C 312 -39.81 12.73 -12.77
CA PHE C 312 -39.66 14.08 -12.26
C PHE C 312 -40.97 14.57 -11.65
N PRO C 313 -40.92 15.56 -10.73
CA PRO C 313 -42.16 16.04 -10.08
C PRO C 313 -43.12 16.79 -11.00
N ASN C 314 -44.20 17.30 -10.42
CA ASN C 314 -45.33 17.83 -11.16
C ASN C 314 -45.29 19.35 -11.35
N ILE C 315 -44.16 19.99 -11.07
CA ILE C 315 -44.08 21.44 -11.19
C ILE C 315 -44.14 21.83 -12.67
N THR C 316 -44.90 22.88 -12.98
CA THR C 316 -45.20 23.19 -14.37
C THR C 316 -45.06 24.65 -14.77
N ASN C 317 -45.14 25.61 -13.85
CA ASN C 317 -45.05 27.01 -14.23
C ASN C 317 -43.60 27.46 -14.32
N ARG C 318 -43.34 28.37 -15.26
CA ARG C 318 -41.98 28.83 -15.51
C ARG C 318 -41.48 29.70 -14.35
N CYS C 319 -40.16 29.85 -14.28
CA CYS C 319 -39.60 30.62 -13.19
C CYS C 319 -39.45 32.07 -13.58
N PRO C 320 -39.73 33.03 -12.68
CA PRO C 320 -39.58 34.44 -13.03
C PRO C 320 -38.14 34.87 -13.20
N PHE C 321 -37.72 35.06 -14.45
CA PHE C 321 -36.38 35.52 -14.77
C PHE C 321 -36.33 37.00 -15.09
N ASP C 322 -37.35 37.53 -15.78
CA ASP C 322 -37.39 38.94 -16.10
C ASP C 322 -37.70 39.80 -14.89
N SER C 323 -38.28 39.23 -13.83
CA SER C 323 -38.52 39.99 -12.61
C SER C 323 -37.23 40.23 -11.84
N ILE C 324 -36.25 39.35 -12.01
CA ILE C 324 -34.97 39.48 -11.31
C ILE C 324 -33.91 40.07 -12.23
N PHE C 325 -33.74 39.50 -13.42
CA PHE C 325 -32.66 39.96 -14.31
C PHE C 325 -32.98 41.32 -14.92
N ASN C 326 -34.26 41.60 -15.17
CA ASN C 326 -34.70 42.84 -15.81
C ASN C 326 -35.54 43.69 -14.87
N ALA C 327 -35.11 43.83 -13.63
CA ALA C 327 -35.82 44.68 -12.67
C ALA C 327 -35.62 46.15 -13.03
N SER C 328 -36.46 46.99 -12.42
CA SER C 328 -36.41 48.42 -12.72
C SER C 328 -35.14 49.06 -12.16
N ARG C 329 -34.71 48.64 -10.97
CA ARG C 329 -33.51 49.21 -10.37
C ARG C 329 -32.86 48.16 -9.47
N PHE C 330 -31.59 48.38 -9.18
CA PHE C 330 -30.79 47.50 -8.34
C PHE C 330 -30.24 48.26 -7.14
N PRO C 331 -30.10 47.62 -5.99
CA PRO C 331 -29.59 48.31 -4.81
C PRO C 331 -28.08 48.48 -4.84
N SER C 332 -27.58 49.28 -3.91
CA SER C 332 -26.15 49.44 -3.73
C SER C 332 -25.55 48.16 -3.15
N VAL C 333 -24.22 48.02 -3.28
CA VAL C 333 -23.56 46.80 -2.86
C VAL C 333 -23.55 46.68 -1.33
N TYR C 334 -23.51 47.80 -0.61
CA TYR C 334 -23.56 47.73 0.85
C TYR C 334 -24.96 47.43 1.37
N ALA C 335 -25.98 47.52 0.52
CA ALA C 335 -27.37 47.26 0.88
C ALA C 335 -27.98 46.22 -0.05
N TRP C 336 -27.25 45.12 -0.26
CA TRP C 336 -27.71 44.08 -1.17
C TRP C 336 -28.91 43.35 -0.61
N GLU C 337 -29.73 42.83 -1.51
CA GLU C 337 -31.01 42.22 -1.16
C GLU C 337 -31.03 40.74 -1.54
N ARG C 338 -31.80 39.96 -0.79
CA ARG C 338 -31.90 38.53 -0.99
C ARG C 338 -33.35 38.15 -1.29
N THR C 339 -33.54 37.31 -2.30
CA THR C 339 -34.87 36.91 -2.74
C THR C 339 -34.94 35.39 -2.81
N LYS C 340 -36.04 34.83 -2.31
CA LYS C 340 -36.24 33.38 -2.33
C LYS C 340 -36.95 32.96 -3.62
N ILE C 341 -36.53 31.83 -4.16
CA ILE C 341 -37.11 31.26 -5.38
C ILE C 341 -37.60 29.84 -5.06
N SER C 342 -38.87 29.58 -5.34
CA SER C 342 -39.44 28.27 -5.07
C SER C 342 -40.58 28.01 -6.04
N ASP C 343 -40.91 26.72 -6.21
CA ASP C 343 -41.96 26.23 -7.09
C ASP C 343 -41.76 26.72 -8.53
N CYS C 344 -40.59 26.42 -9.07
CA CYS C 344 -40.15 26.95 -10.34
C CYS C 344 -39.82 25.82 -11.31
N VAL C 345 -39.74 26.18 -12.59
CA VAL C 345 -39.14 25.35 -13.62
C VAL C 345 -38.05 26.21 -14.25
N ALA C 346 -36.80 25.92 -13.93
CA ALA C 346 -35.68 26.78 -14.28
C ALA C 346 -35.11 26.33 -15.62
N ASP C 347 -35.40 27.10 -16.68
CA ASP C 347 -34.82 26.88 -17.99
C ASP C 347 -34.14 28.18 -18.42
N TYR C 348 -32.82 28.10 -18.62
CA TYR C 348 -32.04 29.29 -18.97
C TYR C 348 -32.07 29.58 -20.46
N THR C 349 -32.76 28.76 -21.26
CA THR C 349 -32.77 28.95 -22.70
C THR C 349 -33.58 30.18 -23.10
N VAL C 350 -34.56 30.57 -22.30
CA VAL C 350 -35.44 31.68 -22.65
C VAL C 350 -34.75 33.04 -22.65
N LEU C 351 -33.55 33.13 -22.08
CA LEU C 351 -32.79 34.38 -22.07
C LEU C 351 -31.75 34.45 -23.19
N TYR C 352 -31.76 33.49 -24.11
CA TYR C 352 -30.70 33.39 -25.11
C TYR C 352 -30.77 34.49 -26.15
N ASN C 353 -31.96 34.95 -26.52
CA ASN C 353 -32.11 35.95 -27.57
C ASN C 353 -32.35 37.35 -27.02
N SER C 354 -32.16 37.56 -25.72
CA SER C 354 -32.40 38.86 -25.11
C SER C 354 -31.29 39.34 -24.19
N THR C 355 -30.42 38.47 -23.69
CA THR C 355 -29.40 38.84 -22.72
C THR C 355 -28.03 38.46 -23.22
N LEU C 356 -27.01 39.07 -22.61
CA LEU C 356 -25.62 38.80 -22.93
C LEU C 356 -24.80 38.97 -21.65
N PHE C 357 -24.28 37.87 -21.14
CA PHE C 357 -23.58 37.85 -19.85
C PHE C 357 -22.07 37.84 -20.04
N SER C 358 -21.40 38.79 -19.41
CA SER C 358 -19.95 38.85 -19.46
C SER C 358 -19.29 37.81 -18.54
N THR C 359 -19.96 37.42 -17.46
CA THR C 359 -19.41 36.48 -16.51
C THR C 359 -20.46 35.43 -16.16
N PHE C 360 -20.07 34.15 -16.24
CA PHE C 360 -20.94 33.05 -15.84
C PHE C 360 -20.02 31.95 -15.30
N LYS C 361 -19.86 31.93 -13.98
CA LYS C 361 -18.97 30.99 -13.30
C LYS C 361 -19.75 30.28 -12.20
N CYS C 362 -19.69 28.95 -12.19
CA CYS C 362 -20.41 28.15 -11.23
C CYS C 362 -19.42 27.37 -10.36
N TYR C 363 -19.82 27.16 -9.10
CA TYR C 363 -18.96 26.53 -8.10
C TYR C 363 -19.69 25.33 -7.50
N GLY C 364 -18.99 24.20 -7.43
CA GLY C 364 -19.55 22.98 -6.89
C GLY C 364 -20.45 22.22 -7.83
N VAL C 365 -20.65 22.71 -9.05
CA VAL C 365 -21.50 22.05 -10.04
C VAL C 365 -21.02 22.51 -11.40
N SER C 366 -21.22 21.68 -12.39
CA SER C 366 -20.71 22.11 -13.68
C SER C 366 -21.84 22.68 -14.54
N PRO C 367 -21.53 23.67 -15.38
CA PRO C 367 -22.51 24.11 -16.37
C PRO C 367 -22.76 23.02 -17.41
N SER C 368 -23.90 23.15 -18.09
CA SER C 368 -24.52 22.15 -18.97
C SER C 368 -24.96 20.91 -18.20
N LYS C 369 -25.01 20.97 -16.87
CA LYS C 369 -25.65 19.97 -16.05
C LYS C 369 -26.84 20.51 -15.26
N LEU C 370 -27.08 21.83 -15.31
CA LEU C 370 -28.18 22.43 -14.58
C LEU C 370 -29.54 22.10 -15.20
N ILE C 371 -29.56 21.61 -16.43
CA ILE C 371 -30.81 21.26 -17.08
C ILE C 371 -31.46 20.05 -16.42
N ASP C 372 -30.65 19.07 -16.00
CA ASP C 372 -31.16 17.81 -15.46
C ASP C 372 -30.93 17.70 -13.96
N LEU C 373 -31.12 18.80 -13.23
CA LEU C 373 -30.90 18.83 -11.80
C LEU C 373 -32.08 19.48 -11.10
N CYS C 374 -32.32 19.08 -9.85
CA CYS C 374 -33.36 19.66 -9.01
C CYS C 374 -32.71 20.24 -7.76
N PHE C 375 -32.99 21.51 -7.48
CA PHE C 375 -32.45 22.20 -6.31
C PHE C 375 -33.55 22.40 -5.28
N THR C 376 -33.13 22.70 -4.05
CA THR C 376 -34.08 22.90 -2.96
C THR C 376 -34.06 24.33 -2.41
N SER C 377 -32.92 24.79 -1.90
CA SER C 377 -32.84 26.09 -1.24
C SER C 377 -32.20 27.13 -2.18
N VAL C 378 -33.01 27.61 -3.11
CA VAL C 378 -32.53 28.58 -4.10
C VAL C 378 -32.73 29.99 -3.57
N TYR C 379 -31.67 30.78 -3.59
CA TYR C 379 -31.72 32.19 -3.20
C TYR C 379 -30.97 33.02 -4.23
N ALA C 380 -31.35 34.29 -4.34
CA ALA C 380 -30.76 35.20 -5.32
C ALA C 380 -30.35 36.49 -4.62
N ASP C 381 -29.10 36.90 -4.84
CA ASP C 381 -28.56 38.14 -4.28
C ASP C 381 -28.25 39.11 -5.42
N THR C 382 -28.76 40.33 -5.33
CA THR C 382 -28.60 41.33 -6.39
C THR C 382 -27.97 42.60 -5.83
N PHE C 383 -26.97 43.12 -6.54
CA PHE C 383 -26.36 44.40 -6.20
C PHE C 383 -25.73 44.97 -7.47
N LEU C 384 -25.05 46.09 -7.32
CA LEU C 384 -24.52 46.85 -8.45
C LEU C 384 -23.15 47.41 -8.09
N ILE C 385 -22.14 47.05 -8.88
CA ILE C 385 -20.76 47.47 -8.64
C ILE C 385 -20.16 47.97 -9.95
N ARG C 386 -18.87 48.32 -9.89
CA ARG C 386 -18.11 48.70 -11.06
C ARG C 386 -17.71 47.46 -11.86
N PHE C 387 -17.25 47.69 -13.09
CA PHE C 387 -16.96 46.57 -13.99
C PHE C 387 -15.69 45.82 -13.58
N SER C 388 -14.72 46.52 -13.00
CA SER C 388 -13.46 45.88 -12.63
C SER C 388 -13.52 45.14 -11.30
N GLU C 389 -14.62 45.28 -10.54
CA GLU C 389 -14.73 44.65 -9.24
C GLU C 389 -15.47 43.32 -9.27
N VAL C 390 -15.82 42.83 -10.46
CA VAL C 390 -16.54 41.55 -10.57
C VAL C 390 -15.62 40.39 -10.16
N ARG C 391 -14.31 40.53 -10.37
CA ARG C 391 -13.37 39.49 -10.00
C ARG C 391 -13.31 39.26 -8.49
N GLN C 392 -13.71 40.25 -7.69
CA GLN C 392 -13.72 40.09 -6.24
C GLN C 392 -14.91 39.29 -5.74
N VAL C 393 -15.91 39.04 -6.58
CA VAL C 393 -17.08 38.25 -6.18
C VAL C 393 -16.71 36.79 -6.47
N ALA C 394 -15.98 36.20 -5.54
CA ALA C 394 -15.50 34.82 -5.65
C ALA C 394 -15.08 34.37 -4.26
N PRO C 395 -15.17 33.08 -3.95
CA PRO C 395 -14.76 32.61 -2.63
C PRO C 395 -13.25 32.71 -2.44
N GLY C 396 -12.85 33.32 -1.32
CA GLY C 396 -11.44 33.45 -0.99
C GLY C 396 -10.72 34.64 -1.58
N GLU C 397 -11.45 35.67 -1.99
CA GLU C 397 -10.85 36.85 -2.59
C GLU C 397 -10.63 37.94 -1.55
N THR C 398 -9.95 39.00 -1.98
CA THR C 398 -9.68 40.18 -1.17
C THR C 398 -10.01 41.43 -1.97
N GLY C 399 -10.07 42.56 -1.29
CA GLY C 399 -10.44 43.82 -1.89
C GLY C 399 -11.51 44.54 -1.09
N VAL C 400 -11.89 45.72 -1.58
CA VAL C 400 -12.84 46.57 -0.88
C VAL C 400 -14.25 45.96 -0.89
N ILE C 401 -14.55 45.10 -1.86
CA ILE C 401 -15.86 44.49 -1.94
C ILE C 401 -15.90 43.21 -1.12
N ALA C 402 -14.81 42.44 -1.12
CA ALA C 402 -14.83 41.09 -0.60
C ALA C 402 -14.87 41.02 0.93
N ASP C 403 -14.47 42.07 1.63
CA ASP C 403 -14.44 42.02 3.09
C ASP C 403 -15.25 43.10 3.78
N TYR C 404 -15.65 44.16 3.08
CA TYR C 404 -16.41 45.24 3.70
C TYR C 404 -17.84 45.35 3.18
N ASN C 405 -18.16 44.79 2.03
CA ASN C 405 -19.50 44.89 1.47
C ASN C 405 -20.19 43.55 1.30
N TYR C 406 -19.56 42.58 0.65
CA TYR C 406 -20.20 41.32 0.35
C TYR C 406 -19.16 40.21 0.33
N ARG C 407 -19.36 39.18 1.16
CA ARG C 407 -18.38 38.10 1.31
C ARG C 407 -19.08 36.77 1.11
N LEU C 408 -18.49 35.91 0.28
CA LEU C 408 -18.96 34.56 -0.03
C LEU C 408 -18.34 33.55 0.93
N PRO C 409 -19.06 32.50 1.30
CA PRO C 409 -18.47 31.46 2.14
C PRO C 409 -17.49 30.60 1.35
N ASP C 410 -16.65 29.89 2.09
CA ASP C 410 -15.63 29.04 1.46
C ASP C 410 -16.24 27.81 0.80
N ASP C 411 -17.24 27.21 1.43
CA ASP C 411 -17.94 26.05 0.85
C ASP C 411 -19.17 26.49 0.05
N PHE C 412 -18.95 27.41 -0.88
CA PHE C 412 -20.04 27.99 -1.65
C PHE C 412 -20.44 27.08 -2.81
N THR C 413 -21.75 26.93 -3.00
CA THR C 413 -22.29 26.16 -4.12
C THR C 413 -23.32 27.02 -4.83
N GLY C 414 -23.05 27.36 -6.08
CA GLY C 414 -23.93 28.21 -6.85
C GLY C 414 -23.19 28.81 -8.03
N CYS C 415 -23.79 29.85 -8.61
CA CYS C 415 -23.25 30.48 -9.80
C CYS C 415 -23.26 31.99 -9.63
N VAL C 416 -22.33 32.66 -10.32
CA VAL C 416 -22.20 34.11 -10.31
C VAL C 416 -22.40 34.62 -11.73
N ILE C 417 -23.35 35.54 -11.90
CA ILE C 417 -23.72 36.06 -13.21
C ILE C 417 -23.59 37.58 -13.18
N ALA C 418 -22.91 38.15 -14.17
CA ALA C 418 -22.73 39.59 -14.26
C ALA C 418 -22.84 40.04 -15.70
N TRP C 419 -23.31 41.28 -15.89
CA TRP C 419 -23.40 41.89 -17.21
C TRP C 419 -23.40 43.40 -17.06
N ASN C 420 -22.89 44.09 -18.08
CA ASN C 420 -22.74 45.53 -18.02
C ASN C 420 -24.08 46.22 -18.29
N THR C 421 -24.36 47.28 -17.53
CA THR C 421 -25.61 48.00 -17.61
C THR C 421 -25.39 49.50 -17.70
N ALA C 422 -24.50 49.91 -18.62
CA ALA C 422 -24.38 51.32 -18.93
C ALA C 422 -25.63 51.79 -19.68
N ASN C 423 -25.84 53.12 -19.66
CA ASN C 423 -27.01 53.79 -20.22
C ASN C 423 -28.32 53.32 -19.57
N GLN C 424 -28.26 52.73 -18.39
CA GLN C 424 -29.45 52.29 -17.66
C GLN C 424 -29.46 52.78 -16.22
N ASP C 425 -28.31 52.84 -15.56
CA ASP C 425 -28.20 53.30 -14.18
C ASP C 425 -27.36 54.57 -14.17
N VAL C 426 -27.95 55.67 -13.73
CA VAL C 426 -27.36 56.99 -13.87
C VAL C 426 -27.15 57.60 -12.49
N GLY C 427 -27.91 57.14 -11.51
CA GLY C 427 -27.88 57.71 -10.18
C GLY C 427 -26.58 57.45 -9.44
N SER C 428 -26.51 58.04 -8.24
CA SER C 428 -25.34 57.90 -7.38
C SER C 428 -25.51 56.72 -6.45
N TYR C 429 -24.45 55.93 -6.28
CA TYR C 429 -24.49 54.73 -5.46
C TYR C 429 -23.31 54.74 -4.51
N PHE C 430 -23.41 53.92 -3.46
CA PHE C 430 -22.49 53.99 -2.34
C PHE C 430 -21.89 52.61 -2.05
N TYR C 431 -20.75 52.62 -1.36
CA TYR C 431 -20.08 51.40 -0.95
C TYR C 431 -19.23 51.71 0.28
N ARG C 432 -18.92 50.68 1.05
CA ARG C 432 -18.13 50.86 2.26
C ARG C 432 -16.65 50.93 1.91
N SER C 433 -16.00 52.01 2.34
CA SER C 433 -14.59 52.22 2.05
C SER C 433 -13.67 51.60 3.08
N HIS C 434 -14.04 51.66 4.36
CA HIS C 434 -13.22 51.07 5.41
C HIS C 434 -14.12 50.66 6.58
N ARG C 435 -13.60 49.76 7.40
CA ARG C 435 -14.36 49.22 8.53
C ARG C 435 -13.38 48.81 9.61
N SER C 436 -13.91 48.65 10.83
CA SER C 436 -13.06 48.24 11.95
C SER C 436 -12.62 46.78 11.81
N THR C 437 -13.45 45.95 11.20
CA THR C 437 -13.13 44.54 10.99
C THR C 437 -13.71 44.11 9.65
N LYS C 438 -13.65 42.82 9.38
CA LYS C 438 -14.12 42.25 8.12
C LYS C 438 -15.45 41.54 8.32
N LEU C 439 -16.27 41.55 7.28
CA LEU C 439 -17.60 40.96 7.35
C LEU C 439 -17.53 39.44 7.35
N LYS C 440 -18.46 38.82 8.05
CA LYS C 440 -18.68 37.39 7.98
C LYS C 440 -19.40 37.06 6.67
N PRO C 441 -19.33 35.80 6.20
CA PRO C 441 -20.02 35.45 4.95
C PRO C 441 -21.52 35.63 5.04
N PHE C 442 -22.09 36.14 3.94
CA PHE C 442 -23.53 36.40 3.78
C PHE C 442 -24.08 37.31 4.88
N GLU C 443 -23.34 38.37 5.19
CA GLU C 443 -23.75 39.34 6.21
C GLU C 443 -23.82 40.73 5.60
N ARG C 444 -24.59 41.59 6.25
CA ARG C 444 -24.88 42.93 5.76
C ARG C 444 -24.72 43.93 6.89
N ASP C 445 -24.07 45.07 6.60
CA ASP C 445 -23.90 46.10 7.63
C ASP C 445 -25.15 46.98 7.72
N LEU C 446 -25.50 47.65 6.62
CA LEU C 446 -26.74 48.42 6.46
C LEU C 446 -26.86 49.54 7.49
N SER C 447 -25.87 50.43 7.48
CA SER C 447 -25.86 51.58 8.36
C SER C 447 -24.94 52.64 7.78
N SER C 448 -25.12 53.88 8.26
CA SER C 448 -24.33 55.00 7.80
C SER C 448 -23.93 55.85 9.01
N ASP C 449 -23.21 56.94 8.72
CA ASP C 449 -22.59 57.89 9.66
C ASP C 449 -22.00 57.23 10.89
N GLU C 450 -21.06 56.31 10.68
CA GLU C 450 -20.42 55.62 11.80
C GLU C 450 -19.49 56.56 12.55
N ASN C 451 -19.65 56.57 13.88
CA ASN C 451 -18.83 57.38 14.82
C ASN C 451 -19.00 58.84 14.43
N GLY C 452 -17.94 59.59 14.19
CA GLY C 452 -18.02 60.95 13.71
C GLY C 452 -17.76 61.13 12.23
N VAL C 453 -17.54 60.04 11.50
CA VAL C 453 -17.20 60.10 10.08
C VAL C 453 -18.34 59.52 9.26
N ARG C 454 -18.20 59.60 7.94
CA ARG C 454 -19.22 59.07 7.04
C ARG C 454 -18.94 57.62 6.65
N THR C 455 -17.66 57.31 6.36
CA THR C 455 -17.13 56.00 5.93
C THR C 455 -17.98 55.29 4.87
N LEU C 456 -18.68 56.06 4.03
CA LEU C 456 -19.46 55.53 2.92
C LEU C 456 -19.05 56.28 1.66
N SER C 457 -18.08 55.75 0.93
CA SER C 457 -17.64 56.38 -0.32
C SER C 457 -18.69 56.18 -1.41
N THR C 458 -18.63 57.03 -2.42
CA THR C 458 -19.61 57.03 -3.50
C THR C 458 -18.92 57.07 -4.85
N TYR C 459 -19.57 56.49 -5.85
CA TYR C 459 -19.18 56.64 -7.24
C TYR C 459 -20.38 57.07 -8.06
N ASP C 460 -20.12 57.87 -9.09
CA ASP C 460 -21.16 58.36 -9.99
C ASP C 460 -21.11 57.58 -11.29
N PHE C 461 -22.27 57.13 -11.75
CA PHE C 461 -22.39 56.32 -12.96
C PHE C 461 -22.99 57.17 -14.06
N ASN C 462 -22.25 57.33 -15.15
CA ASN C 462 -22.72 57.99 -16.36
C ASN C 462 -22.14 57.25 -17.55
N PRO C 463 -22.79 57.34 -18.72
CA PRO C 463 -22.26 56.65 -19.91
C PRO C 463 -20.91 57.17 -20.38
N ASN C 464 -20.51 58.38 -19.99
CA ASN C 464 -19.24 58.95 -20.42
C ASN C 464 -18.05 58.53 -19.56
N VAL C 465 -18.27 57.73 -18.52
CA VAL C 465 -17.20 57.28 -17.64
C VAL C 465 -16.40 56.24 -18.42
N PRO C 466 -15.12 56.02 -18.12
CA PRO C 466 -14.38 54.94 -18.78
C PRO C 466 -14.95 53.56 -18.47
N LEU C 467 -14.47 52.58 -19.25
CA LEU C 467 -15.00 51.22 -19.18
C LEU C 467 -14.69 50.55 -17.84
N ASP C 468 -13.58 50.94 -17.19
CA ASP C 468 -13.24 50.33 -15.92
C ASP C 468 -14.18 50.76 -14.80
N TYR C 469 -14.82 51.91 -14.94
CA TYR C 469 -15.68 52.46 -13.90
C TYR C 469 -17.16 52.37 -14.24
N GLN C 470 -17.54 51.52 -15.18
CA GLN C 470 -18.93 51.44 -15.62
C GLN C 470 -19.73 50.50 -14.73
N ALA C 471 -21.02 50.78 -14.61
CA ALA C 471 -21.90 50.04 -13.70
C ALA C 471 -22.31 48.71 -14.30
N THR C 472 -22.20 47.65 -13.50
CA THR C 472 -22.64 46.31 -13.90
C THR C 472 -23.56 45.74 -12.83
N ARG C 473 -24.47 44.87 -13.27
CA ARG C 473 -25.41 44.19 -12.38
C ARG C 473 -24.91 42.77 -12.10
N VAL C 474 -24.89 42.39 -10.83
CA VAL C 474 -24.40 41.09 -10.40
C VAL C 474 -25.55 40.34 -9.73
N VAL C 475 -25.77 39.11 -10.16
CA VAL C 475 -26.76 38.21 -9.56
C VAL C 475 -26.02 36.95 -9.11
N VAL C 476 -26.17 36.61 -7.83
CA VAL C 476 -25.50 35.46 -7.24
C VAL C 476 -26.57 34.47 -6.80
N LEU C 477 -26.47 33.24 -7.26
CA LEU C 477 -27.39 32.17 -6.89
C LEU C 477 -26.68 31.16 -6.00
N SER C 478 -27.47 30.49 -5.16
CA SER C 478 -26.96 29.47 -4.26
C SER C 478 -28.05 28.44 -4.03
N PHE C 479 -27.65 27.16 -4.00
CA PHE C 479 -28.60 26.07 -3.85
C PHE C 479 -27.92 24.91 -3.14
N GLU C 480 -28.70 23.86 -2.88
CA GLU C 480 -28.22 22.70 -2.15
C GLU C 480 -29.10 21.51 -2.49
N LEU C 481 -28.60 20.31 -2.17
CA LEU C 481 -29.26 19.05 -2.50
C LEU C 481 -29.34 18.20 -1.23
N LEU C 482 -30.55 17.89 -0.79
CA LEU C 482 -30.80 17.09 0.41
C LEU C 482 -31.67 15.90 0.07
N ASN C 483 -32.09 15.19 1.12
CA ASN C 483 -33.06 14.09 1.02
C ASN C 483 -34.47 14.61 1.27
N ALA C 484 -34.85 15.60 0.47
CA ALA C 484 -36.08 16.36 0.62
C ALA C 484 -36.81 16.43 -0.70
N PRO C 485 -38.12 16.70 -0.70
CA PRO C 485 -38.83 16.96 -1.96
C PRO C 485 -38.27 18.20 -2.65
N ALA C 486 -38.28 18.15 -3.98
CA ALA C 486 -37.68 19.17 -4.82
C ALA C 486 -38.66 20.31 -5.05
N THR C 487 -38.12 21.53 -5.19
CA THR C 487 -38.93 22.71 -5.43
C THR C 487 -38.62 23.39 -6.76
N VAL C 488 -37.36 23.41 -7.18
CA VAL C 488 -36.95 24.01 -8.45
C VAL C 488 -36.28 22.91 -9.27
N CYS C 489 -36.79 22.65 -10.46
CA CYS C 489 -36.28 21.59 -11.32
C CYS C 489 -36.15 22.10 -12.76
N GLY C 490 -35.42 21.33 -13.56
CA GLY C 490 -35.28 21.62 -14.97
C GLY C 490 -36.44 21.09 -15.78
N PRO C 491 -36.42 21.35 -17.08
CA PRO C 491 -37.52 20.93 -17.96
C PRO C 491 -37.36 19.51 -18.49
N LYS C 492 -37.49 18.53 -17.59
CA LYS C 492 -37.44 17.13 -17.97
C LYS C 492 -38.83 16.51 -17.94
N LEU C 493 -39.07 15.54 -18.81
CA LEU C 493 -40.36 14.88 -18.95
C LEU C 493 -40.27 13.45 -18.47
N SER C 494 -41.26 13.02 -17.69
CA SER C 494 -41.29 11.65 -17.19
C SER C 494 -41.62 10.68 -18.32
N THR C 495 -41.03 9.49 -18.24
CA THR C 495 -41.25 8.44 -19.23
C THR C 495 -41.96 7.25 -18.59
N GLU C 496 -42.12 6.18 -19.37
CA GLU C 496 -42.83 5.00 -18.89
C GLU C 496 -41.98 4.21 -17.91
N LEU C 497 -42.59 3.78 -16.81
CA LEU C 497 -41.91 3.00 -15.77
C LEU C 497 -42.26 1.53 -15.95
N VAL C 498 -41.30 0.74 -16.43
CA VAL C 498 -41.48 -0.69 -16.64
C VAL C 498 -40.36 -1.42 -15.91
N LYS C 499 -40.73 -2.43 -15.12
CA LYS C 499 -39.82 -3.07 -14.19
C LYS C 499 -39.05 -4.21 -14.85
N ASN C 500 -38.27 -4.93 -14.04
CA ASN C 500 -37.65 -6.22 -14.32
C ASN C 500 -36.57 -6.17 -15.40
N GLN C 501 -36.01 -5.00 -15.71
CA GLN C 501 -34.94 -4.90 -16.69
C GLN C 501 -33.82 -4.03 -16.13
N CYS C 502 -32.62 -4.18 -16.71
CA CYS C 502 -31.50 -3.31 -16.38
C CYS C 502 -31.75 -1.93 -16.97
N VAL C 503 -31.97 -0.94 -16.11
CA VAL C 503 -32.40 0.39 -16.54
C VAL C 503 -31.60 1.46 -15.81
N ASN C 504 -31.28 2.52 -16.52
CA ASN C 504 -30.70 3.72 -15.91
C ASN C 504 -31.83 4.65 -15.50
N PHE C 505 -31.92 4.93 -14.21
CA PHE C 505 -33.02 5.74 -13.70
C PHE C 505 -32.56 7.13 -13.31
N ASN C 506 -33.51 8.07 -13.30
CA ASN C 506 -33.22 9.49 -13.14
C ASN C 506 -34.20 10.15 -12.18
N PHE C 507 -34.40 9.55 -11.00
CA PHE C 507 -35.12 10.23 -9.92
C PHE C 507 -34.17 11.21 -9.23
N ASN C 508 -33.86 12.29 -9.95
CA ASN C 508 -32.93 13.34 -9.53
C ASN C 508 -31.55 12.77 -9.18
N GLY C 509 -31.13 11.78 -9.98
CA GLY C 509 -29.89 11.06 -9.73
C GLY C 509 -29.74 9.89 -10.67
N LEU C 510 -28.53 9.67 -11.19
CA LEU C 510 -28.28 8.69 -12.24
C LEU C 510 -27.64 7.45 -11.66
N LYS C 511 -28.20 6.28 -12.01
CA LYS C 511 -27.65 4.98 -11.67
C LYS C 511 -28.36 3.93 -12.53
N GLY C 512 -27.60 2.97 -13.05
CA GLY C 512 -28.18 1.93 -13.87
C GLY C 512 -28.27 0.57 -13.21
N THR C 513 -29.47 0.19 -12.75
CA THR C 513 -29.70 -1.09 -12.10
C THR C 513 -30.97 -1.77 -12.61
N GLY C 514 -31.43 -2.80 -11.91
CA GLY C 514 -32.72 -3.40 -12.17
C GLY C 514 -33.73 -2.92 -11.15
N VAL C 515 -34.93 -2.59 -11.64
CA VAL C 515 -35.97 -1.98 -10.83
C VAL C 515 -37.09 -2.99 -10.62
N LEU C 516 -37.46 -3.23 -9.36
CA LEU C 516 -38.56 -4.11 -9.01
C LEU C 516 -39.56 -3.39 -8.12
N THR C 517 -40.54 -4.12 -7.60
CA THR C 517 -41.54 -3.57 -6.68
C THR C 517 -41.09 -3.81 -5.25
N SER C 518 -41.03 -2.75 -4.46
CA SER C 518 -40.57 -2.83 -3.09
C SER C 518 -41.68 -3.32 -2.16
N SER C 519 -41.26 -3.85 -1.01
CA SER C 519 -42.18 -4.31 0.02
C SER C 519 -42.63 -3.13 0.88
N SER C 520 -43.22 -3.42 2.03
CA SER C 520 -43.71 -2.37 2.92
C SER C 520 -42.55 -1.68 3.63
N LYS C 521 -41.79 -0.88 2.90
CA LYS C 521 -40.67 -0.15 3.47
C LYS C 521 -41.16 1.04 4.27
N ARG C 522 -40.42 1.38 5.33
CA ARG C 522 -40.78 2.50 6.18
C ARG C 522 -40.17 3.77 5.59
N PHE C 523 -41.03 4.74 5.30
CA PHE C 523 -40.64 6.05 4.78
C PHE C 523 -41.35 7.12 5.59
N GLN C 524 -40.62 8.17 5.95
CA GLN C 524 -41.15 9.23 6.79
C GLN C 524 -41.78 10.37 5.98
N SER C 525 -42.20 10.08 4.73
CA SER C 525 -42.88 11.01 3.84
C SER C 525 -42.06 12.27 3.54
N PHE C 526 -40.76 12.17 3.66
CA PHE C 526 -39.82 13.27 3.53
C PHE C 526 -38.63 12.90 2.65
N GLN C 527 -38.32 11.61 2.53
CA GLN C 527 -37.13 11.14 1.84
C GLN C 527 -37.51 10.36 0.59
N GLN C 528 -36.58 10.31 -0.36
CA GLN C 528 -36.74 9.53 -1.58
C GLN C 528 -35.90 8.25 -1.59
N PHE C 529 -34.69 8.30 -1.07
CA PHE C 529 -33.80 7.14 -1.12
C PHE C 529 -33.23 6.73 0.24
N GLY C 530 -32.96 7.67 1.13
CA GLY C 530 -32.31 7.34 2.39
C GLY C 530 -30.82 7.10 2.24
N ARG C 531 -30.25 6.26 3.10
CA ARG C 531 -28.83 5.98 3.05
C ARG C 531 -28.56 4.60 3.66
N ASP C 532 -27.56 3.91 3.12
CA ASP C 532 -27.18 2.59 3.58
C ASP C 532 -25.95 2.67 4.48
N ALA C 533 -25.45 1.50 4.90
CA ALA C 533 -24.29 1.45 5.77
C ALA C 533 -23.01 1.81 5.01
N SER C 534 -22.93 1.49 3.72
CA SER C 534 -21.77 1.77 2.90
C SER C 534 -21.94 3.04 2.08
N ASP C 535 -22.66 4.03 2.63
CA ASP C 535 -22.95 5.32 1.98
C ASP C 535 -23.62 5.12 0.63
N PHE C 536 -24.57 4.19 0.56
CA PHE C 536 -25.26 3.85 -0.66
C PHE C 536 -26.73 4.30 -0.58
N THR C 537 -27.30 4.62 -1.74
CA THR C 537 -28.69 5.02 -1.84
C THR C 537 -29.49 3.89 -2.48
N ASP C 538 -30.49 3.40 -1.77
CA ASP C 538 -31.23 2.20 -2.15
C ASP C 538 -32.72 2.44 -1.99
N SER C 539 -33.52 1.72 -2.79
CA SER C 539 -34.99 1.69 -2.70
C SER C 539 -35.58 3.09 -2.92
N VAL C 540 -35.40 3.59 -4.15
CA VAL C 540 -35.78 4.94 -4.53
C VAL C 540 -37.31 5.05 -4.55
N ARG C 541 -37.82 6.23 -4.24
CA ARG C 541 -39.25 6.53 -4.22
C ARG C 541 -39.64 7.27 -5.50
N ASP C 542 -40.79 6.90 -6.07
CA ASP C 542 -41.36 7.63 -7.20
C ASP C 542 -41.74 9.04 -6.75
N PRO C 543 -41.28 10.08 -7.43
CA PRO C 543 -41.33 11.43 -6.84
C PRO C 543 -42.71 12.05 -6.81
N GLN C 544 -43.63 11.65 -7.69
CA GLN C 544 -44.96 12.24 -7.66
C GLN C 544 -45.97 11.37 -6.91
N THR C 545 -45.79 10.05 -6.90
CA THR C 545 -46.63 9.15 -6.13
C THR C 545 -45.97 8.90 -4.77
N LEU C 546 -46.49 7.94 -4.01
CA LEU C 546 -45.89 7.51 -2.76
C LEU C 546 -45.25 6.12 -2.88
N GLU C 547 -45.26 5.53 -4.06
CA GLU C 547 -44.78 4.17 -4.24
C GLU C 547 -43.26 4.13 -4.16
N ILE C 548 -42.73 3.19 -3.37
CA ILE C 548 -41.30 2.95 -3.27
C ILE C 548 -40.94 1.79 -4.19
N LEU C 549 -39.79 1.89 -4.84
CA LEU C 549 -39.31 0.85 -5.74
C LEU C 549 -38.12 0.14 -5.11
N ASP C 550 -37.55 -0.80 -5.86
CA ASP C 550 -36.41 -1.58 -5.40
C ASP C 550 -35.23 -1.38 -6.33
N ILE C 551 -34.07 -1.08 -5.77
CA ILE C 551 -32.83 -0.95 -6.50
C ILE C 551 -31.98 -2.18 -6.20
N THR C 552 -31.81 -3.04 -7.20
CA THR C 552 -30.96 -4.21 -7.06
C THR C 552 -30.01 -4.29 -8.24
N PRO C 553 -28.76 -4.68 -8.02
CA PRO C 553 -27.84 -4.88 -9.15
C PRO C 553 -28.32 -6.01 -10.05
N CYS C 554 -28.38 -5.73 -11.35
CA CYS C 554 -28.86 -6.70 -12.32
C CYS C 554 -27.76 -7.64 -12.80
N SER C 555 -26.57 -7.57 -12.18
CA SER C 555 -25.53 -8.59 -12.30
C SER C 555 -25.13 -8.96 -10.88
N PHE C 556 -25.88 -9.89 -10.28
CA PHE C 556 -25.69 -10.29 -8.89
C PHE C 556 -25.03 -11.65 -8.82
N GLY C 557 -24.16 -11.82 -7.84
CA GLY C 557 -23.55 -13.10 -7.57
C GLY C 557 -22.41 -13.43 -8.52
N GLY C 558 -21.72 -14.52 -8.20
CA GLY C 558 -20.63 -15.00 -9.01
C GLY C 558 -20.98 -16.27 -9.76
N VAL C 559 -20.40 -16.42 -10.95
CA VAL C 559 -20.57 -17.60 -11.76
C VAL C 559 -19.20 -18.22 -12.02
N SER C 560 -19.21 -19.52 -12.29
CA SER C 560 -17.99 -20.25 -12.56
C SER C 560 -18.15 -21.09 -13.83
N VAL C 561 -17.05 -21.28 -14.53
CA VAL C 561 -17.04 -22.01 -15.79
C VAL C 561 -16.12 -23.21 -15.65
N ILE C 562 -16.65 -24.40 -15.93
CA ILE C 562 -15.90 -25.65 -15.85
C ILE C 562 -15.56 -26.09 -17.27
N THR C 563 -14.27 -26.27 -17.53
CA THR C 563 -13.82 -26.65 -18.86
C THR C 563 -12.83 -27.81 -18.77
N PRO C 564 -12.85 -28.72 -19.74
CA PRO C 564 -11.83 -29.78 -19.80
C PRO C 564 -10.56 -29.40 -20.55
N GLY C 565 -10.38 -28.12 -20.91
CA GLY C 565 -9.25 -27.70 -21.70
C GLY C 565 -9.63 -27.42 -23.14
N THR C 566 -9.08 -26.35 -23.71
CA THR C 566 -9.44 -25.96 -25.07
C THR C 566 -8.84 -26.88 -26.12
N ASN C 567 -7.73 -27.55 -25.82
CA ASN C 567 -7.13 -28.48 -26.76
C ASN C 567 -7.82 -29.84 -26.77
N ALA C 568 -8.77 -30.08 -25.87
CA ALA C 568 -9.54 -31.31 -25.83
C ALA C 568 -10.95 -31.15 -26.35
N SER C 569 -11.63 -30.07 -25.97
CA SER C 569 -13.00 -29.81 -26.41
C SER C 569 -13.27 -28.33 -26.30
N SER C 570 -14.51 -27.94 -26.60
CA SER C 570 -14.92 -26.55 -26.49
C SER C 570 -16.24 -26.37 -25.75
N GLU C 571 -16.82 -27.42 -25.20
CA GLU C 571 -18.04 -27.32 -24.41
C GLU C 571 -17.68 -27.08 -22.93
N VAL C 572 -18.53 -26.33 -22.24
CA VAL C 572 -18.29 -25.93 -20.87
C VAL C 572 -19.51 -26.23 -20.03
N ALA C 573 -19.36 -26.02 -18.72
CA ALA C 573 -20.46 -26.12 -17.77
C ALA C 573 -20.41 -24.91 -16.85
N VAL C 574 -21.58 -24.39 -16.50
CA VAL C 574 -21.70 -23.16 -15.73
C VAL C 574 -22.31 -23.49 -14.37
N LEU C 575 -21.68 -22.98 -13.32
CA LEU C 575 -22.17 -23.14 -11.95
C LEU C 575 -22.61 -21.79 -11.42
N TYR C 576 -23.87 -21.69 -11.04
CA TYR C 576 -24.45 -20.46 -10.50
C TYR C 576 -24.55 -20.62 -8.98
N GLN C 577 -23.71 -19.90 -8.26
CA GLN C 577 -23.60 -20.10 -6.82
C GLN C 577 -24.73 -19.41 -6.07
N ASP C 578 -25.23 -20.11 -5.04
CA ASP C 578 -26.20 -19.59 -4.08
C ASP C 578 -27.52 -19.16 -4.74
N VAL C 579 -27.94 -19.87 -5.79
CA VAL C 579 -29.27 -19.70 -6.35
C VAL C 579 -29.89 -21.08 -6.51
N ASN C 580 -31.22 -21.13 -6.54
CA ASN C 580 -31.94 -22.35 -6.81
C ASN C 580 -32.07 -22.57 -8.31
N CYS C 581 -32.21 -23.83 -8.70
CA CYS C 581 -32.58 -24.14 -10.08
C CYS C 581 -34.02 -23.71 -10.32
N THR C 582 -34.33 -23.46 -11.60
CA THR C 582 -35.54 -22.79 -12.10
C THR C 582 -35.70 -21.36 -11.58
N ASP C 583 -34.68 -20.81 -10.93
CA ASP C 583 -34.58 -19.39 -10.66
C ASP C 583 -33.41 -18.76 -11.40
N VAL C 584 -32.69 -19.55 -12.19
CA VAL C 584 -31.54 -19.03 -12.95
C VAL C 584 -31.94 -17.98 -13.99
N PRO C 585 -32.96 -18.18 -14.85
CA PRO C 585 -33.26 -17.14 -15.86
C PRO C 585 -33.68 -15.80 -15.29
N THR C 586 -34.30 -15.77 -14.10
CA THR C 586 -34.60 -14.50 -13.46
C THR C 586 -33.36 -13.87 -12.85
N ALA C 587 -32.43 -14.70 -12.36
CA ALA C 587 -31.27 -14.20 -11.65
C ALA C 587 -30.23 -13.58 -12.59
N ILE C 588 -30.05 -14.14 -13.79
CA ILE C 588 -29.02 -13.68 -14.70
C ILE C 588 -29.60 -12.87 -15.86
N ARG C 589 -30.91 -12.63 -15.84
CA ARG C 589 -31.64 -11.88 -16.89
C ARG C 589 -31.44 -12.53 -18.26
N ALA C 590 -31.92 -13.77 -18.38
CA ALA C 590 -31.64 -14.59 -19.56
C ALA C 590 -32.36 -14.09 -20.80
N ASP C 591 -33.44 -13.31 -20.65
CA ASP C 591 -34.16 -12.83 -21.82
C ASP C 591 -33.41 -11.74 -22.57
N GLN C 592 -32.45 -11.09 -21.93
CA GLN C 592 -31.67 -10.02 -22.56
C GLN C 592 -30.31 -10.51 -23.08
N LEU C 593 -30.02 -11.80 -22.98
CA LEU C 593 -28.73 -12.33 -23.40
C LEU C 593 -28.82 -12.90 -24.81
N THR C 594 -27.67 -13.33 -25.32
CA THR C 594 -27.61 -13.98 -26.62
C THR C 594 -28.24 -15.37 -26.54
N PRO C 595 -28.71 -15.90 -27.67
CA PRO C 595 -29.23 -17.28 -27.66
C PRO C 595 -28.21 -18.34 -27.27
N ALA C 596 -26.91 -18.08 -27.46
CA ALA C 596 -25.90 -19.00 -26.99
C ALA C 596 -25.84 -19.03 -25.46
N TRP C 597 -26.05 -17.88 -24.82
CA TRP C 597 -26.08 -17.83 -23.36
C TRP C 597 -27.37 -18.41 -22.80
N ARG C 598 -28.44 -18.47 -23.58
CA ARG C 598 -29.72 -18.94 -23.09
C ARG C 598 -29.78 -20.46 -22.95
N VAL C 599 -28.90 -21.20 -23.65
CA VAL C 599 -28.91 -22.65 -23.53
C VAL C 599 -28.23 -23.15 -22.26
N TYR C 600 -27.55 -22.26 -21.53
CA TYR C 600 -26.95 -22.60 -20.25
C TYR C 600 -27.75 -22.09 -19.07
N SER C 601 -29.01 -21.68 -19.31
CA SER C 601 -29.89 -21.23 -18.24
C SER C 601 -31.00 -22.23 -17.94
N THR C 602 -31.24 -23.21 -18.80
CA THR C 602 -32.26 -24.22 -18.60
C THR C 602 -31.88 -25.44 -19.42
N GLY C 603 -32.78 -26.43 -19.46
CA GLY C 603 -32.55 -27.63 -20.24
C GLY C 603 -32.79 -28.90 -19.46
N VAL C 604 -32.12 -29.98 -19.86
CA VAL C 604 -32.27 -31.27 -19.19
C VAL C 604 -31.08 -31.60 -18.30
N ASN C 605 -29.92 -31.01 -18.53
CA ASN C 605 -28.74 -31.27 -17.70
C ASN C 605 -28.65 -30.20 -16.60
N VAL C 606 -29.62 -30.25 -15.70
CA VAL C 606 -29.72 -29.33 -14.58
C VAL C 606 -29.57 -30.14 -13.29
N PHE C 607 -28.58 -29.76 -12.48
CA PHE C 607 -28.27 -30.47 -11.24
C PHE C 607 -28.15 -29.45 -10.12
N GLN C 608 -28.76 -29.76 -8.98
CA GLN C 608 -28.77 -28.87 -7.82
C GLN C 608 -27.82 -29.44 -6.76
N THR C 609 -26.82 -28.66 -6.40
CA THR C 609 -25.87 -29.01 -5.35
C THR C 609 -26.01 -28.03 -4.19
N GLN C 610 -25.19 -28.23 -3.16
CA GLN C 610 -25.13 -27.28 -2.06
C GLN C 610 -24.29 -26.05 -2.40
N ALA C 611 -23.51 -26.10 -3.46
CA ALA C 611 -22.74 -24.96 -3.93
C ALA C 611 -23.48 -24.15 -4.99
N GLY C 612 -24.68 -24.56 -5.38
CA GLY C 612 -25.47 -23.87 -6.36
C GLY C 612 -25.93 -24.78 -7.47
N CYS C 613 -26.66 -24.21 -8.41
CA CYS C 613 -27.19 -24.96 -9.54
C CYS C 613 -26.12 -25.09 -10.62
N LEU C 614 -25.91 -26.31 -11.10
CA LEU C 614 -24.91 -26.61 -12.11
C LEU C 614 -25.62 -27.05 -13.39
N ILE C 615 -25.34 -26.37 -14.49
CA ILE C 615 -26.01 -26.61 -15.76
C ILE C 615 -24.94 -26.95 -16.81
N GLY C 616 -25.16 -28.04 -17.53
CA GLY C 616 -24.26 -28.44 -18.60
C GLY C 616 -23.65 -29.81 -18.40
N ALA C 617 -24.01 -30.48 -17.32
CA ALA C 617 -23.52 -31.82 -17.03
C ALA C 617 -24.64 -32.67 -16.47
N GLU C 618 -24.78 -33.90 -16.98
CA GLU C 618 -25.79 -34.82 -16.54
C GLU C 618 -25.26 -35.67 -15.39
N HIS C 619 -26.11 -35.92 -14.40
CA HIS C 619 -25.67 -36.56 -13.17
C HIS C 619 -25.35 -38.04 -13.39
N VAL C 620 -24.35 -38.53 -12.67
CA VAL C 620 -23.90 -39.92 -12.77
C VAL C 620 -23.89 -40.51 -11.36
N ASN C 621 -24.51 -41.68 -11.20
CA ASN C 621 -24.67 -42.29 -9.88
C ASN C 621 -23.40 -42.98 -9.38
N ALA C 622 -22.40 -43.16 -10.22
CA ALA C 622 -21.17 -43.80 -9.79
C ALA C 622 -20.30 -42.84 -8.97
N SER C 623 -19.27 -43.39 -8.34
CA SER C 623 -18.35 -42.62 -7.52
C SER C 623 -16.92 -42.84 -8.01
N TYR C 624 -16.18 -41.74 -8.16
CA TYR C 624 -14.80 -41.79 -8.62
C TYR C 624 -13.97 -40.86 -7.75
N GLU C 625 -12.66 -40.84 -7.99
CA GLU C 625 -11.80 -39.87 -7.36
C GLU C 625 -12.02 -38.49 -7.98
N CYS C 626 -11.68 -37.46 -7.21
CA CYS C 626 -11.93 -36.09 -7.63
C CYS C 626 -10.96 -35.67 -8.73
N ASP C 627 -11.52 -35.22 -9.86
CA ASP C 627 -10.73 -34.67 -10.95
C ASP C 627 -10.75 -33.15 -10.96
N ILE C 628 -11.94 -32.56 -11.03
CA ILE C 628 -12.11 -31.11 -10.93
C ILE C 628 -13.03 -30.82 -9.74
N PRO C 629 -12.52 -30.25 -8.65
CA PRO C 629 -13.37 -30.01 -7.48
C PRO C 629 -14.34 -28.86 -7.71
N ILE C 630 -15.60 -29.10 -7.36
CA ILE C 630 -16.65 -28.09 -7.47
C ILE C 630 -17.04 -27.54 -6.11
N GLY C 631 -17.28 -28.43 -5.16
CA GLY C 631 -17.63 -28.04 -3.80
C GLY C 631 -18.70 -28.94 -3.23
N ALA C 632 -18.71 -29.04 -1.90
CA ALA C 632 -19.68 -29.82 -1.12
C ALA C 632 -19.70 -31.29 -1.54
N GLY C 633 -18.51 -31.85 -1.79
CA GLY C 633 -18.40 -33.25 -2.13
C GLY C 633 -18.71 -33.60 -3.56
N ILE C 634 -18.79 -32.62 -4.46
CA ILE C 634 -19.12 -32.84 -5.86
C ILE C 634 -17.88 -32.53 -6.69
N CYS C 635 -17.50 -33.47 -7.56
CA CYS C 635 -16.40 -33.29 -8.49
C CYS C 635 -16.88 -33.61 -9.90
N ALA C 636 -16.16 -33.09 -10.88
CA ALA C 636 -16.52 -33.27 -12.29
C ALA C 636 -15.30 -33.73 -13.07
N SER C 637 -15.55 -34.38 -14.20
CA SER C 637 -14.49 -34.92 -15.03
C SER C 637 -14.97 -34.95 -16.48
N TYR C 638 -14.17 -35.56 -17.35
CA TYR C 638 -14.45 -35.68 -18.78
C TYR C 638 -14.43 -37.16 -19.13
N HIS C 639 -15.59 -37.80 -19.11
CA HIS C 639 -15.69 -39.24 -19.32
C HIS C 639 -16.52 -39.52 -20.56
N THR C 640 -16.43 -40.76 -21.04
CA THR C 640 -17.19 -41.20 -22.20
C THR C 640 -18.66 -41.38 -21.86
N GLN C 649 -16.82 -39.82 -28.27
CA GLN C 649 -17.97 -39.27 -27.58
C GLN C 649 -17.69 -39.12 -26.09
N LYS C 650 -17.54 -37.87 -25.63
CA LYS C 650 -17.22 -37.60 -24.23
C LYS C 650 -18.08 -36.44 -23.75
N SER C 651 -18.25 -36.36 -22.43
CA SER C 651 -19.07 -35.33 -21.82
C SER C 651 -18.57 -35.07 -20.40
N ILE C 652 -19.20 -34.09 -19.76
CA ILE C 652 -18.88 -33.72 -18.38
C ILE C 652 -19.86 -34.45 -17.46
N VAL C 653 -19.33 -35.10 -16.42
CA VAL C 653 -20.07 -36.11 -15.67
C VAL C 653 -20.60 -35.57 -14.34
N ALA C 654 -19.80 -34.80 -13.61
CA ALA C 654 -20.21 -34.12 -12.37
C ALA C 654 -20.75 -35.10 -11.33
N TYR C 655 -19.86 -35.98 -10.88
CA TYR C 655 -20.23 -37.07 -9.98
C TYR C 655 -20.03 -36.62 -8.53
N THR C 656 -20.14 -37.57 -7.60
CA THR C 656 -19.82 -37.34 -6.20
C THR C 656 -18.56 -38.13 -5.84
N MET C 657 -17.69 -37.51 -5.06
CA MET C 657 -16.37 -38.07 -4.79
C MET C 657 -16.46 -39.29 -3.87
N SER C 658 -15.45 -40.15 -3.97
CA SER C 658 -15.34 -41.35 -3.15
C SER C 658 -14.19 -41.19 -2.17
N LEU C 659 -14.45 -41.50 -0.90
CA LEU C 659 -13.45 -41.29 0.14
C LEU C 659 -12.36 -42.34 0.10
N GLY C 660 -12.72 -43.59 -0.18
CA GLY C 660 -11.73 -44.65 -0.22
C GLY C 660 -12.39 -46.01 -0.31
N ALA C 661 -11.54 -47.03 -0.32
CA ALA C 661 -12.01 -48.40 -0.41
C ALA C 661 -12.67 -48.83 0.88
N GLU C 662 -13.74 -49.61 0.77
CA GLU C 662 -14.46 -50.10 1.93
C GLU C 662 -13.84 -51.41 2.42
N ASN C 663 -13.60 -51.49 3.73
CA ASN C 663 -12.96 -52.65 4.32
C ASN C 663 -13.66 -53.00 5.62
N SER C 664 -13.28 -54.15 6.19
CA SER C 664 -13.83 -54.62 7.45
C SER C 664 -12.78 -55.47 8.15
N ILE C 665 -12.74 -55.37 9.47
CA ILE C 665 -11.76 -56.09 10.29
C ILE C 665 -12.50 -57.15 11.10
N ALA C 666 -12.03 -58.39 11.01
CA ALA C 666 -12.62 -59.50 11.76
C ALA C 666 -12.01 -59.50 13.15
N TYR C 667 -12.80 -59.05 14.12
CA TYR C 667 -12.32 -58.93 15.50
C TYR C 667 -12.89 -60.05 16.35
N ALA C 668 -12.01 -60.70 17.11
CA ALA C 668 -12.41 -61.68 18.11
C ALA C 668 -11.51 -61.53 19.32
N ASN C 669 -12.00 -61.95 20.48
CA ASN C 669 -11.24 -61.77 21.71
C ASN C 669 -10.12 -62.79 21.89
N ASN C 670 -10.10 -63.86 21.08
CA ASN C 670 -8.93 -64.74 20.98
C ASN C 670 -8.64 -64.94 19.49
N SER C 671 -7.89 -64.00 18.92
CA SER C 671 -7.52 -63.99 17.50
C SER C 671 -6.45 -62.94 17.29
N ILE C 672 -5.45 -63.28 16.48
CA ILE C 672 -4.40 -62.33 16.13
C ILE C 672 -3.93 -62.66 14.72
N ALA C 673 -3.53 -61.62 13.99
CA ALA C 673 -2.98 -61.77 12.65
C ALA C 673 -1.49 -61.43 12.70
N ILE C 674 -0.66 -62.35 12.21
CA ILE C 674 0.79 -62.22 12.26
C ILE C 674 1.32 -62.37 10.84
N PRO C 675 2.14 -61.45 10.35
CA PRO C 675 2.68 -61.58 9.00
C PRO C 675 3.66 -62.73 8.88
N THR C 676 3.68 -63.33 7.68
CA THR C 676 4.59 -64.43 7.38
C THR C 676 5.68 -64.08 6.39
N ASN C 677 5.58 -62.94 5.70
CA ASN C 677 6.59 -62.50 4.76
C ASN C 677 6.73 -60.99 4.89
N PHE C 678 7.64 -60.41 4.10
CA PHE C 678 7.85 -58.97 4.12
C PHE C 678 8.37 -58.52 2.77
N SER C 679 8.56 -57.22 2.62
CA SER C 679 9.10 -56.64 1.41
C SER C 679 9.84 -55.35 1.75
N ILE C 680 10.76 -54.97 0.87
CA ILE C 680 11.53 -53.75 1.02
C ILE C 680 11.05 -52.76 -0.04
N SER C 681 10.65 -51.57 0.39
CA SER C 681 10.12 -50.55 -0.50
C SER C 681 10.95 -49.27 -0.39
N VAL C 682 11.22 -48.66 -1.54
CA VAL C 682 11.94 -47.39 -1.61
C VAL C 682 11.00 -46.36 -2.22
N THR C 683 10.79 -45.26 -1.52
CA THR C 683 9.88 -44.20 -1.96
C THR C 683 10.59 -42.86 -1.89
N THR C 684 10.08 -41.91 -2.67
CA THR C 684 10.71 -40.60 -2.81
C THR C 684 9.92 -39.53 -2.08
N GLU C 685 10.60 -38.41 -1.81
CA GLU C 685 9.99 -37.25 -1.17
C GLU C 685 10.74 -36.02 -1.65
N VAL C 686 10.00 -35.06 -2.23
CA VAL C 686 10.59 -33.87 -2.84
C VAL C 686 10.26 -32.68 -1.95
N MET C 687 11.30 -31.96 -1.52
CA MET C 687 11.14 -30.81 -0.65
C MET C 687 11.89 -29.61 -1.23
N PRO C 688 11.23 -28.47 -1.38
CA PRO C 688 11.94 -27.26 -1.79
C PRO C 688 12.84 -26.74 -0.68
N VAL C 689 13.92 -26.06 -1.10
CA VAL C 689 14.93 -25.53 -0.19
C VAL C 689 15.10 -24.03 -0.35
N SER C 690 15.36 -23.58 -1.58
CA SER C 690 15.63 -22.17 -1.83
C SER C 690 14.89 -21.72 -3.07
N MET C 691 14.77 -20.40 -3.21
CA MET C 691 14.14 -19.77 -4.36
C MET C 691 15.12 -18.78 -4.98
N ALA C 692 14.65 -18.08 -6.02
CA ALA C 692 15.52 -17.19 -6.76
C ALA C 692 15.88 -15.95 -5.95
N LYS C 693 17.04 -15.38 -6.26
CA LYS C 693 17.58 -14.21 -5.56
C LYS C 693 17.44 -13.01 -6.47
N THR C 694 16.47 -12.15 -6.18
CA THR C 694 16.15 -11.00 -7.02
C THR C 694 16.62 -9.70 -6.40
N SER C 695 17.00 -8.76 -7.26
CA SER C 695 17.42 -7.43 -6.84
C SER C 695 16.71 -6.39 -7.71
N VAL C 696 16.42 -5.24 -7.10
CA VAL C 696 15.64 -4.19 -7.76
C VAL C 696 16.40 -2.88 -7.65
N ASP C 697 16.58 -2.21 -8.80
CA ASP C 697 17.09 -0.84 -8.83
C ASP C 697 15.90 0.12 -8.89
N CYS C 698 15.82 1.02 -7.92
CA CYS C 698 14.66 1.91 -7.82
C CYS C 698 14.62 2.92 -8.96
N THR C 699 15.75 3.60 -9.21
CA THR C 699 15.76 4.70 -10.18
C THR C 699 15.52 4.19 -11.59
N MET C 700 16.12 3.06 -11.96
CA MET C 700 15.94 2.51 -13.29
C MET C 700 14.50 2.06 -13.53
N TYR C 701 13.86 1.49 -12.51
CA TYR C 701 12.47 1.05 -12.68
C TYR C 701 11.52 2.24 -12.72
N ILE C 702 11.69 3.20 -11.81
CA ILE C 702 10.73 4.30 -11.71
C ILE C 702 10.89 5.25 -12.89
N CYS C 703 12.11 5.71 -13.15
CA CYS C 703 12.37 6.57 -14.31
C CYS C 703 13.83 6.40 -14.72
N GLY C 704 14.08 5.55 -15.70
CA GLY C 704 15.43 5.32 -16.17
C GLY C 704 15.82 6.39 -17.18
N ASP C 705 17.00 6.98 -16.96
CA ASP C 705 17.58 8.02 -17.82
C ASP C 705 16.66 9.23 -17.95
N SER C 706 16.40 9.87 -16.81
CA SER C 706 15.58 11.08 -16.78
C SER C 706 16.00 11.89 -15.56
N GLN C 707 16.70 13.01 -15.80
CA GLN C 707 17.22 13.79 -14.69
C GLN C 707 16.12 14.50 -13.91
N GLU C 708 15.02 14.87 -14.59
CA GLU C 708 13.95 15.60 -13.92
C GLU C 708 13.23 14.71 -12.90
N CYS C 709 12.90 13.48 -13.29
CA CYS C 709 12.27 12.56 -12.36
C CYS C 709 13.24 12.12 -11.28
N SER C 710 14.52 11.97 -11.62
CA SER C 710 15.53 11.62 -10.63
C SER C 710 15.69 12.70 -9.58
N ASN C 711 15.62 13.97 -9.98
CA ASN C 711 15.59 15.05 -9.01
C ASN C 711 14.28 15.07 -8.24
N LEU C 712 13.18 14.69 -8.88
CA LEU C 712 11.91 14.60 -8.16
C LEU C 712 11.89 13.39 -7.24
N LEU C 713 12.67 12.35 -7.54
CA LEU C 713 12.79 11.18 -6.67
C LEU C 713 13.89 11.37 -5.63
N LEU C 714 13.82 12.49 -4.91
CA LEU C 714 14.73 12.76 -3.81
C LEU C 714 14.02 13.11 -2.51
N GLN C 715 12.78 13.59 -2.55
CA GLN C 715 11.97 13.65 -1.34
C GLN C 715 11.73 12.25 -0.80
N TYR C 716 11.43 11.30 -1.69
CA TYR C 716 11.47 9.89 -1.34
C TYR C 716 12.91 9.39 -1.42
N GLY C 717 13.11 8.16 -0.95
CA GLY C 717 14.44 7.59 -0.91
C GLY C 717 14.67 6.79 0.34
N SER C 718 13.97 7.15 1.42
CA SER C 718 13.91 6.26 2.57
C SER C 718 13.07 5.04 2.26
N PHE C 719 12.02 5.21 1.44
CA PHE C 719 11.22 4.07 1.00
C PHE C 719 12.04 3.12 0.14
N CYS C 720 12.86 3.66 -0.76
CA CYS C 720 13.63 2.82 -1.67
C CYS C 720 14.75 2.09 -0.95
N THR C 721 15.45 2.77 -0.03
CA THR C 721 16.44 2.09 0.78
C THR C 721 15.78 1.06 1.71
N GLN C 722 14.58 1.35 2.20
CA GLN C 722 13.85 0.39 3.03
C GLN C 722 13.50 -0.88 2.25
N LEU C 723 12.99 -0.72 1.03
CA LEU C 723 12.64 -1.91 0.25
C LEU C 723 13.87 -2.63 -0.25
N ASN C 724 14.97 -1.91 -0.52
CA ASN C 724 16.22 -2.57 -0.87
C ASN C 724 16.77 -3.37 0.31
N ARG C 725 16.65 -2.83 1.53
CA ARG C 725 17.07 -3.58 2.71
C ARG C 725 16.17 -4.79 2.94
N ALA C 726 14.87 -4.66 2.68
CA ALA C 726 13.96 -5.78 2.80
C ALA C 726 14.28 -6.89 1.79
N LEU C 727 14.61 -6.50 0.55
CA LEU C 727 15.00 -7.48 -0.45
C LEU C 727 16.41 -8.02 -0.24
N THR C 728 17.23 -7.32 0.55
CA THR C 728 18.55 -7.79 0.93
C THR C 728 18.48 -8.75 2.12
N GLY C 729 17.46 -8.61 2.97
CA GLY C 729 17.21 -9.62 3.99
C GLY C 729 16.87 -10.97 3.39
N VAL C 730 15.99 -10.98 2.38
CA VAL C 730 15.87 -12.14 1.51
C VAL C 730 17.13 -12.23 0.64
N ALA C 731 17.39 -13.43 0.10
CA ALA C 731 18.54 -13.79 -0.75
C ALA C 731 19.84 -13.87 0.05
N LEU C 732 19.79 -13.50 1.32
CA LEU C 732 20.79 -13.92 2.30
C LEU C 732 20.30 -15.09 3.13
N GLU C 733 18.98 -15.21 3.29
CA GLU C 733 18.39 -16.38 3.92
C GLU C 733 18.41 -17.59 2.99
N GLN C 734 18.38 -17.36 1.68
CA GLN C 734 18.39 -18.46 0.72
C GLN C 734 19.69 -19.24 0.75
N ASP C 735 20.82 -18.57 0.94
CA ASP C 735 22.10 -19.26 1.08
C ASP C 735 22.18 -19.99 2.41
N LYS C 736 21.61 -19.39 3.46
CA LYS C 736 21.60 -20.01 4.78
C LYS C 736 20.76 -21.28 4.79
N ASN C 737 19.68 -21.32 4.00
CA ASN C 737 18.86 -22.52 3.89
C ASN C 737 19.65 -23.67 3.31
N THR C 738 20.38 -23.42 2.21
CA THR C 738 21.20 -24.46 1.60
C THR C 738 22.34 -24.89 2.52
N GLN C 739 22.95 -23.93 3.22
CA GLN C 739 24.01 -24.25 4.16
C GLN C 739 23.50 -25.12 5.30
N GLU C 740 22.30 -24.83 5.81
CA GLU C 740 21.75 -25.61 6.91
C GLU C 740 21.30 -26.99 6.45
N VAL C 741 20.80 -27.11 5.22
CA VAL C 741 20.32 -28.41 4.75
C VAL C 741 21.49 -29.32 4.38
N PHE C 742 22.43 -28.83 3.56
CA PHE C 742 23.42 -29.70 2.95
C PHE C 742 24.75 -29.77 3.68
N ALA C 743 25.18 -28.70 4.35
CA ALA C 743 26.48 -28.70 5.01
C ALA C 743 26.38 -29.15 6.46
N GLN C 744 25.79 -30.34 6.68
CA GLN C 744 25.66 -30.86 8.04
C GLN C 744 27.00 -31.38 8.56
N VAL C 745 27.75 -32.09 7.73
CA VAL C 745 29.04 -32.63 8.12
C VAL C 745 30.13 -31.84 7.41
N LYS C 746 31.31 -31.82 8.04
CA LYS C 746 32.45 -31.05 7.54
C LYS C 746 33.60 -31.95 7.12
N GLN C 747 33.37 -33.24 6.94
CA GLN C 747 34.37 -34.18 6.45
C GLN C 747 33.91 -34.69 5.10
N MET C 748 34.68 -34.39 4.06
CA MET C 748 34.34 -34.83 2.70
C MET C 748 34.91 -36.23 2.50
N TYR C 749 34.08 -37.23 2.79
CA TYR C 749 34.52 -38.61 2.70
C TYR C 749 34.66 -39.03 1.24
N LYS C 750 35.74 -39.75 0.94
CA LYS C 750 36.02 -40.15 -0.43
C LYS C 750 35.04 -41.23 -0.90
N THR C 751 34.68 -41.18 -2.17
CA THR C 751 33.80 -42.18 -2.74
C THR C 751 34.53 -43.52 -2.84
N PRO C 752 33.95 -44.61 -2.33
CA PRO C 752 34.63 -45.91 -2.41
C PRO C 752 34.76 -46.41 -3.84
N ALA C 753 35.83 -47.17 -4.08
CA ALA C 753 36.08 -47.71 -5.40
C ALA C 753 35.06 -48.80 -5.75
N ILE C 754 34.73 -49.66 -4.80
CA ILE C 754 33.76 -50.72 -5.01
C ILE C 754 32.40 -50.23 -4.52
N LYS C 755 31.39 -50.32 -5.38
CA LYS C 755 30.05 -49.85 -5.08
C LYS C 755 29.10 -50.97 -4.70
N ASP C 756 29.64 -52.12 -4.30
CA ASP C 756 28.85 -53.25 -3.85
C ASP C 756 29.20 -53.57 -2.41
N PHE C 757 28.20 -53.65 -1.55
CA PHE C 757 28.39 -53.85 -0.11
C PHE C 757 27.50 -55.01 0.33
N GLY C 758 28.02 -56.23 0.24
CA GLY C 758 27.27 -57.41 0.63
C GLY C 758 26.08 -57.70 -0.25
N GLY C 759 26.18 -57.48 -1.55
CA GLY C 759 25.09 -57.68 -2.48
C GLY C 759 24.23 -56.46 -2.72
N PHE C 760 24.43 -55.38 -1.97
CA PHE C 760 23.67 -54.15 -2.16
C PHE C 760 24.41 -53.26 -3.14
N ASN C 761 23.72 -52.85 -4.20
CA ASN C 761 24.34 -52.11 -5.30
C ASN C 761 24.06 -50.62 -5.11
N PHE C 762 25.13 -49.85 -4.90
CA PHE C 762 25.05 -48.42 -4.65
C PHE C 762 25.51 -47.59 -5.85
N SER C 763 25.61 -48.20 -7.03
CA SER C 763 26.22 -47.51 -8.15
C SER C 763 25.32 -46.43 -8.74
N GLN C 764 24.00 -46.56 -8.58
CA GLN C 764 23.09 -45.60 -9.19
C GLN C 764 22.95 -44.32 -8.37
N ILE C 765 23.33 -44.33 -7.10
CA ILE C 765 23.23 -43.15 -6.24
C ILE C 765 24.60 -42.60 -5.87
N LEU C 766 25.65 -43.03 -6.57
CA LEU C 766 27.00 -42.56 -6.34
C LEU C 766 27.62 -42.13 -7.67
N PRO C 767 28.53 -41.15 -7.66
CA PRO C 767 29.19 -40.75 -8.90
C PRO C 767 30.14 -41.82 -9.41
N ASP C 768 30.31 -41.84 -10.73
CA ASP C 768 31.20 -42.76 -11.40
C ASP C 768 32.33 -41.99 -12.09
N PRO C 769 33.58 -42.45 -11.97
CA PRO C 769 34.71 -41.68 -12.52
C PRO C 769 34.80 -41.67 -14.03
N SER C 770 34.12 -42.59 -14.72
CA SER C 770 34.21 -42.64 -16.18
C SER C 770 33.41 -41.50 -16.81
N LYS C 771 32.21 -41.22 -16.31
CA LYS C 771 31.41 -40.12 -16.80
C LYS C 771 32.05 -38.78 -16.47
N PRO C 772 31.95 -37.80 -17.37
CA PRO C 772 32.58 -36.48 -17.11
C PRO C 772 31.87 -35.64 -16.06
N THR C 773 30.61 -35.91 -15.76
CA THR C 773 29.88 -35.15 -14.75
C THR C 773 30.09 -35.75 -13.37
N LYS C 774 30.23 -34.90 -12.37
CA LYS C 774 30.50 -35.35 -11.00
C LYS C 774 29.20 -35.40 -10.18
N ARG C 775 28.24 -36.19 -10.68
CA ARG C 775 27.01 -36.42 -9.95
C ARG C 775 26.43 -37.76 -10.39
N SER C 776 25.51 -38.27 -9.58
CA SER C 776 24.98 -39.61 -9.77
C SER C 776 23.98 -39.65 -10.93
N PHE C 777 23.60 -40.89 -11.30
CA PHE C 777 22.64 -41.09 -12.37
C PHE C 777 21.26 -40.54 -12.01
N ILE C 778 20.84 -40.75 -10.76
CA ILE C 778 19.55 -40.24 -10.30
C ILE C 778 19.55 -38.72 -10.31
N GLU C 779 20.64 -38.09 -9.90
CA GLU C 779 20.74 -36.64 -9.95
C GLU C 779 20.72 -36.12 -11.37
N ASP C 780 21.35 -36.86 -12.30
CA ASP C 780 21.32 -36.48 -13.71
C ASP C 780 19.91 -36.56 -14.26
N LEU C 781 19.15 -37.58 -13.87
CA LEU C 781 17.76 -37.67 -14.30
C LEU C 781 16.90 -36.58 -13.67
N LEU C 782 17.18 -36.24 -12.41
CA LEU C 782 16.40 -35.22 -11.72
C LEU C 782 16.65 -33.82 -12.28
N PHE C 783 17.88 -33.56 -12.75
CA PHE C 783 18.19 -32.22 -13.23
C PHE C 783 17.59 -31.92 -14.60
N ASN C 784 17.06 -32.92 -15.30
CA ASN C 784 16.41 -32.69 -16.58
C ASN C 784 14.89 -32.57 -16.48
N LYS C 785 14.32 -32.80 -15.30
CA LYS C 785 12.86 -32.74 -15.15
C LYS C 785 12.36 -31.34 -14.82
N VAL C 786 13.24 -30.39 -14.53
CA VAL C 786 12.87 -29.02 -14.21
C VAL C 786 13.46 -28.10 -15.26
N THR C 787 12.60 -27.31 -15.89
CA THR C 787 13.04 -26.38 -16.93
C THR C 787 13.16 -24.95 -16.40
N PHE C 793 17.61 -15.46 -15.48
CA PHE C 793 18.63 -16.05 -16.36
C PHE C 793 19.84 -15.14 -16.44
N MET C 794 21.01 -15.73 -16.72
CA MET C 794 22.26 -14.98 -16.81
C MET C 794 22.55 -14.52 -18.23
N LYS C 795 21.59 -13.83 -18.84
CA LYS C 795 21.80 -13.23 -20.14
C LYS C 795 22.68 -11.99 -20.02
N GLN C 796 23.51 -11.78 -21.03
CA GLN C 796 24.48 -10.69 -21.02
C GLN C 796 24.07 -9.59 -22.01
N TYR C 797 24.65 -8.42 -21.80
CA TYR C 797 24.49 -7.33 -22.77
C TYR C 797 25.20 -7.69 -24.07
N GLY C 798 24.58 -7.32 -25.19
CA GLY C 798 25.07 -7.73 -26.49
C GLY C 798 24.18 -8.82 -27.06
N GLU C 799 23.77 -9.76 -26.21
CA GLU C 799 22.75 -10.72 -26.60
C GLU C 799 21.36 -10.10 -26.55
N CYS C 800 21.13 -9.17 -25.61
CA CYS C 800 19.84 -8.48 -25.55
C CYS C 800 19.73 -7.42 -26.64
N LEU C 801 20.84 -6.73 -26.93
CA LEU C 801 20.80 -5.68 -27.94
C LEU C 801 20.69 -6.27 -29.34
N GLY C 802 21.44 -7.33 -29.63
CA GLY C 802 21.32 -8.01 -30.91
C GLY C 802 20.09 -8.89 -30.95
N ASP C 803 19.38 -8.85 -32.09
CA ASP C 803 18.18 -9.63 -32.36
C ASP C 803 17.09 -9.35 -31.31
N ILE C 804 16.63 -8.10 -31.33
CA ILE C 804 15.55 -7.67 -30.44
C ILE C 804 14.18 -8.13 -30.89
N SER C 805 14.08 -8.76 -32.06
CA SER C 805 12.80 -9.25 -32.56
C SER C 805 12.29 -10.47 -31.79
N ALA C 806 13.14 -11.09 -30.96
CA ALA C 806 12.69 -12.21 -30.14
C ALA C 806 11.72 -11.76 -29.05
N ARG C 807 11.81 -10.49 -28.63
CA ARG C 807 10.96 -9.90 -27.59
C ARG C 807 11.02 -10.70 -26.30
N ASP C 808 12.24 -10.96 -25.84
CA ASP C 808 12.46 -11.77 -24.65
C ASP C 808 12.01 -11.03 -23.41
N LEU C 809 11.34 -11.76 -22.50
CA LEU C 809 10.92 -11.16 -21.24
C LEU C 809 12.10 -10.89 -20.31
N ILE C 810 13.17 -11.68 -20.44
CA ILE C 810 14.36 -11.48 -19.61
C ILE C 810 15.05 -10.18 -19.98
N CYS C 811 15.13 -9.88 -21.29
CA CYS C 811 15.75 -8.64 -21.74
C CYS C 811 14.94 -7.43 -21.30
N ALA C 812 13.61 -7.55 -21.28
CA ALA C 812 12.78 -6.45 -20.80
C ALA C 812 12.94 -6.21 -19.31
N GLN C 813 13.19 -7.28 -18.54
CA GLN C 813 13.43 -7.12 -17.10
C GLN C 813 14.75 -6.42 -16.84
N LYS C 814 15.79 -6.78 -17.59
CA LYS C 814 17.11 -6.22 -17.34
C LYS C 814 17.27 -4.79 -17.84
N PHE C 815 16.43 -4.35 -18.78
CA PHE C 815 16.46 -2.95 -19.18
C PHE C 815 15.84 -2.05 -18.12
N ASN C 816 14.97 -2.59 -17.28
CA ASN C 816 14.58 -1.94 -16.04
C ASN C 816 15.54 -2.42 -14.94
N GLY C 817 15.19 -2.15 -13.68
CA GLY C 817 16.13 -2.42 -12.61
C GLY C 817 16.04 -3.81 -11.99
N LEU C 818 15.40 -4.76 -12.67
CA LEU C 818 15.15 -6.09 -12.12
C LEU C 818 16.22 -7.06 -12.62
N THR C 819 16.91 -7.70 -11.68
CA THR C 819 17.96 -8.66 -12.00
C THR C 819 17.88 -9.83 -11.02
N VAL C 820 18.53 -10.93 -11.39
CA VAL C 820 18.59 -12.14 -10.57
C VAL C 820 20.05 -12.47 -10.28
N LEU C 821 20.37 -12.63 -8.99
CA LEU C 821 21.71 -12.91 -8.49
C LEU C 821 21.95 -14.42 -8.41
N PRO C 822 23.17 -14.87 -8.72
CA PRO C 822 23.47 -16.30 -8.66
C PRO C 822 23.64 -16.78 -7.23
N PRO C 823 23.39 -18.07 -6.96
CA PRO C 823 23.59 -18.60 -5.61
C PRO C 823 25.06 -18.71 -5.26
N LEU C 824 25.34 -18.75 -3.96
CA LEU C 824 26.73 -18.87 -3.49
C LEU C 824 27.29 -20.26 -3.78
N LEU C 825 26.52 -21.30 -3.49
CA LEU C 825 26.95 -22.67 -3.72
C LEU C 825 26.47 -23.13 -5.08
N THR C 826 27.39 -23.56 -5.93
CA THR C 826 27.03 -24.08 -7.23
C THR C 826 26.58 -25.55 -7.10
N ASP C 827 26.13 -26.13 -8.21
CA ASP C 827 25.57 -27.47 -8.18
C ASP C 827 26.63 -28.53 -7.91
N GLU C 828 27.88 -28.26 -8.31
CA GLU C 828 28.96 -29.23 -8.09
C GLU C 828 29.24 -29.42 -6.61
N MET C 829 29.22 -28.33 -5.83
CA MET C 829 29.47 -28.43 -4.40
C MET C 829 28.35 -29.16 -3.68
N ILE C 830 27.10 -28.93 -4.11
CA ILE C 830 25.97 -29.65 -3.51
C ILE C 830 26.03 -31.13 -3.87
N ALA C 831 26.44 -31.44 -5.11
CA ALA C 831 26.62 -32.84 -5.50
C ALA C 831 27.73 -33.50 -4.70
N ALA C 832 28.81 -32.77 -4.43
CA ALA C 832 29.88 -33.30 -3.60
C ALA C 832 29.42 -33.55 -2.17
N TYR C 833 28.61 -32.64 -1.63
CA TYR C 833 28.05 -32.83 -0.29
C TYR C 833 27.17 -34.07 -0.23
N THR C 834 26.30 -34.26 -1.24
CA THR C 834 25.42 -35.43 -1.25
C THR C 834 26.22 -36.73 -1.43
N ALA C 835 27.25 -36.70 -2.27
CA ALA C 835 28.08 -37.88 -2.46
C ALA C 835 28.84 -38.23 -1.18
N ALA C 836 29.35 -37.22 -0.47
CA ALA C 836 30.01 -37.48 0.80
C ALA C 836 29.05 -38.06 1.83
N LEU C 837 27.81 -37.54 1.88
CA LEU C 837 26.83 -38.07 2.81
C LEU C 837 26.46 -39.51 2.48
N VAL C 838 26.28 -39.82 1.20
CA VAL C 838 25.92 -41.18 0.80
C VAL C 838 27.06 -42.15 1.09
N SER C 839 28.30 -41.75 0.77
CA SER C 839 29.45 -42.62 1.05
C SER C 839 29.65 -42.83 2.55
N GLY C 840 29.45 -41.78 3.35
CA GLY C 840 29.58 -41.91 4.79
C GLY C 840 28.52 -42.82 5.39
N THR C 841 27.27 -42.67 4.95
CA THR C 841 26.21 -43.52 5.47
C THR C 841 26.26 -44.93 4.89
N ALA C 842 27.00 -45.15 3.80
CA ALA C 842 27.17 -46.49 3.28
C ALA C 842 28.37 -47.21 3.89
N THR C 843 29.38 -46.49 4.35
CA THR C 843 30.56 -47.10 4.94
C THR C 843 30.52 -47.12 6.47
N ALA C 844 30.35 -45.96 7.09
CA ALA C 844 30.43 -45.85 8.54
C ALA C 844 29.09 -45.95 9.24
N GLY C 845 27.99 -46.03 8.48
CA GLY C 845 26.70 -46.21 9.11
C GLY C 845 26.17 -44.92 9.72
N TRP C 846 25.84 -44.97 11.00
CA TRP C 846 25.23 -43.86 11.70
C TRP C 846 26.18 -43.15 12.66
N THR C 847 27.40 -43.66 12.81
CA THR C 847 28.31 -43.17 13.83
C THR C 847 28.93 -41.82 13.50
N PHE C 848 29.04 -41.47 12.22
CA PHE C 848 29.70 -40.23 11.84
C PHE C 848 28.83 -38.99 12.08
N GLY C 849 27.55 -39.17 12.37
CA GLY C 849 26.70 -38.05 12.70
C GLY C 849 26.76 -37.60 14.15
N ALA C 850 27.48 -38.32 15.00
CA ALA C 850 27.61 -37.97 16.41
C ALA C 850 29.06 -38.07 16.87
N GLY C 851 30.00 -37.81 15.97
CA GLY C 851 31.41 -37.93 16.30
C GLY C 851 32.24 -38.38 15.12
N ALA C 852 33.32 -39.10 15.38
CA ALA C 852 34.14 -39.62 14.30
C ALA C 852 33.45 -40.79 13.61
N ALA C 853 33.92 -41.11 12.41
CA ALA C 853 33.34 -42.17 11.60
C ALA C 853 33.96 -43.51 11.98
N LEU C 854 33.11 -44.48 12.31
CA LEU C 854 33.55 -45.82 12.64
C LEU C 854 32.98 -46.80 11.62
N GLN C 855 33.85 -47.58 10.98
CA GLN C 855 33.44 -48.45 9.89
C GLN C 855 32.74 -49.70 10.41
N ILE C 856 31.93 -50.30 9.54
CA ILE C 856 31.11 -51.46 9.85
C ILE C 856 30.80 -52.17 8.52
N PRO C 857 30.81 -53.51 8.47
CA PRO C 857 30.71 -54.18 7.16
C PRO C 857 29.35 -54.16 6.46
N PHE C 858 28.40 -53.38 6.97
CA PHE C 858 27.12 -53.05 6.32
C PHE C 858 26.14 -54.22 6.30
N ALA C 859 26.58 -55.42 6.67
CA ALA C 859 25.63 -56.49 6.95
C ALA C 859 25.26 -56.48 8.43
N MET C 860 26.25 -56.26 9.29
CA MET C 860 25.98 -56.08 10.71
C MET C 860 25.24 -54.78 10.98
N GLN C 861 25.52 -53.73 10.19
CA GLN C 861 24.78 -52.49 10.30
C GLN C 861 23.31 -52.68 9.93
N MET C 862 23.05 -53.41 8.84
CA MET C 862 21.68 -53.64 8.42
C MET C 862 20.96 -54.59 9.38
N ALA C 863 21.69 -55.52 9.99
CA ALA C 863 21.13 -56.35 11.04
C ALA C 863 20.77 -55.53 12.28
N TYR C 864 21.62 -54.57 12.63
CA TYR C 864 21.30 -53.67 13.75
C TYR C 864 20.07 -52.83 13.44
N ARG C 865 19.94 -52.36 12.20
CA ARG C 865 18.75 -51.61 11.82
C ARG C 865 17.50 -52.48 11.84
N PHE C 866 17.64 -53.76 11.47
CA PHE C 866 16.53 -54.71 11.62
C PHE C 866 16.18 -54.92 13.08
N ASN C 867 17.18 -54.97 13.95
CA ASN C 867 16.94 -55.07 15.39
C ASN C 867 16.27 -53.83 15.94
N GLY C 868 16.47 -52.67 15.29
CA GLY C 868 15.87 -51.44 15.76
C GLY C 868 14.37 -51.35 15.58
N ILE C 869 13.80 -52.18 14.70
CA ILE C 869 12.36 -52.13 14.43
C ILE C 869 11.61 -53.32 15.02
N GLY C 870 12.27 -54.14 15.83
CA GLY C 870 11.60 -55.24 16.50
C GLY C 870 11.72 -56.59 15.83
N VAL C 871 12.58 -56.73 14.82
CA VAL C 871 12.81 -58.00 14.15
C VAL C 871 14.19 -58.51 14.53
N THR C 872 14.28 -59.78 14.91
CA THR C 872 15.54 -60.36 15.31
C THR C 872 16.50 -60.42 14.12
N GLN C 873 17.80 -60.30 14.42
CA GLN C 873 18.80 -60.12 13.38
C GLN C 873 19.06 -61.40 12.59
N ASN C 874 18.63 -62.56 13.08
CA ASN C 874 18.87 -63.80 12.36
C ASN C 874 17.99 -63.93 11.12
N VAL C 875 16.86 -63.23 11.09
CA VAL C 875 16.00 -63.22 9.91
C VAL C 875 16.74 -62.62 8.72
N LEU C 876 17.48 -61.54 8.97
CA LEU C 876 18.25 -60.91 7.91
C LEU C 876 19.40 -61.78 7.43
N TYR C 877 20.10 -62.44 8.36
CA TYR C 877 21.19 -63.32 7.94
C TYR C 877 20.67 -64.56 7.23
N GLU C 878 19.41 -64.93 7.47
CA GLU C 878 18.80 -66.02 6.72
C GLU C 878 18.32 -65.57 5.33
N ASN C 879 17.84 -64.33 5.20
CA ASN C 879 17.22 -63.87 3.96
C ASN C 879 17.99 -62.72 3.31
N GLN C 880 19.31 -62.68 3.51
CA GLN C 880 20.13 -61.59 2.99
C GLN C 880 20.08 -61.48 1.47
N LYS C 881 20.13 -62.61 0.76
CA LYS C 881 20.10 -62.57 -0.69
C LYS C 881 18.78 -62.02 -1.21
N GLN C 882 17.66 -62.45 -0.61
CA GLN C 882 16.35 -61.95 -1.02
C GLN C 882 16.20 -60.47 -0.69
N ILE C 883 16.71 -60.05 0.48
CA ILE C 883 16.62 -58.63 0.86
C ILE C 883 17.45 -57.76 -0.08
N ALA C 884 18.66 -58.21 -0.42
CA ALA C 884 19.51 -57.46 -1.33
C ALA C 884 18.90 -57.40 -2.74
N ASN C 885 18.31 -58.50 -3.20
CA ASN C 885 17.65 -58.49 -4.50
C ASN C 885 16.45 -57.55 -4.50
N GLN C 886 15.67 -57.54 -3.42
CA GLN C 886 14.53 -56.63 -3.31
C GLN C 886 14.99 -55.17 -3.29
N PHE C 887 16.07 -54.88 -2.58
CA PHE C 887 16.59 -53.51 -2.55
C PHE C 887 17.11 -53.08 -3.91
N ASN C 888 17.80 -53.98 -4.62
CA ASN C 888 18.32 -53.64 -5.94
C ASN C 888 17.20 -53.46 -6.95
N LYS C 889 16.12 -54.24 -6.82
CA LYS C 889 14.97 -54.08 -7.70
C LYS C 889 14.20 -52.80 -7.38
N ALA C 890 14.11 -52.44 -6.10
CA ALA C 890 13.38 -51.25 -5.70
C ALA C 890 14.16 -49.97 -6.00
N ILE C 891 15.49 -50.04 -6.02
CA ILE C 891 16.28 -48.92 -6.51
C ILE C 891 16.01 -48.72 -8.00
N SER C 892 15.93 -49.82 -8.75
CA SER C 892 15.40 -49.77 -10.10
C SER C 892 13.91 -49.46 -10.07
N GLN C 893 13.35 -49.22 -11.26
CA GLN C 893 12.00 -48.66 -11.52
C GLN C 893 11.68 -47.44 -10.63
N ILE C 894 12.71 -46.74 -10.17
CA ILE C 894 12.59 -45.36 -9.72
C ILE C 894 13.26 -44.41 -10.70
N GLN C 895 14.45 -44.80 -11.18
CA GLN C 895 15.05 -44.12 -12.32
C GLN C 895 14.22 -44.34 -13.58
N GLU C 896 13.64 -45.53 -13.73
CA GLU C 896 12.72 -45.79 -14.84
C GLU C 896 11.46 -44.97 -14.70
N SER C 897 10.99 -44.76 -13.47
CA SER C 897 9.84 -43.91 -13.23
C SER C 897 10.18 -42.43 -13.32
N LEU C 898 11.46 -42.06 -13.31
CA LEU C 898 11.87 -40.67 -13.44
C LEU C 898 12.11 -40.26 -14.90
N THR C 899 11.98 -41.19 -15.84
CA THR C 899 12.09 -40.86 -17.26
C THR C 899 10.75 -40.80 -17.98
N THR C 900 9.77 -41.59 -17.56
CA THR C 900 8.45 -41.58 -18.19
C THR C 900 7.50 -40.62 -17.51
N THR C 901 7.33 -40.74 -16.19
CA THR C 901 6.44 -39.87 -15.46
C THR C 901 7.05 -38.46 -15.35
N SER C 902 6.27 -37.45 -15.74
CA SER C 902 6.75 -36.08 -15.81
C SER C 902 5.98 -35.16 -14.88
N THR C 903 5.59 -35.66 -13.70
CA THR C 903 4.87 -34.84 -12.74
C THR C 903 5.32 -35.04 -11.29
N ALA C 904 6.37 -35.82 -11.05
CA ALA C 904 6.80 -36.09 -9.68
C ALA C 904 7.54 -34.91 -9.07
N LEU C 905 8.07 -34.00 -9.88
CA LEU C 905 8.82 -32.84 -9.41
C LEU C 905 8.00 -31.56 -9.52
N GLY C 906 6.71 -31.62 -9.19
CA GLY C 906 5.83 -30.49 -9.45
C GLY C 906 6.05 -29.33 -8.49
N LYS C 907 6.55 -29.61 -7.29
CA LYS C 907 6.73 -28.55 -6.30
C LYS C 907 7.87 -27.60 -6.68
N LEU C 908 9.00 -28.16 -7.13
CA LEU C 908 10.11 -27.33 -7.58
C LEU C 908 9.74 -26.54 -8.82
N GLN C 909 8.98 -27.15 -9.73
CA GLN C 909 8.53 -26.42 -10.92
C GLN C 909 7.55 -25.31 -10.56
N ASP C 910 6.70 -25.54 -9.55
CA ASP C 910 5.81 -24.50 -9.06
C ASP C 910 6.59 -23.35 -8.44
N VAL C 911 7.66 -23.66 -7.70
CA VAL C 911 8.51 -22.62 -7.13
C VAL C 911 9.18 -21.81 -8.23
N VAL C 912 9.68 -22.49 -9.27
CA VAL C 912 10.31 -21.80 -10.40
C VAL C 912 9.29 -20.93 -11.14
N ASN C 913 8.08 -21.44 -11.36
CA ASN C 913 7.06 -20.69 -12.08
C ASN C 913 6.53 -19.52 -11.27
N GLN C 914 6.56 -19.62 -9.94
CA GLN C 914 6.15 -18.48 -9.11
C GLN C 914 7.27 -17.46 -8.96
N ASN C 915 8.53 -17.88 -9.06
CA ASN C 915 9.63 -16.93 -9.13
C ASN C 915 9.53 -16.10 -10.40
N ALA C 916 9.20 -16.75 -11.52
CA ALA C 916 8.81 -16.05 -12.72
C ALA C 916 7.36 -15.57 -12.58
N GLN C 917 6.90 -14.82 -13.59
CA GLN C 917 5.52 -14.32 -13.78
C GLN C 917 5.09 -13.35 -12.68
N ALA C 918 5.96 -13.11 -11.70
CA ALA C 918 5.83 -12.01 -10.77
C ALA C 918 6.76 -10.86 -11.11
N LEU C 919 7.91 -11.17 -11.72
CA LEU C 919 8.72 -10.15 -12.36
C LEU C 919 8.11 -9.71 -13.68
N ASN C 920 7.36 -10.60 -14.34
CA ASN C 920 6.71 -10.24 -15.59
C ASN C 920 5.54 -9.30 -15.36
N THR C 921 4.79 -9.50 -14.27
CA THR C 921 3.70 -8.59 -13.95
C THR C 921 4.23 -7.26 -13.45
N LEU C 922 5.42 -7.24 -12.88
CA LEU C 922 6.04 -5.98 -12.48
C LEU C 922 6.47 -5.17 -13.70
N VAL C 923 6.91 -5.86 -14.76
CA VAL C 923 7.27 -5.18 -15.99
C VAL C 923 6.03 -4.65 -16.70
N LYS C 924 4.97 -5.47 -16.78
CA LYS C 924 3.77 -5.08 -17.50
C LYS C 924 2.95 -4.02 -16.77
N GLN C 925 3.20 -3.82 -15.47
CA GLN C 925 2.51 -2.77 -14.74
C GLN C 925 3.08 -1.39 -15.02
N LEU C 926 4.19 -1.29 -15.76
CA LEU C 926 4.73 0.01 -16.12
C LEU C 926 3.87 0.75 -17.13
N SER C 927 3.01 0.04 -17.87
CA SER C 927 2.12 0.65 -18.84
C SER C 927 0.77 0.99 -18.21
N SER C 928 0.82 1.78 -17.15
CA SER C 928 -0.37 2.23 -16.45
C SER C 928 -0.28 3.72 -16.20
N ASN C 929 -1.42 4.41 -16.39
CA ASN C 929 -1.45 5.85 -16.29
C ASN C 929 -1.43 6.35 -14.84
N PHE C 930 -2.09 5.62 -13.94
CA PHE C 930 -2.24 5.99 -12.53
C PHE C 930 -2.87 7.37 -12.36
N GLY C 931 -3.79 7.73 -13.25
CA GLY C 931 -4.43 9.03 -13.18
C GLY C 931 -3.68 10.15 -13.87
N ALA C 932 -2.83 9.83 -14.85
CA ALA C 932 -2.08 10.82 -15.61
C ALA C 932 -2.51 10.76 -17.07
N ILE C 933 -2.02 11.74 -17.84
CA ILE C 933 -2.41 11.83 -19.25
C ILE C 933 -1.72 10.77 -20.10
N SER C 934 -0.61 10.21 -19.65
CA SER C 934 0.10 9.19 -20.40
C SER C 934 0.95 8.36 -19.45
N SER C 935 1.26 7.15 -19.88
CA SER C 935 2.15 6.27 -19.14
C SER C 935 3.60 6.40 -19.56
N VAL C 936 3.88 7.20 -20.58
CA VAL C 936 5.25 7.42 -21.06
C VAL C 936 5.74 8.76 -20.54
N LEU C 937 6.92 8.76 -19.91
CA LEU C 937 7.46 9.99 -19.35
C LEU C 937 7.90 10.95 -20.45
N ASN C 938 8.35 10.43 -21.59
CA ASN C 938 8.80 11.28 -22.68
C ASN C 938 7.65 12.07 -23.29
N ASP C 939 6.47 11.45 -23.39
CA ASP C 939 5.30 12.15 -23.91
C ASP C 939 4.87 13.28 -22.99
N ILE C 940 4.99 13.08 -21.67
CA ILE C 940 4.67 14.15 -20.74
C ILE C 940 5.71 15.26 -20.81
N LEU C 941 7.00 14.89 -20.87
CA LEU C 941 8.06 15.89 -20.83
C LEU C 941 8.23 16.64 -22.15
N SER C 942 7.73 16.10 -23.26
CA SER C 942 7.89 16.76 -24.55
C SER C 942 6.77 17.72 -24.90
N ARG C 943 5.70 17.78 -24.10
CA ARG C 943 4.56 18.63 -24.42
C ARG C 943 4.08 19.49 -23.26
N LEU C 944 4.68 19.42 -22.09
CA LEU C 944 4.25 20.19 -20.94
C LEU C 944 5.44 20.93 -20.31
N ASP C 945 5.17 22.15 -19.84
CA ASP C 945 6.11 22.92 -19.06
C ASP C 945 6.32 22.28 -17.70
N PRO C 946 7.50 22.48 -17.10
CA PRO C 946 7.84 21.76 -15.83
C PRO C 946 6.88 21.98 -14.68
N PRO C 947 6.33 23.20 -14.44
CA PRO C 947 5.38 23.31 -13.31
C PRO C 947 4.13 22.47 -13.46
N GLU C 948 3.64 22.30 -14.70
CA GLU C 948 2.52 21.39 -14.94
C GLU C 948 3.00 19.95 -14.89
N ALA C 949 4.11 19.65 -15.58
CA ALA C 949 4.56 18.26 -15.73
C ALA C 949 5.02 17.63 -14.42
N GLU C 950 5.36 18.43 -13.41
CA GLU C 950 5.73 17.86 -12.12
C GLU C 950 4.55 17.12 -11.48
N VAL C 951 3.35 17.69 -11.58
CA VAL C 951 2.18 17.07 -10.97
C VAL C 951 1.73 15.83 -11.73
N GLN C 952 2.21 15.64 -12.96
CA GLN C 952 1.93 14.41 -13.70
C GLN C 952 3.02 13.36 -13.48
N ILE C 953 4.26 13.79 -13.28
CA ILE C 953 5.33 12.84 -12.96
C ILE C 953 5.12 12.25 -11.57
N ASP C 954 4.62 13.07 -10.63
CA ASP C 954 4.34 12.58 -9.28
C ASP C 954 3.26 11.50 -9.27
N ARG C 955 2.27 11.62 -10.16
CA ARG C 955 1.21 10.62 -10.23
C ARG C 955 1.70 9.26 -10.74
N LEU C 956 2.82 9.24 -11.48
CA LEU C 956 3.43 7.98 -11.89
C LEU C 956 4.36 7.43 -10.82
N ILE C 957 5.11 8.33 -10.15
CA ILE C 957 6.02 7.92 -9.09
C ILE C 957 5.25 7.26 -7.96
N THR C 958 4.18 7.91 -7.49
CA THR C 958 3.26 7.28 -6.57
C THR C 958 2.38 6.33 -7.36
N GLY C 959 2.67 5.03 -7.25
CA GLY C 959 2.02 4.00 -8.02
C GLY C 959 3.05 3.05 -8.61
N ARG C 960 4.15 3.58 -9.14
CA ARG C 960 5.28 2.70 -9.40
C ARG C 960 5.93 2.27 -8.08
N LEU C 961 5.98 3.20 -7.11
CA LEU C 961 6.39 2.83 -5.77
C LEU C 961 5.42 1.82 -5.14
N GLN C 962 4.12 1.96 -5.42
CA GLN C 962 3.13 1.02 -4.91
C GLN C 962 3.35 -0.38 -5.49
N SER C 963 3.63 -0.47 -6.80
CA SER C 963 3.92 -1.76 -7.41
C SER C 963 5.16 -2.41 -6.81
N LEU C 964 6.21 -1.61 -6.60
CA LEU C 964 7.42 -2.15 -5.98
C LEU C 964 7.18 -2.65 -4.56
N GLN C 965 6.40 -1.89 -3.78
CA GLN C 965 6.08 -2.28 -2.42
C GLN C 965 5.26 -3.58 -2.38
N THR C 966 4.31 -3.71 -3.30
CA THR C 966 3.52 -4.93 -3.39
C THR C 966 4.38 -6.13 -3.73
N TYR C 967 5.31 -5.97 -4.68
CA TYR C 967 6.21 -7.06 -5.04
C TYR C 967 7.09 -7.47 -3.87
N VAL C 968 7.60 -6.49 -3.11
CA VAL C 968 8.45 -6.79 -1.95
C VAL C 968 7.65 -7.54 -0.89
N THR C 969 6.39 -7.13 -0.66
CA THR C 969 5.57 -7.80 0.35
C THR C 969 5.28 -9.26 -0.02
N GLN C 970 4.93 -9.51 -1.29
CA GLN C 970 4.69 -10.90 -1.72
C GLN C 970 5.98 -11.73 -1.67
N GLN C 971 7.12 -11.11 -1.98
CA GLN C 971 8.39 -11.83 -1.90
C GLN C 971 8.70 -12.24 -0.46
N LEU C 972 8.48 -11.33 0.49
CA LEU C 972 8.69 -11.67 1.90
C LEU C 972 7.76 -12.78 2.37
N ILE C 973 6.50 -12.73 1.94
CA ILE C 973 5.53 -13.75 2.36
C ILE C 973 5.92 -15.12 1.78
N ARG C 974 6.39 -15.16 0.53
CA ARG C 974 6.82 -16.43 -0.05
C ARG C 974 8.08 -16.97 0.61
N ALA C 975 9.02 -16.08 0.95
CA ALA C 975 10.23 -16.50 1.64
C ALA C 975 9.93 -17.06 3.03
N ALA C 976 8.87 -16.55 3.66
CA ALA C 976 8.49 -17.03 4.98
C ALA C 976 8.13 -18.52 4.98
N GLU C 977 7.50 -19.02 3.92
CA GLU C 977 7.19 -20.45 3.84
C GLU C 977 8.31 -21.26 3.22
N ILE C 978 9.12 -20.64 2.36
CA ILE C 978 10.30 -21.33 1.84
C ILE C 978 11.27 -21.67 2.98
N ARG C 979 11.39 -20.75 3.95
CA ARG C 979 12.24 -21.01 5.12
C ARG C 979 11.72 -22.17 5.96
N ALA C 980 10.40 -22.27 6.13
CA ALA C 980 9.83 -23.39 6.88
C ALA C 980 10.05 -24.72 6.18
N SER C 981 9.90 -24.73 4.85
CA SER C 981 10.18 -25.95 4.10
C SER C 981 11.65 -26.35 4.22
N ALA C 982 12.56 -25.36 4.18
CA ALA C 982 13.98 -25.65 4.33
C ALA C 982 14.30 -26.18 5.72
N ASN C 983 13.63 -25.65 6.75
CA ASN C 983 13.83 -26.13 8.12
C ASN C 983 13.36 -27.57 8.26
N LEU C 984 12.21 -27.90 7.69
CA LEU C 984 11.73 -29.28 7.72
C LEU C 984 12.67 -30.21 6.96
N ALA C 985 13.22 -29.75 5.83
CA ALA C 985 14.18 -30.56 5.08
C ALA C 985 15.46 -30.79 5.89
N ALA C 986 15.94 -29.77 6.60
CA ALA C 986 17.13 -29.93 7.42
C ALA C 986 16.88 -30.90 8.58
N THR C 987 15.70 -30.82 9.19
CA THR C 987 15.34 -31.75 10.26
C THR C 987 15.27 -33.19 9.73
N LYS C 988 14.69 -33.38 8.55
CA LYS C 988 14.62 -34.70 7.95
C LYS C 988 16.00 -35.23 7.58
N MET C 989 16.89 -34.36 7.12
CA MET C 989 18.26 -34.77 6.84
C MET C 989 18.98 -35.18 8.12
N SER C 990 18.75 -34.45 9.21
CA SER C 990 19.43 -34.76 10.46
C SER C 990 18.90 -36.04 11.10
N GLU C 991 17.60 -36.33 10.93
CA GLU C 991 16.98 -37.43 11.66
C GLU C 991 16.74 -38.68 10.84
N CYS C 992 16.55 -38.58 9.53
CA CYS C 992 16.30 -39.76 8.72
C CYS C 992 17.55 -40.30 8.03
N VAL C 993 18.56 -39.48 7.81
CA VAL C 993 19.76 -39.89 7.11
C VAL C 993 20.89 -40.22 8.07
N LEU C 994 21.11 -39.38 9.08
CA LEU C 994 22.18 -39.57 10.05
C LEU C 994 21.78 -40.50 11.19
N GLY C 995 20.60 -41.10 11.12
CA GLY C 995 20.17 -42.00 12.18
C GLY C 995 18.88 -42.69 11.78
N GLN C 996 18.36 -43.49 12.72
CA GLN C 996 17.12 -44.21 12.53
C GLN C 996 16.05 -43.60 13.43
N SER C 997 14.90 -43.29 12.85
CA SER C 997 13.84 -42.58 13.53
C SER C 997 12.68 -43.51 13.86
N LYS C 998 12.16 -43.38 15.08
CA LYS C 998 11.00 -44.14 15.52
C LYS C 998 9.69 -43.38 15.34
N ARG C 999 9.73 -42.17 14.82
CA ARG C 999 8.51 -41.39 14.63
C ARG C 999 7.71 -41.96 13.47
N VAL C 1000 6.39 -42.07 13.66
CA VAL C 1000 5.54 -42.72 12.66
C VAL C 1000 5.35 -41.79 11.48
N ASP C 1001 5.62 -42.32 10.27
CA ASP C 1001 5.41 -41.65 8.99
C ASP C 1001 6.25 -40.37 8.85
N PHE C 1002 7.38 -40.29 9.55
CA PHE C 1002 8.26 -39.15 9.36
C PHE C 1002 9.20 -39.36 8.19
N CYS C 1003 9.76 -40.56 8.05
CA CYS C 1003 10.63 -40.91 6.92
C CYS C 1003 9.97 -42.07 6.17
N GLY C 1004 9.10 -41.73 5.23
CA GLY C 1004 8.40 -42.72 4.44
C GLY C 1004 7.25 -43.36 5.21
N ARG C 1005 6.64 -44.35 4.58
CA ARG C 1005 5.53 -45.10 5.17
C ARG C 1005 6.01 -46.51 5.48
N GLY C 1006 5.84 -46.93 6.74
CA GLY C 1006 6.31 -48.23 7.18
C GLY C 1006 7.29 -48.10 8.32
N TYR C 1007 8.12 -49.12 8.52
CA TYR C 1007 9.17 -49.09 9.53
C TYR C 1007 10.47 -48.64 8.87
N HIS C 1008 10.99 -47.50 9.32
CA HIS C 1008 12.12 -46.86 8.66
C HIS C 1008 13.41 -47.62 8.90
N LEU C 1009 14.19 -47.82 7.83
CA LEU C 1009 15.52 -48.43 7.93
C LEU C 1009 16.62 -47.39 7.74
N MET C 1010 16.64 -46.70 6.60
CA MET C 1010 17.58 -45.61 6.36
C MET C 1010 17.06 -44.76 5.20
N SER C 1011 17.75 -43.66 4.96
CA SER C 1011 17.39 -42.74 3.89
C SER C 1011 18.65 -42.27 3.16
N PHE C 1012 18.47 -41.85 1.91
CA PHE C 1012 19.56 -41.33 1.09
C PHE C 1012 19.15 -39.98 0.51
N PRO C 1013 19.99 -38.97 0.60
CA PRO C 1013 19.68 -37.68 -0.04
C PRO C 1013 20.21 -37.61 -1.46
N GLN C 1014 19.44 -36.91 -2.31
CA GLN C 1014 19.81 -36.66 -3.69
C GLN C 1014 19.58 -35.20 -4.02
N ALA C 1015 20.54 -34.59 -4.70
CA ALA C 1015 20.46 -33.16 -5.01
C ALA C 1015 19.49 -32.92 -6.16
N ALA C 1016 18.71 -31.85 -6.03
CA ALA C 1016 17.73 -31.42 -7.01
C ALA C 1016 17.88 -29.92 -7.21
N PRO C 1017 17.45 -29.39 -8.37
CA PRO C 1017 17.47 -27.94 -8.55
C PRO C 1017 16.50 -27.24 -7.61
N HIS C 1018 17.05 -26.38 -6.74
CA HIS C 1018 16.31 -25.62 -5.73
C HIS C 1018 15.54 -26.54 -4.78
N GLY C 1019 16.15 -27.67 -4.42
CA GLY C 1019 15.50 -28.59 -3.52
C GLY C 1019 16.35 -29.81 -3.25
N VAL C 1020 15.74 -30.79 -2.60
CA VAL C 1020 16.41 -32.04 -2.26
C VAL C 1020 15.38 -33.16 -2.35
N VAL C 1021 15.85 -34.35 -2.72
CA VAL C 1021 15.00 -35.54 -2.84
C VAL C 1021 15.53 -36.61 -1.90
N PHE C 1022 14.66 -37.15 -1.07
CA PHE C 1022 15.00 -38.21 -0.14
C PHE C 1022 14.49 -39.55 -0.66
N LEU C 1023 15.29 -40.59 -0.52
CA LEU C 1023 14.89 -41.95 -0.86
C LEU C 1023 14.82 -42.75 0.44
N HIS C 1024 13.61 -43.02 0.91
CA HIS C 1024 13.39 -43.69 2.18
C HIS C 1024 13.26 -45.19 1.96
N VAL C 1025 14.00 -45.97 2.73
CA VAL C 1025 13.96 -47.42 2.69
C VAL C 1025 13.18 -47.90 3.91
N THR C 1026 12.13 -48.70 3.67
CA THR C 1026 11.20 -49.07 4.73
C THR C 1026 10.93 -50.57 4.70
N TYR C 1027 10.45 -51.07 5.83
CA TYR C 1027 10.09 -52.46 6.01
C TYR C 1027 8.57 -52.59 6.00
N VAL C 1028 8.03 -53.42 5.11
CA VAL C 1028 6.60 -53.57 4.92
C VAL C 1028 6.24 -55.04 5.09
N PRO C 1029 5.47 -55.40 6.11
CA PRO C 1029 4.97 -56.78 6.22
C PRO C 1029 3.83 -57.03 5.24
N SER C 1030 3.83 -58.22 4.63
CA SER C 1030 2.96 -58.48 3.48
C SER C 1030 1.89 -59.52 3.75
N HIS C 1031 2.26 -60.73 4.18
CA HIS C 1031 1.35 -61.88 4.17
C HIS C 1031 0.98 -62.29 5.59
N GLU C 1032 -0.20 -61.86 6.03
CA GLU C 1032 -0.69 -62.17 7.37
C GLU C 1032 -1.41 -63.53 7.38
N LYS C 1033 -1.63 -64.04 8.59
CA LYS C 1033 -2.27 -65.33 8.79
C LYS C 1033 -2.97 -65.33 10.13
N ASN C 1034 -4.11 -66.02 10.20
CA ASN C 1034 -4.90 -66.11 11.42
C ASN C 1034 -4.27 -67.08 12.41
N PHE C 1035 -4.34 -66.74 13.70
CA PHE C 1035 -3.87 -67.60 14.77
C PHE C 1035 -4.75 -67.40 16.00
N THR C 1036 -4.71 -68.39 16.89
CA THR C 1036 -5.41 -68.32 18.17
C THR C 1036 -4.41 -67.96 19.26
N THR C 1037 -4.72 -66.92 20.02
CA THR C 1037 -3.80 -66.35 21.00
C THR C 1037 -4.38 -66.44 22.40
N ALA C 1038 -3.52 -66.19 23.38
CA ALA C 1038 -3.88 -66.18 24.79
C ALA C 1038 -2.98 -65.19 25.51
N PRO C 1039 -3.51 -64.47 26.50
CA PRO C 1039 -2.67 -63.45 27.17
C PRO C 1039 -1.60 -64.04 28.05
N ALA C 1040 -1.85 -65.17 28.72
CA ALA C 1040 -0.88 -65.75 29.63
C ALA C 1040 -1.15 -67.23 29.77
N ILE C 1041 -0.16 -67.94 30.31
CA ILE C 1041 -0.20 -69.38 30.53
C ILE C 1041 0.22 -69.65 31.97
N CYS C 1042 -0.57 -70.43 32.70
CA CYS C 1042 -0.19 -70.84 34.04
C CYS C 1042 0.01 -72.35 34.07
N HIS C 1043 1.09 -72.77 34.72
CA HIS C 1043 1.60 -74.13 34.64
C HIS C 1043 1.45 -74.92 35.94
N GLU C 1044 1.99 -74.40 37.04
CA GLU C 1044 1.88 -75.02 38.35
C GLU C 1044 1.20 -74.07 39.33
N GLY C 1045 0.15 -73.41 38.88
CA GLY C 1045 -0.50 -72.39 39.68
C GLY C 1045 0.13 -71.03 39.60
N LYS C 1046 1.18 -70.86 38.81
CA LYS C 1046 1.86 -69.58 38.64
C LYS C 1046 1.74 -69.15 37.19
N ALA C 1047 1.34 -67.90 36.96
CA ALA C 1047 1.14 -67.40 35.61
C ALA C 1047 2.47 -67.03 34.95
N TYR C 1048 2.57 -67.31 33.66
CA TYR C 1048 3.74 -66.98 32.86
C TYR C 1048 3.35 -65.98 31.78
N PHE C 1049 4.22 -65.00 31.55
CA PHE C 1049 3.98 -63.98 30.55
C PHE C 1049 5.15 -63.94 29.58
N PRO C 1050 4.89 -63.65 28.31
CA PRO C 1050 5.99 -63.60 27.33
C PRO C 1050 6.91 -62.41 27.58
N ARG C 1051 8.19 -62.60 27.25
CA ARG C 1051 9.15 -61.52 27.38
C ARG C 1051 9.05 -60.55 26.21
N GLU C 1052 9.32 -61.05 25.00
CA GLU C 1052 9.16 -60.26 23.77
C GLU C 1052 8.41 -61.13 22.77
N GLY C 1053 7.10 -60.92 22.66
CA GLY C 1053 6.30 -61.64 21.70
C GLY C 1053 4.95 -61.99 22.28
N VAL C 1054 4.24 -62.88 21.57
CA VAL C 1054 2.88 -63.27 21.93
C VAL C 1054 2.80 -64.80 21.90
N PHE C 1055 1.81 -65.33 22.63
CA PHE C 1055 1.52 -66.76 22.60
C PHE C 1055 0.56 -67.06 21.47
N VAL C 1056 0.90 -68.06 20.65
CA VAL C 1056 0.07 -68.46 19.52
C VAL C 1056 -0.08 -69.97 19.50
N SER C 1057 -1.15 -70.43 18.87
CA SER C 1057 -1.42 -71.85 18.69
C SER C 1057 -1.80 -72.12 17.25
N ASN C 1058 -1.20 -73.14 16.66
CA ASN C 1058 -1.52 -73.53 15.29
C ASN C 1058 -2.64 -74.55 15.21
N GLY C 1059 -3.24 -74.91 16.35
CA GLY C 1059 -4.33 -75.86 16.37
C GLY C 1059 -4.13 -76.96 17.38
N THR C 1060 -2.88 -77.42 17.54
CA THR C 1060 -2.55 -78.49 18.48
C THR C 1060 -1.63 -78.03 19.59
N SER C 1061 -0.50 -77.41 19.26
CA SER C 1061 0.48 -77.00 20.25
C SER C 1061 0.50 -75.49 20.39
N TRP C 1062 1.23 -75.02 21.41
CA TRP C 1062 1.36 -73.60 21.69
C TRP C 1062 2.81 -73.17 21.55
N PHE C 1063 3.02 -72.01 20.93
CA PHE C 1063 4.35 -71.47 20.68
C PHE C 1063 4.38 -70.00 21.03
N ILE C 1064 5.59 -69.43 21.04
CA ILE C 1064 5.80 -68.02 21.26
C ILE C 1064 6.62 -67.48 20.09
N THR C 1065 6.13 -66.40 19.47
CA THR C 1065 6.77 -65.81 18.31
C THR C 1065 6.77 -64.29 18.43
N GLN C 1066 7.68 -63.66 17.67
CA GLN C 1066 7.75 -62.22 17.64
C GLN C 1066 6.56 -61.64 16.87
N ARG C 1067 6.33 -60.34 17.07
CA ARG C 1067 5.11 -59.70 16.59
C ARG C 1067 5.09 -59.53 15.07
N ASN C 1068 6.20 -59.07 14.49
CA ASN C 1068 6.21 -58.64 13.09
C ASN C 1068 6.69 -59.70 12.12
N PHE C 1069 6.94 -60.93 12.59
CA PHE C 1069 7.38 -62.00 11.72
C PHE C 1069 7.02 -63.33 12.37
N TYR C 1070 6.45 -64.24 11.60
CA TYR C 1070 6.05 -65.53 12.14
C TYR C 1070 7.26 -66.45 12.20
N SER C 1071 7.70 -66.76 13.42
CA SER C 1071 8.79 -67.71 13.63
C SER C 1071 8.59 -68.34 14.99
N PRO C 1072 7.84 -69.44 15.05
CA PRO C 1072 7.47 -70.02 16.36
C PRO C 1072 8.63 -70.73 17.03
N GLN C 1073 8.69 -70.57 18.35
CA GLN C 1073 9.68 -71.23 19.20
C GLN C 1073 8.97 -71.99 20.31
N ILE C 1074 9.73 -72.85 20.99
CA ILE C 1074 9.22 -73.64 22.11
C ILE C 1074 9.21 -72.78 23.35
N ILE C 1075 8.11 -72.84 24.10
CA ILE C 1075 7.93 -72.02 25.30
C ILE C 1075 8.81 -72.57 26.42
N THR C 1076 9.92 -71.91 26.70
CA THR C 1076 10.82 -72.28 27.79
C THR C 1076 10.77 -71.21 28.88
N THR C 1077 11.53 -71.46 29.95
CA THR C 1077 11.61 -70.50 31.04
C THR C 1077 12.49 -69.31 30.70
N ASP C 1078 13.35 -69.42 29.69
CA ASP C 1078 14.11 -68.26 29.23
C ASP C 1078 13.25 -67.29 28.45
N ASN C 1079 12.18 -67.79 27.82
CA ASN C 1079 11.30 -66.95 27.03
C ASN C 1079 10.23 -66.24 27.86
N THR C 1080 10.02 -66.64 29.12
CA THR C 1080 8.92 -66.15 29.92
C THR C 1080 9.40 -65.75 31.30
N PHE C 1081 8.52 -65.06 32.04
CA PHE C 1081 8.78 -64.67 33.41
C PHE C 1081 7.52 -64.91 34.25
N VAL C 1082 7.72 -65.05 35.55
CA VAL C 1082 6.65 -65.41 36.49
C VAL C 1082 6.22 -64.17 37.26
N ALA C 1083 4.90 -63.94 37.32
CA ALA C 1083 4.35 -62.81 38.06
C ALA C 1083 3.58 -63.24 39.30
N GLY C 1084 2.59 -64.11 39.15
CA GLY C 1084 1.79 -64.50 40.30
C GLY C 1084 0.86 -65.65 39.95
N ASN C 1085 -0.13 -65.85 40.81
CA ASN C 1085 -1.10 -66.91 40.61
C ASN C 1085 -2.00 -66.59 39.41
N CYS C 1086 -2.59 -67.64 38.83
CA CYS C 1086 -3.35 -67.52 37.59
C CYS C 1086 -4.85 -67.47 37.85
N ASP C 1087 -5.27 -66.82 38.93
CA ASP C 1087 -6.68 -66.60 39.22
C ASP C 1087 -7.08 -65.13 39.09
N VAL C 1088 -6.22 -64.31 38.49
CA VAL C 1088 -6.48 -62.87 38.37
C VAL C 1088 -6.44 -62.45 36.91
N VAL C 1089 -5.96 -63.32 36.04
CA VAL C 1089 -5.81 -63.04 34.62
C VAL C 1089 -7.02 -63.59 33.88
N ILE C 1090 -7.68 -62.74 33.10
CA ILE C 1090 -8.85 -63.12 32.33
C ILE C 1090 -8.37 -63.67 30.98
N GLY C 1091 -8.75 -64.91 30.68
CA GLY C 1091 -8.35 -65.55 29.44
C GLY C 1091 -7.13 -66.44 29.53
N ILE C 1092 -6.67 -66.76 30.73
CA ILE C 1092 -5.50 -67.62 30.89
C ILE C 1092 -5.85 -69.05 30.51
N ILE C 1093 -4.90 -69.75 29.90
CA ILE C 1093 -5.10 -71.12 29.45
C ILE C 1093 -4.06 -72.02 30.11
N ASN C 1094 -4.32 -73.33 30.07
CA ASN C 1094 -3.44 -74.31 30.68
C ASN C 1094 -2.48 -74.85 29.64
N ASN C 1095 -1.19 -74.88 29.99
CA ASN C 1095 -0.15 -75.45 29.14
C ASN C 1095 1.04 -75.80 30.02
N THR C 1096 2.12 -76.23 29.39
CA THR C 1096 3.34 -76.62 30.09
C THR C 1096 4.52 -75.77 29.64
N VAL C 1097 5.43 -75.52 30.58
CA VAL C 1097 6.64 -74.76 30.33
C VAL C 1097 7.83 -75.69 30.53
N TYR C 1098 8.69 -75.78 29.52
CA TYR C 1098 9.84 -76.69 29.53
C TYR C 1098 11.07 -75.98 30.07
N ASP C 1099 11.87 -76.70 30.84
CA ASP C 1099 13.13 -76.17 31.34
C ASP C 1099 14.18 -77.27 31.30
N PRO C 1100 15.45 -76.93 31.08
CA PRO C 1100 16.53 -77.94 31.11
C PRO C 1100 16.79 -78.50 32.50
C1 NAG D . -20.42 42.97 15.53
C2 NAG D . -19.12 43.43 14.86
C3 NAG D . -18.02 43.51 15.92
C4 NAG D . -18.43 44.46 17.04
C5 NAG D . -19.78 43.99 17.61
C6 NAG D . -20.34 44.92 18.66
C7 NAG D . -18.43 41.34 13.63
C8 NAG D . -18.07 40.88 12.24
N2 NAG D . -18.74 42.65 13.71
O3 NAG D . -16.84 43.90 15.26
O4 NAG D . -17.43 44.44 18.05
O5 NAG D . -20.73 43.88 16.55
O6 NAG D . -21.60 44.45 19.08
O7 NAG D . -18.41 40.56 14.57
C1 NAG D . -16.66 45.66 17.98
C2 NAG D . -16.34 46.15 19.40
C3 NAG D . -15.46 47.40 19.31
C4 NAG D . -14.21 47.14 18.48
C5 NAG D . -14.63 46.58 17.11
C6 NAG D . -13.46 46.19 16.25
C7 NAG D . -17.85 45.77 21.29
C8 NAG D . -19.15 46.21 21.94
N2 NAG D . -17.53 46.42 20.16
O3 NAG D . -15.14 47.79 20.63
O4 NAG D . -13.53 48.36 18.36
O5 NAG D . -15.45 45.44 17.29
O6 NAG D . -12.57 47.28 16.13
O7 NAG D . -17.17 44.89 21.80
C1 NAG E . -9.24 58.08 1.22
C2 NAG E . -9.58 59.56 1.04
C3 NAG E . -8.58 60.44 1.79
C4 NAG E . -8.41 59.99 3.24
C5 NAG E . -8.06 58.50 3.24
C6 NAG E . -7.85 57.91 4.62
C7 NAG E . -10.73 60.13 -1.07
C8 NAG E . -10.52 60.48 -2.52
N2 NAG E . -9.62 59.90 -0.36
O3 NAG E . -9.02 61.77 1.69
O4 NAG E . -7.40 60.79 3.82
O5 NAG E . -9.10 57.79 2.59
O6 NAG E . -8.89 58.30 5.47
O7 NAG E . -11.86 60.06 -0.58
C1 NAG E . -7.97 61.60 4.85
C2 NAG E . -6.88 61.94 5.87
C3 NAG E . -7.45 62.86 6.95
C4 NAG E . -8.13 64.08 6.34
C5 NAG E . -9.15 63.62 5.30
C6 NAG E . -9.86 64.76 4.58
C7 NAG E . -5.04 60.39 6.36
C8 NAG E . -4.68 59.09 7.05
N2 NAG E . -6.32 60.76 6.46
O3 NAG E . -6.41 63.22 7.82
O4 NAG E . -8.75 64.79 7.39
O5 NAG E . -8.49 62.81 4.34
O6 NAG E . -10.72 64.25 3.60
O7 NAG E . -4.20 61.04 5.75
C1 NAG F . -5.35 -47.18 43.87
C2 NAG F . -5.47 -48.63 44.36
C3 NAG F . -6.92 -49.12 44.21
C4 NAG F . -7.95 -48.14 44.73
C5 NAG F . -7.65 -46.74 44.14
C6 NAG F . -8.57 -45.65 44.63
C7 NAG F . -3.53 -50.12 44.15
C8 NAG F . -2.76 -50.98 43.16
N2 NAG F . -4.59 -49.49 43.62
O3 NAG F . -7.01 -50.36 44.86
O4 NAG F . -9.22 -48.61 44.32
O5 NAG F . -6.33 -46.39 44.49
O6 NAG F . -8.48 -45.53 46.03
O7 NAG F . -3.19 -50.05 45.32
C1 NAG F . -10.02 -48.94 45.47
C2 NAG F . -11.49 -48.82 45.07
C3 NAG F . -12.39 -49.22 46.24
C4 NAG F . -12.00 -50.60 46.77
C5 NAG F . -10.49 -50.63 47.08
C6 NAG F . -10.00 -51.97 47.57
C7 NAG F . -12.25 -47.19 43.39
C8 NAG F . -12.51 -45.73 43.14
N2 NAG F . -11.81 -47.49 44.63
O3 NAG F . -13.72 -49.18 45.82
O4 NAG F . -12.77 -50.85 47.92
O5 NAG F . -9.78 -50.26 45.91
O6 NAG F . -8.60 -51.92 47.77
O7 NAG F . -12.44 -48.02 42.52
C1 NAG G . -21.37 -47.32 27.43
C2 NAG G . -22.25 -48.50 27.87
C3 NAG G . -23.71 -48.23 27.46
C4 NAG G . -24.19 -46.85 27.91
C5 NAG G . -23.18 -45.79 27.49
C6 NAG G . -23.49 -44.39 27.96
C7 NAG G . -21.59 -50.90 27.94
C8 NAG G . -21.87 -50.91 29.42
N2 NAG G . -21.80 -49.73 27.30
O3 NAG G . -24.49 -49.26 28.00
O4 NAG G . -25.44 -46.66 27.27
O5 NAG G . -21.89 -46.14 27.98
O6 NAG G . -23.52 -44.35 29.37
O7 NAG G . -21.20 -51.91 27.37
C1 NAG G . -26.48 -46.51 28.26
C2 NAG G . -27.74 -45.99 27.53
C3 NAG G . -28.90 -45.88 28.52
C4 NAG G . -29.10 -47.19 29.27
C5 NAG G . -27.77 -47.63 29.91
C6 NAG G . -27.85 -48.94 30.65
C7 NAG G . -27.24 -44.58 25.58
C8 NAG G . -26.99 -43.16 25.14
N2 NAG G . -27.47 -44.73 26.89
O3 NAG G . -30.04 -45.51 27.79
O4 NAG G . -30.10 -46.97 30.25
O5 NAG G . -26.79 -47.73 28.89
O6 NAG G . -28.30 -49.95 29.77
O7 NAG G . -27.22 -45.51 24.79
C1 NAG H . 9.95 -38.57 52.71
C2 NAG H . 8.56 -37.93 52.71
C3 NAG H . 8.67 -36.41 52.76
C4 NAG H . 9.59 -35.94 53.89
C5 NAG H . 10.94 -36.66 53.76
C6 NAG H . 11.94 -36.33 54.84
C7 NAG H . 6.71 -39.12 51.60
C8 NAG H . 6.09 -39.42 50.26
N2 NAG H . 7.81 -38.34 51.56
O3 NAG H . 7.38 -35.88 52.88
O4 NAG H . 9.72 -34.55 53.77
O5 NAG H . 10.71 -38.06 53.79
O6 NAG H . 13.00 -37.25 54.81
O7 NAG H . 6.22 -39.55 52.64
C1 NAG H . 9.18 -33.90 54.96
C2 NAG H . 9.86 -32.54 55.13
C3 NAG H . 9.27 -31.82 56.34
C4 NAG H . 7.74 -31.75 56.26
C5 NAG H . 7.19 -33.17 56.02
C6 NAG H . 5.68 -33.22 55.87
C7 NAG H . 12.19 -32.15 54.42
C8 NAG H . 13.62 -32.44 54.77
N2 NAG H . 11.28 -32.69 55.26
O3 NAG H . 9.84 -30.54 56.41
O4 NAG H . 7.28 -31.21 57.47
O5 NAG H . 7.78 -33.71 54.86
O6 NAG H . 5.08 -32.82 57.08
O7 NAG H . 11.88 -31.48 53.44
C1 NAG I . 24.20 36.46 -24.18
C2 NAG I . 23.10 35.88 -25.09
C3 NAG I . 23.70 34.96 -26.14
C4 NAG I . 24.89 35.58 -26.87
C5 NAG I . 25.88 36.12 -25.83
C6 NAG I . 27.09 36.82 -26.39
C7 NAG I . 20.81 35.46 -24.25
C8 NAG I . 20.00 34.56 -23.36
N2 NAG I . 22.13 35.17 -24.31
O3 NAG I . 22.67 34.62 -27.04
O4 NAG I . 25.45 34.57 -27.67
O5 NAG I . 25.20 37.02 -24.98
O6 NAG I . 26.67 37.86 -27.24
O7 NAG I . 20.30 36.39 -24.85
C1 NAG I . 25.42 34.93 -29.06
C2 NAG I . 26.68 34.38 -29.73
C3 NAG I . 26.67 34.76 -31.21
C4 NAG I . 25.38 34.28 -31.88
C5 NAG I . 24.18 34.80 -31.09
C6 NAG I . 22.85 34.29 -31.63
C7 NAG I . 28.76 34.04 -28.48
C8 NAG I . 29.95 34.74 -27.86
N2 NAG I . 27.87 34.84 -29.09
O3 NAG I . 27.81 34.20 -31.81
O4 NAG I . 25.39 34.76 -33.20
O5 NAG I . 24.28 34.42 -29.73
O6 NAG I . 22.77 34.56 -33.00
O7 NAG I . 28.63 32.83 -28.42
C1 NAG J . 7.13 43.48 -39.06
C2 NAG J . 7.35 44.76 -39.89
C3 NAG J . 7.46 44.40 -41.37
C4 NAG J . 8.55 43.35 -41.60
C5 NAG J . 8.31 42.16 -40.66
C6 NAG J . 9.38 41.10 -40.74
C7 NAG J . 5.00 45.69 -39.83
C8 NAG J . 4.26 46.95 -39.45
N2 NAG J . 6.33 45.77 -39.63
O3 NAG J . 7.72 45.59 -42.07
O4 NAG J . 8.46 42.95 -42.95
O5 NAG J . 8.22 42.62 -39.31
O6 NAG J . 9.10 40.07 -39.83
O7 NAG J . 4.39 44.73 -40.28
C1 NAG J . 9.61 43.41 -43.68
C2 NAG J . 9.75 42.55 -44.95
C3 NAG J . 10.84 43.10 -45.87
C4 NAG J . 10.67 44.60 -46.11
C5 NAG J . 10.58 45.30 -44.76
C6 NAG J . 10.42 46.81 -44.85
C7 NAG J . 9.19 40.15 -44.77
C8 NAG J . 9.72 38.81 -44.34
N2 NAG J . 10.04 41.18 -44.61
O3 NAG J . 10.79 42.38 -47.07
O4 NAG J . 11.77 45.03 -46.86
O5 NAG J . 9.48 44.77 -44.03
O6 NAG J . 10.36 47.35 -43.55
O7 NAG J . 8.06 40.27 -45.23
C1 NAG K . 40.49 -41.27 28.73
C2 NAG K . 40.89 -42.28 29.84
C3 NAG K . 41.36 -41.53 31.08
C4 NAG K . 42.41 -40.47 30.77
C5 NAG K . 41.88 -39.56 29.65
C6 NAG K . 42.84 -38.49 29.20
C7 NAG K . 39.74 -44.45 30.02
C8 NAG K . 38.46 -45.11 30.45
N2 NAG K . 39.77 -43.11 30.17
O3 NAG K . 41.86 -42.50 31.97
O4 NAG K . 42.63 -39.74 31.96
O5 NAG K . 41.56 -40.37 28.54
O6 NAG K . 42.35 -37.88 28.02
O7 NAG K . 40.67 -45.10 29.57
C1 NAG K . 43.99 -39.92 32.40
C2 NAG K . 44.28 -38.88 33.48
C3 NAG K . 45.67 -39.09 34.06
C4 NAG K . 45.88 -40.54 34.50
C5 NAG K . 45.53 -41.48 33.34
C6 NAG K . 45.67 -42.94 33.65
C7 NAG K . 43.13 -36.71 33.23
C8 NAG K . 43.20 -35.37 32.56
N2 NAG K . 44.15 -37.55 32.96
O3 NAG K . 45.84 -38.20 35.13
O4 NAG K . 47.23 -40.68 34.89
O5 NAG K . 44.19 -41.22 32.93
O6 NAG K . 44.90 -43.26 34.79
O7 NAG K . 42.19 -37.02 33.97
C1 NAG L . 32.02 -24.99 42.64
C2 NAG L . 32.71 -25.34 43.96
C3 NAG L . 32.93 -24.05 44.76
C4 NAG L . 33.63 -22.96 43.95
C5 NAG L . 32.92 -22.80 42.59
C6 NAG L . 33.61 -21.86 41.63
C7 NAG L . 32.38 -27.44 45.27
C8 NAG L . 33.84 -27.76 45.07
N2 NAG L . 31.94 -26.28 44.72
O3 NAG L . 33.66 -24.39 45.92
O4 NAG L . 33.55 -21.79 44.74
O5 NAG L . 32.83 -24.05 41.96
O6 NAG L . 33.14 -22.09 40.33
O7 NAG L . 31.66 -28.18 45.91
C1 NAG L . 34.86 -21.23 44.99
C2 NAG L . 34.66 -19.79 45.45
C3 NAG L . 36.02 -19.16 45.77
C4 NAG L . 36.81 -20.03 46.73
C5 NAG L . 36.89 -21.45 46.19
C6 NAG L . 37.61 -22.41 47.10
C7 NAG L . 32.66 -18.65 44.56
C8 NAG L . 32.13 -17.85 43.39
N2 NAG L . 33.95 -19.02 44.46
O3 NAG L . 35.79 -17.87 46.27
O4 NAG L . 38.09 -19.44 46.85
O5 NAG L . 35.57 -21.94 45.98
O6 NAG L . 37.66 -23.69 46.50
O7 NAG L . 31.96 -18.93 45.52
C1 NAG M . 42.57 -49.24 10.98
C2 NAG M . 43.21 -47.89 11.38
C3 NAG M . 43.31 -46.96 10.16
C4 NAG M . 43.97 -47.66 8.98
C5 NAG M . 43.21 -48.96 8.70
C6 NAG M . 43.75 -49.77 7.54
C7 NAG M . 42.90 -47.03 13.67
C8 NAG M . 41.92 -46.36 14.59
N2 NAG M . 42.45 -47.26 12.43
O3 NAG M . 44.01 -45.81 10.56
O4 NAG M . 43.93 -46.76 7.89
O5 NAG M . 43.25 -49.76 9.86
O6 NAG M . 45.10 -50.10 7.77
O7 NAG M . 44.02 -47.34 14.05
C1 NAG M . 45.27 -46.41 7.51
C2 NAG M . 45.28 -46.07 6.00
C3 NAG M . 46.69 -45.64 5.59
C4 NAG M . 47.21 -44.52 6.48
C5 NAG M . 47.10 -44.96 7.96
C6 NAG M . 47.55 -43.90 8.94
C7 NAG M . 43.70 -47.16 4.46
C8 NAG M . 43.43 -48.44 3.72
N2 NAG M . 44.82 -47.17 5.21
O3 NAG M . 46.64 -45.24 4.24
O4 NAG M . 48.55 -44.28 6.12
O5 NAG M . 45.75 -45.30 8.23
O6 NAG M . 46.82 -42.71 8.73
O7 NAG M . 42.97 -46.20 4.37
C1 NAG N . -30.62 14.89 -36.70
C2 NAG N . -31.05 15.54 -35.39
C3 NAG N . -32.29 14.85 -34.83
C4 NAG N . -33.40 14.65 -35.87
C5 NAG N . -32.79 14.04 -37.14
C6 NAG N . -33.75 13.88 -38.30
C7 NAG N . -29.36 16.56 -33.92
C8 NAG N . -28.26 16.24 -32.91
N2 NAG N . -29.99 15.48 -34.43
O3 NAG N . -32.74 15.61 -33.74
O4 NAG N . -34.35 13.79 -35.28
O5 NAG N . -31.72 14.86 -37.57
O6 NAG N . -34.32 15.13 -38.61
O7 NAG N . -29.62 17.71 -34.21
C1 NAG N . -35.65 14.41 -35.21
C2 NAG N . -36.69 13.30 -35.02
C3 NAG N . -38.09 13.91 -34.90
C4 NAG N . -38.11 14.97 -33.80
C5 NAG N . -37.00 15.99 -34.04
C6 NAG N . -36.90 17.04 -32.95
C7 NAG N . -36.81 12.40 -37.38
C8 NAG N . -36.66 11.09 -38.14
N2 NAG N . -36.62 12.28 -36.05
O3 NAG N . -39.00 12.88 -34.65
O4 NAG N . -39.39 15.58 -33.85
O5 NAG N . -35.75 15.31 -34.13
O6 NAG N . -38.16 17.64 -32.77
O7 NAG N . -37.10 13.43 -37.97
C1 NAG O . -37.00 35.87 -28.11
C2 NAG O . -37.80 37.01 -28.74
C3 NAG O . -39.22 37.03 -28.17
C4 NAG O . -39.89 35.66 -28.27
C5 NAG O . -38.95 34.59 -27.68
C6 NAG O . -39.48 33.17 -27.77
C7 NAG O . -36.53 38.99 -29.48
C8 NAG O . -35.91 40.28 -29.01
N2 NAG O . -37.15 38.27 -28.52
O3 NAG O . -39.94 38.02 -28.85
O4 NAG O . -41.10 35.74 -27.54
O5 NAG O . -37.70 34.66 -28.33
O6 NAG O . -39.93 32.92 -29.08
O7 NAG O . -36.46 38.63 -30.64
C1 NAG O . -42.24 35.59 -28.43
C2 NAG O . -43.49 35.55 -27.55
C3 NAG O . -44.76 35.55 -28.42
C4 NAG O . -44.72 36.67 -29.44
C5 NAG O . -43.41 36.56 -30.24
C6 NAG O . -43.26 37.61 -31.32
C7 NAG O . -43.23 34.43 -25.37
C8 NAG O . -43.27 33.08 -24.69
N2 NAG O . -43.48 34.39 -26.70
O3 NAG O . -45.86 35.67 -27.56
O4 NAG O . -45.85 36.53 -30.27
O5 NAG O . -42.33 36.66 -29.34
O6 NAG O . -42.05 37.39 -32.02
O7 NAG O . -42.98 35.45 -24.75
C1 NAG P . 8.43 -64.30 0.58
C2 NAG P . 8.65 -65.81 0.50
C3 NAG P . 9.82 -66.11 -0.44
C4 NAG P . 9.64 -65.43 -1.79
C5 NAG P . 9.37 -63.94 -1.58
C6 NAG P . 9.11 -63.16 -2.85
C7 NAG P . 7.99 -67.16 2.43
C8 NAG P . 8.43 -67.64 3.80
N2 NAG P . 8.86 -66.37 1.79
O3 NAG P . 9.94 -67.50 -0.54
O4 NAG P . 10.82 -65.66 -2.53
O5 NAG P . 8.25 -63.80 -0.73
O6 NAG P . 8.80 -61.83 -2.53
O7 NAG P . 6.91 -67.49 1.96
C1 NAG P . 10.52 -66.49 -3.67
C2 NAG P . 11.53 -66.17 -4.79
C3 NAG P . 11.27 -67.10 -5.99
C4 NAG P . 11.26 -68.57 -5.55
C5 NAG P . 10.26 -68.74 -4.39
C6 NAG P . 10.19 -70.15 -3.86
C7 NAG P . 12.44 -63.90 -5.01
C8 NAG P . 12.14 -62.51 -5.51
N2 NAG P . 11.45 -64.80 -5.19
O3 NAG P . 12.26 -66.85 -6.94
O4 NAG P . 10.89 -69.33 -6.68
O5 NAG P . 10.61 -67.86 -3.35
O6 NAG P . 9.32 -70.20 -2.75
O7 NAG P . 13.52 -64.18 -4.50
C1 NAG Q . 25.03 -52.33 -10.20
C2 NAG Q . 25.84 -53.53 -10.72
C3 NAG Q . 26.55 -53.14 -12.02
C4 NAG Q . 25.60 -52.54 -13.04
C5 NAG Q . 24.78 -51.42 -12.38
C6 NAG Q . 23.71 -50.81 -13.27
C7 NAG Q . 26.98 -55.23 -9.29
C8 NAG Q . 26.09 -56.29 -9.89
N2 NAG Q . 26.80 -53.97 -9.74
O3 NAG Q . 27.20 -54.29 -12.50
O4 NAG Q . 26.40 -52.04 -14.09
O5 NAG Q . 24.15 -51.93 -11.22
O6 NAG Q . 22.74 -51.79 -13.57
O7 NAG Q . 27.82 -55.53 -8.46
C1 NAG Q . 26.13 -52.76 -15.31
C2 NAG Q . 26.40 -51.82 -16.49
C3 NAG Q . 26.19 -52.57 -17.80
C4 NAG Q . 27.01 -53.86 -17.84
C5 NAG Q . 26.69 -54.69 -16.57
C6 NAG Q . 27.48 -55.97 -16.47
C7 NAG Q . 26.00 -49.43 -16.09
C8 NAG Q . 24.95 -48.36 -16.09
N2 NAG Q . 25.57 -50.65 -16.42
O3 NAG Q . 26.55 -51.71 -18.85
O4 NAG Q . 26.66 -54.55 -19.01
O5 NAG Q . 26.95 -53.91 -15.43
O6 NAG Q . 27.19 -56.60 -15.25
O7 NAG Q . 27.16 -49.18 -15.78
C1 NAG R . -9.13 -64.68 9.42
C2 NAG R . -8.98 -64.39 7.92
C3 NAG R . -10.08 -63.45 7.44
C4 NAG R . -11.46 -63.94 7.86
C5 NAG R . -11.47 -64.16 9.37
C6 NAG R . -12.77 -64.68 9.94
C7 NAG R . -6.72 -64.40 6.92
C8 NAG R . -5.45 -63.60 6.79
N2 NAG R . -7.68 -63.81 7.66
O3 NAG R . -9.96 -63.34 6.05
O4 NAG R . -12.40 -62.95 7.46
O5 NAG R . -10.45 -65.10 9.69
O6 NAG R . -13.11 -65.89 9.32
O7 NAG R . -6.85 -65.49 6.39
C1 NAG R . -13.29 -63.51 6.48
C2 NAG R . -14.65 -62.78 6.60
C3 NAG R . -15.60 -63.30 5.53
C4 NAG R . -14.97 -63.22 4.14
C5 NAG R . -13.61 -63.92 4.16
C6 NAG R . -12.86 -63.84 2.84
C7 NAG R . -15.47 -61.95 8.76
C8 NAG R . -16.06 -62.38 10.09
N2 NAG R . -15.21 -62.95 7.91
O3 NAG R . -16.79 -62.56 5.60
O4 NAG R . -15.85 -63.83 3.24
O5 NAG R . -12.80 -63.33 5.17
O6 NAG R . -13.60 -64.52 1.85
O7 NAG R . -15.26 -60.78 8.51
C1 NAG S . 31.14 -55.54 53.65
C2 NAG S . 31.57 -54.56 54.76
C3 NAG S . 33.09 -54.40 54.78
C4 NAG S . 33.78 -55.76 54.83
C5 NAG S . 33.26 -56.63 53.68
C6 NAG S . 33.86 -58.02 53.64
C7 NAG S . 29.95 -52.81 55.36
C8 NAG S . 29.43 -51.45 54.97
N2 NAG S . 30.93 -53.28 54.57
O3 NAG S . 33.42 -53.60 55.87
O4 NAG S . 35.17 -55.53 54.72
O5 NAG S . 31.86 -56.76 53.80
O6 NAG S . 33.58 -58.69 54.86
O7 NAG S . 29.50 -53.41 56.32
C1 NAG T . 10.60 10.06 38.98
C2 NAG T . 11.75 10.97 38.56
C3 NAG T . 13.08 10.25 38.75
C4 NAG T . 13.22 9.68 40.16
C5 NAG T . 11.99 8.81 40.47
C6 NAG T . 12.00 8.24 41.87
C7 NAG T . 11.35 12.67 36.82
C8 NAG T . 11.22 12.88 35.34
N2 NAG T . 11.60 11.40 37.20
O3 NAG T . 14.12 11.15 38.45
O4 NAG T . 14.41 8.92 40.20
O5 NAG T . 10.82 9.61 40.30
O6 NAG T . 13.09 7.38 42.02
O7 NAG T . 11.22 13.59 37.61
C1 NAG U . -19.88 25.50 36.85
C2 NAG U . -19.63 27.01 36.59
C3 NAG U . -18.17 27.35 36.85
C4 NAG U . -17.70 26.85 38.22
C5 NAG U . -18.01 25.36 38.33
C6 NAG U . -17.62 24.74 39.66
C7 NAG U . -20.63 28.49 34.89
C8 NAG U . -20.89 28.64 33.42
N2 NAG U . -19.99 27.36 35.24
O3 NAG U . -18.02 28.75 36.73
O4 NAG U . -16.32 27.11 38.31
O5 NAG U . -19.39 25.17 38.13
O6 NAG U . -16.22 24.72 39.77
O7 NAG U . -20.97 29.35 35.69
C1 NAG V . -40.63 57.12 33.96
C2 NAG V . -41.65 58.04 33.26
C3 NAG V . -40.91 59.15 32.52
C4 NAG V . -39.92 59.88 33.43
C5 NAG V . -39.00 58.84 34.10
C6 NAG V . -38.00 59.44 35.07
C7 NAG V . -43.80 57.03 32.52
C8 NAG V . -44.45 57.57 33.77
N2 NAG V . -42.48 57.29 32.37
O3 NAG V . -41.87 60.03 32.00
O4 NAG V . -39.19 60.78 32.65
O5 NAG V . -39.80 57.90 34.80
O6 NAG V . -38.69 60.15 36.08
O7 NAG V . -44.44 56.38 31.72
C1 NAG W . -50.53 40.10 16.77
C2 NAG W . -51.87 40.79 17.07
C3 NAG W . -52.70 40.86 15.79
C4 NAG W . -51.91 41.52 14.66
C5 NAG W . -50.57 40.81 14.49
C6 NAG W . -49.68 41.44 13.44
C7 NAG W . -52.79 40.56 19.37
C8 NAG W . -52.22 41.92 19.70
N2 NAG W . -52.58 40.11 18.11
O3 NAG W . -53.88 41.55 16.08
O4 NAG W . -52.70 41.44 13.50
O5 NAG W . -49.88 40.81 15.74
O6 NAG W . -48.44 40.78 13.42
O7 NAG W . -53.39 39.91 20.21
C1 NAG X . -60.64 46.06 28.81
C2 NAG X . -62.06 46.65 28.90
C3 NAG X . -61.95 48.14 29.16
C4 NAG X . -61.08 48.43 30.39
C5 NAG X . -59.74 47.70 30.25
C6 NAG X . -58.84 47.86 31.46
C7 NAG X . -63.71 45.38 27.58
C8 NAG X . -64.38 45.27 26.23
N2 NAG X . -62.80 46.36 27.69
O3 NAG X . -63.26 48.65 29.32
O4 NAG X . -60.91 49.82 30.47
O5 NAG X . -59.98 46.31 30.04
O6 NAG X . -59.55 47.53 32.63
O7 NAG X . -64.01 44.63 28.50
C1 NAG Y . -36.38 55.09 6.42
C2 NAG Y . -35.72 56.49 6.48
C3 NAG Y . -36.72 57.59 6.09
C4 NAG Y . -37.44 57.26 4.79
C5 NAG Y . -38.01 55.84 4.87
C6 NAG Y . -38.73 55.39 3.62
C7 NAG Y . -35.62 56.89 8.97
C8 NAG Y . -34.63 57.20 10.06
N2 NAG Y . -35.08 56.77 7.74
O3 NAG Y . -36.01 58.80 6.00
O4 NAG Y . -38.47 58.23 4.62
O5 NAG Y . -36.95 54.96 5.13
O6 NAG Y . -39.95 56.08 3.49
O7 NAG Y . -36.82 56.77 9.23
C1 NAG Z . -40.92 3.02 15.01
C2 NAG Z . -41.28 2.70 16.47
C3 NAG Z . -42.58 1.90 16.52
C4 NAG Z . -43.69 2.64 15.79
C5 NAG Z . -43.23 2.94 14.36
C6 NAG Z . -44.23 3.73 13.55
C7 NAG Z . -39.63 2.38 18.27
C8 NAG Z . -38.54 1.48 18.79
N2 NAG Z . -40.21 1.98 17.13
O3 NAG Z . -42.91 1.68 17.87
O4 NAG Z . -44.83 1.81 15.81
O5 NAG Z . -42.02 3.67 14.41
O6 NAG Z . -44.50 4.95 14.21
O7 NAG Z . -39.96 3.39 18.87
C1 NAG AA . 10.08 47.44 21.01
C2 NAG AA . 8.63 47.59 21.53
C3 NAG AA . 8.63 47.49 23.06
C4 NAG AA . 9.40 46.27 23.56
C5 NAG AA . 10.78 46.23 22.92
C6 NAG AA . 11.61 45.03 23.29
C7 NAG AA . 7.05 48.94 20.21
C8 NAG AA . 6.60 50.36 19.92
N2 NAG AA . 8.05 48.83 21.10
O3 NAG AA . 7.29 47.48 23.48
O4 NAG AA . 9.48 46.39 24.97
O5 NAG AA . 10.63 46.25 21.51
O6 NAG AA . 12.75 44.96 22.47
O7 NAG AA . 6.52 47.98 19.67
C1 NAG BA . -1.82 60.38 -7.96
C2 NAG BA . -2.05 61.61 -7.06
C3 NAG BA . -3.07 62.55 -7.72
C4 NAG BA . -2.68 62.86 -9.16
C5 NAG BA . -2.43 61.55 -9.93
C6 NAG BA . -1.97 61.76 -11.36
C7 NAG BA . -3.52 60.57 -5.29
C8 NAG BA . -3.57 60.39 -3.79
N2 NAG BA . -2.43 61.26 -5.72
O3 NAG BA . -3.16 63.71 -6.94
O4 NAG BA . -3.74 63.59 -9.74
O5 NAG BA . -1.43 60.81 -9.25
O6 NAG BA . -2.96 62.47 -12.06
O7 NAG BA . -4.40 60.11 -6.00
C1 NAG CA . 0.99 -4.26 53.16
C2 NAG CA . 0.81 -4.14 54.68
C3 NAG CA . 1.40 -2.82 55.16
C4 NAG CA . 2.85 -2.66 54.69
C5 NAG CA . 2.91 -2.87 53.17
C6 NAG CA . 4.31 -2.79 52.60
C7 NAG CA . -1.09 -5.27 55.77
C8 NAG CA . -2.57 -5.17 56.04
N2 NAG CA . -0.58 -4.25 55.05
O3 NAG CA . 1.31 -2.79 56.56
O4 NAG CA . 3.28 -1.38 55.06
O5 NAG CA . 2.35 -4.12 52.84
O6 NAG CA . 4.87 -1.52 52.86
O7 NAG CA . -0.43 -6.21 56.18
C1 NAG DA . 25.79 -39.58 52.03
C2 NAG DA . 27.13 -40.29 51.87
C3 NAG DA . 27.70 -40.62 53.26
C4 NAG DA . 27.76 -39.37 54.12
C5 NAG DA . 26.40 -38.67 54.14
C6 NAG DA . 26.37 -37.38 54.91
C7 NAG DA . 27.30 -41.54 49.77
C8 NAG DA . 27.04 -42.87 49.10
N2 NAG DA . 26.97 -41.47 51.07
O3 NAG DA . 28.97 -41.20 53.07
O4 NAG DA . 28.17 -39.77 55.41
O5 NAG DA . 25.98 -38.42 52.80
O6 NAG DA . 25.10 -36.77 54.79
O7 NAG DA . 27.77 -40.60 49.13
C1 NAG EA . 10.09 -55.81 55.00
C2 NAG EA . 9.40 -55.84 56.37
C3 NAG EA . 9.56 -57.21 57.01
C4 NAG EA . 9.11 -58.31 56.06
C5 NAG EA . 9.83 -58.16 54.71
C6 NAG EA . 9.40 -59.18 53.67
C7 NAG EA . 9.21 -53.70 57.58
C8 NAG EA . 9.94 -52.75 58.50
N2 NAG EA . 9.91 -54.80 57.22
O3 NAG EA . 8.84 -57.22 58.21
O4 NAG EA . 9.41 -59.55 56.67
O5 NAG EA . 9.58 -56.85 54.20
O6 NAG EA . 8.01 -59.09 53.48
O7 NAG EA . 8.07 -53.48 57.22
CHA BLR FA . -47.07 24.30 19.49
NA BLR FA . -45.11 25.56 18.68
C1A BLR FA . -45.93 24.47 18.65
C2A BLR FA . -45.39 23.61 17.68
C3A BLR FA . -44.26 24.24 17.15
C4A BLR FA . -44.10 25.47 17.80
CMA BLR FA . -43.39 23.68 16.07
CAA BLR FA . -45.93 22.29 17.26
CBA BLR FA . -47.15 22.37 16.35
CGA BLR FA . -48.06 21.12 16.41
O1A BLR FA . -48.82 21.05 17.41
O2A BLR FA . -47.97 20.30 15.48
CHB BLR FA . -43.11 26.49 17.64
NB BLR FA . -44.02 28.30 19.04
C1B BLR FA . -43.08 27.73 18.20
C2B BLR FA . -42.04 28.74 18.03
C3B BLR FA . -42.38 29.84 18.75
C4B BLR FA . -43.67 29.57 19.41
CMB BLR FA . -40.82 28.56 17.19
OB BLR FA . -44.31 30.30 20.14
CAB BLR FA . -41.72 31.11 18.92
CBB BLR FA . -41.52 31.78 20.05
NC BLR FA . -44.58 27.67 22.20
C1C BLR FA . -43.41 28.32 22.44
C2C BLR FA . -43.77 29.54 23.20
C3C BLR FA . -45.12 29.55 23.35
C4C BLR FA . -45.66 28.35 22.70
CMC BLR FA . -42.72 30.48 23.64
OC BLR FA . -42.30 27.95 22.11
CAC BLR FA . -45.90 30.58 24.02
CBC BLR FA . -45.83 30.88 25.31
CHD BLR FA . -46.96 27.95 22.61
ND BLR FA . -46.77 26.22 20.93
C1D BLR FA . -47.41 26.74 21.94
C2D BLR FA . -48.59 25.97 22.28
C3D BLR FA . -48.63 24.94 21.38
C4D BLR FA . -47.47 25.10 20.53
CMD BLR FA . -49.55 26.29 23.37
CAD BLR FA . -49.63 23.84 21.27
CBD BLR FA . -50.62 24.06 20.14
CGD BLR FA . -51.64 22.92 19.91
O1D BLR FA . -51.77 22.47 18.75
O2D BLR FA . -52.25 22.53 20.92
C1 NAG GA . -25.28 -2.05 26.37
C2 NAG GA . -26.04 -3.19 27.07
C3 NAG GA . -27.53 -2.87 27.14
C4 NAG GA . -27.77 -1.48 27.74
C5 NAG GA . -26.94 -0.45 26.96
C6 NAG GA . -27.09 0.97 27.47
C7 NAG GA . -26.04 -4.89 25.21
C8 NAG GA . -25.62 -6.31 24.94
N2 NAG GA . -25.78 -4.48 26.47
O3 NAG GA . -28.14 -3.87 27.90
O4 NAG GA . -29.15 -1.22 27.64
O5 NAG GA . -25.57 -0.82 27.02
O6 NAG GA . -26.27 1.83 26.71
O7 NAG GA . -26.57 -4.22 24.33
C1 NAG HA . 34.10 -75.26 11.17
C2 NAG HA . 34.93 -75.30 9.87
C3 NAG HA . 34.31 -76.27 8.87
C4 NAG HA . 34.05 -77.64 9.51
C5 NAG HA . 33.22 -77.45 10.78
C6 NAG HA . 32.92 -78.73 11.51
C7 NAG HA . 36.16 -73.26 9.25
C8 NAG HA . 36.02 -71.91 8.59
N2 NAG HA . 35.03 -73.99 9.30
O3 NAG HA . 35.17 -76.36 7.76
O4 NAG HA . 33.38 -78.43 8.55
O5 NAG HA . 33.92 -76.58 11.65
O6 NAG HA . 34.13 -79.37 11.87
O7 NAG HA . 37.23 -73.66 9.69
C1 NAG IA . 31.42 -13.83 -23.24
C2 NAG IA . 30.64 -13.92 -24.57
C3 NAG IA . 30.32 -15.39 -24.88
C4 NAG IA . 31.58 -16.25 -24.83
C5 NAG IA . 32.30 -16.03 -23.48
C6 NAG IA . 33.59 -16.81 -23.35
C7 NAG IA . 29.28 -11.98 -25.18
C8 NAG IA . 27.94 -11.32 -24.99
N2 NAG IA . 29.44 -13.14 -24.52
O3 NAG IA . 29.70 -15.44 -26.13
O4 NAG IA . 31.17 -17.59 -24.99
O5 NAG IA . 32.57 -14.66 -23.32
O6 NAG IA . 34.22 -16.49 -22.13
O7 NAG IA . 30.14 -11.47 -25.89
C1 NAG JA . 42.68 17.76 -16.36
C2 NAG JA . 42.43 18.65 -17.58
C3 NAG JA . 42.11 17.78 -18.80
C4 NAG JA . 43.15 16.69 -19.00
C5 NAG JA . 43.28 15.89 -17.70
C6 NAG JA . 44.31 14.78 -17.76
C7 NAG JA . 41.35 20.86 -17.75
C8 NAG JA . 40.09 21.63 -17.39
N2 NAG JA . 41.35 19.57 -17.35
O3 NAG JA . 42.02 18.62 -19.93
O4 NAG JA . 42.72 15.87 -20.06
O5 NAG JA . 43.64 16.79 -16.66
O6 NAG JA . 43.88 13.78 -18.64
O7 NAG JA . 42.26 21.39 -18.36
C1 NAG KA . 51.08 53.38 -27.41
C2 NAG KA . 50.64 54.85 -27.54
C3 NAG KA . 51.37 55.61 -28.65
C4 NAG KA . 52.85 55.32 -28.51
C5 NAG KA . 53.04 53.85 -28.89
C6 NAG KA . 54.46 53.35 -28.65
C7 NAG KA . 48.32 55.52 -26.88
C8 NAG KA . 48.88 56.11 -25.61
N2 NAG KA . 49.22 54.94 -27.72
O3 NAG KA . 51.08 56.96 -28.51
O4 NAG KA . 53.54 56.18 -29.38
O5 NAG KA . 52.15 52.96 -28.23
O6 NAG KA . 54.74 53.43 -27.26
O7 NAG KA . 47.13 55.55 -27.12
C1 NAG LA . 37.52 54.95 -4.17
C2 NAG LA . 38.30 56.26 -4.03
C3 NAG LA . 37.42 57.31 -3.32
C4 NAG LA . 36.10 57.47 -4.04
C5 NAG LA . 35.42 56.11 -4.18
C6 NAG LA . 34.11 56.14 -4.92
C7 NAG LA . 40.77 56.05 -3.83
C8 NAG LA . 40.89 56.30 -5.32
N2 NAG LA . 39.53 56.05 -3.31
O3 NAG LA . 38.15 58.51 -3.29
O4 NAG LA . 35.32 58.37 -3.29
O5 NAG LA . 36.30 55.21 -4.84
O6 NAG LA . 33.25 57.08 -4.30
O7 NAG LA . 41.77 55.86 -3.16
C1 NAG MA . 53.38 62.63 -7.03
C2 NAG MA . 53.78 62.77 -8.51
C3 NAG MA . 53.12 64.00 -9.14
C4 NAG MA . 51.62 64.02 -8.88
C5 NAG MA . 51.38 63.88 -7.37
C6 NAG MA . 49.92 63.87 -6.97
C7 NAG MA . 56.00 61.80 -8.96
C8 NAG MA . 57.48 62.11 -9.04
N2 NAG MA . 55.21 62.84 -8.64
O3 NAG MA . 53.41 63.97 -10.51
O4 NAG MA . 51.13 65.24 -9.38
O5 NAG MA . 51.97 62.69 -6.91
O6 NAG MA . 49.28 62.79 -7.61
O7 NAG MA . 55.58 60.67 -9.17
C1 NAG NA . 22.31 57.25 -22.77
C2 NAG NA . 20.90 56.79 -23.17
C3 NAG NA . 20.80 56.65 -24.69
C4 NAG NA . 21.31 57.90 -25.39
C5 NAG NA . 22.72 58.22 -24.89
C6 NAG NA . 23.34 59.45 -25.52
C7 NAG NA . 19.51 55.28 -21.76
C8 NAG NA . 18.56 56.42 -21.51
N2 NAG NA . 20.58 55.53 -22.54
O3 NAG NA . 19.47 56.37 -25.01
O4 NAG NA . 21.30 57.64 -26.78
O5 NAG NA . 22.67 58.41 -23.49
O6 NAG NA . 22.58 60.58 -25.19
O7 NAG NA . 19.30 54.18 -21.27
C1 NAG OA . 30.34 25.37 18.82
C2 NAG OA . 31.70 24.65 18.78
C3 NAG OA . 32.43 24.81 20.10
C4 NAG OA . 32.50 26.27 20.54
C5 NAG OA . 31.07 26.81 20.58
C6 NAG OA . 30.98 28.26 21.02
C7 NAG OA . 32.34 22.57 17.63
C8 NAG OA . 31.97 21.12 17.45
N2 NAG OA . 31.54 23.26 18.46
O3 NAG OA . 33.72 24.27 19.94
O4 NAG OA . 33.11 26.30 21.81
O5 NAG OA . 30.50 26.69 19.29
O6 NAG OA . 31.50 28.40 22.32
O7 NAG OA . 33.30 23.06 17.06
C1 NAG PA . 34.26 7.23 10.53
C2 NAG PA . 35.15 6.78 11.72
C3 NAG PA . 35.86 7.98 12.35
C4 NAG PA . 36.57 8.81 11.30
C5 NAG PA . 35.58 9.18 10.18
C6 NAG PA . 36.19 10.00 9.06
C7 NAG PA . 33.34 6.37 13.44
C8 NAG PA . 32.83 5.29 14.35
N2 NAG PA . 34.41 6.00 12.69
O3 NAG PA . 36.74 7.50 13.32
O4 NAG PA . 37.08 9.96 11.93
O5 NAG PA . 35.05 7.98 9.63
O6 NAG PA . 35.22 10.27 8.08
O7 NAG PA . 32.81 7.47 13.42
C1 NAG QA . 16.46 16.17 -46.45
C2 NAG QA . 16.97 15.05 -47.38
C3 NAG QA . 18.42 14.74 -47.01
C4 NAG QA . 19.27 16.01 -47.11
C5 NAG QA . 18.61 17.15 -46.33
C6 NAG QA . 19.32 18.48 -46.45
C7 NAG QA . 15.28 13.59 -48.36
C8 NAG QA . 14.46 12.33 -48.17
N2 NAG QA . 16.12 13.90 -47.35
O3 NAG QA . 18.87 13.73 -47.87
O4 NAG QA . 20.56 15.69 -46.61
O5 NAG QA . 17.26 17.29 -46.75
O6 NAG QA . 18.66 19.44 -45.66
O7 NAG QA . 15.17 14.28 -49.36
C1 NAG RA . -3.93 42.51 -44.06
C2 NAG RA . -2.72 43.29 -43.52
C3 NAG RA . -2.77 44.74 -44.00
C4 NAG RA . -2.96 44.83 -45.52
C5 NAG RA . -4.19 43.98 -45.92
C6 NAG RA . -4.47 43.96 -47.40
C7 NAG RA . -3.50 43.63 -41.14
C8 NAG RA . -3.05 43.36 -39.72
N2 NAG RA . -2.62 43.21 -42.08
O3 NAG RA . -1.58 45.37 -43.60
O4 NAG RA . -3.14 46.18 -45.85
O5 NAG RA . -3.97 42.65 -45.47
O6 NAG RA . -5.11 45.15 -47.78
O7 NAG RA . -4.58 44.17 -41.36
C1 NAG SA . 47.35 -21.34 -10.29
C2 NAG SA . 48.75 -21.69 -10.84
C3 NAG SA . 48.78 -21.48 -12.35
C4 NAG SA . 47.65 -22.23 -13.04
C5 NAG SA . 46.31 -21.86 -12.37
C6 NAG SA . 45.12 -22.59 -12.95
C7 NAG SA . 50.54 -21.35 -9.18
C8 NAG SA . 51.53 -20.34 -8.64
N2 NAG SA . 49.76 -20.91 -10.18
O3 NAG SA . 50.04 -21.90 -12.82
O4 NAG SA . 47.67 -21.87 -14.40
O5 NAG SA . 46.39 -22.12 -10.98
O6 NAG SA . 45.33 -23.98 -12.85
O7 NAG SA . 50.47 -22.48 -8.72
C1 NAG TA . 35.44 -60.71 2.62
C2 NAG TA . 34.71 -61.97 2.14
C3 NAG TA . 35.72 -63.01 1.68
C4 NAG TA . 36.69 -62.42 0.67
C5 NAG TA . 37.32 -61.14 1.24
C6 NAG TA . 38.26 -60.44 0.29
C7 NAG TA . 32.54 -62.27 3.28
C8 NAG TA . 31.87 -62.91 4.46
N2 NAG TA . 33.87 -62.49 3.19
O3 NAG TA . 35.00 -64.10 1.16
O4 NAG TA . 37.67 -63.41 0.40
O5 NAG TA . 36.28 -60.25 1.59
O6 NAG TA . 39.39 -61.26 0.06
O7 NAG TA . 31.91 -61.60 2.47
C1 NAG UA . 43.93 -61.33 23.63
C2 NAG UA . 45.46 -61.32 23.77
C3 NAG UA . 45.91 -62.53 24.59
C4 NAG UA . 45.16 -62.60 25.92
C5 NAG UA . 43.66 -62.54 25.66
C6 NAG UA . 42.82 -62.56 26.92
C7 NAG UA . 46.76 -60.27 21.96
C8 NAG UA . 47.34 -60.49 20.60
N2 NAG UA . 46.09 -61.32 22.47
O3 NAG UA . 47.30 -62.44 24.78
O4 NAG UA . 45.55 -63.79 26.56
O5 NAG UA . 43.36 -61.38 24.92
O6 NAG UA . 43.19 -61.49 27.75
O7 NAG UA . 46.89 -59.20 22.55
CHA BLR VA . 37.80 41.55 5.06
NA BLR VA . 36.31 41.27 3.13
C1A BLR VA . 36.57 41.16 4.46
C2A BLR VA . 35.43 40.60 5.04
C3A BLR VA . 34.49 40.39 4.02
C4A BLR VA . 35.08 40.82 2.81
CMA BLR VA . 33.13 39.81 4.19
CAA BLR VA . 35.21 40.28 6.49
CBA BLR VA . 34.99 41.51 7.36
CGA BLR VA . 35.25 41.25 8.86
O1A BLR VA . 34.62 40.31 9.37
O2A BLR VA . 36.05 42.01 9.43
CHB BLR VA . 34.56 40.83 1.48
NB BLR VA . 36.25 42.17 0.29
C1B BLR VA . 35.09 41.42 0.37
C2B BLR VA . 34.54 41.40 -0.98
C3B BLR VA . 35.36 42.12 -1.79
C4B BLR VA . 36.49 42.62 -0.98
CMB BLR VA . 33.28 40.71 -1.36
OB BLR VA . 37.43 43.29 -1.31
CAB BLR VA . 35.26 42.39 -3.21
CBB BLR VA . 35.71 43.46 -3.89
NC BLR VA . 39.32 41.10 0.34
C1C BLR VA . 39.07 40.63 -0.91
C2C BLR VA . 40.00 41.37 -1.80
C3C BLR VA . 40.73 42.21 -1.03
C4C BLR VA . 40.31 42.06 0.37
CMC BLR VA . 40.00 41.12 -3.25
OC BLR VA . 38.25 39.79 -1.21
CAC BLR VA . 41.76 43.11 -1.51
CBC BLR VA . 42.94 42.74 -2.01
CHD BLR VA . 40.77 42.69 1.48
ND BLR VA . 39.08 42.07 3.08
C1D BLR VA . 40.29 42.48 2.82
C2D BLR VA . 41.04 42.70 4.04
C3D BLR VA . 40.19 42.37 5.06
C4D BLR VA . 38.94 41.97 4.44
CMD BLR VA . 42.45 43.17 4.12
CAD BLR VA . 40.44 42.41 6.53
CBD BLR VA . 39.90 43.67 7.20
CGD BLR VA . 40.16 43.78 8.71
O1D BLR VA . 39.19 44.11 9.44
O2D BLR VA . 41.31 43.54 9.09
C1 NAG WA . -6.57 -75.66 34.25
C2 NAG WA . -8.10 -75.81 34.08
C3 NAG WA . -8.80 -75.67 35.43
C4 NAG WA . -8.20 -76.62 36.46
C5 NAG WA . -6.68 -76.40 36.53
C6 NAG WA . -5.97 -77.32 37.49
C7 NAG WA . -9.11 -75.14 31.94
C8 NAG WA . -9.58 -73.96 31.13
N2 NAG WA . -8.60 -74.84 33.15
O3 NAG WA . -10.17 -75.91 35.23
O4 NAG WA . -8.82 -76.35 37.69
O5 NAG WA . -6.13 -76.57 35.24
O6 NAG WA . -6.46 -77.14 38.79
O7 NAG WA . -9.20 -76.28 31.52
C1 NAG XA . -34.59 -23.00 -2.68
C2 NAG XA . -35.45 -22.00 -1.91
C3 NAG XA . -35.63 -22.47 -0.47
C4 NAG XA . -36.17 -23.91 -0.43
C5 NAG XA . -35.25 -24.81 -1.27
C6 NAG XA . -35.70 -26.25 -1.33
C7 NAG XA . -35.34 -19.59 -2.57
C8 NAG XA . -36.64 -19.78 -3.31
N2 NAG XA . -34.85 -20.69 -1.94
O3 NAG XA . -36.51 -21.58 0.17
O4 NAG XA . -36.20 -24.31 0.93
O5 NAG XA . -35.16 -24.29 -2.58
O6 NAG XA . -34.86 -26.97 -2.20
O7 NAG XA . -34.78 -18.51 -2.56
C1 NAG YA . -31.73 -12.49 -35.40
C2 NAG YA . -32.51 -11.16 -35.46
C3 NAG YA . -33.52 -11.11 -34.33
C4 NAG YA . -34.42 -12.35 -34.34
C5 NAG YA . -33.54 -13.60 -34.29
C6 NAG YA . -34.33 -14.89 -34.38
C7 NAG YA . -31.65 -8.99 -36.25
C8 NAG YA . -30.66 -7.90 -35.97
N2 NAG YA . -31.64 -10.02 -35.39
O3 NAG YA . -34.26 -9.93 -34.46
O4 NAG YA . -35.26 -12.27 -33.20
O5 NAG YA . -32.64 -13.57 -35.38
O6 NAG YA . -35.07 -14.91 -35.57
O7 NAG YA . -32.43 -8.93 -37.20
C1 NAG ZA . -43.40 7.86 -62.68
C2 NAG ZA . -43.34 9.34 -62.30
C3 NAG ZA . -44.16 9.60 -61.04
C4 NAG ZA . -45.58 9.02 -61.16
C5 NAG ZA . -45.48 7.55 -61.57
C6 NAG ZA . -46.82 6.87 -61.75
C7 NAG ZA . -41.26 10.59 -62.89
C8 NAG ZA . -41.98 11.16 -64.09
N2 NAG ZA . -41.97 9.76 -62.11
O3 NAG ZA . -44.18 10.98 -60.80
O4 NAG ZA . -46.20 9.17 -59.91
O5 NAG ZA . -44.76 7.46 -62.79
O6 NAG ZA . -46.64 5.54 -62.18
O7 NAG ZA . -40.09 10.90 -62.65
C1 NAG AB . -17.01 11.03 -63.53
C2 NAG AB . -17.17 11.22 -65.05
C3 NAG AB . -16.12 12.23 -65.55
C4 NAG AB . -16.20 13.52 -64.77
C5 NAG AB . -16.08 13.22 -63.27
C6 NAG AB . -16.19 14.45 -62.39
C7 NAG AB . -18.07 9.30 -66.34
C8 NAG AB . -19.44 9.94 -66.28
N2 NAG AB . -17.07 9.97 -65.74
O3 NAG AB . -16.35 12.42 -66.92
O4 NAG AB . -15.16 14.36 -65.22
O5 NAG AB . -17.08 12.29 -62.90
O6 NAG AB . -16.16 14.07 -61.04
O7 NAG AB . -17.90 8.23 -66.92
C1 NAG BB . -24.97 6.45 -77.74
C2 NAG BB . -26.31 7.08 -77.33
C3 NAG BB . -26.29 8.60 -77.50
C4 NAG BB . -25.05 9.21 -76.84
C5 NAG BB . -23.80 8.50 -77.37
C6 NAG BB . -22.51 8.99 -76.77
C7 NAG BB . -28.18 5.50 -77.67
C8 NAG BB . -29.24 5.07 -78.66
N2 NAG BB . -27.39 6.51 -78.10
O3 NAG BB . -27.48 9.10 -76.96
O4 NAG BB . -25.04 10.58 -77.16
O5 NAG BB . -23.91 7.11 -77.09
O6 NAG BB . -21.45 8.13 -77.12
O7 NAG BB . -28.04 4.95 -76.60
C1 NAG CB . -27.05 29.20 -53.39
C2 NAG CB . -28.36 30.02 -53.41
C3 NAG CB . -28.36 31.04 -54.54
C4 NAG CB . -27.07 31.85 -54.60
C5 NAG CB . -25.88 30.88 -54.58
C6 NAG CB . -24.53 31.57 -54.62
C7 NAG CB . -29.97 28.33 -54.35
C8 NAG CB . -31.28 27.65 -54.01
N2 NAG CB . -29.55 29.20 -53.41
O3 NAG CB . -29.48 31.87 -54.37
O4 NAG CB . -27.10 32.61 -55.78
O5 NAG CB . -25.97 30.10 -53.41
O6 NAG CB . -24.30 32.11 -55.89
O7 NAG CB . -29.40 28.08 -55.40
C1 NAG DB . 5.56 -11.13 -41.97
C2 NAG DB . 5.01 -12.48 -42.45
C3 NAG DB . 5.99 -13.16 -43.40
C4 NAG DB . 6.39 -12.22 -44.53
C5 NAG DB . 6.93 -10.91 -43.93
C6 NAG DB . 7.32 -9.89 -44.96
C7 NAG DB . 3.53 -13.95 -41.13
C8 NAG DB . 3.46 -14.82 -39.90
N2 NAG DB . 4.72 -13.34 -41.33
O3 NAG DB . 5.40 -14.33 -43.89
O4 NAG DB . 7.35 -12.87 -45.31
O5 NAG DB . 5.93 -10.35 -43.09
O6 NAG DB . 8.31 -10.43 -45.82
O7 NAG DB . 2.58 -13.83 -41.89
C1 NAG EB . -4.13 -22.51 -28.64
C2 NAG EB . -3.00 -23.47 -29.00
C3 NAG EB . -2.77 -23.54 -30.50
C4 NAG EB . -4.08 -23.61 -31.26
C5 NAG EB . -4.95 -22.43 -30.87
C6 NAG EB . -6.25 -22.37 -31.63
C7 NAG EB . -1.24 -23.74 -27.34
C8 NAG EB . -0.10 -23.08 -26.64
N2 NAG EB . -1.79 -23.05 -28.34
O3 NAG EB . -1.96 -24.67 -30.78
O4 NAG EB . -3.83 -23.56 -32.66
O5 NAG EB . -5.28 -22.57 -29.48
O6 NAG EB . -6.95 -23.60 -31.52
O7 NAG EB . -1.67 -24.84 -27.01
C1 NAG FB . -49.32 14.97 -11.52
C2 NAG FB . -49.14 14.60 -13.00
C3 NAG FB . -50.04 13.41 -13.34
C4 NAG FB . -49.87 12.27 -12.34
C5 NAG FB . -50.02 12.79 -10.92
C6 NAG FB . -49.84 11.76 -9.84
C7 NAG FB . -48.56 16.27 -14.70
C8 NAG FB . -49.10 17.44 -15.51
N2 NAG FB . -49.44 15.72 -13.85
O3 NAG FB . -49.74 13.01 -14.65
O4 NAG FB . -50.86 11.30 -12.65
O5 NAG FB . -49.08 13.83 -10.72
O6 NAG FB . -50.91 10.84 -9.88
O7 NAG FB . -47.41 15.88 -14.84
C1 NAG GB . -36.21 44.87 -19.98
C2 NAG GB . -37.54 44.98 -20.74
C3 NAG GB . -37.44 46.03 -21.85
C4 NAG GB . -36.89 47.35 -21.31
C5 NAG GB . -35.60 47.11 -20.53
C6 NAG GB . -35.01 48.35 -19.91
C7 NAG GB . -37.40 42.87 -22.11
C8 NAG GB . -38.17 41.60 -22.38
N2 NAG GB . -37.99 43.70 -21.23
O3 NAG GB . -38.70 46.17 -22.43
O4 NAG GB . -36.68 48.19 -22.42
O5 NAG GB . -35.85 46.15 -19.50
O6 NAG GB . -33.86 48.01 -19.15
O7 NAG GB . -36.32 43.07 -22.67
C1 NAG HB . -29.56 -42.92 -9.69
C2 NAG HB . -30.61 -43.96 -10.09
C3 NAG HB . -32.02 -43.37 -9.89
C4 NAG HB . -32.18 -42.82 -8.47
C5 NAG HB . -31.03 -41.86 -8.15
C6 NAG HB . -31.07 -41.31 -6.75
C7 NAG HB . -29.84 -45.54 -11.81
C8 NAG HB . -29.75 -45.78 -13.30
N2 NAG HB . -30.42 -44.38 -11.45
O3 NAG HB . -32.95 -44.37 -10.18
O4 NAG HB . -33.43 -42.17 -8.43
O5 NAG HB . -29.80 -42.52 -8.36
O6 NAG HB . -31.09 -42.38 -5.83
O7 NAG HB . -29.41 -46.35 -11.00
C1 NAG IB . -14.43 -64.47 24.38
C2 NAG IB . -14.83 -64.54 25.86
C3 NAG IB . -15.77 -65.72 26.09
C4 NAG IB . -16.93 -65.72 25.11
C5 NAG IB . -16.37 -65.63 23.68
C6 NAG IB . -17.44 -65.60 22.61
C7 NAG IB . -13.10 -63.60 27.34
C8 NAG IB . -11.88 -63.95 28.16
N2 NAG IB . -13.67 -64.64 26.68
O3 NAG IB . -16.21 -65.65 27.42
O4 NAG IB . -17.65 -66.91 25.31
O5 NAG IB . -15.58 -64.47 23.57
O6 NAG IB . -18.35 -64.56 22.87
O7 NAG IB . -13.53 -62.46 27.28
C1 NAG JB . 1.33 -77.50 14.76
C2 NAG JB . 0.74 -78.64 13.92
C3 NAG JB . 1.29 -79.97 14.39
C4 NAG JB . 2.82 -79.96 14.38
C5 NAG JB . 3.32 -78.76 15.19
C6 NAG JB . 4.82 -78.60 15.18
C7 NAG JB . -1.49 -78.36 12.91
C8 NAG JB . -2.97 -78.40 13.20
N2 NAG JB . -0.70 -78.62 13.97
O3 NAG JB . 0.77 -80.98 13.58
O4 NAG JB . 3.25 -81.18 14.94
O5 NAG JB . 2.74 -77.57 14.67
O6 NAG JB . 5.43 -79.75 15.71
O7 NAG JB . -1.06 -78.12 11.80
CHA BLR KB . -9.24 -0.85 -55.57
NA BLR KB . -10.48 0.52 -53.96
C1A BLR KB . -9.32 -0.01 -54.43
C2A BLR KB . -8.31 0.43 -53.55
C3A BLR KB . -8.93 1.23 -52.58
C4A BLR KB . -10.29 1.27 -52.87
CMA BLR KB . -8.22 1.91 -51.45
CAA BLR KB . -6.85 0.11 -53.63
CBA BLR KB . -6.13 0.92 -54.70
CGA BLR KB . -4.59 0.93 -54.56
O1A BLR KB . -3.94 0.88 -55.63
O2A BLR KB . -4.14 0.98 -53.41
CHB BLR KB . -11.36 1.95 -52.18
NB BLR KB . -12.94 2.26 -54.05
C1B BLR KB . -12.53 2.38 -52.72
C2B BLR KB . -13.62 3.07 -52.04
C3B BLR KB . -14.60 3.32 -52.94
C4B BLR KB . -14.18 2.80 -54.25
CMB BLR KB . -13.61 3.41 -50.59
OB BLR KB . -14.77 2.83 -55.30
CAB BLR KB . -15.88 3.97 -52.78
CBB BLR KB . -17.06 3.57 -53.27
NC BLR KB . -14.21 -0.61 -55.07
C1C BLR KB . -15.28 -0.29 -54.31
C2C BLR KB . -16.44 -0.26 -55.24
C3C BLR KB . -15.98 -0.55 -56.47
C4C BLR KB . -14.54 -0.79 -56.40
CMC BLR KB . -17.80 0.07 -54.74
OC BLR KB . -15.29 -0.07 -53.12
CAC BLR KB . -16.80 -0.64 -57.68
CBC BLR KB . -17.73 -1.55 -57.92
CHD BLR KB . -13.67 -1.13 -57.40
ND BLR KB . -11.56 -0.81 -56.27
C1D BLR KB . -12.26 -1.34 -57.24
C2D BLR KB . -11.42 -2.15 -58.11
C3D BLR KB . -10.15 -2.06 -57.59
C4D BLR KB . -10.26 -1.21 -56.42
CMD BLR KB . -11.89 -2.89 -59.32
CAD BLR KB . -8.89 -2.69 -58.09
CBD BLR KB . -8.26 -1.92 -59.24
CGD BLR KB . -6.85 -2.37 -59.65
O1D BLR KB . -6.75 -3.13 -60.64
O2D BLR KB . -5.91 -1.95 -58.95
#